data_1O7A
#
_entry.id   1O7A
#
_cell.length_a   163.931
_cell.length_b   163.931
_cell.length_c   244.717
_cell.angle_alpha   90.00
_cell.angle_beta   90.00
_cell.angle_gamma   120.00
#
_symmetry.space_group_name_H-M   'P 31 2 1'
#
loop_
_entity.id
_entity.type
_entity.pdbx_description
1 polymer 'BETA-HEXOSAMINIDASE BETA CHAIN'
2 branched 2-acetamido-2-deoxy-beta-D-glucopyranose-(1-4)-2-acetamido-2-deoxy-beta-D-glucopyranose
3 non-polymer 2-(acetylamido)-2-deoxy-D-glucono-1,5-lactone
4 non-polymer 2-acetamido-2-deoxy-beta-D-glucopyranose
5 non-polymer 1,2-ETHANEDIOL
6 water water
#
_entity_poly.entity_id   1
_entity_poly.type   'polypeptide(L)'
_entity_poly.pdbx_seq_one_letter_code
;AARAPSVSAKPGPALWPLPLSVKMTPNLLHLAPENFYISHSPNSTAGPSCTLLEEAFRRYHGYIFGFYKWHHEPAEFQAK
TQVQQLLVSITLQSECDAFPNISSDESYTLLVKEPVAVLKANRVWGALRGLETFSQLVYQDSYGTFTINESTIIDSPRFS
HRGILIDTSRHYLPVKIILKTLDAMAFNKFNVLHWHIVDDQSFPYQSITFPELSNKGSYSLSHVYTPNDVRMVIEYARLR
GIRVLPEFDTPGHTLSWGKGQKDLLTPCYSRQNKLDSFGPINPTLNTTYSFLTTFFKEISEVFPDQFIHLGGDEVEFKCW
ESNPKIQDFMRQKGFGTDFKKLESFYIQKVLDIIATINKGSIVWQEVFDDKAKLAPGTIVEVWKDSAYPEELSRVTASGF
PVILSAPWYLDLISYGQDWRKYYKVEPLDFGGTQKQKQLFIGGEACLWGEYVDATNLTPRLWPRASAVGERLWSSKDVRD
MDDAYDRLTRHRCRMVERGIAAQPLYAGYCNHENM
;
_entity_poly.pdbx_strand_id   A,B,C,D,E,F
#
# COMPACT_ATOMS: atom_id res chain seq x y z
N PRO A 13 -6.03 2.57 -12.17
CA PRO A 13 -6.84 3.03 -13.31
C PRO A 13 -7.31 4.50 -13.12
N ALA A 14 -6.86 5.17 -12.06
CA ALA A 14 -7.22 6.56 -11.80
C ALA A 14 -5.97 7.42 -12.01
N LEU A 15 -6.03 8.33 -12.99
CA LEU A 15 -4.89 9.19 -13.33
C LEU A 15 -5.06 10.53 -12.68
N TRP A 16 -3.99 11.03 -12.06
CA TRP A 16 -4.01 12.34 -11.44
C TRP A 16 -2.59 12.83 -11.30
N PRO A 17 -2.23 13.95 -11.96
CA PRO A 17 -3.13 14.76 -12.80
C PRO A 17 -3.52 14.03 -14.10
N LEU A 18 -4.65 14.41 -14.70
CA LEU A 18 -5.08 13.77 -15.94
C LEU A 18 -4.08 14.20 -17.02
N PRO A 19 -3.44 13.22 -17.70
CA PRO A 19 -2.46 13.53 -18.75
C PRO A 19 -3.06 14.33 -19.91
N LEU A 20 -2.20 15.00 -20.68
CA LEU A 20 -2.62 15.81 -21.81
C LEU A 20 -3.44 14.99 -22.82
N SER A 21 -2.87 13.88 -23.27
CA SER A 21 -3.52 13.00 -24.24
C SER A 21 -3.48 11.54 -23.80
N VAL A 22 -4.65 10.96 -23.55
CA VAL A 22 -4.72 9.58 -23.11
C VAL A 22 -5.56 8.76 -24.07
N LYS A 23 -4.98 7.67 -24.57
CA LYS A 23 -5.65 6.76 -25.50
C LYS A 23 -5.59 5.36 -24.93
N MET A 24 -6.69 4.94 -24.30
CA MET A 24 -6.83 3.63 -23.70
C MET A 24 -7.50 2.66 -24.65
N THR A 25 -7.22 1.37 -24.46
CA THR A 25 -7.83 0.32 -25.25
C THR A 25 -8.28 -0.69 -24.20
N PRO A 26 -9.29 -1.50 -24.54
CA PRO A 26 -9.80 -2.51 -23.62
C PRO A 26 -8.89 -3.75 -23.52
N ASN A 27 -7.72 -3.70 -24.17
CA ASN A 27 -6.78 -4.83 -24.13
C ASN A 27 -6.02 -4.87 -22.80
N LEU A 28 -6.03 -6.03 -22.16
CA LEU A 28 -5.37 -6.20 -20.86
C LEU A 28 -4.05 -6.95 -20.89
N LEU A 29 -3.06 -6.37 -20.23
CA LEU A 29 -1.74 -6.98 -20.15
C LEU A 29 -1.49 -7.27 -18.67
N HIS A 30 -0.60 -8.22 -18.38
CA HIS A 30 -0.31 -8.58 -17.01
C HIS A 30 1.17 -8.51 -16.67
N LEU A 31 1.47 -8.13 -15.44
CA LEU A 31 2.85 -8.02 -14.98
C LEU A 31 3.15 -9.05 -13.89
N ALA A 32 4.37 -9.57 -13.93
CA ALA A 32 4.83 -10.55 -12.96
C ALA A 32 5.86 -9.82 -12.06
N PRO A 33 5.49 -9.54 -10.80
CA PRO A 33 6.36 -8.85 -9.85
C PRO A 33 7.81 -9.33 -9.88
N GLU A 34 7.99 -10.64 -9.75
CA GLU A 34 9.32 -11.23 -9.76
C GLU A 34 9.94 -11.33 -11.15
N ASN A 35 9.25 -10.83 -12.17
CA ASN A 35 9.80 -10.89 -13.51
C ASN A 35 9.33 -9.72 -14.37
N PHE A 36 9.44 -8.52 -13.82
CA PHE A 36 9.07 -7.32 -14.53
C PHE A 36 10.15 -6.32 -14.22
N TYR A 37 10.80 -5.82 -15.27
CA TYR A 37 11.89 -4.89 -15.10
C TYR A 37 11.66 -3.50 -15.66
N ILE A 38 12.10 -2.50 -14.92
CA ILE A 38 12.06 -1.14 -15.41
C ILE A 38 13.54 -0.99 -15.75
N SER A 39 13.85 -0.80 -17.02
CA SER A 39 15.25 -0.72 -17.44
C SER A 39 15.54 0.41 -18.39
N HIS A 40 16.82 0.63 -18.63
CA HIS A 40 17.26 1.66 -19.58
C HIS A 40 17.22 1.06 -20.98
N SER A 41 16.60 1.80 -21.89
CA SER A 41 16.57 1.36 -23.27
C SER A 41 17.99 1.38 -23.81
N PRO A 42 18.31 0.47 -24.75
CA PRO A 42 19.66 0.48 -25.30
C PRO A 42 19.88 1.84 -25.98
N ASN A 43 18.80 2.43 -26.47
CA ASN A 43 18.86 3.73 -27.12
C ASN A 43 18.46 4.78 -26.09
N SER A 44 19.44 5.34 -25.39
CA SER A 44 19.16 6.35 -24.38
C SER A 44 20.41 7.11 -24.01
N THR A 45 20.25 8.35 -23.59
CA THR A 45 21.42 9.11 -23.17
C THR A 45 21.79 8.72 -21.73
N ALA A 46 20.89 7.98 -21.08
CA ALA A 46 21.13 7.55 -19.71
C ALA A 46 21.37 6.04 -19.58
N GLY A 47 22.16 5.67 -18.57
CA GLY A 47 22.45 4.28 -18.31
C GLY A 47 22.52 4.08 -16.81
N PRO A 48 22.98 2.91 -16.34
CA PRO A 48 23.10 2.56 -14.90
C PRO A 48 23.90 3.56 -14.04
N SER A 49 24.67 4.43 -14.68
CA SER A 49 25.44 5.42 -13.95
C SER A 49 24.55 6.57 -13.53
N CYS A 50 23.32 6.59 -14.05
CA CYS A 50 22.38 7.64 -13.72
C CYS A 50 21.62 7.28 -12.46
N THR A 51 22.19 7.68 -11.33
CA THR A 51 21.61 7.44 -10.02
C THR A 51 20.14 7.85 -9.90
N LEU A 52 19.82 9.06 -10.34
CA LEU A 52 18.44 9.53 -10.25
C LEU A 52 17.48 8.51 -10.87
N LEU A 53 17.74 8.08 -12.10
CA LEU A 53 16.84 7.09 -12.75
C LEU A 53 16.90 5.72 -12.08
N GLU A 54 18.10 5.27 -11.73
CA GLU A 54 18.23 3.97 -11.08
C GLU A 54 17.38 3.91 -9.80
N GLU A 55 17.41 5.01 -9.02
CA GLU A 55 16.66 5.07 -7.77
C GLU A 55 15.18 5.15 -8.06
N ALA A 56 14.79 5.88 -9.10
CA ALA A 56 13.37 5.95 -9.42
C ALA A 56 12.88 4.58 -9.88
N PHE A 57 13.68 3.88 -10.68
CA PHE A 57 13.26 2.55 -11.17
C PHE A 57 12.92 1.64 -9.97
N ARG A 58 13.82 1.58 -9.00
CA ARG A 58 13.62 0.75 -7.82
C ARG A 58 12.45 1.25 -6.98
N ARG A 59 12.36 2.57 -6.85
CA ARG A 59 11.31 3.17 -6.05
C ARG A 59 9.94 2.83 -6.62
N TYR A 60 9.78 3.03 -7.93
CA TYR A 60 8.48 2.74 -8.53
C TYR A 60 8.15 1.26 -8.67
N HIS A 61 9.17 0.41 -8.68
CA HIS A 61 8.89 -1.01 -8.75
C HIS A 61 8.20 -1.37 -7.44
N GLY A 62 8.63 -0.75 -6.35
CA GLY A 62 8.02 -1.03 -5.06
C GLY A 62 6.61 -0.43 -4.96
N TYR A 63 6.38 0.72 -5.60
CA TYR A 63 5.05 1.33 -5.53
C TYR A 63 4.07 0.52 -6.36
N ILE A 64 4.55 -0.07 -7.44
CA ILE A 64 3.70 -0.86 -8.30
C ILE A 64 3.30 -2.21 -7.68
N PHE A 65 4.26 -2.95 -7.15
CA PHE A 65 3.99 -4.27 -6.57
C PHE A 65 4.05 -4.37 -5.05
N GLY A 66 4.21 -3.24 -4.37
CA GLY A 66 4.31 -3.28 -2.92
C GLY A 66 5.76 -3.47 -2.50
N THR A 81 -1.95 -11.35 -21.92
CA THR A 81 -0.50 -11.50 -22.24
C THR A 81 0.35 -10.75 -21.22
N GLN A 82 1.67 -10.93 -21.30
CA GLN A 82 2.57 -10.32 -20.35
C GLN A 82 3.50 -9.20 -20.83
N VAL A 83 3.42 -8.06 -20.14
CA VAL A 83 4.31 -6.96 -20.43
C VAL A 83 5.45 -7.29 -19.46
N GLN A 84 6.58 -7.74 -20.00
CA GLN A 84 7.69 -8.16 -19.16
C GLN A 84 8.69 -7.09 -18.78
N GLN A 85 8.54 -5.91 -19.35
CA GLN A 85 9.49 -4.87 -19.05
C GLN A 85 9.02 -3.49 -19.50
N LEU A 86 9.55 -2.47 -18.84
CA LEU A 86 9.27 -1.09 -19.19
C LEU A 86 10.66 -0.55 -19.54
N LEU A 87 10.85 -0.21 -20.81
CA LEU A 87 12.15 0.33 -21.23
C LEU A 87 12.04 1.83 -21.14
N VAL A 88 13.06 2.44 -20.55
CA VAL A 88 13.08 3.90 -20.39
C VAL A 88 14.15 4.49 -21.29
N SER A 89 13.72 5.44 -22.13
CA SER A 89 14.63 6.06 -23.07
C SER A 89 14.70 7.58 -22.95
N ILE A 90 15.88 8.12 -22.62
CA ILE A 90 16.03 9.56 -22.54
C ILE A 90 16.63 10.00 -23.89
N THR A 91 15.94 10.91 -24.56
CA THR A 91 16.35 11.33 -25.89
C THR A 91 17.49 12.34 -25.98
N LEU A 92 17.40 13.45 -25.26
CA LEU A 92 18.45 14.47 -25.28
C LEU A 92 19.42 14.24 -24.13
N GLN A 93 20.41 15.13 -23.99
CA GLN A 93 21.34 15.04 -22.87
C GLN A 93 20.39 14.87 -21.68
N SER A 94 20.63 13.84 -20.87
CA SER A 94 19.72 13.54 -19.78
C SER A 94 19.51 14.54 -18.64
N GLU A 95 20.58 15.23 -18.24
CA GLU A 95 20.55 16.18 -17.12
C GLU A 95 20.38 15.38 -15.85
N CYS A 96 20.78 14.11 -15.89
N CYS A 96 20.78 14.12 -15.89
CA CYS A 96 20.67 13.20 -14.75
CA CYS A 96 20.65 13.22 -14.75
C CYS A 96 21.36 13.70 -13.49
C CYS A 96 21.37 13.70 -13.48
N ASP A 97 22.47 14.41 -13.64
CA ASP A 97 23.22 14.94 -12.49
C ASP A 97 22.91 16.40 -12.18
N ALA A 98 22.01 17.01 -12.92
CA ALA A 98 21.69 18.41 -12.69
C ALA A 98 20.55 18.57 -11.71
N PHE A 99 20.32 19.81 -11.30
CA PHE A 99 19.23 20.15 -10.40
C PHE A 99 18.13 20.70 -11.31
N PRO A 100 16.87 20.31 -11.08
CA PRO A 100 15.78 20.80 -11.93
C PRO A 100 15.68 22.32 -11.97
N ASN A 101 15.09 22.83 -13.04
CA ASN A 101 14.97 24.27 -13.21
C ASN A 101 13.60 24.62 -13.86
N ILE A 102 13.18 25.88 -13.75
CA ILE A 102 11.91 26.33 -14.33
C ILE A 102 11.80 26.03 -15.83
N SER A 103 12.95 25.90 -16.48
CA SER A 103 13.03 25.59 -17.92
C SER A 103 13.16 24.12 -18.23
N SER A 104 13.24 23.27 -17.20
CA SER A 104 13.36 21.83 -17.41
C SER A 104 12.17 21.25 -18.19
N ASP A 105 12.47 20.37 -19.15
CA ASP A 105 11.45 19.71 -19.95
C ASP A 105 10.93 18.49 -19.21
N GLU A 106 9.66 18.51 -18.84
CA GLU A 106 9.03 17.41 -18.13
C GLU A 106 8.05 16.62 -19.01
N SER A 107 8.11 16.81 -20.32
CA SER A 107 7.20 16.09 -21.21
C SER A 107 7.66 14.64 -21.37
N TYR A 108 6.75 13.76 -21.72
CA TYR A 108 7.11 12.37 -21.90
C TYR A 108 6.02 11.67 -22.71
N THR A 109 6.35 10.48 -23.19
CA THR A 109 5.44 9.65 -23.97
C THR A 109 5.46 8.25 -23.38
N LEU A 110 4.28 7.67 -23.17
CA LEU A 110 4.18 6.32 -22.60
C LEU A 110 3.45 5.40 -23.59
N LEU A 111 4.13 4.34 -24.01
CA LEU A 111 3.54 3.40 -24.94
C LEU A 111 3.41 2.06 -24.22
N VAL A 112 2.20 1.77 -23.72
CA VAL A 112 1.94 0.54 -22.99
C VAL A 112 1.47 -0.58 -23.92
N LYS A 113 2.35 -1.53 -24.17
CA LYS A 113 2.08 -2.66 -25.06
C LYS A 113 2.95 -3.82 -24.62
N GLU A 114 2.67 -4.99 -25.16
CA GLU A 114 3.46 -6.19 -24.86
C GLU A 114 4.32 -6.45 -26.08
N PRO A 115 5.48 -7.11 -25.90
CA PRO A 115 6.07 -7.64 -24.66
C PRO A 115 6.87 -6.60 -23.88
N VAL A 116 7.12 -5.44 -24.49
CA VAL A 116 7.88 -4.38 -23.84
C VAL A 116 7.21 -3.02 -23.90
N ALA A 117 6.94 -2.44 -22.74
CA ALA A 117 6.33 -1.10 -22.68
C ALA A 117 7.50 -0.12 -22.86
N VAL A 118 7.22 1.08 -23.32
CA VAL A 118 8.28 2.05 -23.54
C VAL A 118 7.95 3.43 -23.00
N LEU A 119 8.89 3.99 -22.24
CA LEU A 119 8.72 5.33 -21.69
C LEU A 119 9.83 6.16 -22.33
N LYS A 120 9.47 7.20 -23.07
CA LYS A 120 10.46 8.02 -23.73
C LYS A 120 10.30 9.47 -23.28
N ALA A 121 11.43 10.13 -23.05
CA ALA A 121 11.38 11.53 -22.64
C ALA A 121 12.68 12.21 -23.00
N ASN A 122 12.57 13.51 -23.29
CA ASN A 122 13.71 14.31 -23.65
C ASN A 122 14.74 14.42 -22.54
N ARG A 123 14.26 14.52 -21.30
CA ARG A 123 15.14 14.62 -20.12
C ARG A 123 14.72 13.64 -19.01
N VAL A 124 15.55 13.51 -17.97
CA VAL A 124 15.22 12.60 -16.88
C VAL A 124 13.97 13.12 -16.18
N TRP A 125 13.74 14.43 -16.23
CA TRP A 125 12.58 15.01 -15.54
C TRP A 125 11.28 14.44 -16.09
N GLY A 126 11.20 14.35 -17.42
CA GLY A 126 10.00 13.81 -18.03
C GLY A 126 9.86 12.33 -17.69
N ALA A 127 10.99 11.63 -17.60
CA ALA A 127 10.94 10.20 -17.28
C ALA A 127 10.36 10.01 -15.86
N LEU A 128 10.74 10.88 -14.93
CA LEU A 128 10.21 10.79 -13.55
C LEU A 128 8.68 10.86 -13.56
N ARG A 129 8.15 11.86 -14.26
CA ARG A 129 6.69 12.01 -14.35
C ARG A 129 6.04 10.78 -14.98
N GLY A 130 6.65 10.28 -16.06
CA GLY A 130 6.11 9.12 -16.76
C GLY A 130 6.09 7.86 -15.91
N LEU A 131 7.06 7.74 -15.01
CA LEU A 131 7.10 6.58 -14.13
C LEU A 131 5.92 6.65 -13.17
N GLU A 132 5.58 7.86 -12.71
CA GLU A 132 4.45 8.02 -11.80
C GLU A 132 3.16 7.69 -12.55
N THR A 133 3.04 8.21 -13.76
CA THR A 133 1.86 7.95 -14.56
C THR A 133 1.70 6.45 -14.79
N PHE A 134 2.81 5.80 -15.13
CA PHE A 134 2.77 4.37 -15.39
C PHE A 134 2.28 3.59 -14.17
N SER A 135 2.72 3.99 -12.97
CA SER A 135 2.31 3.30 -11.76
C SER A 135 0.82 3.50 -11.50
N GLN A 136 0.31 4.65 -11.87
CA GLN A 136 -1.13 4.88 -11.69
C GLN A 136 -2.00 4.08 -12.68
N LEU A 137 -1.37 3.55 -13.73
CA LEU A 137 -2.06 2.76 -14.75
C LEU A 137 -2.16 1.30 -14.31
N VAL A 138 -1.18 0.84 -13.54
CA VAL A 138 -1.19 -0.55 -13.08
C VAL A 138 -2.18 -0.72 -11.93
N TYR A 139 -2.89 -1.84 -11.95
CA TYR A 139 -3.85 -2.13 -10.91
C TYR A 139 -3.97 -3.63 -10.79
N GLN A 140 -4.63 -4.07 -9.74
CA GLN A 140 -4.87 -5.49 -9.49
C GLN A 140 -6.33 -5.80 -9.76
N ASP A 141 -6.60 -6.83 -10.56
CA ASP A 141 -7.99 -7.19 -10.83
C ASP A 141 -8.61 -7.89 -9.62
N SER A 142 -9.82 -8.40 -9.81
CA SER A 142 -10.58 -9.10 -8.77
C SER A 142 -9.85 -10.25 -8.13
N TYR A 143 -8.90 -10.86 -8.83
CA TYR A 143 -8.16 -11.97 -8.27
C TYR A 143 -6.75 -11.60 -7.81
N GLY A 144 -6.49 -10.29 -7.75
CA GLY A 144 -5.18 -9.79 -7.34
C GLY A 144 -4.12 -9.77 -8.43
N THR A 145 -4.53 -10.11 -9.65
CA THR A 145 -3.60 -10.14 -10.78
C THR A 145 -3.14 -8.72 -11.17
N PHE A 146 -1.83 -8.50 -11.24
CA PHE A 146 -1.31 -7.20 -11.63
C PHE A 146 -1.63 -7.02 -13.11
N THR A 147 -2.39 -5.97 -13.40
CA THR A 147 -2.85 -5.71 -14.75
C THR A 147 -2.63 -4.27 -15.18
N ILE A 148 -2.61 -4.09 -16.50
CA ILE A 148 -2.50 -2.79 -17.12
C ILE A 148 -3.15 -2.85 -18.51
N ASN A 149 -3.83 -1.78 -18.88
CA ASN A 149 -4.46 -1.72 -20.19
C ASN A 149 -3.49 -1.23 -21.23
N GLU A 150 -3.66 -1.72 -22.45
CA GLU A 150 -2.83 -1.29 -23.56
C GLU A 150 -3.24 0.15 -23.71
N SER A 151 -2.28 1.04 -23.93
CA SER A 151 -2.63 2.45 -24.04
C SER A 151 -1.47 3.29 -24.51
N THR A 152 -1.77 4.52 -24.91
CA THR A 152 -0.76 5.45 -25.38
C THR A 152 -0.99 6.80 -24.68
N ILE A 153 0.04 7.31 -24.02
CA ILE A 153 -0.07 8.60 -23.32
C ILE A 153 0.96 9.61 -23.80
N ILE A 154 0.50 10.83 -24.04
CA ILE A 154 1.38 11.92 -24.45
C ILE A 154 1.08 13.01 -23.42
N ASP A 155 2.09 13.42 -22.67
CA ASP A 155 1.86 14.38 -21.60
C ASP A 155 2.94 15.42 -21.42
N SER A 156 2.54 16.58 -20.89
CA SER A 156 3.45 17.68 -20.61
C SER A 156 2.65 18.68 -19.77
N PRO A 157 3.31 19.37 -18.83
CA PRO A 157 2.63 20.34 -17.98
C PRO A 157 2.12 21.59 -18.65
N ARG A 158 0.99 22.09 -18.20
CA ARG A 158 0.45 23.32 -18.73
C ARG A 158 1.35 24.45 -18.23
N PHE A 159 1.70 24.39 -16.95
CA PHE A 159 2.56 25.41 -16.37
C PHE A 159 3.83 24.81 -15.82
N SER A 160 4.90 25.60 -15.80
CA SER A 160 6.20 25.15 -15.35
C SER A 160 6.52 25.29 -13.87
N HIS A 161 5.85 26.22 -13.18
CA HIS A 161 6.08 26.41 -11.75
C HIS A 161 4.86 25.89 -11.01
N ARG A 162 4.98 24.73 -10.38
CA ARG A 162 3.85 24.13 -9.67
C ARG A 162 4.37 23.85 -8.27
N GLY A 163 4.05 24.73 -7.32
CA GLY A 163 4.59 24.56 -5.99
C GLY A 163 3.71 24.49 -4.75
N ILE A 164 4.35 24.03 -3.67
CA ILE A 164 3.74 23.91 -2.37
C ILE A 164 4.61 24.78 -1.46
N LEU A 165 3.99 25.64 -0.66
CA LEU A 165 4.75 26.48 0.27
C LEU A 165 4.56 25.91 1.66
N ILE A 166 5.67 25.64 2.35
CA ILE A 166 5.60 25.14 3.71
C ILE A 166 6.24 26.21 4.59
N ASP A 167 5.77 26.30 5.82
CA ASP A 167 6.22 27.31 6.78
C ASP A 167 6.86 26.57 7.95
N THR A 168 8.17 26.68 8.08
CA THR A 168 8.87 26.01 9.18
C THR A 168 9.32 26.98 10.27
N SER A 169 8.70 28.16 10.28
CA SER A 169 8.98 29.18 11.32
C SER A 169 7.88 29.23 12.37
N ARG A 170 6.62 29.34 11.92
CA ARG A 170 5.50 29.40 12.86
C ARG A 170 5.50 28.10 13.68
N HIS A 171 5.93 27.02 13.04
CA HIS A 171 6.08 25.71 13.69
C HIS A 171 7.24 25.03 13.00
N TYR A 172 8.13 24.43 13.77
CA TYR A 172 9.25 23.69 13.19
C TYR A 172 8.66 22.39 12.64
N LEU A 173 9.15 21.95 11.48
CA LEU A 173 8.69 20.69 10.89
C LEU A 173 9.88 19.74 10.84
N PRO A 174 9.75 18.55 11.45
CA PRO A 174 10.85 17.58 11.43
C PRO A 174 11.20 17.30 9.96
N VAL A 175 12.47 17.04 9.70
CA VAL A 175 12.92 16.75 8.33
C VAL A 175 12.09 15.62 7.70
N LYS A 176 11.78 14.58 8.48
CA LYS A 176 11.03 13.45 7.93
C LYS A 176 9.70 13.81 7.33
N ILE A 177 9.01 14.79 7.91
CA ILE A 177 7.73 15.16 7.35
C ILE A 177 7.93 16.02 6.11
N ILE A 178 9.06 16.72 6.04
CA ILE A 178 9.32 17.48 4.84
C ILE A 178 9.54 16.44 3.71
N LEU A 179 10.28 15.38 3.99
CA LEU A 179 10.53 14.35 2.97
C LEU A 179 9.21 13.67 2.57
N LYS A 180 8.35 13.38 3.54
CA LYS A 180 7.06 12.78 3.24
C LYS A 180 6.25 13.73 2.31
N THR A 181 6.36 15.04 2.55
CA THR A 181 5.66 16.04 1.74
C THR A 181 6.19 16.01 0.29
N LEU A 182 7.51 15.91 0.14
CA LEU A 182 8.09 15.83 -1.20
C LEU A 182 7.62 14.55 -1.91
N ASP A 183 7.46 13.46 -1.16
CA ASP A 183 6.95 12.22 -1.78
C ASP A 183 5.53 12.46 -2.30
N ALA A 184 4.69 13.09 -1.50
CA ALA A 184 3.34 13.37 -1.91
C ALA A 184 3.39 14.32 -3.12
N MET A 185 4.27 15.32 -3.07
CA MET A 185 4.39 16.25 -4.21
C MET A 185 4.71 15.47 -5.50
N ALA A 186 5.65 14.54 -5.43
CA ALA A 186 6.00 13.78 -6.61
C ALA A 186 4.80 12.96 -7.13
N PHE A 187 4.00 12.42 -6.22
CA PHE A 187 2.83 11.63 -6.63
C PHE A 187 1.82 12.56 -7.36
N ASN A 188 1.91 13.85 -7.06
CA ASN A 188 0.98 14.82 -7.62
C ASN A 188 1.58 15.70 -8.71
N LYS A 189 2.82 15.39 -9.07
CA LYS A 189 3.57 16.12 -10.10
C LYS A 189 3.85 17.59 -9.78
N PHE A 190 3.94 17.92 -8.49
CA PHE A 190 4.31 19.30 -8.16
C PHE A 190 5.82 19.31 -8.34
N ASN A 191 6.39 20.44 -8.74
CA ASN A 191 7.84 20.46 -8.93
C ASN A 191 8.63 21.54 -8.16
N VAL A 192 7.94 22.27 -7.29
CA VAL A 192 8.63 23.27 -6.48
C VAL A 192 8.19 23.29 -5.02
N LEU A 193 9.16 23.22 -4.11
CA LEU A 193 8.90 23.32 -2.70
C LEU A 193 9.39 24.74 -2.31
N HIS A 194 8.43 25.63 -2.02
CA HIS A 194 8.74 27.00 -1.61
C HIS A 194 8.92 26.85 -0.11
N TRP A 195 10.17 26.86 0.33
CA TRP A 195 10.47 26.67 1.74
C TRP A 195 10.55 28.02 2.48
N HIS A 196 9.45 28.40 3.13
CA HIS A 196 9.42 29.64 3.89
C HIS A 196 10.01 29.23 5.22
N ILE A 197 11.32 29.14 5.23
CA ILE A 197 12.06 28.63 6.37
C ILE A 197 12.15 29.44 7.66
N VAL A 198 12.19 30.77 7.55
CA VAL A 198 12.26 31.63 8.73
C VAL A 198 11.16 32.71 8.71
N ASP A 199 10.91 33.31 9.88
CA ASP A 199 9.92 34.36 10.00
C ASP A 199 10.05 35.01 11.38
N ASP A 200 9.00 35.66 11.84
CA ASP A 200 9.06 36.35 13.13
C ASP A 200 9.25 35.46 14.33
N GLN A 201 8.50 34.38 14.39
CA GLN A 201 8.52 33.49 15.55
C GLN A 201 9.76 32.65 15.80
N SER A 202 10.45 32.24 14.74
CA SER A 202 11.65 31.43 14.92
C SER A 202 12.56 31.47 13.70
N PHE A 203 13.84 31.16 13.93
CA PHE A 203 14.83 31.14 12.87
C PHE A 203 15.48 29.75 12.95
N PRO A 204 14.85 28.74 12.31
CA PRO A 204 15.44 27.39 12.37
C PRO A 204 16.65 27.18 11.48
N TYR A 205 16.81 27.99 10.44
CA TYR A 205 17.94 27.83 9.55
C TYR A 205 19.28 28.02 10.25
N GLN A 206 20.11 27.00 10.20
CA GLN A 206 21.42 27.11 10.82
C GLN A 206 22.36 27.71 9.77
N SER A 207 22.79 28.94 10.03
CA SER A 207 23.72 29.63 9.14
C SER A 207 25.14 29.40 9.65
N ILE A 208 26.04 29.05 8.75
CA ILE A 208 27.43 28.81 9.13
C ILE A 208 28.19 30.11 9.28
N THR A 209 27.89 31.10 8.44
CA THR A 209 28.58 32.39 8.54
C THR A 209 27.99 33.26 9.66
N PHE A 210 26.79 32.92 10.12
CA PHE A 210 26.16 33.66 11.22
C PHE A 210 25.46 32.66 12.14
N PRO A 211 26.27 31.93 12.93
CA PRO A 211 25.75 30.93 13.86
C PRO A 211 24.83 31.45 14.96
N GLU A 212 24.88 32.75 15.27
CA GLU A 212 23.98 33.25 16.32
C GLU A 212 22.53 33.44 15.84
N LEU A 213 22.29 33.42 14.52
CA LEU A 213 20.92 33.59 14.02
C LEU A 213 20.04 32.46 14.57
N SER A 214 20.46 31.21 14.35
CA SER A 214 19.70 30.07 14.85
C SER A 214 20.01 29.83 16.33
N ASN A 215 21.27 30.04 16.75
CA ASN A 215 21.59 29.81 18.16
C ASN A 215 20.68 30.59 19.08
N LYS A 216 20.37 31.83 18.68
CA LYS A 216 19.51 32.71 19.47
C LYS A 216 18.10 32.84 18.92
N GLY A 217 17.92 32.60 17.62
CA GLY A 217 16.58 32.75 17.04
C GLY A 217 15.71 31.51 16.93
N SER A 218 16.27 30.33 17.18
CA SER A 218 15.51 29.09 17.10
C SER A 218 14.63 28.89 18.33
N TYR A 219 13.60 28.05 18.22
CA TYR A 219 12.74 27.80 19.38
C TYR A 219 13.60 27.06 20.41
N SER A 220 14.51 26.23 19.91
CA SER A 220 15.45 25.48 20.74
C SER A 220 16.45 24.84 19.76
N LEU A 221 17.58 24.36 20.28
CA LEU A 221 18.59 23.72 19.44
C LEU A 221 18.14 22.37 18.89
N SER A 222 16.95 21.93 19.28
CA SER A 222 16.43 20.70 18.72
C SER A 222 15.42 21.05 17.61
N HIS A 223 15.21 22.36 17.40
CA HIS A 223 14.30 22.83 16.35
C HIS A 223 15.10 23.69 15.37
N VAL A 224 16.10 23.05 14.76
CA VAL A 224 17.00 23.71 13.82
C VAL A 224 17.25 22.82 12.59
N TYR A 225 17.63 23.44 11.47
CA TYR A 225 17.97 22.69 10.26
C TYR A 225 19.46 22.85 10.06
N THR A 226 20.20 21.78 10.33
CA THR A 226 21.64 21.79 10.17
C THR A 226 21.98 21.81 8.69
N PRO A 227 23.25 22.11 8.34
CA PRO A 227 23.57 22.12 6.91
C PRO A 227 23.25 20.78 6.26
N ASN A 228 23.40 19.71 7.03
CA ASN A 228 23.10 18.37 6.54
C ASN A 228 21.61 18.13 6.34
N ASP A 229 20.77 18.68 7.22
CA ASP A 229 19.33 18.52 7.07
C ASP A 229 18.93 19.19 5.77
N VAL A 230 19.52 20.35 5.53
CA VAL A 230 19.22 21.12 4.34
C VAL A 230 19.69 20.39 3.08
N ARG A 231 20.93 19.91 3.06
CA ARG A 231 21.42 19.15 1.90
C ARG A 231 20.49 17.95 1.66
N MET A 232 20.02 17.35 2.74
N MET A 232 20.01 17.36 2.76
CA MET A 232 19.14 16.19 2.66
CA MET A 232 19.13 16.18 2.67
C MET A 232 17.81 16.49 1.97
C MET A 232 17.81 16.47 1.97
N VAL A 233 17.18 17.60 2.34
CA VAL A 233 15.92 17.98 1.75
C VAL A 233 16.14 18.21 0.28
N ILE A 234 17.17 18.97 -0.04
CA ILE A 234 17.51 19.33 -1.40
C ILE A 234 17.79 18.17 -2.35
N GLU A 235 18.57 17.18 -1.92
CA GLU A 235 18.88 16.03 -2.77
C GLU A 235 17.67 15.11 -2.88
N TYR A 236 16.94 14.93 -1.78
CA TYR A 236 15.77 14.09 -1.77
C TYR A 236 14.76 14.72 -2.73
N ALA A 237 14.73 16.03 -2.77
CA ALA A 237 13.80 16.69 -3.66
C ALA A 237 14.32 16.52 -5.11
N ARG A 238 15.63 16.67 -5.29
CA ARG A 238 16.17 16.55 -6.66
C ARG A 238 15.84 15.21 -7.33
N LEU A 239 15.99 14.12 -6.58
CA LEU A 239 15.73 12.76 -7.07
C LEU A 239 14.30 12.57 -7.53
N ARG A 240 13.43 13.51 -7.15
CA ARG A 240 12.02 13.46 -7.53
C ARG A 240 11.69 14.59 -8.50
N GLY A 241 12.73 15.27 -8.98
CA GLY A 241 12.52 16.34 -9.92
C GLY A 241 11.85 17.54 -9.28
N ILE A 242 12.18 17.81 -8.01
CA ILE A 242 11.58 18.94 -7.33
C ILE A 242 12.59 19.99 -6.98
N ARG A 243 12.26 21.23 -7.30
CA ARG A 243 13.13 22.39 -7.04
C ARG A 243 12.88 22.82 -5.61
N VAL A 244 13.93 23.21 -4.89
CA VAL A 244 13.77 23.72 -3.53
C VAL A 244 14.05 25.24 -3.59
N LEU A 245 12.97 26.02 -3.49
CA LEU A 245 13.04 27.47 -3.53
C LEU A 245 13.10 28.03 -2.11
N PRO A 246 14.26 28.57 -1.70
CA PRO A 246 14.27 29.07 -0.34
C PRO A 246 13.69 30.48 -0.23
N GLU A 247 12.99 30.74 0.85
CA GLU A 247 12.52 32.10 1.05
C GLU A 247 13.09 32.59 2.37
N PHE A 248 13.84 33.70 2.31
CA PHE A 248 14.40 34.33 3.51
C PHE A 248 13.81 35.73 3.50
N ASP A 249 12.60 35.81 4.05
CA ASP A 249 11.80 37.02 4.08
C ASP A 249 12.37 38.24 4.80
N THR A 250 12.47 39.35 4.06
CA THR A 250 12.91 40.63 4.62
C THR A 250 12.18 41.70 3.80
N PRO A 251 12.08 42.95 4.30
CA PRO A 251 12.56 43.48 5.58
C PRO A 251 11.60 43.17 6.75
N GLY A 252 10.36 42.86 6.43
CA GLY A 252 9.40 42.53 7.46
C GLY A 252 9.52 41.05 7.81
N HIS A 253 8.69 40.59 8.73
CA HIS A 253 8.71 39.19 9.14
C HIS A 253 10.10 38.74 9.57
N THR A 254 10.82 39.61 10.26
CA THR A 254 12.17 39.28 10.65
C THR A 254 12.49 39.40 12.13
N LEU A 255 11.46 39.38 12.98
CA LEU A 255 11.70 39.50 14.42
C LEU A 255 12.74 38.53 14.96
N SER A 256 12.70 37.28 14.52
CA SER A 256 13.62 36.26 15.00
C SER A 256 15.07 36.46 14.58
N TRP A 257 15.31 37.28 13.55
CA TRP A 257 16.65 37.54 13.06
C TRP A 257 17.40 38.46 14.04
N GLY A 258 16.65 39.29 14.76
CA GLY A 258 17.25 40.24 15.70
C GLY A 258 17.91 39.61 16.92
N LYS A 259 17.41 38.45 17.33
CA LYS A 259 17.96 37.77 18.50
C LYS A 259 19.47 37.55 18.37
N GLY A 260 19.92 37.15 17.19
CA GLY A 260 21.34 36.88 16.99
C GLY A 260 22.15 37.86 16.17
N GLN A 261 21.50 38.82 15.52
CA GLN A 261 22.24 39.81 14.74
C GLN A 261 21.92 41.20 15.30
N LYS A 262 22.86 41.74 16.06
CA LYS A 262 22.70 43.04 16.71
C LYS A 262 22.62 44.22 15.75
N ASP A 263 21.72 45.13 16.06
CA ASP A 263 21.50 46.35 15.30
C ASP A 263 20.90 46.15 13.92
N LEU A 264 20.42 44.94 13.63
CA LEU A 264 19.82 44.68 12.33
C LEU A 264 18.41 45.28 12.28
N LEU A 265 17.59 44.91 13.26
CA LEU A 265 16.22 45.38 13.36
C LEU A 265 16.10 46.84 13.81
N THR A 266 15.02 47.50 13.37
CA THR A 266 14.76 48.89 13.73
C THR A 266 14.08 49.06 15.10
N PRO A 267 14.74 49.73 16.05
CA PRO A 267 14.05 49.92 17.35
C PRO A 267 12.88 50.90 17.18
N CYS A 268 11.78 50.64 17.87
CA CYS A 268 10.56 51.45 17.81
C CYS A 268 10.45 52.42 18.99
N TYR A 269 9.65 53.48 18.83
CA TYR A 269 9.45 54.51 19.86
C TYR A 269 8.00 54.90 20.21
N SER A 270 7.75 55.15 21.50
CA SER A 270 6.44 55.54 22.03
C SER A 270 5.69 56.60 21.22
N LYS A 274 12.24 54.70 24.82
CA LYS A 274 12.10 53.89 23.57
C LYS A 274 10.77 53.17 23.49
N LEU A 275 10.94 51.86 23.61
CA LEU A 275 9.93 50.82 23.56
C LEU A 275 10.92 49.66 23.57
N ASP A 276 10.47 48.46 23.86
CA ASP A 276 11.38 47.31 23.84
C ASP A 276 11.02 46.58 22.55
N SER A 277 10.15 47.22 21.78
CA SER A 277 9.67 46.71 20.51
C SER A 277 10.65 46.97 19.36
N PHE A 278 10.73 46.01 18.44
CA PHE A 278 11.59 46.13 17.27
C PHE A 278 10.72 46.01 16.03
N GLY A 279 11.10 46.71 14.97
CA GLY A 279 10.35 46.68 13.74
C GLY A 279 11.10 45.91 12.66
N PRO A 280 10.87 46.24 11.38
CA PRO A 280 11.55 45.56 10.27
C PRO A 280 13.05 45.84 10.29
N ILE A 281 13.77 45.15 9.42
CA ILE A 281 15.21 45.35 9.31
C ILE A 281 15.49 46.84 9.00
N ASN A 282 16.51 47.38 9.65
CA ASN A 282 16.86 48.79 9.44
C ASN A 282 17.56 49.03 8.10
N PRO A 283 16.88 49.66 7.13
CA PRO A 283 17.42 49.95 5.78
C PRO A 283 18.37 51.16 5.63
N THR A 284 18.76 51.77 6.74
CA THR A 284 19.61 52.96 6.67
C THR A 284 21.01 52.71 7.20
N LEU A 285 21.29 51.47 7.58
CA LEU A 285 22.60 51.13 8.13
C LEU A 285 23.43 50.27 7.18
N ASN A 286 24.68 50.67 6.99
CA ASN A 286 25.58 49.91 6.14
C ASN A 286 25.77 48.51 6.70
N THR A 287 25.82 48.41 8.03
CA THR A 287 25.98 47.10 8.68
C THR A 287 24.86 46.16 8.26
N THR A 288 23.74 46.73 7.85
CA THR A 288 22.59 45.93 7.42
C THR A 288 22.93 45.29 6.08
N TYR A 289 23.42 46.10 5.16
CA TYR A 289 23.76 45.63 3.84
C TYR A 289 24.99 44.72 3.78
N SER A 290 25.99 44.98 4.60
CA SER A 290 27.16 44.11 4.61
C SER A 290 26.72 42.77 5.20
N PHE A 291 25.84 42.78 6.20
CA PHE A 291 25.35 41.53 6.76
C PHE A 291 24.51 40.78 5.70
N LEU A 292 23.61 41.48 5.01
CA LEU A 292 22.80 40.80 4.01
C LEU A 292 23.66 40.26 2.86
N THR A 293 24.73 40.97 2.55
CA THR A 293 25.64 40.56 1.50
C THR A 293 26.32 39.23 1.85
N THR A 294 26.81 39.12 3.08
CA THR A 294 27.49 37.91 3.51
C THR A 294 26.48 36.76 3.65
N PHE A 295 25.28 37.09 4.12
CA PHE A 295 24.22 36.09 4.32
C PHE A 295 23.73 35.48 3.01
N PHE A 296 23.41 36.33 2.03
CA PHE A 296 22.92 35.78 0.77
C PHE A 296 24.00 35.11 -0.06
N LYS A 297 25.26 35.48 0.14
CA LYS A 297 26.32 34.80 -0.59
C LYS A 297 26.25 33.35 -0.11
N GLU A 298 26.11 33.16 1.19
CA GLU A 298 25.99 31.82 1.78
C GLU A 298 24.75 31.09 1.21
N ILE A 299 23.60 31.77 1.17
CA ILE A 299 22.37 31.14 0.64
C ILE A 299 22.60 30.69 -0.81
N SER A 300 23.30 31.51 -1.59
CA SER A 300 23.56 31.18 -2.99
C SER A 300 24.42 29.91 -3.12
N GLU A 301 25.22 29.63 -2.09
CA GLU A 301 26.06 28.45 -2.12
C GLU A 301 25.33 27.22 -1.55
N VAL A 302 24.40 27.44 -0.63
CA VAL A 302 23.66 26.32 -0.06
C VAL A 302 22.50 25.79 -0.93
N PHE A 303 21.71 26.68 -1.52
CA PHE A 303 20.60 26.24 -2.35
C PHE A 303 20.97 26.34 -3.80
N PRO A 304 20.95 25.20 -4.49
CA PRO A 304 21.34 25.28 -5.89
C PRO A 304 20.28 25.86 -6.82
N ASP A 305 19.02 25.95 -6.38
CA ASP A 305 18.02 26.48 -7.29
C ASP A 305 18.40 27.86 -7.82
N GLN A 306 18.04 28.10 -9.07
CA GLN A 306 18.34 29.37 -9.71
C GLN A 306 17.73 30.60 -9.05
N PHE A 307 16.66 30.39 -8.29
CA PHE A 307 15.99 31.49 -7.65
C PHE A 307 16.04 31.54 -6.12
N ILE A 308 15.92 32.75 -5.60
CA ILE A 308 15.88 32.99 -4.16
C ILE A 308 14.65 33.87 -3.94
N HIS A 309 13.73 33.44 -3.08
CA HIS A 309 12.56 34.25 -2.81
C HIS A 309 12.93 35.22 -1.68
N LEU A 310 12.86 36.52 -1.99
CA LEU A 310 13.21 37.57 -1.05
C LEU A 310 12.07 38.04 -0.18
N GLY A 311 10.86 37.52 -0.45
CA GLY A 311 9.72 37.92 0.35
C GLY A 311 9.30 39.36 0.08
N GLY A 312 9.34 40.20 1.12
CA GLY A 312 8.96 41.60 0.97
C GLY A 312 7.50 41.87 1.27
N ASP A 313 6.82 40.96 1.97
CA ASP A 313 5.40 41.18 2.27
C ASP A 313 5.15 41.89 3.60
N GLU A 314 3.99 42.53 3.67
CA GLU A 314 3.51 43.20 4.87
C GLU A 314 4.55 43.95 5.71
N VAL A 315 5.30 44.86 5.10
CA VAL A 315 6.26 45.62 5.88
C VAL A 315 5.48 46.69 6.63
N GLU A 316 5.61 46.70 7.95
CA GLU A 316 4.92 47.69 8.79
C GLU A 316 5.78 48.95 8.76
N PHE A 317 5.21 50.08 8.37
CA PHE A 317 5.97 51.34 8.32
C PHE A 317 6.02 52.11 9.63
N LYS A 318 5.15 51.76 10.57
CA LYS A 318 5.10 52.46 11.85
C LYS A 318 6.42 52.68 12.58
N CYS A 319 7.12 51.60 12.92
N CYS A 319 7.10 51.59 12.89
CA CYS A 319 8.38 51.73 13.64
CA CYS A 319 8.37 51.63 13.59
C CYS A 319 9.41 52.54 12.87
C CYS A 319 9.40 52.51 12.88
N TRP A 320 9.44 52.40 11.56
CA TRP A 320 10.38 53.18 10.77
C TRP A 320 10.12 54.66 11.04
N GLU A 321 8.86 55.06 10.89
CA GLU A 321 8.45 56.43 11.09
C GLU A 321 8.71 56.94 12.51
N SER A 322 8.59 56.06 13.51
CA SER A 322 8.80 56.48 14.89
C SER A 322 10.29 56.63 15.23
N ASN A 323 11.16 56.08 14.40
CA ASN A 323 12.60 56.12 14.63
C ASN A 323 13.23 57.45 14.17
N PRO A 324 13.95 58.13 15.09
CA PRO A 324 14.62 59.42 14.84
C PRO A 324 15.67 59.38 13.73
N LYS A 325 16.58 58.41 13.80
CA LYS A 325 17.62 58.27 12.79
C LYS A 325 17.04 58.00 11.41
N ILE A 326 15.98 57.20 11.36
CA ILE A 326 15.37 56.89 10.08
C ILE A 326 14.69 58.13 9.55
N GLN A 327 14.19 58.97 10.45
CA GLN A 327 13.57 60.22 10.03
C GLN A 327 14.64 61.07 9.36
N ASP A 328 15.83 61.11 9.95
CA ASP A 328 16.92 61.88 9.35
C ASP A 328 17.30 61.28 8.00
N PHE A 329 17.40 59.95 7.94
CA PHE A 329 17.76 59.29 6.70
C PHE A 329 16.74 59.65 5.63
N MET A 330 15.46 59.69 6.02
CA MET A 330 14.40 60.06 5.07
C MET A 330 14.64 61.47 4.55
N ARG A 331 15.14 62.33 5.43
CA ARG A 331 15.40 63.73 5.07
C ARG A 331 16.59 63.83 4.14
N GLN A 332 17.66 63.12 4.46
CA GLN A 332 18.88 63.13 3.65
C GLN A 332 18.63 62.58 2.24
N LYS A 333 17.72 61.61 2.13
CA LYS A 333 17.40 61.00 0.84
C LYS A 333 16.30 61.73 0.09
N GLY A 334 15.65 62.67 0.78
CA GLY A 334 14.57 63.41 0.14
C GLY A 334 13.37 62.51 -0.16
N PHE A 335 13.09 61.60 0.77
CA PHE A 335 11.97 60.68 0.61
C PHE A 335 10.71 61.25 1.25
N GLY A 336 10.87 62.41 1.88
CA GLY A 336 9.74 63.05 2.54
C GLY A 336 9.16 62.16 3.61
N THR A 337 7.88 61.84 3.50
CA THR A 337 7.22 60.98 4.45
C THR A 337 6.74 59.71 3.74
N ASP A 338 7.21 59.48 2.52
CA ASP A 338 6.79 58.31 1.77
C ASP A 338 7.69 57.10 2.06
N PHE A 339 7.26 56.28 3.02
CA PHE A 339 8.06 55.12 3.38
C PHE A 339 8.12 53.99 2.37
N LYS A 340 7.27 54.05 1.35
CA LYS A 340 7.32 53.04 0.30
C LYS A 340 8.64 53.26 -0.44
N LYS A 341 9.11 54.50 -0.46
CA LYS A 341 10.37 54.81 -1.11
C LYS A 341 11.51 54.22 -0.31
N LEU A 342 11.34 54.18 1.01
CA LEU A 342 12.38 53.61 1.88
C LEU A 342 12.39 52.09 1.65
N GLU A 343 11.19 51.52 1.51
CA GLU A 343 11.03 50.10 1.27
C GLU A 343 11.69 49.74 -0.06
N SER A 344 11.37 50.55 -1.07
CA SER A 344 11.90 50.37 -2.40
C SER A 344 13.41 50.51 -2.38
N PHE A 345 13.90 51.50 -1.65
CA PHE A 345 15.32 51.72 -1.55
C PHE A 345 15.96 50.43 -1.04
N TYR A 346 15.40 49.90 0.06
CA TYR A 346 15.89 48.68 0.66
C TYR A 346 15.85 47.46 -0.27
N ILE A 347 14.67 47.16 -0.80
CA ILE A 347 14.51 45.99 -1.66
C ILE A 347 15.41 46.03 -2.89
N GLN A 348 15.59 47.21 -3.47
CA GLN A 348 16.44 47.37 -4.63
C GLN A 348 17.90 47.05 -4.33
N LYS A 349 18.37 47.37 -3.13
CA LYS A 349 19.75 47.05 -2.77
C LYS A 349 19.89 45.54 -2.57
N VAL A 350 18.85 44.92 -2.02
CA VAL A 350 18.87 43.47 -1.81
C VAL A 350 18.82 42.77 -3.19
N LEU A 351 17.91 43.23 -4.04
CA LEU A 351 17.74 42.71 -5.39
C LEU A 351 19.09 42.77 -6.12
N ASP A 352 19.83 43.86 -5.91
CA ASP A 352 21.14 44.04 -6.54
C ASP A 352 22.17 43.05 -6.04
N ILE A 353 22.09 42.73 -4.74
CA ILE A 353 23.01 41.76 -4.16
C ILE A 353 22.77 40.39 -4.79
N ILE A 354 21.51 39.97 -4.86
CA ILE A 354 21.18 38.69 -5.47
C ILE A 354 21.74 38.62 -6.90
N ALA A 355 21.52 39.68 -7.68
CA ALA A 355 22.00 39.76 -9.06
C ALA A 355 23.52 39.52 -9.22
N THR A 356 24.30 39.77 -8.17
CA THR A 356 25.75 39.58 -8.26
C THR A 356 26.19 38.18 -7.83
N ILE A 357 25.25 37.37 -7.38
CA ILE A 357 25.60 36.03 -6.94
C ILE A 357 25.00 34.92 -7.79
N ASN A 358 24.75 35.25 -9.05
CA ASN A 358 24.26 34.31 -10.04
C ASN A 358 22.92 33.67 -9.68
N LYS A 359 22.02 34.50 -9.16
CA LYS A 359 20.71 34.03 -8.77
C LYS A 359 19.63 34.99 -9.25
N GLY A 360 18.44 34.46 -9.46
CA GLY A 360 17.31 35.27 -9.85
C GLY A 360 16.50 35.51 -8.59
N SER A 361 15.64 36.52 -8.63
CA SER A 361 14.82 36.88 -7.48
C SER A 361 13.32 36.74 -7.71
N ILE A 362 12.62 36.38 -6.63
CA ILE A 362 11.17 36.27 -6.61
C ILE A 362 10.78 37.12 -5.39
N VAL A 363 9.70 37.90 -5.52
CA VAL A 363 9.24 38.75 -4.42
C VAL A 363 7.73 38.70 -4.29
N TRP A 364 7.21 39.04 -3.12
CA TRP A 364 5.76 39.07 -2.95
C TRP A 364 5.31 40.37 -3.66
N GLN A 365 4.07 40.40 -4.15
CA GLN A 365 3.58 41.57 -4.88
C GLN A 365 3.80 42.99 -4.33
N GLU A 366 3.75 43.20 -2.99
CA GLU A 366 3.96 44.56 -2.45
C GLU A 366 5.21 45.26 -2.97
N VAL A 367 6.26 44.49 -3.20
CA VAL A 367 7.51 45.03 -3.71
C VAL A 367 7.20 45.70 -5.03
N PHE A 368 6.34 45.07 -5.81
CA PHE A 368 5.94 45.59 -7.11
C PHE A 368 4.93 46.73 -6.90
N ASP A 369 3.91 46.50 -6.08
CA ASP A 369 2.89 47.51 -5.87
C ASP A 369 3.42 48.82 -5.27
N ASP A 370 4.42 48.73 -4.39
CA ASP A 370 4.97 49.93 -3.77
C ASP A 370 6.01 50.64 -4.64
N LYS A 371 5.93 50.37 -5.94
CA LYS A 371 6.77 50.96 -6.96
C LYS A 371 8.30 50.77 -6.90
N ALA A 372 8.74 49.58 -6.55
CA ALA A 372 10.18 49.35 -6.55
C ALA A 372 10.63 49.19 -8.00
N LYS A 373 11.87 49.56 -8.28
CA LYS A 373 12.40 49.41 -9.62
C LYS A 373 12.96 48.00 -9.72
N LEU A 374 12.31 47.18 -10.53
CA LEU A 374 12.69 45.77 -10.70
C LEU A 374 13.36 45.51 -12.04
N ALA A 375 14.45 44.76 -12.02
CA ALA A 375 15.16 44.41 -13.23
C ALA A 375 14.33 43.36 -13.95
N PRO A 376 14.47 43.27 -15.28
CA PRO A 376 13.70 42.29 -16.04
C PRO A 376 14.02 40.88 -15.54
N GLY A 377 13.05 39.98 -15.63
CA GLY A 377 13.27 38.61 -15.17
C GLY A 377 12.88 38.38 -13.71
N THR A 378 12.68 39.48 -12.99
CA THR A 378 12.27 39.38 -11.59
C THR A 378 10.85 38.79 -11.59
N ILE A 379 10.64 37.74 -10.81
CA ILE A 379 9.34 37.10 -10.71
C ILE A 379 8.57 37.72 -9.57
N VAL A 380 7.29 37.99 -9.81
CA VAL A 380 6.43 38.59 -8.79
C VAL A 380 5.37 37.54 -8.44
N GLU A 381 5.23 37.28 -7.14
CA GLU A 381 4.23 36.30 -6.69
C GLU A 381 3.03 37.06 -6.15
N VAL A 382 1.89 36.84 -6.81
CA VAL A 382 0.64 37.49 -6.46
C VAL A 382 -0.10 36.65 -5.45
N TRP A 383 -0.20 37.18 -4.24
CA TRP A 383 -0.84 36.47 -3.13
C TRP A 383 -2.08 37.11 -2.52
N LYS A 384 -2.27 38.41 -2.72
CA LYS A 384 -3.44 39.09 -2.18
C LYS A 384 -4.69 38.69 -2.97
N ASP A 385 -5.69 38.22 -2.23
CA ASP A 385 -6.94 37.74 -2.80
C ASP A 385 -7.82 38.79 -3.47
N SER A 386 -7.90 39.99 -2.88
CA SER A 386 -8.72 41.07 -3.42
C SER A 386 -8.33 41.49 -4.83
N ALA A 387 -9.21 41.19 -5.79
CA ALA A 387 -8.99 41.55 -7.18
C ALA A 387 -7.60 41.19 -7.67
N TYR A 388 -7.22 39.91 -7.53
CA TYR A 388 -5.91 39.47 -7.99
C TYR A 388 -5.84 39.33 -9.53
N PRO A 389 -6.99 39.09 -10.20
CA PRO A 389 -6.88 38.98 -11.66
C PRO A 389 -6.32 40.28 -12.23
N GLU A 390 -6.71 41.40 -11.64
CA GLU A 390 -6.24 42.70 -12.09
C GLU A 390 -4.76 42.87 -11.79
N GLU A 391 -4.33 42.39 -10.63
CA GLU A 391 -2.93 42.47 -10.23
C GLU A 391 -2.12 41.64 -11.25
N LEU A 392 -2.72 40.56 -11.76
CA LEU A 392 -2.04 39.74 -12.73
C LEU A 392 -1.81 40.54 -14.01
N SER A 393 -2.83 41.30 -14.44
CA SER A 393 -2.72 42.12 -15.65
C SER A 393 -1.62 43.16 -15.45
N ARG A 394 -1.72 43.89 -14.35
CA ARG A 394 -0.72 44.91 -14.05
C ARG A 394 0.70 44.35 -14.06
N VAL A 395 0.93 43.24 -13.36
CA VAL A 395 2.26 42.66 -13.31
C VAL A 395 2.74 42.24 -14.71
N THR A 396 1.93 41.48 -15.43
CA THR A 396 2.34 41.06 -16.76
C THR A 396 2.41 42.23 -17.73
N ALA A 397 1.56 43.24 -17.54
CA ALA A 397 1.59 44.42 -18.40
C ALA A 397 2.98 45.03 -18.33
N SER A 398 3.49 45.16 -17.11
CA SER A 398 4.82 45.72 -16.90
C SER A 398 5.91 44.78 -17.37
N GLY A 399 5.52 43.63 -17.93
CA GLY A 399 6.48 42.66 -18.45
C GLY A 399 7.21 41.73 -17.47
N PHE A 400 6.70 41.57 -16.26
CA PHE A 400 7.36 40.67 -15.30
C PHE A 400 6.72 39.29 -15.21
N PRO A 401 7.54 38.24 -15.05
CA PRO A 401 7.02 36.86 -14.94
C PRO A 401 6.19 36.83 -13.67
N VAL A 402 5.08 36.11 -13.67
CA VAL A 402 4.25 36.08 -12.48
C VAL A 402 3.79 34.71 -12.01
N ILE A 403 3.71 34.56 -10.70
CA ILE A 403 3.27 33.33 -10.05
C ILE A 403 2.06 33.66 -9.20
N LEU A 404 1.03 32.83 -9.30
CA LEU A 404 -0.21 33.04 -8.54
C LEU A 404 -0.41 32.12 -7.34
N SER A 405 -0.64 32.70 -6.15
CA SER A 405 -0.92 31.88 -4.99
C SER A 405 -2.22 32.33 -4.30
N ALA A 406 -2.65 33.56 -4.57
CA ALA A 406 -3.85 34.13 -3.95
C ALA A 406 -5.10 33.28 -3.66
N PRO A 407 -5.61 32.53 -4.65
CA PRO A 407 -6.79 31.71 -4.41
C PRO A 407 -6.47 30.35 -3.79
N TRP A 408 -5.20 30.11 -3.49
CA TRP A 408 -4.82 28.82 -2.96
C TRP A 408 -4.09 28.86 -1.62
N TYR A 409 -4.72 29.50 -0.64
CA TYR A 409 -4.16 29.58 0.70
C TYR A 409 -4.79 28.42 1.47
N LEU A 410 -4.22 27.23 1.30
CA LEU A 410 -4.75 26.05 1.95
C LEU A 410 -4.72 26.08 3.46
N ASP A 411 -4.04 27.06 4.06
CA ASP A 411 -4.07 27.16 5.52
C ASP A 411 -5.43 27.72 5.98
N LEU A 412 -6.15 28.38 5.06
CA LEU A 412 -7.46 28.96 5.38
C LEU A 412 -8.48 27.87 5.13
N ILE A 413 -8.58 26.96 6.09
CA ILE A 413 -9.48 25.83 6.00
C ILE A 413 -10.92 26.26 6.21
N SER A 414 -11.83 25.47 5.67
CA SER A 414 -13.26 25.69 5.80
C SER A 414 -13.96 24.35 5.72
N TYR A 415 -15.24 24.31 6.08
CA TYR A 415 -15.99 23.07 6.09
C TYR A 415 -16.35 22.53 4.71
N GLY A 416 -16.28 21.22 4.54
CA GLY A 416 -16.66 20.63 3.28
C GLY A 416 -15.61 20.45 2.19
N GLN A 417 -16.10 20.22 0.97
CA GLN A 417 -15.26 19.98 -0.19
C GLN A 417 -14.61 21.25 -0.78
N ASP A 418 -13.78 21.94 0.00
CA ASP A 418 -13.17 23.15 -0.52
C ASP A 418 -12.16 22.88 -1.63
N TRP A 419 -11.88 21.61 -1.92
CA TRP A 419 -10.95 21.29 -3.01
C TRP A 419 -11.56 21.71 -4.35
N ARG A 420 -12.88 21.73 -4.41
CA ARG A 420 -13.59 22.11 -5.63
C ARG A 420 -13.32 23.55 -5.99
N LYS A 421 -13.34 24.44 -5.00
CA LYS A 421 -13.08 25.83 -5.31
C LYS A 421 -11.61 26.00 -5.75
N TYR A 422 -10.69 25.24 -5.19
CA TYR A 422 -9.30 25.36 -5.62
C TYR A 422 -9.17 24.79 -7.03
N TYR A 423 -9.91 23.72 -7.30
CA TYR A 423 -9.88 23.05 -8.59
C TYR A 423 -10.48 23.92 -9.71
N LYS A 424 -11.56 24.62 -9.38
CA LYS A 424 -12.26 25.44 -10.35
C LYS A 424 -11.52 26.68 -10.84
N VAL A 425 -10.54 27.14 -10.09
CA VAL A 425 -9.79 28.32 -10.50
C VAL A 425 -9.28 28.14 -11.94
N GLU A 426 -9.28 29.22 -12.70
CA GLU A 426 -8.71 29.22 -14.06
C GLU A 426 -7.81 30.45 -13.98
N PRO A 427 -6.50 30.21 -13.77
CA PRO A 427 -5.46 31.23 -13.63
C PRO A 427 -5.36 32.27 -14.73
N LEU A 428 -5.54 31.85 -15.98
CA LEU A 428 -5.40 32.80 -17.07
C LEU A 428 -6.61 33.70 -17.30
N ASP A 429 -7.58 33.66 -16.39
CA ASP A 429 -8.73 34.53 -16.54
C ASP A 429 -8.47 35.90 -15.94
N PHE A 430 -7.78 36.71 -16.71
CA PHE A 430 -7.48 38.09 -16.35
C PHE A 430 -7.20 38.80 -17.68
N GLY A 431 -7.55 40.07 -17.76
CA GLY A 431 -7.34 40.81 -19.00
C GLY A 431 -5.89 40.89 -19.43
N GLY A 432 -5.63 40.53 -20.69
CA GLY A 432 -4.27 40.60 -21.19
C GLY A 432 -4.07 40.00 -22.56
N THR A 433 -2.97 40.37 -23.20
CA THR A 433 -2.64 39.86 -24.52
C THR A 433 -2.06 38.45 -24.35
N GLN A 434 -1.84 37.75 -25.46
CA GLN A 434 -1.26 36.43 -25.35
C GLN A 434 0.17 36.55 -24.82
N LYS A 435 0.87 37.61 -25.25
CA LYS A 435 2.22 37.82 -24.78
C LYS A 435 2.21 38.05 -23.28
N GLN A 436 1.16 38.70 -22.78
CA GLN A 436 1.05 38.94 -21.36
C GLN A 436 0.84 37.59 -20.68
N LYS A 437 -0.17 36.85 -21.16
CA LYS A 437 -0.49 35.55 -20.60
C LYS A 437 0.72 34.63 -20.55
N GLN A 438 1.68 34.84 -21.44
CA GLN A 438 2.87 34.01 -21.48
C GLN A 438 3.80 34.28 -20.30
N LEU A 439 3.61 35.41 -19.65
CA LEU A 439 4.44 35.74 -18.49
C LEU A 439 3.95 35.00 -17.23
N PHE A 440 2.79 34.37 -17.33
CA PHE A 440 2.22 33.60 -16.21
C PHE A 440 2.87 32.22 -16.29
N ILE A 441 3.72 31.90 -15.31
CA ILE A 441 4.45 30.64 -15.27
C ILE A 441 3.96 29.54 -14.33
N GLY A 442 2.93 29.83 -13.54
CA GLY A 442 2.41 28.82 -12.62
C GLY A 442 1.82 29.35 -11.33
N GLY A 443 1.83 28.51 -10.30
CA GLY A 443 1.27 28.93 -9.03
C GLY A 443 1.71 28.06 -7.89
N GLU A 444 1.24 28.38 -6.68
CA GLU A 444 1.59 27.60 -5.50
C GLU A 444 0.41 27.51 -4.53
N ALA A 445 0.27 26.33 -3.94
CA ALA A 445 -0.74 26.10 -2.91
C ALA A 445 0.10 26.40 -1.64
N CYS A 446 -0.41 27.27 -0.77
CA CYS A 446 0.34 27.67 0.41
C CYS A 446 -0.24 27.12 1.71
N LEU A 447 0.63 26.56 2.55
CA LEU A 447 0.21 26.01 3.83
C LEU A 447 0.96 26.73 4.95
N TRP A 448 0.62 27.99 5.17
CA TRP A 448 1.26 28.79 6.20
C TRP A 448 1.11 28.03 7.50
N GLY A 449 2.02 28.25 8.46
CA GLY A 449 2.04 27.46 9.68
C GLY A 449 1.50 27.91 11.03
N GLU A 450 0.86 29.07 11.12
CA GLU A 450 0.35 29.50 12.41
C GLU A 450 -0.40 28.36 13.13
N TYR A 451 -1.15 27.56 12.38
CA TYR A 451 -1.95 26.48 12.97
C TYR A 451 -1.55 25.09 12.45
N VAL A 452 -0.36 25.01 11.87
CA VAL A 452 0.07 23.75 11.30
C VAL A 452 1.42 23.26 11.78
N ASP A 453 1.45 22.00 12.22
CA ASP A 453 2.70 21.35 12.59
C ASP A 453 2.63 19.87 12.15
N ALA A 454 3.55 19.03 12.64
CA ALA A 454 3.58 17.61 12.23
C ALA A 454 2.32 16.81 12.58
N THR A 455 1.58 17.22 13.61
CA THR A 455 0.36 16.50 13.98
C THR A 455 -0.77 16.64 12.96
N ASN A 456 -0.79 17.72 12.19
CA ASN A 456 -1.90 17.91 11.26
C ASN A 456 -1.55 18.34 9.84
N LEU A 457 -0.26 18.50 9.55
CA LEU A 457 0.13 18.94 8.23
C LEU A 457 -0.37 18.13 7.04
N THR A 458 -0.02 16.85 7.02
CA THR A 458 -0.36 16.00 5.89
C THR A 458 -1.83 15.88 5.54
N PRO A 459 -2.70 15.57 6.51
CA PRO A 459 -4.09 15.49 6.10
C PRO A 459 -4.67 16.85 5.68
N ARG A 460 -4.14 17.94 6.24
CA ARG A 460 -4.65 19.26 5.87
C ARG A 460 -4.21 19.59 4.45
N LEU A 461 -2.99 19.17 4.10
CA LEU A 461 -2.44 19.45 2.79
C LEU A 461 -2.97 18.54 1.66
N TRP A 462 -3.15 17.26 1.94
CA TRP A 462 -3.64 16.35 0.91
C TRP A 462 -5.00 15.78 1.28
N PRO A 463 -5.90 15.61 0.28
CA PRO A 463 -5.73 15.89 -1.14
C PRO A 463 -6.11 17.29 -1.61
N ARG A 464 -6.36 18.22 -0.70
CA ARG A 464 -6.74 19.56 -1.12
C ARG A 464 -5.76 20.15 -2.14
N ALA A 465 -4.46 19.98 -1.90
CA ALA A 465 -3.46 20.53 -2.82
C ALA A 465 -3.46 19.82 -4.18
N SER A 466 -3.98 18.59 -4.22
CA SER A 466 -4.04 17.84 -5.48
C SER A 466 -4.91 18.60 -6.50
N ALA A 467 -5.91 19.33 -6.01
CA ALA A 467 -6.79 20.11 -6.90
C ALA A 467 -5.93 21.15 -7.63
N VAL A 468 -5.03 21.80 -6.88
CA VAL A 468 -4.14 22.80 -7.46
C VAL A 468 -3.16 22.11 -8.40
N GLY A 469 -2.76 20.89 -8.04
CA GLY A 469 -1.83 20.15 -8.85
C GLY A 469 -2.40 19.85 -10.22
N GLU A 470 -3.67 19.43 -10.29
CA GLU A 470 -4.27 19.14 -11.59
C GLU A 470 -4.51 20.43 -12.38
N ARG A 471 -5.00 21.47 -11.73
CA ARG A 471 -5.23 22.73 -12.43
C ARG A 471 -3.93 23.28 -13.03
N LEU A 472 -2.80 23.07 -12.32
CA LEU A 472 -1.52 23.59 -12.82
C LEU A 472 -0.84 22.71 -13.87
N TRP A 473 -1.13 21.40 -13.84
CA TRP A 473 -0.53 20.50 -14.79
C TRP A 473 -1.40 20.20 -16.02
N SER A 474 -2.63 19.77 -15.77
CA SER A 474 -3.56 19.40 -16.82
C SER A 474 -4.02 20.56 -17.72
N SER A 475 -4.50 20.25 -18.92
CA SER A 475 -4.96 21.28 -19.83
C SER A 475 -6.12 22.05 -19.22
N LYS A 476 -6.26 23.29 -19.65
CA LYS A 476 -7.29 24.18 -19.17
C LYS A 476 -8.73 23.63 -19.27
N ASP A 477 -8.97 22.77 -20.26
N ASP A 477 -8.98 22.78 -20.26
CA ASP A 477 -10.29 22.20 -20.50
CA ASP A 477 -10.31 22.22 -20.47
C ASP A 477 -10.73 21.11 -19.51
C ASP A 477 -10.74 21.13 -19.49
N VAL A 478 -9.80 20.54 -18.78
CA VAL A 478 -10.14 19.48 -17.81
C VAL A 478 -10.81 20.18 -16.63
N ARG A 479 -12.14 20.12 -16.61
CA ARG A 479 -12.92 20.80 -15.59
C ARG A 479 -14.15 20.07 -15.06
N ASP A 480 -14.52 18.95 -15.66
CA ASP A 480 -15.69 18.21 -15.23
C ASP A 480 -15.56 17.76 -13.75
N MET A 481 -16.45 18.29 -12.90
CA MET A 481 -16.43 18.01 -11.47
C MET A 481 -16.72 16.57 -11.06
N ASP A 482 -17.61 15.87 -11.76
CA ASP A 482 -17.91 14.49 -11.42
C ASP A 482 -16.70 13.63 -11.71
N ASP A 483 -16.07 13.87 -12.85
CA ASP A 483 -14.90 13.07 -13.21
C ASP A 483 -13.75 13.39 -12.27
N ALA A 484 -13.62 14.67 -11.91
CA ALA A 484 -12.55 15.09 -11.00
C ALA A 484 -12.75 14.37 -9.67
N TYR A 485 -13.97 14.42 -9.15
CA TYR A 485 -14.30 13.75 -7.92
C TYR A 485 -13.98 12.26 -7.99
N ASP A 486 -14.34 11.63 -9.11
CA ASP A 486 -14.12 10.20 -9.27
C ASP A 486 -12.64 9.80 -9.25
N ARG A 487 -11.80 10.53 -9.95
CA ARG A 487 -10.38 10.23 -10.00
C ARG A 487 -9.65 10.66 -8.71
N LEU A 488 -10.08 11.77 -8.10
CA LEU A 488 -9.45 12.30 -6.89
C LEU A 488 -9.68 11.35 -5.73
N THR A 489 -10.90 10.82 -5.65
CA THR A 489 -11.28 9.89 -4.59
C THR A 489 -10.34 8.68 -4.57
N ARG A 490 -10.08 8.11 -5.74
CA ARG A 490 -9.22 6.95 -5.88
C ARG A 490 -7.73 7.28 -5.75
N HIS A 491 -7.34 8.47 -6.19
CA HIS A 491 -5.96 8.95 -6.11
C HIS A 491 -5.62 9.17 -4.61
N ARG A 492 -6.62 9.65 -3.87
CA ARG A 492 -6.47 9.89 -2.45
C ARG A 492 -6.24 8.53 -1.78
N CYS A 493 -7.05 7.53 -2.14
CA CYS A 493 -6.87 6.21 -1.55
C CYS A 493 -5.46 5.70 -1.88
N ARG A 494 -5.02 5.92 -3.12
CA ARG A 494 -3.68 5.51 -3.54
C ARG A 494 -2.62 6.23 -2.70
N MET A 495 -2.83 7.51 -2.39
CA MET A 495 -1.85 8.21 -1.56
C MET A 495 -1.80 7.57 -0.17
N VAL A 496 -2.95 7.19 0.36
CA VAL A 496 -3.01 6.54 1.67
C VAL A 496 -2.27 5.19 1.61
N GLU A 497 -2.49 4.41 0.56
CA GLU A 497 -1.80 3.13 0.51
C GLU A 497 -0.29 3.34 0.35
N ARG A 498 0.12 4.53 -0.08
CA ARG A 498 1.55 4.81 -0.21
C ARG A 498 2.10 5.49 1.06
N GLY A 499 1.31 5.54 2.12
CA GLY A 499 1.78 6.14 3.36
C GLY A 499 1.55 7.63 3.59
N ILE A 500 0.69 8.23 2.77
CA ILE A 500 0.39 9.66 2.91
C ILE A 500 -0.99 9.72 3.52
N ALA A 501 -1.07 10.24 4.75
CA ALA A 501 -2.35 10.33 5.46
C ALA A 501 -3.28 11.43 4.91
N ALA A 502 -3.61 11.29 3.62
CA ALA A 502 -4.47 12.23 2.94
C ALA A 502 -5.88 12.05 3.49
N GLN A 503 -6.55 13.16 3.79
CA GLN A 503 -7.89 13.09 4.36
C GLN A 503 -8.97 12.78 3.30
N PRO A 504 -10.14 12.29 3.74
CA PRO A 504 -11.21 11.96 2.79
C PRO A 504 -11.88 13.17 2.08
N LEU A 505 -12.48 12.92 0.91
CA LEU A 505 -13.14 14.00 0.18
C LEU A 505 -14.56 14.09 0.67
N TYR A 506 -15.11 12.92 1.01
CA TYR A 506 -16.48 12.84 1.46
C TYR A 506 -16.70 11.45 2.02
N ALA A 507 -17.91 11.16 2.49
CA ALA A 507 -18.19 9.82 3.03
C ALA A 507 -17.71 8.74 2.06
N GLY A 508 -17.33 7.58 2.61
CA GLY A 508 -16.86 6.47 1.79
C GLY A 508 -15.82 5.59 2.51
N TYR A 509 -15.01 4.88 1.74
CA TYR A 509 -13.95 4.02 2.29
C TYR A 509 -12.98 3.68 1.16
N CYS A 510 -11.87 3.03 1.50
CA CYS A 510 -10.86 2.62 0.53
C CYS A 510 -10.69 1.08 0.57
N ASN A 511 -10.35 0.45 -0.55
CA ASN A 511 -10.14 -1.02 -0.57
C ASN A 511 -8.69 -1.39 -0.25
N HIS A 512 -7.97 -0.52 0.44
CA HIS A 512 -6.56 -0.79 0.73
C HIS A 512 -6.29 -1.27 2.14
N GLU A 513 -6.72 -0.59 3.10
N PRO B 13 2.14 21.56 35.87
CA PRO B 13 1.16 22.23 36.75
C PRO B 13 0.21 23.07 35.90
N ALA B 14 -0.15 22.51 34.74
CA ALA B 14 -1.09 23.13 33.84
C ALA B 14 -2.32 22.24 34.03
N LEU B 15 -3.34 22.74 34.72
CA LEU B 15 -4.54 21.93 34.98
C LEU B 15 -5.61 22.17 33.94
N TRP B 16 -6.21 21.09 33.45
CA TRP B 16 -7.26 21.18 32.45
C TRP B 16 -8.16 19.93 32.49
N PRO B 17 -9.46 20.10 32.80
CA PRO B 17 -10.18 21.35 33.14
C PRO B 17 -9.70 21.92 34.47
N LEU B 18 -9.90 23.22 34.68
CA LEU B 18 -9.49 23.84 35.94
C LEU B 18 -10.41 23.29 37.04
N PRO B 19 -9.83 22.71 38.11
CA PRO B 19 -10.66 22.16 39.19
C PRO B 19 -11.50 23.25 39.88
N LEU B 20 -12.55 22.82 40.58
CA LEU B 20 -13.45 23.75 41.27
C LEU B 20 -12.67 24.63 42.25
N SER B 21 -11.91 23.98 43.13
CA SER B 21 -11.12 24.70 44.12
C SER B 21 -9.67 24.23 44.15
N VAL B 22 -8.75 25.15 43.90
CA VAL B 22 -7.33 24.86 43.90
C VAL B 22 -6.56 25.77 44.85
N LYS B 23 -6.00 25.20 45.91
CA LYS B 23 -5.19 25.98 46.86
C LYS B 23 -3.76 25.48 46.75
N MET B 24 -2.93 26.30 46.11
CA MET B 24 -1.53 25.97 45.85
C MET B 24 -0.56 26.70 46.76
N THR B 25 0.50 26.01 47.16
CA THR B 25 1.52 26.62 47.99
C THR B 25 2.82 26.54 47.21
N PRO B 26 3.80 27.38 47.56
CA PRO B 26 5.09 27.38 46.87
C PRO B 26 6.03 26.30 47.38
N ASN B 27 5.56 25.46 48.30
CA ASN B 27 6.41 24.40 48.83
C ASN B 27 6.55 23.27 47.82
N LEU B 28 7.79 22.86 47.57
CA LEU B 28 8.05 21.82 46.59
C LEU B 28 8.35 20.49 47.22
N LEU B 29 7.78 19.44 46.62
CA LEU B 29 7.99 18.08 47.07
C LEU B 29 8.50 17.35 45.82
N HIS B 30 9.17 16.22 46.01
CA HIS B 30 9.73 15.51 44.89
C HIS B 30 9.37 14.02 44.87
N LEU B 31 9.29 13.45 43.67
CA LEU B 31 8.95 12.05 43.54
C LEU B 31 10.08 11.20 42.98
N ALA B 32 10.19 9.99 43.50
CA ALA B 32 11.20 9.07 43.04
C ALA B 32 10.50 8.03 42.18
N PRO B 33 10.72 8.06 40.85
CA PRO B 33 10.08 7.10 39.95
C PRO B 33 10.10 5.66 40.44
N GLU B 34 11.26 5.18 40.87
CA GLU B 34 11.39 3.80 41.36
C GLU B 34 10.86 3.65 42.79
N ASN B 35 10.65 4.77 43.48
CA ASN B 35 10.19 4.72 44.86
C ASN B 35 8.92 5.56 45.09
N PHE B 36 7.94 5.40 44.22
CA PHE B 36 6.68 6.13 44.36
C PHE B 36 5.53 5.18 44.13
N TYR B 37 4.68 5.03 45.12
CA TYR B 37 3.54 4.13 45.01
C TYR B 37 2.20 4.83 45.06
N ILE B 38 1.29 4.37 44.22
CA ILE B 38 -0.08 4.85 44.20
C ILE B 38 -0.75 3.63 44.81
N SER B 39 -1.34 3.77 46.00
CA SER B 39 -1.94 2.63 46.68
C SER B 39 -3.31 2.88 47.27
N HIS B 40 -3.95 1.77 47.67
CA HIS B 40 -5.25 1.80 48.31
C HIS B 40 -5.03 2.16 49.76
N SER B 41 -5.74 3.17 50.24
CA SER B 41 -5.61 3.55 51.64
C SER B 41 -6.17 2.39 52.47
N PRO B 42 -5.63 2.17 53.69
CA PRO B 42 -6.15 1.06 54.50
C PRO B 42 -7.63 1.34 54.84
N ASN B 43 -8.03 2.61 54.72
CA ASN B 43 -9.41 3.03 54.93
C ASN B 43 -9.99 3.29 53.55
N SER B 44 -10.65 2.30 53.00
CA SER B 44 -11.24 2.44 51.67
C SER B 44 -12.17 1.27 51.44
N THR B 45 -13.21 1.49 50.66
CA THR B 45 -14.14 0.42 50.35
C THR B 45 -13.58 -0.42 49.19
N ALA B 46 -12.46 0.02 48.63
CA ALA B 46 -11.85 -0.69 47.51
C ALA B 46 -10.46 -1.20 47.87
N GLY B 47 -10.07 -2.29 47.22
CA GLY B 47 -8.76 -2.88 47.42
C GLY B 47 -8.21 -3.51 46.15
N PRO B 48 -7.15 -4.34 46.25
CA PRO B 48 -6.50 -5.01 45.12
C PRO B 48 -7.42 -5.82 44.21
N SER B 49 -8.56 -6.21 44.73
CA SER B 49 -9.49 -6.95 43.91
C SER B 49 -10.22 -6.01 42.96
N CYS B 50 -10.06 -4.71 43.17
CA CYS B 50 -10.72 -3.71 42.33
C CYS B 50 -9.88 -3.48 41.07
N THR B 51 -10.21 -4.20 40.01
CA THR B 51 -9.48 -4.12 38.75
C THR B 51 -9.46 -2.72 38.16
N LEU B 52 -10.58 -2.03 38.19
CA LEU B 52 -10.62 -0.70 37.62
C LEU B 52 -9.56 0.20 38.28
N LEU B 53 -9.48 0.20 39.60
CA LEU B 53 -8.49 1.05 40.25
C LEU B 53 -7.06 0.56 40.03
N GLU B 54 -6.88 -0.75 40.10
CA GLU B 54 -5.55 -1.32 39.93
C GLU B 54 -4.97 -0.95 38.58
N GLU B 55 -5.80 -1.01 37.54
CA GLU B 55 -5.35 -0.63 36.20
C GLU B 55 -5.05 0.87 36.13
N ALA B 56 -5.88 1.69 36.77
CA ALA B 56 -5.64 3.14 36.77
C ALA B 56 -4.34 3.49 37.48
N PHE B 57 -4.05 2.82 38.60
CA PHE B 57 -2.81 3.11 39.34
C PHE B 57 -1.61 2.87 38.44
N ARG B 58 -1.61 1.74 37.76
CA ARG B 58 -0.53 1.37 36.85
C ARG B 58 -0.44 2.35 35.68
N ARG B 59 -1.59 2.62 35.08
CA ARG B 59 -1.69 3.51 33.94
C ARG B 59 -1.12 4.90 34.27
N TYR B 60 -1.55 5.46 35.39
CA TYR B 60 -1.08 6.78 35.75
C TYR B 60 0.34 6.83 36.25
N HIS B 61 0.87 5.69 36.70
CA HIS B 61 2.26 5.68 37.12
C HIS B 61 3.08 5.92 35.87
N GLY B 62 2.71 5.23 34.79
CA GLY B 62 3.40 5.40 33.53
C GLY B 62 3.23 6.80 32.93
N TYR B 63 2.08 7.45 33.12
CA TYR B 63 1.90 8.79 32.56
C TYR B 63 2.74 9.82 33.29
N ILE B 64 2.77 9.70 34.62
CA ILE B 64 3.54 10.61 35.44
C ILE B 64 5.03 10.56 35.19
N PHE B 65 5.58 9.35 35.11
CA PHE B 65 7.02 9.19 34.92
C PHE B 65 7.41 8.67 33.54
N GLY B 66 6.61 9.01 32.53
CA GLY B 66 6.89 8.54 31.19
C GLY B 66 6.66 7.03 31.08
N THR B 81 10.83 16.41 52.35
CA THR B 81 10.23 16.93 51.08
C THR B 81 9.89 15.87 50.01
N GLN B 82 9.98 14.59 50.36
CA GLN B 82 9.64 13.56 49.39
C GLN B 82 8.22 13.02 49.58
N VAL B 83 7.44 13.00 48.52
CA VAL B 83 6.11 12.42 48.63
C VAL B 83 6.38 10.99 48.16
N GLN B 84 6.39 10.08 49.13
CA GLN B 84 6.69 8.67 48.88
C GLN B 84 5.53 7.90 48.29
N GLN B 85 4.32 8.38 48.51
CA GLN B 85 3.17 7.61 48.09
C GLN B 85 1.90 8.46 47.95
N LEU B 86 0.96 7.94 47.17
CA LEU B 86 -0.32 8.61 47.00
C LEU B 86 -1.31 7.55 47.44
N LEU B 87 -2.01 7.81 48.53
CA LEU B 87 -3.02 6.88 49.05
C LEU B 87 -4.34 7.26 48.45
N VAL B 88 -5.08 6.25 48.03
CA VAL B 88 -6.39 6.43 47.40
C VAL B 88 -7.43 5.82 48.32
N SER B 89 -8.40 6.64 48.70
CA SER B 89 -9.44 6.20 49.62
C SER B 89 -10.82 6.40 49.01
N ILE B 90 -11.58 5.31 48.86
CA ILE B 90 -12.95 5.39 48.34
C ILE B 90 -13.88 5.33 49.56
N THR B 91 -14.68 6.38 49.75
CA THR B 91 -15.55 6.50 50.91
C THR B 91 -16.84 5.71 50.96
N LEU B 92 -17.63 5.72 49.89
CA LEU B 92 -18.89 4.97 49.87
C LEU B 92 -18.68 3.66 49.12
N GLN B 93 -19.74 2.88 48.89
CA GLN B 93 -19.59 1.65 48.13
C GLN B 93 -18.92 2.09 46.86
N SER B 94 -17.81 1.45 46.53
CA SER B 94 -16.99 1.83 45.40
C SER B 94 -17.61 1.89 44.01
N GLU B 95 -18.43 0.90 43.66
CA GLU B 95 -19.03 0.78 42.32
C GLU B 95 -17.89 0.40 41.37
N CYS B 96 -16.87 -0.24 41.92
N CYS B 96 -16.84 -0.22 41.90
CA CYS B 96 -15.70 -0.66 41.15
CA CYS B 96 -15.72 -0.60 41.06
C CYS B 96 -16.09 -1.58 39.99
C CYS B 96 -16.11 -1.57 39.96
N ASP B 97 -17.08 -2.44 40.21
CA ASP B 97 -17.52 -3.38 39.16
C ASP B 97 -18.74 -2.95 38.34
N ALA B 98 -19.18 -1.72 38.50
CA ALA B 98 -20.37 -1.28 37.77
C ALA B 98 -20.01 -0.45 36.56
N PHE B 99 -21.02 -0.12 35.77
CA PHE B 99 -20.80 0.75 34.62
C PHE B 99 -21.20 2.14 35.08
N PRO B 100 -20.44 3.16 34.67
CA PRO B 100 -20.80 4.52 35.10
C PRO B 100 -22.20 4.88 34.60
N ASN B 101 -22.85 5.80 35.30
CA ASN B 101 -24.22 6.22 35.02
C ASN B 101 -24.29 7.76 35.10
N ILE B 102 -25.32 8.36 34.54
CA ILE B 102 -25.47 9.82 34.61
C ILE B 102 -25.50 10.24 36.08
N SER B 103 -25.90 9.34 36.97
CA SER B 103 -25.96 9.65 38.39
C SER B 103 -24.64 9.45 39.13
N SER B 104 -23.61 8.94 38.45
CA SER B 104 -22.33 8.69 39.11
C SER B 104 -21.68 9.95 39.72
N ASP B 105 -21.12 9.76 40.91
CA ASP B 105 -20.45 10.82 41.66
C ASP B 105 -18.96 10.84 41.28
N GLU B 106 -18.55 11.89 40.58
CA GLU B 106 -17.16 12.04 40.14
C GLU B 106 -16.33 13.00 40.99
N SER B 107 -16.87 13.44 42.13
CA SER B 107 -16.15 14.39 42.97
C SER B 107 -14.98 13.72 43.67
N TYR B 108 -14.01 14.51 44.09
CA TYR B 108 -12.86 13.95 44.79
C TYR B 108 -12.10 15.07 45.48
N THR B 109 -11.19 14.69 46.37
CA THR B 109 -10.33 15.63 47.06
C THR B 109 -8.90 15.12 46.95
N LEU B 110 -7.98 16.04 46.69
CA LEU B 110 -6.57 15.71 46.57
C LEU B 110 -5.81 16.55 47.58
N LEU B 111 -5.06 15.88 48.45
CA LEU B 111 -4.26 16.57 49.46
C LEU B 111 -2.80 16.21 49.14
N VAL B 112 -2.10 17.14 48.49
CA VAL B 112 -0.71 16.90 48.13
C VAL B 112 0.22 17.41 49.25
N LYS B 113 0.76 16.48 50.04
CA LYS B 113 1.65 16.83 51.14
C LYS B 113 2.64 15.70 51.32
N GLU B 114 3.73 16.00 52.00
CA GLU B 114 4.79 15.01 52.28
C GLU B 114 4.41 14.51 53.67
N PRO B 115 4.68 13.23 53.97
CA PRO B 115 5.28 12.13 53.17
C PRO B 115 4.32 11.31 52.30
N VAL B 116 3.03 11.39 52.60
CA VAL B 116 2.02 10.65 51.86
C VAL B 116 0.93 11.58 51.35
N ALA B 117 0.65 11.54 50.06
CA ALA B 117 -0.40 12.38 49.52
C ALA B 117 -1.71 11.58 49.59
N VAL B 118 -2.84 12.25 49.58
CA VAL B 118 -4.11 11.54 49.68
C VAL B 118 -5.16 11.99 48.67
N LEU B 119 -5.73 11.00 47.99
CA LEU B 119 -6.80 11.22 47.03
C LEU B 119 -8.00 10.50 47.65
N LYS B 120 -9.05 11.24 47.91
CA LYS B 120 -10.25 10.68 48.53
C LYS B 120 -11.45 10.97 47.63
N ALA B 121 -12.30 9.96 47.43
CA ALA B 121 -13.49 10.12 46.60
C ALA B 121 -14.57 9.15 47.07
N ASN B 122 -15.84 9.54 46.88
CA ASN B 122 -16.98 8.73 47.28
C ASN B 122 -17.06 7.44 46.47
N ARG B 123 -16.71 7.52 45.18
CA ARG B 123 -16.76 6.35 44.30
C ARG B 123 -15.48 6.31 43.46
N VAL B 124 -15.25 5.18 42.80
CA VAL B 124 -14.07 5.02 41.97
C VAL B 124 -14.07 6.07 40.87
N TRP B 125 -15.27 6.50 40.46
CA TRP B 125 -15.36 7.48 39.38
C TRP B 125 -14.62 8.76 39.75
N GLY B 126 -14.77 9.20 41.00
CA GLY B 126 -14.10 10.41 41.43
C GLY B 126 -12.60 10.18 41.54
N ALA B 127 -12.23 8.95 41.90
CA ALA B 127 -10.82 8.61 42.02
C ALA B 127 -10.18 8.70 40.62
N LEU B 128 -10.89 8.19 39.62
CA LEU B 128 -10.35 8.25 38.26
C LEU B 128 -9.99 9.69 37.91
N ARG B 129 -10.94 10.60 38.14
CA ARG B 129 -10.74 12.02 37.85
C ARG B 129 -9.58 12.59 38.68
N GLY B 130 -9.49 12.18 39.93
CA GLY B 130 -8.43 12.66 40.80
C GLY B 130 -7.07 12.22 40.31
N LEU B 131 -6.97 11.00 39.81
CA LEU B 131 -5.69 10.50 39.33
C LEU B 131 -5.20 11.35 38.16
N GLU B 132 -6.11 11.70 37.25
CA GLU B 132 -5.73 12.54 36.12
C GLU B 132 -5.22 13.89 36.62
N THR B 133 -5.96 14.52 37.52
CA THR B 133 -5.57 15.81 38.06
C THR B 133 -4.21 15.71 38.74
N PHE B 134 -4.01 14.65 39.52
CA PHE B 134 -2.72 14.46 40.20
C PHE B 134 -1.58 14.40 39.16
N SER B 135 -1.81 13.70 38.05
CA SER B 135 -0.77 13.57 37.02
C SER B 135 -0.48 14.91 36.40
N GLN B 136 -1.49 15.77 36.33
CA GLN B 136 -1.28 17.08 35.76
C GLN B 136 -0.52 18.03 36.71
N LEU B 137 -0.48 17.70 38.00
CA LEU B 137 0.21 18.55 38.98
C LEU B 137 1.71 18.25 39.05
N VAL B 138 2.07 17.05 38.62
CA VAL B 138 3.47 16.64 38.61
C VAL B 138 4.15 17.16 37.34
N TYR B 139 5.35 17.70 37.52
CA TYR B 139 6.14 18.22 36.41
C TYR B 139 7.60 17.96 36.74
N GLN B 140 8.45 18.08 35.73
CA GLN B 140 9.88 17.90 35.93
C GLN B 140 10.51 19.28 35.95
N ASP B 141 11.33 19.58 36.95
CA ASP B 141 11.95 20.90 36.96
C ASP B 141 13.08 21.00 35.93
N SER B 142 13.78 22.13 35.96
CA SER B 142 14.87 22.40 35.03
C SER B 142 15.96 21.33 34.89
N TYR B 143 16.14 20.48 35.90
CA TYR B 143 17.15 19.42 35.87
C TYR B 143 16.57 18.03 35.74
N GLY B 144 15.29 17.95 35.37
CA GLY B 144 14.62 16.67 35.21
C GLY B 144 14.07 16.10 36.51
N THR B 145 14.15 16.87 37.58
CA THR B 145 13.66 16.40 38.87
C THR B 145 12.12 16.36 38.94
N PHE B 146 11.55 15.22 39.28
CA PHE B 146 10.08 15.11 39.40
C PHE B 146 9.61 15.93 40.61
N THR B 147 8.76 16.90 40.34
CA THR B 147 8.31 17.82 41.34
C THR B 147 6.80 18.04 41.35
N ILE B 148 6.29 18.42 42.53
CA ILE B 148 4.89 18.74 42.70
C ILE B 148 4.80 19.76 43.83
N ASN B 149 3.90 20.71 43.69
CA ASN B 149 3.72 21.70 44.72
C ASN B 149 2.73 21.22 45.75
N GLU B 150 3.06 21.49 47.01
CA GLU B 150 2.19 21.14 48.11
C GLU B 150 0.91 21.86 47.75
N SER B 151 -0.24 21.17 47.83
CA SER B 151 -1.50 21.80 47.43
C SER B 151 -2.73 21.01 47.87
N THR B 152 -3.89 21.66 47.79
CA THR B 152 -5.15 21.05 48.17
C THR B 152 -6.14 21.31 47.07
N ILE B 153 -6.79 20.25 46.59
CA ILE B 153 -7.77 20.38 45.51
C ILE B 153 -9.09 19.73 45.89
N ILE B 154 -10.18 20.46 45.70
CA ILE B 154 -11.51 19.93 45.95
C ILE B 154 -12.16 20.11 44.61
N ASP B 155 -12.77 19.07 44.06
CA ASP B 155 -13.28 19.20 42.70
C ASP B 155 -14.51 18.35 42.41
N SER B 156 -15.39 18.87 41.56
CA SER B 156 -16.58 18.13 41.14
C SER B 156 -17.02 18.79 39.86
N PRO B 157 -17.70 18.03 38.97
CA PRO B 157 -18.14 18.59 37.69
C PRO B 157 -19.36 19.47 37.76
N ARG B 158 -19.37 20.50 36.93
CA ARG B 158 -20.51 21.40 36.88
C ARG B 158 -21.67 20.64 36.25
N PHE B 159 -21.41 19.90 35.18
CA PHE B 159 -22.46 19.13 34.52
C PHE B 159 -22.13 17.64 34.49
N SER B 160 -23.18 16.81 34.48
CA SER B 160 -23.04 15.36 34.50
C SER B 160 -22.86 14.66 33.17
N HIS B 161 -23.42 15.21 32.11
CA HIS B 161 -23.28 14.60 30.80
C HIS B 161 -22.24 15.43 30.04
N ARG B 162 -21.08 14.83 29.79
CA ARG B 162 -20.02 15.54 29.07
C ARG B 162 -19.57 14.60 27.97
N GLY B 163 -20.13 14.76 26.78
CA GLY B 163 -19.82 13.81 25.71
C GLY B 163 -19.13 14.20 24.43
N ILE B 164 -18.68 13.19 23.71
CA ILE B 164 -18.05 13.35 22.41
C ILE B 164 -18.87 12.44 21.52
N LEU B 165 -19.33 12.95 20.39
CA LEU B 165 -20.07 12.10 19.46
C LEU B 165 -19.13 11.70 18.32
N ILE B 166 -19.08 10.42 18.02
CA ILE B 166 -18.28 10.00 16.88
C ILE B 166 -19.27 9.40 15.91
N ASP B 167 -18.88 9.39 14.65
CA ASP B 167 -19.73 8.92 13.58
C ASP B 167 -18.94 7.84 12.86
N THR B 168 -19.38 6.58 12.96
CA THR B 168 -18.66 5.49 12.32
C THR B 168 -19.41 4.92 11.11
N SER B 169 -20.33 5.72 10.58
CA SER B 169 -21.12 5.33 9.40
C SER B 169 -20.58 6.06 8.18
N ARG B 170 -20.47 7.38 8.28
CA ARG B 170 -19.97 8.16 7.17
C ARG B 170 -18.54 7.69 6.79
N HIS B 171 -17.82 7.19 7.80
CA HIS B 171 -16.49 6.62 7.62
C HIS B 171 -16.34 5.61 8.75
N TYR B 172 -15.82 4.43 8.42
CA TYR B 172 -15.59 3.43 9.44
C TYR B 172 -14.36 3.89 10.22
N LEU B 173 -14.37 3.69 11.54
CA LEU B 173 -13.21 4.05 12.35
C LEU B 173 -12.68 2.77 12.98
N PRO B 174 -11.41 2.44 12.71
CA PRO B 174 -10.93 1.20 13.35
C PRO B 174 -11.04 1.33 14.88
N VAL B 175 -11.27 0.22 15.56
CA VAL B 175 -11.39 0.21 17.01
C VAL B 175 -10.24 0.94 17.72
N LYS B 176 -9.02 0.78 17.22
CA LYS B 176 -7.88 1.46 17.85
C LYS B 176 -8.03 2.99 17.90
N ILE B 177 -8.62 3.62 16.90
CA ILE B 177 -8.75 5.06 17.00
C ILE B 177 -9.89 5.39 17.99
N ILE B 178 -10.90 4.53 18.08
CA ILE B 178 -11.96 4.75 19.07
C ILE B 178 -11.32 4.64 20.49
N LEU B 179 -10.46 3.64 20.70
CA LEU B 179 -9.80 3.46 22.01
C LEU B 179 -8.95 4.68 22.30
N LYS B 180 -8.19 5.09 21.29
CA LYS B 180 -7.35 6.26 21.39
C LYS B 180 -8.19 7.49 21.78
N THR B 181 -9.39 7.62 21.19
CA THR B 181 -10.26 8.76 21.48
C THR B 181 -10.73 8.68 22.94
N LEU B 182 -11.00 7.46 23.41
CA LEU B 182 -11.42 7.26 24.79
C LEU B 182 -10.29 7.70 25.75
N ASP B 183 -9.04 7.41 25.41
CA ASP B 183 -7.94 7.85 26.28
C ASP B 183 -7.88 9.39 26.36
N ALA B 184 -8.03 10.06 25.22
CA ALA B 184 -7.97 11.53 25.23
C ALA B 184 -9.16 12.09 26.00
N MET B 185 -10.31 11.44 25.90
CA MET B 185 -11.47 11.89 26.63
C MET B 185 -11.17 11.86 28.12
N ALA B 186 -10.54 10.78 28.58
CA ALA B 186 -10.18 10.63 29.99
C ALA B 186 -9.25 11.75 30.41
N PHE B 187 -8.26 12.07 29.57
CA PHE B 187 -7.32 13.14 29.91
C PHE B 187 -8.06 14.47 30.06
N ASN B 188 -9.21 14.57 29.40
CA ASN B 188 -10.01 15.78 29.41
C ASN B 188 -11.27 15.77 30.27
N LYS B 189 -11.45 14.67 31.00
CA LYS B 189 -12.61 14.46 31.89
C LYS B 189 -13.96 14.30 31.18
N PHE B 190 -13.96 13.90 29.91
CA PHE B 190 -15.23 13.66 29.21
C PHE B 190 -15.71 12.34 29.79
N ASN B 191 -17.02 12.15 29.89
CA ASN B 191 -17.52 10.90 30.45
C ASN B 191 -18.58 10.16 29.62
N VAL B 192 -18.84 10.63 28.40
CA VAL B 192 -19.83 9.96 27.56
C VAL B 192 -19.37 9.88 26.13
N LEU B 193 -19.36 8.67 25.56
CA LEU B 193 -19.03 8.50 24.16
C LEU B 193 -20.37 8.24 23.47
N HIS B 194 -20.84 9.22 22.70
CA HIS B 194 -22.10 9.11 21.93
C HIS B 194 -21.64 8.45 20.63
N TRP B 195 -21.92 7.17 20.51
CA TRP B 195 -21.48 6.41 19.34
C TRP B 195 -22.58 6.39 18.27
N HIS B 196 -22.45 7.26 17.28
CA HIS B 196 -23.42 7.34 16.16
C HIS B 196 -22.84 6.28 15.24
N ILE B 197 -23.17 5.05 15.57
CA ILE B 197 -22.62 3.89 14.92
C ILE B 197 -23.07 3.61 13.49
N VAL B 198 -24.36 3.84 13.20
CA VAL B 198 -24.89 3.61 11.86
C VAL B 198 -25.62 4.85 11.31
N ASP B 199 -25.83 4.88 10.00
CA ASP B 199 -26.54 5.97 9.33
C ASP B 199 -26.80 5.56 7.90
N ASP B 200 -27.09 6.52 7.02
CA ASP B 200 -27.40 6.25 5.61
C ASP B 200 -26.33 5.54 4.80
N GLN B 201 -25.08 5.97 4.96
CA GLN B 201 -24.01 5.42 4.16
C GLN B 201 -23.51 4.01 4.46
N SER B 202 -23.54 3.57 5.71
CA SER B 202 -23.07 2.21 6.02
C SER B 202 -23.62 1.74 7.34
N PHE B 203 -23.70 0.42 7.50
CA PHE B 203 -24.18 -0.19 8.74
C PHE B 203 -23.04 -1.08 9.24
N PRO B 204 -22.09 -0.51 10.02
CA PRO B 204 -20.96 -1.31 10.54
C PRO B 204 -21.29 -2.24 11.71
N TYR B 205 -22.35 -1.94 12.45
CA TYR B 205 -22.73 -2.77 13.59
C TYR B 205 -23.15 -4.18 13.21
N GLN B 206 -22.47 -5.15 13.79
CA GLN B 206 -22.79 -6.53 13.53
C GLN B 206 -23.90 -6.97 14.48
N SER B 207 -25.06 -7.28 13.93
CA SER B 207 -26.20 -7.71 14.74
C SER B 207 -26.32 -9.23 14.72
N ILE B 208 -26.42 -9.85 15.91
CA ILE B 208 -26.55 -11.30 16.02
C ILE B 208 -27.93 -11.80 15.60
N THR B 209 -28.97 -11.05 15.97
CA THR B 209 -30.33 -11.45 15.58
C THR B 209 -30.56 -11.16 14.08
N PHE B 210 -29.95 -10.09 13.57
CA PHE B 210 -30.07 -9.71 12.16
C PHE B 210 -28.71 -9.60 11.46
N PRO B 211 -28.09 -10.76 11.15
CA PRO B 211 -26.79 -10.83 10.48
C PRO B 211 -26.70 -10.08 9.16
N GLU B 212 -27.81 -10.03 8.42
CA GLU B 212 -27.78 -9.33 7.14
C GLU B 212 -27.67 -7.81 7.21
N LEU B 213 -28.00 -7.21 8.35
CA LEU B 213 -27.91 -5.75 8.45
C LEU B 213 -26.50 -5.30 8.12
N SER B 214 -25.50 -5.94 8.73
CA SER B 214 -24.10 -5.59 8.48
C SER B 214 -23.56 -6.32 7.26
N ASN B 215 -23.93 -7.59 7.08
CA ASN B 215 -23.46 -8.32 5.92
C ASN B 215 -23.79 -7.59 4.62
N LYS B 216 -24.94 -6.92 4.60
CA LYS B 216 -25.35 -6.20 3.39
C LYS B 216 -25.22 -4.69 3.47
N GLY B 217 -25.19 -4.15 4.69
CA GLY B 217 -25.11 -2.69 4.82
C GLY B 217 -23.77 -2.07 5.12
N SER B 218 -22.77 -2.87 5.48
CA SER B 218 -21.44 -2.36 5.78
C SER B 218 -20.75 -2.02 4.48
N TYR B 219 -19.68 -1.23 4.55
CA TYR B 219 -18.95 -0.86 3.35
C TYR B 219 -18.28 -2.13 2.84
N SER B 220 -17.86 -2.99 3.76
CA SER B 220 -17.25 -4.27 3.42
C SER B 220 -17.13 -5.01 4.74
N LEU B 221 -16.89 -6.32 4.67
CA LEU B 221 -16.77 -7.15 5.87
C LEU B 221 -15.58 -6.77 6.75
N SER B 222 -14.64 -6.03 6.20
CA SER B 222 -13.53 -5.60 7.01
C SER B 222 -13.88 -4.25 7.65
N HIS B 223 -15.09 -3.78 7.40
CA HIS B 223 -15.54 -2.51 7.98
C HIS B 223 -16.76 -2.75 8.86
N VAL B 224 -16.59 -3.60 9.87
CA VAL B 224 -17.67 -3.95 10.79
C VAL B 224 -17.16 -3.95 12.24
N TYR B 225 -18.10 -3.85 13.17
CA TYR B 225 -17.80 -3.90 14.60
C TYR B 225 -18.43 -5.20 15.07
N THR B 226 -17.59 -6.20 15.31
CA THR B 226 -18.03 -7.51 15.78
C THR B 226 -18.47 -7.41 17.24
N PRO B 227 -19.16 -8.44 17.74
CA PRO B 227 -19.59 -8.36 19.14
C PRO B 227 -18.36 -8.15 20.04
N ASN B 228 -17.23 -8.71 19.65
CA ASN B 228 -16.00 -8.55 20.43
C ASN B 228 -15.44 -7.14 20.37
N ASP B 229 -15.57 -6.48 19.20
CA ASP B 229 -15.11 -5.10 19.02
C ASP B 229 -15.91 -4.21 19.96
N VAL B 230 -17.22 -4.43 19.97
CA VAL B 230 -18.12 -3.65 20.78
C VAL B 230 -17.84 -3.85 22.28
N ARG B 231 -17.66 -5.10 22.71
CA ARG B 231 -17.35 -5.35 24.13
C ARG B 231 -16.06 -4.62 24.54
N MET B 232 -15.06 -4.66 23.66
N MET B 232 -15.04 -4.67 23.68
CA MET B 232 -13.77 -4.02 23.90
CA MET B 232 -13.78 -4.02 23.95
C MET B 232 -13.91 -2.51 24.11
C MET B 232 -13.93 -2.50 24.14
N VAL B 233 -14.67 -1.86 23.24
CA VAL B 233 -14.89 -0.42 23.34
C VAL B 233 -15.56 -0.11 24.69
N ILE B 234 -16.58 -0.91 25.00
CA ILE B 234 -17.34 -0.74 26.22
C ILE B 234 -16.51 -0.92 27.50
N GLU B 235 -15.69 -1.98 27.56
CA GLU B 235 -14.88 -2.20 28.76
C GLU B 235 -13.75 -1.18 28.85
N TYR B 236 -13.14 -0.87 27.72
CA TYR B 236 -12.05 0.09 27.70
C TYR B 236 -12.57 1.45 28.22
N ALA B 237 -13.78 1.80 27.82
CA ALA B 237 -14.42 3.04 28.25
C ALA B 237 -14.73 2.99 29.76
N ARG B 238 -15.33 1.90 30.21
CA ARG B 238 -15.69 1.75 31.62
C ARG B 238 -14.48 1.96 32.54
N LEU B 239 -13.36 1.34 32.19
CA LEU B 239 -12.14 1.46 32.99
C LEU B 239 -11.69 2.89 33.13
N ARG B 240 -12.23 3.75 32.27
CA ARG B 240 -11.87 5.17 32.31
C ARG B 240 -13.01 6.05 32.79
N GLY B 241 -14.05 5.42 33.34
CA GLY B 241 -15.20 6.16 33.84
C GLY B 241 -15.99 6.82 32.72
N ILE B 242 -16.07 6.15 31.57
CA ILE B 242 -16.77 6.67 30.43
C ILE B 242 -17.92 5.78 30.02
N ARG B 243 -19.09 6.39 29.83
CA ARG B 243 -20.30 5.68 29.41
C ARG B 243 -20.28 5.56 27.87
N VAL B 244 -20.72 4.43 27.34
CA VAL B 244 -20.80 4.32 25.87
C VAL B 244 -22.29 4.44 25.53
N LEU B 245 -22.69 5.57 24.95
CA LEU B 245 -24.09 5.78 24.58
C LEU B 245 -24.32 5.43 23.12
N PRO B 246 -25.02 4.33 22.87
CA PRO B 246 -25.26 3.96 21.48
C PRO B 246 -26.40 4.74 20.82
N GLU B 247 -26.22 5.10 19.55
CA GLU B 247 -27.30 5.75 18.81
C GLU B 247 -27.58 4.94 17.55
N PHE B 248 -28.80 4.46 17.40
CA PHE B 248 -29.24 3.71 16.22
C PHE B 248 -30.40 4.56 15.70
N ASP B 249 -30.03 5.57 14.94
CA ASP B 249 -30.94 6.58 14.40
C ASP B 249 -32.05 6.06 13.50
N THR B 250 -33.29 6.44 13.82
CA THR B 250 -34.47 6.07 13.02
C THR B 250 -35.48 7.19 13.25
N PRO B 251 -36.49 7.35 12.35
CA PRO B 251 -36.74 6.58 11.12
C PRO B 251 -35.96 7.12 9.93
N GLY B 252 -35.38 8.30 10.09
CA GLY B 252 -34.56 8.87 9.03
C GLY B 252 -33.13 8.36 9.19
N HIS B 253 -32.27 8.71 8.25
CA HIS B 253 -30.85 8.28 8.28
C HIS B 253 -30.70 6.77 8.36
N THR B 254 -31.61 6.06 7.68
CA THR B 254 -31.62 4.61 7.72
C THR B 254 -31.41 3.88 6.41
N LEU B 255 -30.91 4.56 5.38
CA LEU B 255 -30.72 3.91 4.09
C LEU B 255 -29.99 2.58 4.08
N SER B 256 -28.88 2.50 4.81
CA SER B 256 -28.09 1.26 4.85
C SER B 256 -28.81 0.09 5.55
N TRP B 257 -29.80 0.41 6.38
CA TRP B 257 -30.57 -0.62 7.06
C TRP B 257 -31.41 -1.40 6.05
N GLY B 258 -31.76 -0.74 4.95
CA GLY B 258 -32.58 -1.37 3.94
C GLY B 258 -31.94 -2.48 3.13
N LYS B 259 -30.62 -2.49 3.04
CA LYS B 259 -29.94 -3.52 2.26
C LYS B 259 -30.14 -4.92 2.81
N GLY B 260 -30.29 -5.03 4.13
CA GLY B 260 -30.43 -6.33 4.74
C GLY B 260 -31.77 -6.63 5.37
N GLN B 261 -32.60 -5.61 5.56
CA GLN B 261 -33.92 -5.82 6.15
C GLN B 261 -34.93 -5.34 5.12
N LYS B 262 -35.61 -6.30 4.50
CA LYS B 262 -36.58 -6.00 3.47
C LYS B 262 -37.90 -5.43 3.96
N ASP B 263 -38.48 -4.59 3.12
CA ASP B 263 -39.75 -3.94 3.43
C ASP B 263 -39.67 -3.12 4.69
N LEU B 264 -38.48 -2.73 5.09
CA LEU B 264 -38.36 -1.90 6.29
C LEU B 264 -38.48 -0.44 5.86
N LEU B 265 -37.72 -0.04 4.85
CA LEU B 265 -37.75 1.34 4.37
C LEU B 265 -38.97 1.61 3.48
N THR B 266 -39.40 2.86 3.44
CA THR B 266 -40.55 3.24 2.64
C THR B 266 -40.21 3.44 1.15
N PRO B 267 -40.87 2.67 0.26
CA PRO B 267 -40.59 2.84 -1.17
C PRO B 267 -41.22 4.16 -1.62
N CYS B 268 -40.48 5.01 -2.32
CA CYS B 268 -41.05 6.29 -2.77
C CYS B 268 -41.61 6.13 -4.18
N TYR B 269 -42.65 6.87 -4.50
CA TYR B 269 -43.28 6.78 -5.83
C TYR B 269 -43.42 8.09 -6.57
N SER B 270 -43.73 7.96 -7.86
CA SER B 270 -43.96 9.08 -8.77
C SER B 270 -43.83 8.54 -10.20
N LYS B 274 -43.48 2.84 -9.31
CA LYS B 274 -42.49 3.68 -10.06
C LYS B 274 -41.44 4.41 -9.22
N LEU B 275 -40.26 3.83 -9.14
CA LEU B 275 -39.13 4.40 -8.41
C LEU B 275 -38.41 3.27 -7.76
N ASP B 276 -37.11 3.31 -7.96
CA ASP B 276 -36.18 2.33 -7.48
C ASP B 276 -35.51 3.11 -6.39
N SER B 277 -36.34 3.94 -5.76
CA SER B 277 -35.94 4.84 -4.70
C SER B 277 -36.58 4.60 -3.31
N PHE B 278 -35.84 4.94 -2.26
CA PHE B 278 -36.34 4.77 -0.87
C PHE B 278 -36.16 5.91 0.14
N GLY B 279 -37.10 5.97 1.09
CA GLY B 279 -37.11 6.98 2.14
C GLY B 279 -36.96 6.41 3.55
N PRO B 280 -37.41 7.13 4.59
CA PRO B 280 -37.26 6.62 5.96
C PRO B 280 -38.00 5.31 6.26
N ILE B 281 -37.80 4.80 7.47
CA ILE B 281 -38.44 3.56 7.89
C ILE B 281 -39.97 3.67 7.80
N ASN B 282 -40.60 2.64 7.25
CA ASN B 282 -42.05 2.57 7.07
C ASN B 282 -42.78 2.34 8.40
N PRO B 283 -43.40 3.40 8.95
CA PRO B 283 -44.12 3.38 10.22
C PRO B 283 -45.52 2.78 10.22
N THR B 284 -45.95 2.24 9.09
CA THR B 284 -47.30 1.71 9.03
C THR B 284 -47.36 0.18 9.02
N LEU B 285 -46.19 -0.47 8.96
CA LEU B 285 -46.16 -1.93 8.91
C LEU B 285 -45.90 -2.61 10.25
N ASN B 286 -46.57 -3.73 10.47
CA ASN B 286 -46.40 -4.50 11.68
C ASN B 286 -44.99 -5.09 11.71
N THR B 287 -44.46 -5.42 10.54
CA THR B 287 -43.13 -5.98 10.43
C THR B 287 -42.06 -5.01 10.93
N THR B 288 -42.32 -3.72 10.77
CA THR B 288 -41.37 -2.70 11.22
C THR B 288 -41.16 -2.75 12.72
N TYR B 289 -42.26 -2.77 13.46
CA TYR B 289 -42.25 -2.77 14.91
C TYR B 289 -41.81 -4.10 15.53
N SER B 290 -42.11 -5.21 14.88
CA SER B 290 -41.68 -6.50 15.40
C SER B 290 -40.16 -6.58 15.18
N PHE B 291 -39.70 -6.06 14.04
CA PHE B 291 -38.27 -6.05 13.76
C PHE B 291 -37.54 -5.14 14.76
N LEU B 292 -38.08 -3.95 15.01
CA LEU B 292 -37.46 -3.02 15.94
C LEU B 292 -37.51 -3.52 17.37
N THR B 293 -38.56 -4.27 17.70
CA THR B 293 -38.70 -4.82 19.04
C THR B 293 -37.57 -5.83 19.29
N THR B 294 -37.34 -6.70 18.32
CA THR B 294 -36.29 -7.70 18.40
C THR B 294 -34.90 -7.05 18.37
N PHE B 295 -34.72 -6.08 17.46
CA PHE B 295 -33.44 -5.38 17.31
C PHE B 295 -33.03 -4.63 18.59
N PHE B 296 -33.94 -3.81 19.13
CA PHE B 296 -33.61 -3.06 20.33
C PHE B 296 -33.44 -3.92 21.57
N LYS B 297 -34.10 -5.07 21.61
CA LYS B 297 -33.94 -5.99 22.74
C LYS B 297 -32.45 -6.40 22.69
N GLU B 298 -31.96 -6.73 21.49
CA GLU B 298 -30.54 -7.07 21.36
C GLU B 298 -29.64 -5.90 21.85
N ILE B 299 -29.95 -4.68 21.42
CA ILE B 299 -29.14 -3.52 21.83
C ILE B 299 -29.13 -3.35 23.36
N SER B 300 -30.29 -3.53 24.00
CA SER B 300 -30.37 -3.39 25.46
C SER B 300 -29.48 -4.43 26.18
N GLU B 301 -29.17 -5.53 25.51
CA GLU B 301 -28.34 -6.58 26.09
C GLU B 301 -26.87 -6.33 25.80
N VAL B 302 -26.58 -5.69 24.67
CA VAL B 302 -25.21 -5.42 24.27
C VAL B 302 -24.58 -4.20 24.94
N PHE B 303 -25.34 -3.13 25.06
CA PHE B 303 -24.84 -1.91 25.67
C PHE B 303 -25.38 -1.79 27.08
N PRO B 304 -24.48 -1.78 28.08
CA PRO B 304 -24.94 -1.67 29.47
C PRO B 304 -25.40 -0.28 29.86
N ASP B 305 -25.07 0.76 29.09
CA ASP B 305 -25.54 2.09 29.52
C ASP B 305 -27.05 2.12 29.67
N GLN B 306 -27.51 2.84 30.66
CA GLN B 306 -28.94 2.98 30.92
C GLN B 306 -29.72 3.65 29.78
N PHE B 307 -29.04 4.37 28.91
CA PHE B 307 -29.74 5.06 27.81
C PHE B 307 -29.40 4.64 26.39
N ILE B 308 -30.40 4.75 25.53
CA ILE B 308 -30.23 4.48 24.12
C ILE B 308 -30.70 5.76 23.43
N HIS B 309 -29.92 6.24 22.47
CA HIS B 309 -30.27 7.43 21.72
C HIS B 309 -31.03 6.94 20.50
N LEU B 310 -32.31 7.28 20.40
CA LEU B 310 -33.15 6.86 19.29
C LEU B 310 -32.97 7.70 18.03
N GLY B 311 -32.22 8.78 18.15
CA GLY B 311 -32.03 9.65 17.00
C GLY B 311 -33.29 10.46 16.71
N GLY B 312 -33.85 10.26 15.51
CA GLY B 312 -35.08 10.97 15.13
C GLY B 312 -34.90 12.30 14.41
N ASP B 313 -33.69 12.60 13.94
CA ASP B 313 -33.44 13.87 13.25
C ASP B 313 -33.70 13.82 11.76
N GLU B 314 -33.93 15.02 11.21
CA GLU B 314 -34.13 15.24 9.78
C GLU B 314 -34.96 14.22 9.02
N VAL B 315 -36.11 13.84 9.57
CA VAL B 315 -36.98 12.91 8.86
C VAL B 315 -37.62 13.62 7.66
N GLU B 316 -37.40 13.11 6.46
CA GLU B 316 -37.99 13.69 5.25
C GLU B 316 -39.38 13.10 5.04
N PHE B 317 -40.38 13.96 4.92
CA PHE B 317 -41.76 13.50 4.77
C PHE B 317 -42.22 13.20 3.35
N LYS B 318 -41.57 13.77 2.35
CA LYS B 318 -41.97 13.56 0.97
C LYS B 318 -42.16 12.11 0.53
N CYS B 319 -41.22 11.24 0.89
CA CYS B 319 -41.34 9.85 0.50
C CYS B 319 -42.62 9.23 1.08
N TRP B 320 -42.89 9.52 2.36
CA TRP B 320 -44.09 9.02 3.01
C TRP B 320 -45.32 9.56 2.27
N GLU B 321 -45.32 10.88 2.03
CA GLU B 321 -46.42 11.52 1.34
C GLU B 321 -46.66 10.93 -0.03
N SER B 322 -45.62 10.46 -0.70
CA SER B 322 -45.77 9.90 -2.05
C SER B 322 -46.24 8.45 -2.08
N ASN B 323 -46.30 7.80 -0.91
CA ASN B 323 -46.70 6.40 -0.85
C ASN B 323 -48.20 6.24 -0.67
N PRO B 324 -48.86 5.52 -1.61
CA PRO B 324 -50.31 5.30 -1.53
C PRO B 324 -50.73 4.60 -0.23
N LYS B 325 -50.11 3.45 0.05
CA LYS B 325 -50.44 2.71 1.27
C LYS B 325 -50.29 3.57 2.52
N ILE B 326 -49.26 4.42 2.56
CA ILE B 326 -49.09 5.28 3.72
C ILE B 326 -50.21 6.31 3.70
N GLN B 327 -50.57 6.78 2.52
CA GLN B 327 -51.65 7.77 2.41
C GLN B 327 -52.91 7.15 2.99
N ASP B 328 -53.14 5.88 2.69
CA ASP B 328 -54.30 5.18 3.24
C ASP B 328 -54.22 5.22 4.77
N PHE B 329 -53.10 4.73 5.30
CA PHE B 329 -52.87 4.66 6.73
C PHE B 329 -53.17 6.00 7.40
N MET B 330 -52.71 7.09 6.79
CA MET B 330 -52.92 8.43 7.33
C MET B 330 -54.42 8.71 7.46
N ARG B 331 -55.17 8.23 6.47
CA ARG B 331 -56.62 8.40 6.42
C ARG B 331 -57.24 7.60 7.54
N GLN B 332 -56.89 6.32 7.61
CA GLN B 332 -57.41 5.43 8.64
C GLN B 332 -57.12 5.96 10.03
N LYS B 333 -55.97 6.62 10.17
CA LYS B 333 -55.58 7.18 11.46
C LYS B 333 -56.13 8.58 11.69
N GLY B 334 -56.66 9.19 10.64
CA GLY B 334 -57.18 10.54 10.75
C GLY B 334 -56.07 11.54 11.00
N PHE B 335 -54.95 11.36 10.30
CA PHE B 335 -53.80 12.25 10.45
C PHE B 335 -53.83 13.37 9.44
N GLY B 336 -54.77 13.28 8.50
CA GLY B 336 -54.88 14.30 7.47
C GLY B 336 -53.62 14.39 6.66
N THR B 337 -53.10 15.59 6.48
CA THR B 337 -51.87 15.74 5.71
C THR B 337 -50.73 16.13 6.65
N ASP B 338 -50.96 15.96 7.95
CA ASP B 338 -49.93 16.30 8.94
C ASP B 338 -49.03 15.10 9.24
N PHE B 339 -47.93 15.01 8.51
CA PHE B 339 -47.00 13.90 8.70
C PHE B 339 -46.19 13.95 9.99
N LYS B 340 -46.28 15.05 10.72
CA LYS B 340 -45.56 15.11 11.98
C LYS B 340 -46.28 14.13 12.89
N LYS B 341 -47.58 13.96 12.68
CA LYS B 341 -48.34 13.04 13.51
C LYS B 341 -47.91 11.60 13.20
N LEU B 342 -47.54 11.35 11.95
CA LEU B 342 -47.11 10.01 11.56
C LEU B 342 -45.71 9.73 12.15
N GLU B 343 -44.94 10.80 12.32
CA GLU B 343 -43.59 10.72 12.87
C GLU B 343 -43.71 10.50 14.37
N SER B 344 -44.59 11.26 15.01
CA SER B 344 -44.81 11.16 16.45
C SER B 344 -45.31 9.76 16.74
N PHE B 345 -46.17 9.25 15.85
CA PHE B 345 -46.74 7.92 16.00
C PHE B 345 -45.62 6.88 16.08
N TYR B 346 -44.71 6.94 15.10
CA TYR B 346 -43.60 6.03 15.02
C TYR B 346 -42.69 6.10 16.26
N ILE B 347 -42.20 7.29 16.56
CA ILE B 347 -41.29 7.47 17.67
C ILE B 347 -41.91 7.10 19.02
N GLN B 348 -43.22 7.27 19.13
CA GLN B 348 -43.92 6.94 20.37
C GLN B 348 -43.94 5.44 20.55
N LYS B 349 -44.08 4.70 19.46
CA LYS B 349 -44.08 3.25 19.56
C LYS B 349 -42.66 2.76 19.89
N VAL B 350 -41.65 3.34 19.27
CA VAL B 350 -40.28 2.94 19.55
C VAL B 350 -39.96 3.30 21.01
N LEU B 351 -40.37 4.49 21.43
CA LEU B 351 -40.14 4.92 22.81
C LEU B 351 -40.75 3.91 23.79
N ASP B 352 -41.91 3.34 23.42
CA ASP B 352 -42.57 2.35 24.26
C ASP B 352 -41.78 1.06 24.29
N ILE B 353 -41.22 0.67 23.16
CA ILE B 353 -40.42 -0.54 23.10
C ILE B 353 -39.23 -0.37 24.06
N ILE B 354 -38.56 0.78 23.99
CA ILE B 354 -37.40 1.02 24.86
C ILE B 354 -37.79 0.90 26.33
N ALA B 355 -38.92 1.50 26.68
CA ALA B 355 -39.42 1.49 28.04
C ALA B 355 -39.64 0.08 28.58
N THR B 356 -39.95 -0.87 27.69
CA THR B 356 -40.16 -2.25 28.14
C THR B 356 -38.87 -3.07 28.30
N ILE B 357 -37.72 -2.50 27.97
CA ILE B 357 -36.47 -3.25 28.12
C ILE B 357 -35.46 -2.63 29.06
N ASN B 358 -35.96 -1.96 30.09
CA ASN B 358 -35.14 -1.34 31.13
C ASN B 358 -34.09 -0.31 30.67
N LYS B 359 -34.42 0.48 29.66
CA LYS B 359 -33.52 1.52 29.18
C LYS B 359 -34.29 2.83 29.07
N GLY B 360 -33.54 3.94 29.15
CA GLY B 360 -34.12 5.26 29.01
C GLY B 360 -33.85 5.74 27.59
N SER B 361 -34.53 6.80 27.19
CA SER B 361 -34.38 7.30 25.84
C SER B 361 -33.87 8.73 25.72
N ILE B 362 -33.11 8.94 24.65
CA ILE B 362 -32.58 10.23 24.30
C ILE B 362 -32.99 10.42 22.85
N VAL B 363 -33.42 11.64 22.52
CA VAL B 363 -33.85 11.95 21.16
C VAL B 363 -33.38 13.34 20.70
N TRP B 364 -33.10 13.45 19.40
CA TRP B 364 -32.72 14.75 18.83
C TRP B 364 -33.98 15.65 18.96
N GLN B 365 -33.79 16.96 19.13
CA GLN B 365 -34.92 17.88 19.31
C GLN B 365 -36.15 17.77 18.43
N GLU B 366 -36.00 17.40 17.15
CA GLU B 366 -37.17 17.30 16.27
C GLU B 366 -38.31 16.53 16.89
N VAL B 367 -37.99 15.44 17.58
CA VAL B 367 -39.01 14.61 18.21
C VAL B 367 -39.87 15.45 19.14
N PHE B 368 -39.22 16.32 19.90
CA PHE B 368 -39.93 17.20 20.83
C PHE B 368 -40.65 18.29 20.04
N ASP B 369 -39.93 18.94 19.14
CA ASP B 369 -40.48 20.02 18.33
C ASP B 369 -41.71 19.60 17.53
N ASP B 370 -41.71 18.38 16.99
CA ASP B 370 -42.84 17.91 16.21
C ASP B 370 -44.00 17.37 17.04
N LYS B 371 -44.00 17.72 18.32
CA LYS B 371 -45.07 17.38 19.25
C LYS B 371 -45.36 15.90 19.55
N ALA B 372 -44.32 15.09 19.69
CA ALA B 372 -44.54 13.68 20.01
C ALA B 372 -44.77 13.64 21.52
N LYS B 373 -45.56 12.67 21.99
CA LYS B 373 -45.81 12.54 23.42
C LYS B 373 -44.69 11.75 24.05
N LEU B 374 -43.91 12.43 24.90
CA LEU B 374 -42.77 11.82 25.56
C LEU B 374 -43.04 11.59 27.04
N ALA B 375 -42.60 10.44 27.54
CA ALA B 375 -42.80 10.15 28.96
C ALA B 375 -41.80 10.98 29.75
N PRO B 376 -42.11 11.21 31.04
CA PRO B 376 -41.22 12.00 31.89
C PRO B 376 -39.83 11.35 31.88
N GLY B 377 -38.78 12.17 31.95
CA GLY B 377 -37.44 11.60 31.98
C GLY B 377 -36.80 11.35 30.63
N THR B 378 -37.56 11.51 29.54
CA THR B 378 -36.97 11.35 28.21
C THR B 378 -36.03 12.55 28.07
N ILE B 379 -34.82 12.32 27.59
CA ILE B 379 -33.84 13.39 27.41
C ILE B 379 -33.92 13.89 25.98
N VAL B 380 -33.83 15.20 25.82
CA VAL B 380 -33.90 15.82 24.49
C VAL B 380 -32.56 16.49 24.21
N GLU B 381 -31.95 16.18 23.06
CA GLU B 381 -30.67 16.78 22.70
C GLU B 381 -30.91 17.91 21.71
N VAL B 382 -30.50 19.11 22.11
CA VAL B 382 -30.68 20.31 21.30
C VAL B 382 -29.48 20.54 20.42
N TRP B 383 -29.68 20.38 19.13
CA TRP B 383 -28.58 20.50 18.21
C TRP B 383 -28.62 21.62 17.17
N LYS B 384 -29.81 22.17 16.90
CA LYS B 384 -29.96 23.25 15.92
C LYS B 384 -29.49 24.57 16.52
N ASP B 385 -28.52 25.23 15.90
CA ASP B 385 -27.99 26.45 16.49
C ASP B 385 -28.75 27.77 16.28
N SER B 386 -29.80 27.78 15.47
CA SER B 386 -30.58 29.01 15.30
C SER B 386 -31.41 29.19 16.56
N ALA B 387 -31.08 30.18 17.38
CA ALA B 387 -31.83 30.43 18.59
C ALA B 387 -31.96 29.17 19.45
N TYR B 388 -30.86 28.45 19.64
CA TYR B 388 -30.95 27.26 20.46
C TYR B 388 -31.27 27.61 21.91
N PRO B 389 -30.88 28.81 22.38
CA PRO B 389 -31.21 29.12 23.78
C PRO B 389 -32.73 29.06 24.04
N GLU B 390 -33.52 29.50 23.06
CA GLU B 390 -34.96 29.47 23.23
C GLU B 390 -35.46 28.03 23.18
N GLU B 391 -34.81 27.19 22.37
CA GLU B 391 -35.19 25.78 22.30
C GLU B 391 -34.92 25.18 23.68
N LEU B 392 -33.83 25.59 24.33
CA LEU B 392 -33.53 25.09 25.67
C LEU B 392 -34.67 25.50 26.61
N SER B 393 -35.12 26.74 26.49
CA SER B 393 -36.22 27.23 27.33
C SER B 393 -37.45 26.37 27.16
N ARG B 394 -37.83 26.12 25.90
CA ARG B 394 -39.01 25.30 25.64
C ARG B 394 -38.91 23.90 26.22
N VAL B 395 -37.83 23.19 25.89
CA VAL B 395 -37.64 21.84 26.39
C VAL B 395 -37.77 21.75 27.90
N THR B 396 -36.99 22.55 28.62
CA THR B 396 -37.01 22.54 30.07
C THR B 396 -38.35 23.04 30.66
N ALA B 397 -39.02 23.94 29.92
CA ALA B 397 -40.30 24.46 30.37
C ALA B 397 -41.30 23.29 30.37
N SER B 398 -41.15 22.40 29.40
CA SER B 398 -42.02 21.24 29.31
C SER B 398 -41.58 20.15 30.29
N GLY B 399 -40.54 20.44 31.07
CA GLY B 399 -40.05 19.50 32.07
C GLY B 399 -39.10 18.36 31.69
N PHE B 400 -38.57 18.41 30.47
CA PHE B 400 -37.66 17.35 30.04
C PHE B 400 -36.18 17.66 30.24
N PRO B 401 -35.39 16.65 30.62
CA PRO B 401 -33.96 16.87 30.82
C PRO B 401 -33.42 17.28 29.45
N VAL B 402 -32.37 18.09 29.39
CA VAL B 402 -31.90 18.51 28.09
C VAL B 402 -30.40 18.48 27.99
N ILE B 403 -29.92 18.13 26.80
CA ILE B 403 -28.48 18.09 26.49
C ILE B 403 -28.22 19.03 25.30
N LEU B 404 -27.17 19.85 25.41
CA LEU B 404 -26.81 20.79 24.35
C LEU B 404 -25.59 20.40 23.49
N SER B 405 -25.75 20.37 22.18
CA SER B 405 -24.63 20.08 21.29
C SER B 405 -24.52 21.19 20.23
N ALA B 406 -25.64 21.89 20.02
CA ALA B 406 -25.78 22.96 19.01
C ALA B 406 -24.60 23.85 18.65
N PRO B 407 -23.99 24.55 19.63
CA PRO B 407 -22.87 25.42 19.32
C PRO B 407 -21.53 24.68 19.27
N TRP B 408 -21.57 23.37 19.46
CA TRP B 408 -20.33 22.61 19.47
C TRP B 408 -20.24 21.53 18.40
N TYR B 409 -20.41 21.92 17.15
CA TYR B 409 -20.30 20.99 16.04
C TYR B 409 -18.87 21.11 15.53
N LEU B 410 -17.97 20.35 16.14
CA LEU B 410 -16.56 20.37 15.78
C LEU B 410 -16.25 19.91 14.36
N ASP B 411 -17.19 19.23 13.71
CA ASP B 411 -16.96 18.86 12.33
C ASP B 411 -16.98 20.11 11.45
N LEU B 412 -17.67 21.17 11.91
CA LEU B 412 -17.76 22.42 11.14
C LEU B 412 -16.48 23.24 11.37
N ILE B 413 -15.43 22.90 10.64
CA ILE B 413 -14.16 23.59 10.85
C ILE B 413 -14.06 24.99 10.23
N SER B 414 -13.17 25.79 10.80
CA SER B 414 -12.91 27.13 10.31
C SER B 414 -11.47 27.50 10.67
N TYR B 415 -10.99 28.59 10.08
CA TYR B 415 -9.64 29.08 10.28
C TYR B 415 -9.38 29.66 11.66
N GLY B 416 -8.19 29.41 12.18
CA GLY B 416 -7.80 29.97 13.47
C GLY B 416 -8.25 29.33 14.76
N GLN B 417 -8.19 30.11 15.83
CA GLN B 417 -8.55 29.63 17.15
C GLN B 417 -10.04 29.47 17.44
N ASP B 418 -10.74 28.63 16.66
CA ASP B 418 -12.16 28.44 16.91
C ASP B 418 -12.38 27.79 18.29
N TRP B 419 -11.32 27.35 18.95
CA TRP B 419 -11.50 26.74 20.26
C TRP B 419 -12.13 27.77 21.20
N ARG B 420 -11.79 29.04 20.97
CA ARG B 420 -12.28 30.15 21.80
C ARG B 420 -13.79 30.33 21.73
N LYS B 421 -14.39 30.16 20.55
CA LYS B 421 -15.84 30.32 20.47
C LYS B 421 -16.54 29.19 21.21
N TYR B 422 -15.98 27.97 21.18
CA TYR B 422 -16.60 26.87 21.90
C TYR B 422 -16.46 27.13 23.38
N TYR B 423 -15.31 27.67 23.77
CA TYR B 423 -15.05 27.96 25.18
C TYR B 423 -15.91 29.09 25.76
N LYS B 424 -16.22 30.10 24.94
CA LYS B 424 -17.01 31.23 25.40
C LYS B 424 -18.49 30.93 25.66
N VAL B 425 -18.98 29.82 25.11
CA VAL B 425 -20.36 29.45 25.32
C VAL B 425 -20.70 29.29 26.81
N GLU B 426 -21.82 29.87 27.23
CA GLU B 426 -22.29 29.75 28.62
C GLU B 426 -23.66 29.11 28.44
N PRO B 427 -23.72 27.78 28.58
CA PRO B 427 -24.90 26.92 28.43
C PRO B 427 -26.18 27.36 29.13
N LEU B 428 -26.07 27.88 30.35
CA LEU B 428 -27.26 28.27 31.08
C LEU B 428 -27.78 29.67 30.78
N ASP B 429 -27.25 30.29 29.72
CA ASP B 429 -27.70 31.61 29.30
C ASP B 429 -28.92 31.47 28.39
N PHE B 430 -30.07 31.19 29.00
CA PHE B 430 -31.33 31.09 28.28
C PHE B 430 -32.44 31.40 29.30
N GLY B 431 -33.63 31.71 28.82
CA GLY B 431 -34.71 32.05 29.74
C GLY B 431 -35.32 30.86 30.46
N GLY B 432 -35.38 30.97 31.78
CA GLY B 432 -35.97 29.89 32.57
C GLY B 432 -35.79 30.11 34.05
N THR B 433 -36.57 29.39 34.84
CA THR B 433 -36.49 29.50 36.28
C THR B 433 -35.29 28.68 36.75
N GLN B 434 -35.03 28.66 38.05
CA GLN B 434 -33.92 27.88 38.57
C GLN B 434 -34.23 26.39 38.37
N LYS B 435 -35.51 26.03 38.54
CA LYS B 435 -35.93 24.64 38.37
C LYS B 435 -35.75 24.20 36.94
N GLN B 436 -35.97 25.12 36.02
CA GLN B 436 -35.81 24.80 34.60
C GLN B 436 -34.35 24.55 34.31
N LYS B 437 -33.51 25.44 34.84
CA LYS B 437 -32.07 25.38 34.66
C LYS B 437 -31.51 24.06 35.17
N GLN B 438 -32.13 23.50 36.21
CA GLN B 438 -31.67 22.24 36.79
C GLN B 438 -31.88 21.07 35.83
N LEU B 439 -32.75 21.26 34.84
CA LEU B 439 -33.00 20.21 33.87
C LEU B 439 -31.89 20.12 32.81
N PHE B 440 -31.05 21.15 32.73
CA PHE B 440 -29.95 21.11 31.77
C PHE B 440 -28.90 20.20 32.42
N ILE B 441 -28.65 19.04 31.82
CA ILE B 441 -27.73 18.05 32.38
C ILE B 441 -26.34 18.02 31.76
N GLY B 442 -26.12 18.79 30.69
CA GLY B 442 -24.82 18.83 30.05
C GLY B 442 -24.83 18.99 28.54
N GLY B 443 -23.73 18.60 27.89
CA GLY B 443 -23.62 18.75 26.46
C GLY B 443 -22.63 17.82 25.78
N GLU B 444 -22.51 17.96 24.46
CA GLU B 444 -21.59 17.14 23.70
C GLU B 444 -20.92 17.96 22.61
N ALA B 445 -19.67 17.60 22.31
CA ALA B 445 -18.93 18.22 21.23
C ALA B 445 -19.13 17.10 20.21
N CYS B 446 -19.60 17.47 19.02
CA CYS B 446 -19.89 16.48 17.98
C CYS B 446 -18.91 16.54 16.83
N LEU B 447 -18.50 15.36 16.37
CA LEU B 447 -17.59 15.30 15.25
C LEU B 447 -18.20 14.38 14.19
N TRP B 448 -19.18 14.91 13.45
CA TRP B 448 -19.82 14.12 12.41
C TRP B 448 -18.77 13.71 11.38
N GLY B 449 -18.95 12.55 10.76
CA GLY B 449 -17.92 12.05 9.86
C GLY B 449 -17.90 12.16 8.35
N GLU B 450 -18.69 13.06 7.77
CA GLU B 450 -18.68 13.18 6.31
C GLU B 450 -17.27 13.43 5.81
N TYR B 451 -16.51 14.21 6.56
CA TYR B 451 -15.15 14.54 6.13
C TYR B 451 -14.08 14.04 7.12
N VAL B 452 -14.47 13.09 7.97
CA VAL B 452 -13.57 12.58 8.98
C VAL B 452 -13.36 11.07 9.04
N ASP B 453 -12.10 10.62 8.95
CA ASP B 453 -11.78 9.20 9.14
C ASP B 453 -10.48 9.09 9.96
N ALA B 454 -9.85 7.92 10.00
CA ALA B 454 -8.66 7.78 10.84
C ALA B 454 -7.49 8.69 10.49
N THR B 455 -7.46 9.21 9.27
CA THR B 455 -6.35 10.09 8.89
C THR B 455 -6.39 11.49 9.48
N ASN B 456 -7.55 11.95 9.93
CA ASN B 456 -7.62 13.33 10.40
C ASN B 456 -8.48 13.53 11.64
N LEU B 457 -9.03 12.46 12.18
CA LEU B 457 -9.91 12.60 13.33
C LEU B 457 -9.31 13.24 14.58
N THR B 458 -8.21 12.67 15.06
CA THR B 458 -7.60 13.14 16.27
C THR B 458 -7.15 14.58 16.25
N PRO B 459 -6.35 15.00 15.26
CA PRO B 459 -5.93 16.40 15.26
C PRO B 459 -7.13 17.36 15.13
N ARG B 460 -8.16 16.94 14.40
CA ARG B 460 -9.34 17.80 14.26
C ARG B 460 -10.13 17.86 15.57
N LEU B 461 -10.16 16.74 16.31
CA LEU B 461 -10.93 16.71 17.55
C LEU B 461 -10.23 17.36 18.75
N TRP B 462 -8.93 17.17 18.89
CA TRP B 462 -8.20 17.74 20.04
C TRP B 462 -7.19 18.80 19.56
N PRO B 463 -7.01 19.90 20.32
CA PRO B 463 -7.62 20.24 21.61
C PRO B 463 -8.93 21.02 21.52
N ARG B 464 -9.49 21.14 20.32
CA ARG B 464 -10.74 21.86 20.16
C ARG B 464 -11.83 21.37 21.12
N ALA B 465 -11.96 20.05 21.27
CA ALA B 465 -12.98 19.51 22.17
C ALA B 465 -12.60 19.83 23.63
N SER B 466 -11.32 20.05 23.89
CA SER B 466 -10.90 20.38 25.26
C SER B 466 -11.61 21.66 25.75
N ALA B 467 -11.96 22.56 24.84
CA ALA B 467 -12.62 23.81 25.24
C ALA B 467 -13.99 23.46 25.82
N VAL B 468 -14.69 22.59 25.10
CA VAL B 468 -15.99 22.16 25.55
C VAL B 468 -15.82 21.38 26.86
N GLY B 469 -14.74 20.60 26.95
CA GLY B 469 -14.51 19.84 28.15
C GLY B 469 -14.39 20.73 29.39
N GLU B 470 -13.66 21.84 29.29
CA GLU B 470 -13.56 22.71 30.46
C GLU B 470 -14.89 23.47 30.76
N ARG B 471 -15.62 23.88 29.71
CA ARG B 471 -16.89 24.59 29.95
C ARG B 471 -17.91 23.68 30.65
N LEU B 472 -17.90 22.39 30.33
CA LEU B 472 -18.84 21.47 30.96
C LEU B 472 -18.42 20.96 32.33
N TRP B 473 -17.12 21.05 32.63
CA TRP B 473 -16.64 20.57 33.92
C TRP B 473 -16.44 21.66 34.97
N SER B 474 -15.66 22.67 34.60
CA SER B 474 -15.32 23.78 35.48
C SER B 474 -16.47 24.72 35.75
N SER B 475 -16.34 25.50 36.83
CA SER B 475 -17.39 26.45 37.16
C SER B 475 -17.57 27.51 36.09
N LYS B 476 -18.79 28.02 36.04
CA LYS B 476 -19.27 29.04 35.12
C LYS B 476 -18.37 30.26 35.02
N ASP B 477 -17.75 30.63 36.14
N ASP B 477 -17.75 30.64 36.13
CA ASP B 477 -16.89 31.80 36.19
CA ASP B 477 -16.89 31.81 36.16
C ASP B 477 -15.48 31.63 35.60
C ASP B 477 -15.49 31.64 35.58
N VAL B 478 -15.11 30.40 35.25
CA VAL B 478 -13.79 30.16 34.68
C VAL B 478 -13.91 30.58 33.22
N ARG B 479 -13.45 31.79 32.94
CA ARG B 479 -13.59 32.35 31.60
C ARG B 479 -12.45 33.23 31.11
N ASP B 480 -11.41 33.43 31.92
CA ASP B 480 -10.32 34.27 31.46
C ASP B 480 -9.66 33.64 30.24
N MET B 481 -9.63 34.37 29.12
CA MET B 481 -9.06 33.84 27.88
C MET B 481 -7.56 33.65 27.88
N ASP B 482 -6.82 34.58 28.48
CA ASP B 482 -5.37 34.45 28.53
C ASP B 482 -4.96 33.24 29.37
N ASP B 483 -5.62 33.05 30.50
CA ASP B 483 -5.29 31.92 31.35
C ASP B 483 -5.67 30.61 30.66
N ALA B 484 -6.82 30.62 29.97
CA ALA B 484 -7.28 29.45 29.22
C ALA B 484 -6.23 29.10 28.18
N TYR B 485 -5.87 30.08 27.36
CA TYR B 485 -4.87 29.90 26.33
C TYR B 485 -3.57 29.34 26.92
N ASP B 486 -3.14 29.90 28.04
CA ASP B 486 -1.93 29.45 28.69
C ASP B 486 -2.00 27.99 29.19
N ARG B 487 -3.11 27.60 29.81
CA ARG B 487 -3.23 26.21 30.29
C ARG B 487 -3.49 25.22 29.13
N LEU B 488 -4.36 25.60 28.19
CA LEU B 488 -4.70 24.74 27.05
C LEU B 488 -3.44 24.43 26.24
N THR B 489 -2.66 25.46 25.98
CA THR B 489 -1.44 25.29 25.21
C THR B 489 -0.56 24.21 25.84
N ARG B 490 -0.39 24.26 27.16
CA ARG B 490 0.45 23.26 27.83
C ARG B 490 -0.28 21.92 27.91
N HIS B 491 -1.60 21.97 28.04
CA HIS B 491 -2.37 20.74 28.15
C HIS B 491 -2.26 20.02 26.80
N ARG B 492 -2.29 20.77 25.71
CA ARG B 492 -2.14 20.16 24.39
C ARG B 492 -0.78 19.51 24.25
N CYS B 493 0.27 20.14 24.76
CA CYS B 493 1.59 19.52 24.65
C CYS B 493 1.59 18.19 25.44
N ARG B 494 0.96 18.19 26.60
CA ARG B 494 0.86 16.98 27.44
C ARG B 494 0.13 15.90 26.65
N MET B 495 -0.91 16.28 25.91
CA MET B 495 -1.64 15.29 25.12
C MET B 495 -0.70 14.68 24.06
N VAL B 496 0.03 15.52 23.35
CA VAL B 496 0.97 15.01 22.36
C VAL B 496 1.94 14.04 23.05
N GLU B 497 2.49 14.44 24.20
CA GLU B 497 3.42 13.59 24.96
C GLU B 497 2.80 12.24 25.29
N ARG B 498 1.50 12.23 25.52
CA ARG B 498 0.82 10.99 25.85
C ARG B 498 0.37 10.19 24.63
N GLY B 499 0.79 10.61 23.43
CA GLY B 499 0.40 9.88 22.23
C GLY B 499 -0.83 10.36 21.48
N ILE B 500 -1.38 11.53 21.87
CA ILE B 500 -2.54 12.10 21.18
C ILE B 500 -2.05 13.21 20.25
N ALA B 501 -2.20 13.01 18.95
CA ALA B 501 -1.76 14.00 17.97
C ALA B 501 -2.71 15.23 17.91
N ALA B 502 -2.83 15.90 19.05
CA ALA B 502 -3.65 17.08 19.20
C ALA B 502 -2.96 18.20 18.44
N GLN B 503 -3.70 18.91 17.60
CA GLN B 503 -3.10 19.97 16.81
C GLN B 503 -2.76 21.21 17.63
N PRO B 504 -1.87 22.07 17.10
CA PRO B 504 -1.47 23.29 17.81
C PRO B 504 -2.55 24.36 17.92
N LEU B 505 -2.44 25.21 18.94
CA LEU B 505 -3.43 26.27 19.14
C LEU B 505 -3.05 27.49 18.33
N TYR B 506 -1.74 27.65 18.14
CA TYR B 506 -1.18 28.78 17.44
C TYR B 506 0.31 28.49 17.30
N ALA B 507 1.07 29.46 16.78
CA ALA B 507 2.51 29.32 16.61
C ALA B 507 3.20 28.94 17.92
N GLY B 508 4.30 28.21 17.81
CA GLY B 508 5.04 27.81 19.00
C GLY B 508 5.69 26.46 18.86
N TYR B 509 5.92 25.79 19.98
CA TYR B 509 6.53 24.49 19.99
C TYR B 509 6.29 23.86 21.34
N CYS B 510 6.63 22.58 21.47
CA CYS B 510 6.49 21.85 22.72
C CYS B 510 7.88 21.33 23.14
N ASN B 511 8.17 21.33 24.44
CA ASN B 511 9.46 20.82 24.92
C ASN B 511 9.43 19.30 24.85
N HIS B 512 9.56 18.73 23.65
CA HIS B 512 9.53 17.26 23.50
C HIS B 512 10.42 16.53 24.50
N GLU B 513 11.67 16.74 24.44
N PRO C 13 26.98 6.06 35.14
CA PRO C 13 28.26 5.74 35.81
C PRO C 13 28.86 4.40 35.33
N ALA C 14 28.21 3.78 34.34
CA ALA C 14 28.72 2.53 33.80
C ALA C 14 29.45 2.83 32.49
N LEU C 15 30.79 2.78 32.52
CA LEU C 15 31.60 3.04 31.35
C LEU C 15 31.98 1.77 30.60
N TRP C 16 31.92 1.84 29.28
CA TRP C 16 32.26 0.70 28.43
C TRP C 16 32.55 1.17 27.01
N PRO C 17 33.76 0.91 26.49
CA PRO C 17 34.90 0.25 27.16
C PRO C 17 35.45 1.10 28.33
N LEU C 18 36.06 0.46 29.31
CA LEU C 18 36.60 1.25 30.44
C LEU C 18 37.73 2.16 29.91
N PRO C 19 37.67 3.48 30.19
CA PRO C 19 38.73 4.37 29.70
C PRO C 19 40.11 4.05 30.29
N LEU C 20 41.15 4.50 29.60
CA LEU C 20 42.53 4.27 30.02
C LEU C 20 42.77 4.73 31.45
N SER C 21 42.40 5.97 31.74
CA SER C 21 42.59 6.54 33.07
C SER C 21 41.33 7.26 33.52
N VAL C 22 40.79 6.82 34.64
CA VAL C 22 39.58 7.40 35.19
C VAL C 22 39.80 7.94 36.60
N LYS C 23 39.69 9.24 36.77
CA LYS C 23 39.86 9.85 38.10
C LYS C 23 38.53 10.51 38.46
N MET C 24 37.76 9.80 39.29
CA MET C 24 36.44 10.24 39.72
C MET C 24 36.38 10.81 41.14
N THR C 25 35.51 11.78 41.35
CA THR C 25 35.33 12.35 42.67
C THR C 25 33.88 12.10 43.05
N PRO C 26 33.52 12.39 44.31
CA PRO C 26 32.14 12.17 44.73
C PRO C 26 31.33 13.47 44.70
N ASN C 27 31.85 14.49 44.03
CA ASN C 27 31.13 15.76 43.92
C ASN C 27 30.14 15.66 42.76
N LEU C 28 28.89 15.98 43.04
CA LEU C 28 27.85 15.88 42.04
C LEU C 28 27.51 17.18 41.35
N LEU C 29 27.40 17.13 40.03
CA LEU C 29 27.02 18.30 39.26
C LEU C 29 25.72 17.91 38.54
N HIS C 30 24.93 18.90 38.14
CA HIS C 30 23.67 18.62 37.45
C HIS C 30 23.55 19.32 36.11
N LEU C 31 22.71 18.77 35.24
CA LEU C 31 22.50 19.34 33.91
C LEU C 31 21.04 19.67 33.68
N ALA C 32 20.83 20.79 33.00
CA ALA C 32 19.50 21.25 32.67
C ALA C 32 19.27 20.93 31.18
N PRO C 33 18.40 19.96 30.88
CA PRO C 33 18.08 19.53 29.51
C PRO C 33 17.82 20.67 28.54
N GLU C 34 17.06 21.66 28.98
CA GLU C 34 16.77 22.79 28.12
C GLU C 34 17.83 23.89 28.20
N ASN C 35 18.82 23.70 29.05
CA ASN C 35 19.88 24.71 29.20
C ASN C 35 21.27 24.06 29.32
N PHE C 36 21.59 23.18 28.38
CA PHE C 36 22.90 22.52 28.36
C PHE C 36 23.38 22.52 26.93
N TYR C 37 24.51 23.16 26.70
CA TYR C 37 25.05 23.26 25.35
C TYR C 37 26.35 22.51 25.14
N ILE C 38 26.44 21.84 24.00
CA ILE C 38 27.65 21.15 23.60
C ILE C 38 28.13 22.09 22.51
N SER C 39 29.26 22.74 22.73
CA SER C 39 29.75 23.72 21.76
C SER C 39 31.23 23.62 21.45
N HIS C 40 31.60 24.37 20.42
CA HIS C 40 32.97 24.47 19.97
C HIS C 40 33.70 25.44 20.89
N SER C 41 34.87 25.01 21.37
CA SER C 41 35.68 25.86 22.21
C SER C 41 36.15 26.97 21.31
N PRO C 42 36.25 28.19 21.84
CA PRO C 42 36.70 29.29 20.98
C PRO C 42 38.12 29.10 20.44
N ASN C 43 38.87 28.18 21.03
N ASN C 43 38.89 28.20 21.04
CA ASN C 43 40.24 27.93 20.59
CA ASN C 43 40.24 27.96 20.56
C ASN C 43 40.36 26.66 19.74
C ASN C 43 40.38 26.69 19.70
N SER C 44 39.25 26.05 19.41
CA SER C 44 39.27 24.83 18.61
C SER C 44 39.76 25.03 17.17
N THR C 45 40.30 23.99 16.55
CA THR C 45 40.70 24.14 15.17
C THR C 45 39.44 23.85 14.34
N ALA C 46 38.34 23.52 15.00
CA ALA C 46 37.08 23.23 14.32
C ALA C 46 35.97 24.18 14.79
N GLY C 47 34.94 24.32 13.96
CA GLY C 47 33.82 25.19 14.29
C GLY C 47 32.54 24.77 13.61
N PRO C 48 31.53 25.65 13.55
CA PRO C 48 30.23 25.39 12.93
C PRO C 48 30.28 24.77 11.54
N SER C 49 31.36 25.01 10.81
CA SER C 49 31.48 24.43 9.47
C SER C 49 31.76 22.93 9.53
N CYS C 50 32.14 22.42 10.71
CA CYS C 50 32.43 20.99 10.87
C CYS C 50 31.13 20.18 11.02
N THR C 51 30.60 19.73 9.89
CA THR C 51 29.37 18.95 9.84
C THR C 51 29.43 17.78 10.81
N LEU C 52 30.50 16.98 10.69
CA LEU C 52 30.66 15.79 11.52
C LEU C 52 30.47 16.13 13.01
N LEU C 53 31.18 17.15 13.50
CA LEU C 53 31.02 17.52 14.90
C LEU C 53 29.63 18.10 15.19
N GLU C 54 29.11 18.94 14.29
CA GLU C 54 27.80 19.55 14.51
C GLU C 54 26.74 18.48 14.65
N GLU C 55 26.81 17.46 13.81
CA GLU C 55 25.84 16.36 13.88
C GLU C 55 26.05 15.56 15.18
N ALA C 56 27.30 15.28 15.52
CA ALA C 56 27.58 14.52 16.74
C ALA C 56 27.04 15.26 17.99
N PHE C 57 27.24 16.58 18.06
CA PHE C 57 26.78 17.36 19.22
C PHE C 57 25.28 17.17 19.44
N ARG C 58 24.53 17.33 18.36
CA ARG C 58 23.08 17.21 18.44
C ARG C 58 22.65 15.77 18.76
N ARG C 59 23.31 14.82 18.12
CA ARG C 59 22.98 13.43 18.32
C ARG C 59 23.19 13.08 19.79
N TYR C 60 24.32 13.47 20.35
CA TYR C 60 24.56 13.14 21.73
C TYR C 60 23.69 13.92 22.72
N HIS C 61 23.20 15.09 22.33
CA HIS C 61 22.30 15.80 23.23
C HIS C 61 21.04 14.92 23.35
N GLY C 62 20.67 14.25 22.26
CA GLY C 62 19.51 13.38 22.30
C GLY C 62 19.77 12.18 23.20
N TYR C 63 20.93 11.54 23.03
CA TYR C 63 21.27 10.38 23.84
C TYR C 63 21.29 10.71 25.34
N ILE C 64 21.89 11.83 25.70
CA ILE C 64 21.99 12.21 27.10
C ILE C 64 20.65 12.52 27.78
N PHE C 65 19.79 13.26 27.11
CA PHE C 65 18.51 13.60 27.70
C PHE C 65 17.33 12.84 27.10
N GLY C 66 17.53 11.53 26.89
CA GLY C 66 16.47 10.69 26.34
C GLY C 66 15.78 11.30 25.13
N THR C 81 25.71 21.47 41.93
CA THR C 81 25.69 22.71 41.12
C THR C 81 25.75 22.41 39.60
N GLN C 82 25.36 23.38 38.79
CA GLN C 82 25.27 23.23 37.34
C GLN C 82 26.43 23.26 36.34
N VAL C 83 26.55 22.18 35.58
CA VAL C 83 27.53 22.15 34.50
C VAL C 83 26.61 22.58 33.35
N GLN C 84 26.74 23.84 32.96
CA GLN C 84 25.90 24.41 31.93
C GLN C 84 26.35 24.18 30.51
N GLN C 85 27.54 23.62 30.34
CA GLN C 85 28.04 23.43 29.00
C GLN C 85 29.27 22.52 28.88
N LEU C 86 29.36 21.83 27.73
CA LEU C 86 30.49 20.98 27.42
C LEU C 86 31.15 21.62 26.19
N LEU C 87 32.36 22.15 26.38
CA LEU C 87 33.11 22.77 25.29
C LEU C 87 33.98 21.69 24.69
N VAL C 88 34.02 21.64 23.36
CA VAL C 88 34.81 20.66 22.62
C VAL C 88 35.90 21.41 21.87
N SER C 89 37.14 21.06 22.17
CA SER C 89 38.30 21.69 21.60
C SER C 89 39.16 20.71 20.81
N ILE C 90 39.28 20.94 19.51
CA ILE C 90 40.10 20.08 18.68
C ILE C 90 41.44 20.79 18.62
N THR C 91 42.51 20.11 19.01
CA THR C 91 43.84 20.73 19.08
C THR C 91 44.68 20.82 17.80
N LEU C 92 44.71 19.76 17.01
CA LEU C 92 45.49 19.79 15.77
C LEU C 92 44.53 19.95 14.60
N GLN C 93 45.03 19.90 13.37
CA GLN C 93 44.13 20.04 12.22
C GLN C 93 43.04 18.98 12.44
N SER C 94 41.80 19.46 12.52
CA SER C 94 40.67 18.61 12.86
C SER C 94 40.39 17.36 12.05
N GLU C 95 40.60 17.40 10.73
CA GLU C 95 40.33 16.28 9.85
C GLU C 95 38.81 16.06 9.72
N CYS C 96 38.06 17.11 10.01
N CYS C 96 38.04 17.09 10.02
CA CYS C 96 36.59 17.06 9.97
CA CYS C 96 36.59 16.98 9.99
C CYS C 96 35.96 16.52 8.69
C CYS C 96 35.96 16.49 8.68
N ASP C 97 36.57 16.81 7.55
CA ASP C 97 36.00 16.37 6.27
C ASP C 97 36.65 15.16 5.66
N ALA C 98 37.59 14.55 6.36
CA ALA C 98 38.28 13.39 5.84
C ALA C 98 37.61 12.10 6.28
N PHE C 99 38.12 11.00 5.75
CA PHE C 99 37.64 9.67 6.13
C PHE C 99 38.70 9.17 7.11
N PRO C 100 38.27 8.47 8.17
CA PRO C 100 39.26 7.97 9.13
C PRO C 100 40.07 6.84 8.50
N ASN C 101 41.24 6.58 9.06
CA ASN C 101 42.07 5.49 8.57
C ASN C 101 42.77 4.85 9.75
N ILE C 102 43.57 3.82 9.49
CA ILE C 102 44.26 3.12 10.57
C ILE C 102 45.13 4.04 11.45
N SER C 103 45.63 5.14 10.89
CA SER C 103 46.47 6.07 11.65
C SER C 103 45.71 7.17 12.38
N SER C 104 44.39 7.19 12.26
CA SER C 104 43.60 8.23 12.91
C SER C 104 43.78 8.27 14.42
N ASP C 105 43.98 9.46 14.96
CA ASP C 105 44.18 9.63 16.40
C ASP C 105 42.84 9.76 17.11
N GLU C 106 42.49 8.73 17.88
CA GLU C 106 41.21 8.72 18.62
C GLU C 106 41.32 9.15 20.09
N SER C 107 42.49 9.63 20.51
CA SER C 107 42.64 10.02 21.92
C SER C 107 41.85 11.28 22.28
N TYR C 108 41.59 11.44 23.58
CA TYR C 108 40.88 12.61 24.05
C TYR C 108 41.02 12.70 25.56
N THR C 109 40.65 13.85 26.10
CA THR C 109 40.66 14.09 27.53
C THR C 109 39.34 14.73 27.85
N LEU C 110 38.76 14.34 28.97
CA LEU C 110 37.49 14.86 29.41
C LEU C 110 37.64 15.38 30.84
N LEU C 111 37.42 16.68 31.03
CA LEU C 111 37.47 17.24 32.36
C LEU C 111 36.07 17.71 32.71
N VAL C 112 35.42 16.94 33.57
CA VAL C 112 34.07 17.26 34.01
C VAL C 112 34.09 18.09 35.29
N LYS C 113 33.73 19.35 35.17
CA LYS C 113 33.69 20.27 36.29
C LYS C 113 32.65 21.34 35.98
N GLU C 114 32.28 22.11 36.99
CA GLU C 114 31.31 23.19 36.82
C GLU C 114 32.16 24.46 36.68
N PRO C 115 31.69 25.46 35.95
CA PRO C 115 30.44 25.61 35.19
C PRO C 115 30.51 25.12 33.75
N VAL C 116 31.73 24.85 33.29
CA VAL C 116 31.95 24.37 31.93
C VAL C 116 32.85 23.13 31.88
N ALA C 117 32.30 22.01 31.39
CA ALA C 117 33.09 20.80 31.25
C ALA C 117 33.84 20.96 29.92
N VAL C 118 34.98 20.30 29.78
CA VAL C 118 35.77 20.43 28.57
C VAL C 118 36.19 19.09 28.01
N LEU C 119 35.99 18.94 26.71
CA LEU C 119 36.37 17.72 26.01
C LEU C 119 37.46 18.17 25.07
N LYS C 120 38.67 17.64 25.26
CA LYS C 120 39.83 18.02 24.44
C LYS C 120 40.35 16.83 23.65
N ALA C 121 40.61 17.05 22.37
CA ALA C 121 41.07 15.98 21.53
C ALA C 121 41.92 16.52 20.40
N ASN C 122 42.96 15.78 20.04
CA ASN C 122 43.81 16.23 18.93
C ASN C 122 43.02 16.30 17.61
N ARG C 123 42.07 15.38 17.43
CA ARG C 123 41.28 15.30 16.17
C ARG C 123 39.79 15.10 16.41
N VAL C 124 38.98 15.23 15.36
CA VAL C 124 37.53 15.03 15.53
C VAL C 124 37.27 13.59 15.96
N TRP C 125 38.10 12.65 15.48
CA TRP C 125 37.93 11.25 15.83
C TRP C 125 37.93 11.04 17.35
N GLY C 126 38.82 11.72 18.05
CA GLY C 126 38.85 11.55 19.49
C GLY C 126 37.67 12.24 20.14
N ALA C 127 37.23 13.35 19.57
CA ALA C 127 36.09 14.04 20.15
C ALA C 127 34.86 13.11 20.08
N LEU C 128 34.68 12.41 18.97
CA LEU C 128 33.55 11.51 18.84
C LEU C 128 33.59 10.51 19.99
N ARG C 129 34.75 9.87 20.20
CA ARG C 129 34.89 8.89 21.28
C ARG C 129 34.60 9.51 22.64
N GLY C 130 35.10 10.73 22.84
CA GLY C 130 34.88 11.44 24.08
C GLY C 130 33.42 11.79 24.32
N LEU C 131 32.68 12.06 23.24
CA LEU C 131 31.27 12.39 23.42
C LEU C 131 30.54 11.15 23.93
N GLU C 132 30.88 9.98 23.40
CA GLU C 132 30.23 8.77 23.87
C GLU C 132 30.55 8.57 25.35
N THR C 133 31.81 8.77 25.73
CA THR C 133 32.19 8.58 27.11
C THR C 133 31.42 9.54 28.00
N PHE C 134 31.34 10.81 27.57
CA PHE C 134 30.59 11.80 28.34
C PHE C 134 29.16 11.28 28.56
N SER C 135 28.46 10.90 27.49
CA SER C 135 27.09 10.39 27.63
C SER C 135 27.00 9.19 28.60
N GLN C 136 28.06 8.41 28.73
CA GLN C 136 27.97 7.28 29.66
C GLN C 136 28.16 7.74 31.11
N LEU C 137 28.70 8.94 31.30
CA LEU C 137 28.92 9.52 32.63
C LEU C 137 27.66 10.18 33.20
N VAL C 138 26.80 10.68 32.32
CA VAL C 138 25.58 11.31 32.78
C VAL C 138 24.55 10.25 33.17
N TYR C 139 23.76 10.55 34.19
CA TYR C 139 22.74 9.64 34.65
C TYR C 139 21.70 10.44 35.40
N GLN C 140 20.59 9.79 35.75
CA GLN C 140 19.53 10.47 36.48
C GLN C 140 19.48 9.86 37.87
N ASP C 141 19.44 10.71 38.92
CA ASP C 141 19.38 10.18 40.27
C ASP C 141 17.97 9.66 40.59
N SER C 142 17.75 9.30 41.84
CA SER C 142 16.48 8.76 42.29
C SER C 142 15.25 9.62 42.02
N TYR C 143 15.47 10.90 41.75
CA TYR C 143 14.33 11.78 41.49
C TYR C 143 14.26 12.25 40.06
N GLY C 144 15.07 11.63 39.19
CA GLY C 144 15.09 12.00 37.79
C GLY C 144 16.03 13.14 37.44
N THR C 145 16.78 13.61 38.42
CA THR C 145 17.71 14.73 38.22
C THR C 145 18.93 14.30 37.39
N PHE C 146 19.18 14.98 36.27
CA PHE C 146 20.32 14.65 35.41
C PHE C 146 21.59 15.03 36.18
N THR C 147 22.43 14.04 36.41
CA THR C 147 23.62 14.20 37.22
C THR C 147 24.90 13.64 36.62
N ILE C 148 26.02 14.23 37.02
CA ILE C 148 27.32 13.77 36.58
C ILE C 148 28.36 14.07 37.67
N ASN C 149 29.26 13.13 37.89
CA ASN C 149 30.30 13.30 38.88
C ASN C 149 31.42 14.17 38.34
N GLU C 150 31.97 15.01 39.19
CA GLU C 150 33.09 15.83 38.76
C GLU C 150 34.15 14.76 38.53
N SER C 151 34.85 14.83 37.41
CA SER C 151 35.84 13.82 37.10
C SER C 151 36.80 14.20 36.00
N THR C 152 37.85 13.41 35.85
CA THR C 152 38.82 13.64 34.81
C THR C 152 39.09 12.31 34.11
N ILE C 153 39.09 12.36 32.79
CA ILE C 153 39.33 11.16 32.02
C ILE C 153 40.33 11.41 30.90
N ILE C 154 41.27 10.49 30.78
CA ILE C 154 42.30 10.54 29.74
C ILE C 154 42.16 9.16 29.10
N ASP C 155 41.97 9.15 27.79
CA ASP C 155 41.69 7.89 27.09
C ASP C 155 42.29 7.84 25.70
N SER C 156 42.61 6.63 25.26
CA SER C 156 43.15 6.36 23.94
C SER C 156 43.06 4.84 23.80
N PRO C 157 42.77 4.34 22.59
CA PRO C 157 42.65 2.91 22.34
C PRO C 157 43.94 2.11 22.39
N ARG C 158 43.83 0.89 22.92
CA ARG C 158 44.98 0.01 22.98
C ARG C 158 45.34 -0.37 21.53
N PHE C 159 44.34 -0.70 20.73
CA PHE C 159 44.55 -1.07 19.33
C PHE C 159 43.80 -0.17 18.33
N SER C 160 44.39 0.03 17.15
CA SER C 160 43.82 0.89 16.12
C SER C 160 42.79 0.27 15.20
N HIS C 161 42.87 -1.04 14.97
CA HIS C 161 41.89 -1.69 14.12
C HIS C 161 40.97 -2.50 15.03
N ARG C 162 39.71 -2.05 15.16
CA ARG C 162 38.71 -2.69 16.01
C ARG C 162 37.46 -2.83 15.15
N GLY C 163 37.29 -3.99 14.54
CA GLY C 163 36.16 -4.13 13.65
C GLY C 163 35.12 -5.18 13.90
N ILE C 164 34.06 -5.09 13.10
CA ILE C 164 32.94 -6.01 13.13
C ILE C 164 32.80 -6.47 11.69
N LEU C 165 32.72 -7.77 11.49
CA LEU C 165 32.55 -8.28 10.15
C LEU C 165 31.10 -8.67 9.99
N ILE C 166 30.44 -8.16 8.96
CA ILE C 166 29.08 -8.56 8.67
C ILE C 166 29.13 -9.26 7.33
N ASP C 167 28.20 -10.17 7.10
CA ASP C 167 28.14 -10.98 5.89
C ASP C 167 26.81 -10.72 5.20
N THR C 168 26.82 -10.05 4.06
CA THR C 168 25.57 -9.76 3.34
C THR C 168 25.38 -10.59 2.09
N SER C 169 26.07 -11.73 2.03
CA SER C 169 25.94 -12.65 0.90
C SER C 169 25.10 -13.87 1.31
N ARG C 170 25.46 -14.45 2.44
CA ARG C 170 24.71 -15.62 2.93
C ARG C 170 23.27 -15.17 3.14
N HIS C 171 23.11 -13.93 3.59
CA HIS C 171 21.80 -13.33 3.74
C HIS C 171 22.00 -11.87 3.43
N TYR C 172 21.02 -11.29 2.76
CA TYR C 172 21.03 -9.87 2.41
C TYR C 172 20.60 -9.14 3.68
N LEU C 173 21.20 -7.98 3.93
CA LEU C 173 20.83 -7.17 5.09
C LEU C 173 20.35 -5.80 4.63
N PRO C 174 19.15 -5.40 5.03
CA PRO C 174 18.62 -4.09 4.62
C PRO C 174 19.61 -3.05 5.13
N VAL C 175 19.79 -1.99 4.36
CA VAL C 175 20.69 -0.93 4.74
C VAL C 175 20.36 -0.41 6.15
N LYS C 176 19.08 -0.42 6.49
CA LYS C 176 18.68 0.07 7.80
C LYS C 176 19.34 -0.69 8.94
N ILE C 177 19.49 -2.00 8.81
CA ILE C 177 20.12 -2.72 9.91
C ILE C 177 21.65 -2.55 9.86
N ILE C 178 22.20 -2.25 8.69
CA ILE C 178 23.63 -2.00 8.62
C ILE C 178 23.86 -0.66 9.37
N LEU C 179 22.97 0.32 9.19
CA LEU C 179 23.12 1.59 9.88
C LEU C 179 22.93 1.39 11.38
N LYS C 180 22.00 0.54 11.75
CA LYS C 180 21.74 0.28 13.17
C LYS C 180 23.03 -0.31 13.76
N THR C 181 23.62 -1.26 13.04
CA THR C 181 24.86 -1.87 13.50
C THR C 181 25.96 -0.77 13.67
N LEU C 182 26.05 0.16 12.72
CA LEU C 182 27.04 1.23 12.82
C LEU C 182 26.83 2.08 14.09
N ASP C 183 25.57 2.28 14.48
CA ASP C 183 25.31 3.05 15.69
C ASP C 183 25.79 2.28 16.92
N ALA C 184 25.47 0.98 16.96
CA ALA C 184 25.87 0.12 18.06
C ALA C 184 27.41 0.08 18.13
N MET C 185 28.06 0.08 16.96
CA MET C 185 29.51 0.07 16.90
C MET C 185 30.07 1.36 17.52
N ALA C 186 29.49 2.50 17.17
CA ALA C 186 29.92 3.77 17.74
C ALA C 186 29.76 3.76 19.28
N PHE C 187 28.66 3.18 19.78
CA PHE C 187 28.46 3.12 21.24
C PHE C 187 29.52 2.24 21.93
N ASN C 188 30.12 1.33 21.18
CA ASN C 188 31.11 0.41 21.71
C ASN C 188 32.52 0.75 21.25
N LYS C 189 32.64 1.92 20.63
CA LYS C 189 33.92 2.41 20.11
C LYS C 189 34.62 1.50 19.09
N PHE C 190 33.86 0.69 18.34
CA PHE C 190 34.48 -0.09 17.28
C PHE C 190 34.70 0.96 16.17
N ASN C 191 35.75 0.83 15.37
CA ASN C 191 36.01 1.80 14.31
C ASN C 191 36.14 1.23 12.89
N VAL C 192 35.90 -0.06 12.70
CA VAL C 192 35.98 -0.65 11.37
C VAL C 192 34.81 -1.58 11.04
N LEU C 193 34.11 -1.34 9.94
CA LEU C 193 33.05 -2.23 9.50
C LEU C 193 33.67 -3.06 8.36
N HIS C 194 33.93 -4.34 8.62
CA HIS C 194 34.48 -5.24 7.62
C HIS C 194 33.26 -5.79 6.88
N TRP C 195 33.02 -5.27 5.69
CA TRP C 195 31.86 -5.64 4.90
C TRP C 195 32.17 -6.76 3.93
N HIS C 196 31.85 -7.99 4.34
CA HIS C 196 32.04 -9.15 3.49
C HIS C 196 30.75 -9.10 2.67
N ILE C 197 30.78 -8.25 1.65
CA ILE C 197 29.62 -8.01 0.82
C ILE C 197 29.18 -9.11 -0.13
N VAL C 198 30.12 -9.85 -0.71
CA VAL C 198 29.74 -10.93 -1.64
C VAL C 198 30.38 -12.27 -1.29
N ASP C 199 29.82 -13.35 -1.82
CA ASP C 199 30.35 -14.68 -1.56
C ASP C 199 29.66 -15.65 -2.53
N ASP C 200 29.68 -16.94 -2.21
CA ASP C 200 29.10 -17.95 -3.07
C ASP C 200 27.61 -17.87 -3.35
N GLN C 201 26.82 -17.60 -2.32
CA GLN C 201 25.37 -17.57 -2.44
C GLN C 201 24.68 -16.40 -3.16
N SER C 202 25.31 -15.23 -3.17
CA SER C 202 24.69 -14.10 -3.83
C SER C 202 25.69 -12.99 -4.00
N PHE C 203 25.41 -12.13 -4.98
CA PHE C 203 26.24 -10.98 -5.30
C PHE C 203 25.32 -9.77 -5.18
N PRO C 204 25.15 -9.22 -3.96
CA PRO C 204 24.27 -8.06 -3.80
C PRO C 204 24.87 -6.73 -4.27
N TYR C 205 26.20 -6.66 -4.35
CA TYR C 205 26.87 -5.43 -4.78
C TYR C 205 26.59 -5.05 -6.23
N GLN C 206 26.04 -3.86 -6.41
CA GLN C 206 25.70 -3.36 -7.73
C GLN C 206 26.92 -2.66 -8.37
N SER C 207 27.53 -3.32 -9.35
CA SER C 207 28.69 -2.75 -10.04
C SER C 207 28.22 -1.98 -11.26
N ILE C 208 28.67 -0.74 -11.40
CA ILE C 208 28.26 0.04 -12.53
C ILE C 208 29.00 -0.37 -13.79
N THR C 209 30.24 -0.85 -13.65
CA THR C 209 31.00 -1.28 -14.82
C THR C 209 30.68 -2.71 -15.25
N PHE C 210 30.03 -3.48 -14.38
CA PHE C 210 29.64 -4.85 -14.71
C PHE C 210 28.26 -5.09 -14.14
N PRO C 211 27.25 -4.41 -14.70
CA PRO C 211 25.88 -4.55 -14.21
C PRO C 211 25.33 -5.97 -14.09
N GLU C 212 25.85 -6.90 -14.87
CA GLU C 212 25.35 -8.27 -14.80
C GLU C 212 25.78 -9.04 -13.55
N LEU C 213 26.80 -8.55 -12.86
CA LEU C 213 27.24 -9.24 -11.63
C LEU C 213 26.08 -9.36 -10.63
N SER C 214 25.39 -8.26 -10.37
CA SER C 214 24.27 -8.32 -9.44
C SER C 214 22.96 -8.69 -10.14
N ASN C 215 22.82 -8.27 -11.40
CA ASN C 215 21.60 -8.58 -12.14
C ASN C 215 21.40 -10.08 -12.21
N LYS C 216 22.48 -10.85 -12.30
CA LYS C 216 22.38 -12.31 -12.36
C LYS C 216 22.78 -13.02 -11.07
N GLY C 217 23.66 -12.42 -10.27
CA GLY C 217 24.11 -13.08 -9.06
C GLY C 217 23.42 -12.71 -7.74
N SER C 218 22.57 -11.70 -7.76
CA SER C 218 21.88 -11.32 -6.52
C SER C 218 20.70 -12.23 -6.29
N TYR C 219 20.22 -12.32 -5.05
CA TYR C 219 19.08 -13.18 -4.77
C TYR C 219 17.87 -12.76 -5.61
N SER C 220 17.66 -11.45 -5.70
CA SER C 220 16.58 -10.86 -6.50
C SER C 220 16.89 -9.37 -6.61
N LEU C 221 16.21 -8.69 -7.53
CA LEU C 221 16.43 -7.27 -7.76
C LEU C 221 16.25 -6.43 -6.51
N SER C 222 15.48 -6.91 -5.55
CA SER C 222 15.27 -6.15 -4.32
C SER C 222 16.32 -6.47 -3.24
N HIS C 223 17.23 -7.38 -3.53
CA HIS C 223 18.28 -7.71 -2.57
C HIS C 223 19.62 -7.24 -3.09
N VAL C 224 19.70 -5.95 -3.40
CA VAL C 224 20.94 -5.40 -3.93
C VAL C 224 21.35 -4.12 -3.17
N TYR C 225 22.63 -3.77 -3.28
CA TYR C 225 23.13 -2.54 -2.69
C TYR C 225 23.51 -1.61 -3.84
N THR C 226 22.65 -0.63 -4.09
CA THR C 226 22.86 0.33 -5.15
C THR C 226 23.99 1.28 -4.80
N PRO C 227 24.50 2.03 -5.79
CA PRO C 227 25.58 2.96 -5.49
C PRO C 227 25.15 3.94 -4.37
N ASN C 228 23.87 4.33 -4.36
CA ASN C 228 23.42 5.23 -3.29
C ASN C 228 23.39 4.53 -1.93
N ASP C 229 23.09 3.23 -1.92
CA ASP C 229 23.08 2.45 -0.68
C ASP C 229 24.51 2.43 -0.11
N VAL C 230 25.47 2.16 -0.98
CA VAL C 230 26.86 2.09 -0.57
C VAL C 230 27.35 3.46 -0.10
N ARG C 231 26.96 4.53 -0.80
CA ARG C 231 27.36 5.86 -0.36
C ARG C 231 26.82 6.13 1.05
N MET C 232 25.53 5.83 1.26
CA MET C 232 24.90 6.04 2.58
C MET C 232 25.60 5.28 3.72
N VAL C 233 25.94 4.03 3.49
CA VAL C 233 26.63 3.26 4.52
C VAL C 233 27.96 3.95 4.83
N ILE C 234 28.75 4.23 3.79
CA ILE C 234 30.03 4.88 3.96
C ILE C 234 29.98 6.24 4.67
N GLU C 235 29.07 7.11 4.29
CA GLU C 235 29.00 8.42 4.94
C GLU C 235 28.47 8.32 6.38
N TYR C 236 27.46 7.48 6.58
CA TYR C 236 26.88 7.29 7.90
C TYR C 236 27.99 6.76 8.85
N ALA C 237 28.83 5.88 8.31
CA ALA C 237 29.94 5.31 9.05
C ALA C 237 30.96 6.42 9.34
N ARG C 238 31.32 7.20 8.33
CA ARG C 238 32.29 8.28 8.53
C ARG C 238 31.85 9.25 9.62
N LEU C 239 30.56 9.56 9.67
CA LEU C 239 30.03 10.50 10.67
C LEU C 239 30.21 9.99 12.10
N ARG C 240 30.48 8.69 12.20
CA ARG C 240 30.69 8.04 13.49
C ARG C 240 32.12 7.58 13.71
N GLY C 241 33.03 8.02 12.84
CA GLY C 241 34.44 7.66 12.94
C GLY C 241 34.72 6.20 12.65
N ILE C 242 33.89 5.63 11.78
CA ILE C 242 34.02 4.23 11.41
C ILE C 242 34.41 4.13 9.95
N ARG C 243 35.42 3.30 9.71
CA ARG C 243 35.96 3.01 8.40
C ARG C 243 35.18 1.85 7.79
N VAL C 244 34.97 1.87 6.48
CA VAL C 244 34.25 0.78 5.83
C VAL C 244 35.28 0.02 4.98
N LEU C 245 35.63 -1.16 5.45
CA LEU C 245 36.62 -1.99 4.76
C LEU C 245 35.86 -2.95 3.83
N PRO C 246 35.91 -2.71 2.51
CA PRO C 246 35.17 -3.67 1.66
C PRO C 246 35.95 -4.95 1.46
N GLU C 247 35.23 -6.07 1.37
CA GLU C 247 35.91 -7.34 1.08
C GLU C 247 35.22 -7.98 -0.11
N PHE C 248 35.97 -8.20 -1.19
CA PHE C 248 35.44 -8.89 -2.36
C PHE C 248 36.35 -10.11 -2.47
N ASP C 249 35.94 -11.18 -1.81
CA ASP C 249 36.69 -12.43 -1.72
C ASP C 249 36.94 -13.16 -3.05
N THR C 250 38.20 -13.45 -3.35
CA THR C 250 38.59 -14.22 -4.55
C THR C 250 39.86 -14.99 -4.18
N PRO C 251 40.19 -16.10 -4.90
CA PRO C 251 39.52 -16.72 -6.05
C PRO C 251 38.39 -17.65 -5.62
N GLY C 252 38.43 -18.09 -4.37
CA GLY C 252 37.38 -18.95 -3.85
C GLY C 252 36.20 -18.11 -3.37
N HIS C 253 35.12 -18.76 -2.94
CA HIS C 253 33.93 -18.05 -2.46
C HIS C 253 33.38 -17.10 -3.53
N THR C 254 33.51 -17.49 -4.80
CA THR C 254 33.06 -16.66 -5.92
C THR C 254 31.96 -17.22 -6.83
N LEU C 255 31.24 -18.23 -6.37
CA LEU C 255 30.21 -18.82 -7.19
C LEU C 255 29.22 -17.84 -7.78
N SER C 256 28.74 -16.90 -6.97
CA SER C 256 27.76 -15.93 -7.48
C SER C 256 28.33 -15.02 -8.56
N TRP C 257 29.66 -14.88 -8.61
CA TRP C 257 30.29 -14.03 -9.61
C TRP C 257 30.14 -14.63 -11.02
N GLY C 258 30.16 -15.96 -11.10
CA GLY C 258 30.06 -16.62 -12.40
C GLY C 258 28.76 -16.42 -13.15
N LYS C 259 27.68 -16.10 -12.45
CA LYS C 259 26.40 -15.94 -13.12
C LYS C 259 26.32 -14.74 -14.06
N GLY C 260 27.02 -13.66 -13.73
CA GLY C 260 26.99 -12.49 -14.59
C GLY C 260 28.26 -12.28 -15.41
N GLN C 261 29.35 -12.91 -15.00
CA GLN C 261 30.61 -12.78 -15.71
C GLN C 261 31.02 -14.16 -16.22
N LYS C 262 30.83 -14.38 -17.51
CA LYS C 262 31.16 -15.66 -18.13
C LYS C 262 32.65 -15.91 -18.25
N ASP C 263 33.02 -17.19 -18.16
CA ASP C 263 34.39 -17.64 -18.27
C ASP C 263 35.30 -17.20 -17.13
N LEU C 264 34.73 -16.70 -16.06
CA LEU C 264 35.55 -16.26 -14.94
C LEU C 264 35.87 -17.46 -14.07
N LEU C 265 34.84 -18.23 -13.76
CA LEU C 265 35.00 -19.39 -12.91
C LEU C 265 35.61 -20.58 -13.66
N THR C 266 36.40 -21.38 -12.95
CA THR C 266 37.03 -22.54 -13.54
C THR C 266 36.08 -23.72 -13.63
N PRO C 267 35.76 -24.19 -14.86
CA PRO C 267 34.84 -25.33 -14.96
C PRO C 267 35.57 -26.61 -14.53
N CYS C 268 34.93 -27.41 -13.68
CA CYS C 268 35.55 -28.64 -13.19
C CYS C 268 35.16 -29.84 -14.08
N TYR C 269 36.06 -30.81 -14.21
CA TYR C 269 35.78 -31.99 -15.04
C TYR C 269 35.90 -33.34 -14.32
N SER C 270 35.03 -34.27 -14.71
CA SER C 270 34.98 -35.62 -14.16
C SER C 270 35.08 -36.63 -15.31
N LYS C 274 31.93 -35.42 -18.00
CA LYS C 274 33.05 -34.53 -17.68
C LYS C 274 32.69 -33.31 -16.79
N LEU C 275 32.03 -32.27 -17.35
CA LEU C 275 31.69 -31.07 -16.59
C LEU C 275 30.75 -31.34 -15.40
N ASP C 276 31.32 -31.34 -14.19
CA ASP C 276 30.55 -31.61 -13.00
C ASP C 276 30.37 -30.40 -12.08
N SER C 277 30.63 -29.19 -12.58
CA SER C 277 30.49 -27.95 -11.78
C SER C 277 31.59 -26.91 -12.08
N PHE C 278 31.53 -25.77 -11.38
CA PHE C 278 32.52 -24.70 -11.50
C PHE C 278 33.19 -24.51 -10.15
N GLY C 279 34.46 -24.10 -10.18
CA GLY C 279 35.21 -23.90 -8.95
C GLY C 279 35.69 -22.45 -8.81
N PRO C 280 36.83 -22.22 -8.13
CA PRO C 280 37.31 -20.85 -7.98
C PRO C 280 37.58 -20.15 -9.31
N ILE C 281 37.87 -18.86 -9.24
CA ILE C 281 38.15 -18.08 -10.43
C ILE C 281 39.31 -18.71 -11.18
N ASN C 282 39.26 -18.63 -12.50
CA ASN C 282 40.30 -19.17 -13.36
C ASN C 282 41.53 -18.24 -13.39
N PRO C 283 42.62 -18.63 -12.70
CA PRO C 283 43.85 -17.84 -12.63
C PRO C 283 44.77 -17.89 -13.87
N THR C 284 44.35 -18.60 -14.90
CA THR C 284 45.19 -18.73 -16.10
C THR C 284 44.73 -17.89 -17.29
N LEU C 285 43.56 -17.27 -17.21
CA LEU C 285 43.04 -16.45 -18.32
C LEU C 285 43.28 -14.94 -18.21
N ASN C 286 43.52 -14.29 -19.34
CA ASN C 286 43.72 -12.84 -19.38
C ASN C 286 42.41 -12.12 -19.12
N THR C 287 41.33 -12.74 -19.56
CA THR C 287 40.00 -12.19 -19.37
C THR C 287 39.74 -12.07 -17.87
N THR C 288 40.44 -12.90 -17.09
CA THR C 288 40.30 -12.88 -15.64
C THR C 288 40.95 -11.64 -15.05
N TYR C 289 42.22 -11.43 -15.33
CA TYR C 289 42.94 -10.28 -14.80
C TYR C 289 42.47 -8.95 -15.37
N SER C 290 41.91 -9.00 -16.57
CA SER C 290 41.38 -7.82 -17.23
C SER C 290 40.08 -7.43 -16.51
N PHE C 291 39.26 -8.43 -16.23
CA PHE C 291 38.02 -8.20 -15.52
C PHE C 291 38.34 -7.65 -14.11
N LEU C 292 39.25 -8.30 -13.41
CA LEU C 292 39.61 -7.86 -12.07
C LEU C 292 40.22 -6.46 -12.03
N THR C 293 40.99 -6.10 -13.06
CA THR C 293 41.60 -4.77 -13.09
C THR C 293 40.52 -3.68 -13.19
N THR C 294 39.54 -3.88 -14.06
CA THR C 294 38.47 -2.92 -14.25
C THR C 294 37.56 -2.91 -13.02
N PHE C 295 37.25 -4.09 -12.52
CA PHE C 295 36.38 -4.22 -11.36
C PHE C 295 37.00 -3.54 -10.14
N PHE C 296 38.23 -3.88 -9.82
CA PHE C 296 38.85 -3.26 -8.65
C PHE C 296 39.09 -1.77 -8.82
N LYS C 297 39.28 -1.32 -10.07
CA LYS C 297 39.46 0.11 -10.28
C LYS C 297 38.17 0.77 -9.80
N GLU C 298 37.04 0.13 -10.06
CA GLU C 298 35.77 0.68 -9.62
C GLU C 298 35.69 0.68 -8.09
N ILE C 299 36.10 -0.43 -7.49
CA ILE C 299 36.07 -0.55 -6.04
C ILE C 299 36.91 0.55 -5.38
N SER C 300 38.06 0.83 -6.00
CA SER C 300 38.98 1.83 -5.48
C SER C 300 38.35 3.21 -5.53
N GLU C 301 37.36 3.38 -6.40
CA GLU C 301 36.69 4.67 -6.51
C GLU C 301 35.46 4.74 -5.62
N VAL C 302 34.81 3.61 -5.38
CA VAL C 302 33.61 3.61 -4.56
C VAL C 302 33.90 3.65 -3.05
N PHE C 303 34.92 2.91 -2.62
CA PHE C 303 35.28 2.86 -1.20
C PHE C 303 36.53 3.67 -0.94
N PRO C 304 36.41 4.73 -0.14
CA PRO C 304 37.54 5.59 0.18
C PRO C 304 38.60 5.01 1.14
N ASP C 305 38.25 3.99 1.91
CA ASP C 305 39.26 3.43 2.83
C ASP C 305 40.51 3.05 2.05
N GLN C 306 41.67 3.23 2.69
CA GLN C 306 42.96 2.91 2.05
C GLN C 306 43.15 1.43 1.75
N PHE C 307 42.38 0.57 2.39
CA PHE C 307 42.52 -0.87 2.19
C PHE C 307 41.33 -1.58 1.58
N ILE C 308 41.64 -2.66 0.87
CA ILE C 308 40.64 -3.50 0.26
C ILE C 308 41.00 -4.91 0.71
N HIS C 309 40.05 -5.61 1.31
CA HIS C 309 40.30 -6.97 1.76
C HIS C 309 40.08 -7.88 0.53
N LEU C 310 41.13 -8.58 0.13
CA LEU C 310 41.05 -9.45 -1.05
C LEU C 310 40.54 -10.87 -0.77
N GLY C 311 40.38 -11.19 0.52
CA GLY C 311 39.93 -12.52 0.89
C GLY C 311 41.08 -13.51 0.72
N GLY C 312 40.86 -14.57 -0.06
CA GLY C 312 41.89 -15.58 -0.28
C GLY C 312 41.80 -16.78 0.66
N ASP C 313 40.66 -16.96 1.31
CA ASP C 313 40.47 -18.08 2.23
C ASP C 313 39.88 -19.33 1.56
N GLU C 314 40.17 -20.48 2.15
CA GLU C 314 39.65 -21.76 1.70
C GLU C 314 39.58 -22.00 0.20
N VAL C 315 40.66 -21.75 -0.52
CA VAL C 315 40.62 -22.00 -1.95
C VAL C 315 40.70 -23.51 -2.14
N GLU C 316 39.82 -24.07 -2.98
CA GLU C 316 39.82 -25.51 -3.24
C GLU C 316 40.54 -25.79 -4.55
N PHE C 317 41.63 -26.54 -4.47
CA PHE C 317 42.44 -26.86 -5.62
C PHE C 317 41.92 -27.98 -6.53
N LYS C 318 41.03 -28.82 -6.02
CA LYS C 318 40.52 -29.94 -6.81
C LYS C 318 40.01 -29.55 -8.20
N CYS C 319 39.11 -28.59 -8.26
CA CYS C 319 38.57 -28.15 -9.55
C CYS C 319 39.69 -27.72 -10.49
N TRP C 320 40.68 -27.01 -9.94
CA TRP C 320 41.81 -26.56 -10.73
C TRP C 320 42.59 -27.75 -11.26
N GLU C 321 42.81 -28.73 -10.40
CA GLU C 321 43.53 -29.94 -10.74
C GLU C 321 42.83 -30.73 -11.84
N SER C 322 41.50 -30.74 -11.82
CA SER C 322 40.73 -31.48 -12.80
C SER C 322 40.59 -30.78 -14.15
N ASN C 323 41.07 -29.55 -14.25
CA ASN C 323 40.93 -28.82 -15.50
C ASN C 323 42.13 -29.04 -16.44
N PRO C 324 41.87 -29.53 -17.67
CA PRO C 324 42.90 -29.79 -18.68
C PRO C 324 43.74 -28.55 -19.00
N LYS C 325 43.05 -27.47 -19.37
CA LYS C 325 43.69 -26.20 -19.71
C LYS C 325 44.59 -25.72 -18.59
N ILE C 326 44.11 -25.83 -17.36
CA ILE C 326 44.90 -25.41 -16.21
C ILE C 326 46.09 -26.35 -16.01
N GLN C 327 45.87 -27.63 -16.26
CA GLN C 327 46.95 -28.61 -16.13
C GLN C 327 48.06 -28.17 -17.07
N ASP C 328 47.64 -27.78 -18.26
CA ASP C 328 48.57 -27.33 -19.27
C ASP C 328 49.32 -26.07 -18.79
N PHE C 329 48.60 -25.15 -18.17
CA PHE C 329 49.18 -23.91 -17.67
C PHE C 329 50.25 -24.19 -16.61
N MET C 330 49.96 -25.11 -15.70
CA MET C 330 50.91 -25.44 -14.65
C MET C 330 52.19 -26.04 -15.21
N ARG C 331 52.08 -26.63 -16.41
CA ARG C 331 53.24 -27.21 -17.06
C ARG C 331 54.08 -26.09 -17.67
N GLN C 332 53.42 -25.17 -18.38
CA GLN C 332 54.12 -24.04 -18.99
C GLN C 332 54.82 -23.19 -17.94
N LYS C 333 54.23 -23.12 -16.74
CA LYS C 333 54.80 -22.33 -15.65
C LYS C 333 55.76 -23.17 -14.81
N GLY C 334 55.68 -24.48 -14.96
CA GLY C 334 56.55 -25.35 -14.19
C GLY C 334 56.28 -25.21 -12.71
N PHE C 335 55.04 -25.51 -12.31
CA PHE C 335 54.63 -25.45 -10.91
C PHE C 335 54.56 -26.89 -10.39
N GLY C 336 54.56 -27.83 -11.33
CA GLY C 336 54.50 -29.24 -10.97
C GLY C 336 53.09 -29.63 -10.61
N THR C 337 52.91 -30.12 -9.39
CA THR C 337 51.59 -30.51 -8.91
C THR C 337 51.26 -29.66 -7.70
N ASP C 338 52.03 -28.59 -7.52
CA ASP C 338 51.84 -27.70 -6.39
C ASP C 338 50.89 -26.57 -6.75
N PHE C 339 49.62 -26.73 -6.36
CA PHE C 339 48.66 -25.70 -6.67
C PHE C 339 48.72 -24.49 -5.75
N LYS C 340 49.54 -24.58 -4.71
CA LYS C 340 49.69 -23.43 -3.84
C LYS C 340 50.46 -22.40 -4.65
N LYS C 341 51.19 -22.88 -5.66
CA LYS C 341 51.95 -21.97 -6.51
C LYS C 341 51.03 -21.27 -7.48
N LEU C 342 49.95 -21.94 -7.88
CA LEU C 342 48.99 -21.33 -8.79
C LEU C 342 48.22 -20.27 -7.97
N GLU C 343 47.90 -20.63 -6.74
CA GLU C 343 47.18 -19.73 -5.83
C GLU C 343 48.04 -18.48 -5.57
N SER C 344 49.33 -18.67 -5.32
CA SER C 344 50.22 -17.55 -5.06
C SER C 344 50.31 -16.68 -6.31
N PHE C 345 50.40 -17.34 -7.46
CA PHE C 345 50.49 -16.66 -8.74
C PHE C 345 49.27 -15.76 -8.92
N TYR C 346 48.11 -16.31 -8.63
CA TYR C 346 46.86 -15.56 -8.76
C TYR C 346 46.83 -14.38 -7.79
N ILE C 347 46.98 -14.70 -6.52
CA ILE C 347 46.96 -13.69 -5.48
C ILE C 347 47.97 -12.56 -5.72
N GLN C 348 49.16 -12.91 -6.18
CA GLN C 348 50.19 -11.91 -6.44
C GLN C 348 49.81 -10.94 -7.55
N LYS C 349 49.10 -11.44 -8.57
CA LYS C 349 48.67 -10.58 -9.67
C LYS C 349 47.59 -9.59 -9.22
N VAL C 350 46.64 -10.04 -8.42
CA VAL C 350 45.56 -9.17 -7.91
C VAL C 350 46.20 -8.14 -6.95
N LEU C 351 47.19 -8.60 -6.19
CA LEU C 351 47.89 -7.73 -5.26
C LEU C 351 48.58 -6.60 -6.05
N ASP C 352 49.03 -6.90 -7.25
CA ASP C 352 49.69 -5.90 -8.09
C ASP C 352 48.67 -4.92 -8.62
N ILE C 353 47.48 -5.43 -8.91
CA ILE C 353 46.38 -4.63 -9.40
C ILE C 353 45.97 -3.61 -8.34
N ILE C 354 45.94 -4.04 -7.08
CA ILE C 354 45.55 -3.13 -6.00
C ILE C 354 46.62 -2.06 -5.81
N ALA C 355 47.88 -2.46 -5.88
CA ALA C 355 48.97 -1.51 -5.73
C ALA C 355 48.90 -0.46 -6.84
N THR C 356 48.65 -0.89 -8.07
CA THR C 356 48.61 0.06 -9.17
C THR C 356 47.45 1.05 -9.04
N ILE C 357 46.39 0.70 -8.29
CA ILE C 357 45.30 1.66 -8.09
C ILE C 357 45.44 2.38 -6.75
N ASN C 358 46.67 2.40 -6.24
N ASN C 358 46.66 2.40 -6.23
CA ASN C 358 46.99 3.11 -5.00
CA ASN C 358 46.98 3.08 -4.97
C ASN C 358 46.18 2.71 -3.75
C ASN C 358 46.18 2.71 -3.74
N LYS C 359 46.03 1.41 -3.52
CA LYS C 359 45.28 0.96 -2.35
C LYS C 359 46.12 -0.10 -1.66
N GLY C 360 45.87 -0.29 -0.36
CA GLY C 360 46.55 -1.31 0.41
C GLY C 360 45.71 -2.59 0.38
N SER C 361 46.28 -3.70 0.82
CA SER C 361 45.58 -4.97 0.81
C SER C 361 45.58 -5.72 2.12
N ILE C 362 44.46 -6.39 2.37
CA ILE C 362 44.32 -7.24 3.54
C ILE C 362 43.95 -8.61 2.96
N VAL C 363 44.53 -9.67 3.52
CA VAL C 363 44.25 -11.03 3.05
C VAL C 363 44.03 -11.97 4.22
N TRP C 364 43.21 -12.99 4.02
CA TRP C 364 43.02 -14.00 5.07
C TRP C 364 44.37 -14.76 5.12
N GLN C 365 44.69 -15.33 6.28
CA GLN C 365 45.98 -16.00 6.46
C GLN C 365 46.47 -17.07 5.48
N GLU C 366 45.58 -17.77 4.78
CA GLU C 366 46.05 -18.82 3.86
C GLU C 366 46.99 -18.25 2.81
N VAL C 367 46.72 -17.02 2.38
CA VAL C 367 47.53 -16.32 1.38
C VAL C 367 48.99 -16.29 1.83
N PHE C 368 49.19 -16.01 3.11
CA PHE C 368 50.51 -15.95 3.71
C PHE C 368 51.01 -17.37 3.99
N ASP C 369 50.15 -18.19 4.58
CA ASP C 369 50.47 -19.56 4.91
C ASP C 369 50.90 -20.38 3.69
N ASP C 370 50.34 -20.09 2.51
CA ASP C 370 50.71 -20.85 1.31
C ASP C 370 51.87 -20.27 0.51
N LYS C 371 52.63 -19.39 1.16
CA LYS C 371 53.85 -18.78 0.60
C LYS C 371 53.73 -17.78 -0.56
N ALA C 372 52.69 -16.95 -0.55
CA ALA C 372 52.56 -15.95 -1.60
C ALA C 372 53.56 -14.85 -1.25
N LYS C 373 54.03 -14.13 -2.26
CA LYS C 373 54.96 -13.03 -2.00
C LYS C 373 54.11 -11.80 -1.76
N LEU C 374 54.19 -11.27 -0.54
CA LEU C 374 53.39 -10.11 -0.17
C LEU C 374 54.20 -8.83 -0.17
N ALA C 375 53.59 -7.77 -0.70
CA ALA C 375 54.25 -6.48 -0.74
C ALA C 375 54.27 -5.91 0.66
N PRO C 376 55.30 -5.10 0.96
CA PRO C 376 55.39 -4.50 2.30
C PRO C 376 54.07 -3.74 2.58
N GLY C 377 53.55 -3.86 3.80
CA GLY C 377 52.35 -3.14 4.14
C GLY C 377 51.07 -3.95 4.06
N THR C 378 51.12 -5.10 3.39
CA THR C 378 49.97 -5.98 3.29
C THR C 378 49.64 -6.50 4.67
N ILE C 379 48.37 -6.38 5.05
CA ILE C 379 47.94 -6.85 6.36
C ILE C 379 47.40 -8.26 6.19
N VAL C 380 47.70 -9.12 7.17
CA VAL C 380 47.27 -10.51 7.17
C VAL C 380 46.29 -10.68 8.32
N GLU C 381 45.13 -11.26 8.03
CA GLU C 381 44.13 -11.46 9.07
C GLU C 381 44.11 -12.92 9.50
N VAL C 382 44.49 -13.16 10.74
CA VAL C 382 44.53 -14.51 11.30
C VAL C 382 43.18 -14.95 11.84
N TRP C 383 42.57 -15.90 11.16
CA TRP C 383 41.25 -16.37 11.57
C TRP C 383 41.13 -17.83 12.02
N LYS C 384 42.18 -18.63 11.82
CA LYS C 384 42.16 -20.04 12.22
C LYS C 384 42.55 -20.23 13.68
N ASP C 385 41.58 -20.71 14.45
CA ASP C 385 41.74 -20.92 15.88
C ASP C 385 42.84 -21.91 16.31
N SER C 386 43.21 -22.82 15.42
CA SER C 386 44.24 -23.82 15.75
C SER C 386 45.62 -23.17 15.87
N ALA C 387 46.10 -23.02 17.10
CA ALA C 387 47.41 -22.43 17.37
C ALA C 387 47.59 -21.02 16.75
N TYR C 388 46.57 -20.16 16.86
CA TYR C 388 46.71 -18.83 16.27
C TYR C 388 47.87 -18.04 16.86
N PRO C 389 48.22 -18.27 18.15
CA PRO C 389 49.33 -17.48 18.70
C PRO C 389 50.62 -17.70 17.89
N GLU C 390 50.84 -18.94 17.47
CA GLU C 390 52.02 -19.27 16.67
C GLU C 390 51.93 -18.53 15.35
N GLU C 391 50.74 -18.57 14.76
CA GLU C 391 50.47 -17.89 13.51
C GLU C 391 50.78 -16.39 13.67
N LEU C 392 50.35 -15.80 14.78
CA LEU C 392 50.63 -14.39 15.02
C LEU C 392 52.16 -14.14 15.00
N SER C 393 52.91 -15.02 15.66
CA SER C 393 54.38 -14.90 15.69
C SER C 393 54.97 -14.94 14.29
N ARG C 394 54.60 -15.95 13.51
CA ARG C 394 55.10 -16.10 12.15
C ARG C 394 54.87 -14.88 11.27
N VAL C 395 53.62 -14.40 11.21
CA VAL C 395 53.28 -13.24 10.40
C VAL C 395 54.06 -12.00 10.80
N THR C 396 54.05 -11.65 12.08
CA THR C 396 54.80 -10.48 12.52
C THR C 396 56.32 -10.71 12.32
N ALA C 397 56.77 -11.97 12.52
CA ALA C 397 58.19 -12.30 12.33
C ALA C 397 58.56 -12.00 10.90
N SER C 398 57.62 -12.21 9.99
CA SER C 398 57.88 -11.92 8.59
C SER C 398 57.75 -10.43 8.28
N GLY C 399 57.44 -9.65 9.31
CA GLY C 399 57.32 -8.20 9.17
C GLY C 399 56.01 -7.59 8.68
N PHE C 400 54.96 -8.38 8.60
CA PHE C 400 53.66 -7.88 8.14
C PHE C 400 52.72 -7.54 9.28
N PRO C 401 51.97 -6.44 9.13
CA PRO C 401 51.02 -6.07 10.20
C PRO C 401 49.98 -7.16 10.20
N VAL C 402 49.35 -7.39 11.34
CA VAL C 402 48.39 -8.48 11.45
C VAL C 402 47.15 -8.09 12.24
N ILE C 403 46.03 -8.72 11.89
CA ILE C 403 44.73 -8.49 12.56
C ILE C 403 44.21 -9.84 13.04
N LEU C 404 43.71 -9.90 14.27
CA LEU C 404 43.21 -11.17 14.80
C LEU C 404 41.68 -11.29 14.87
N SER C 405 41.16 -12.38 14.32
CA SER C 405 39.73 -12.66 14.37
C SER C 405 39.45 -14.08 14.91
N ALA C 406 40.45 -14.97 14.85
CA ALA C 406 40.32 -16.39 15.27
C ALA C 406 39.47 -16.76 16.48
N PRO C 407 39.69 -16.14 17.64
CA PRO C 407 38.89 -16.50 18.81
C PRO C 407 37.58 -15.72 18.93
N TRP C 408 37.26 -14.90 17.93
CA TRP C 408 36.04 -14.11 18.00
C TRP C 408 35.08 -14.32 16.82
N TYR C 409 34.70 -15.57 16.60
CA TYR C 409 33.76 -15.92 15.55
C TYR C 409 32.42 -15.94 16.31
N LEU C 410 31.78 -14.78 16.38
CA LEU C 410 30.52 -14.66 17.11
C LEU C 410 29.37 -15.42 16.48
N ASP C 411 29.56 -15.89 15.26
CA ASP C 411 28.52 -16.67 14.60
C ASP C 411 28.48 -18.06 15.20
N LEU C 412 29.58 -18.50 15.80
CA LEU C 412 29.62 -19.84 16.41
C LEU C 412 29.05 -19.73 17.81
N ILE C 413 27.72 -19.69 17.90
CA ILE C 413 27.03 -19.53 19.18
C ILE C 413 27.09 -20.77 20.06
N SER C 414 26.88 -20.57 21.36
CA SER C 414 26.86 -21.68 22.31
C SER C 414 26.04 -21.23 23.52
N TYR C 415 25.67 -22.17 24.38
CA TYR C 415 24.87 -21.86 25.55
C TYR C 415 25.58 -21.10 26.66
N GLY C 416 24.92 -20.07 27.20
CA GLY C 416 25.48 -19.33 28.31
C GLY C 416 26.27 -18.06 28.03
N GLN C 417 27.06 -17.68 29.02
CA GLN C 417 27.86 -16.46 28.94
C GLN C 417 29.16 -16.60 28.16
N ASP C 418 29.05 -16.85 26.85
CA ASP C 418 30.25 -16.96 26.04
C ASP C 418 30.93 -15.60 25.87
N TRP C 419 30.27 -14.52 26.30
CA TRP C 419 30.93 -13.22 26.20
C TRP C 419 32.22 -13.26 27.03
N ARG C 420 32.22 -14.10 28.07
CA ARG C 420 33.37 -14.21 28.95
C ARG C 420 34.63 -14.76 28.28
N LYS C 421 34.48 -15.73 27.39
CA LYS C 421 35.65 -16.26 26.71
C LYS C 421 36.20 -15.28 25.67
N TYR C 422 35.35 -14.44 25.09
CA TYR C 422 35.83 -13.46 24.11
C TYR C 422 36.57 -12.40 24.90
N TYR C 423 36.03 -12.08 26.06
CA TYR C 423 36.62 -11.07 26.92
C TYR C 423 37.99 -11.46 27.52
N LYS C 424 38.15 -12.73 27.85
CA LYS C 424 39.40 -13.22 28.46
C LYS C 424 40.60 -13.30 27.53
N VAL C 425 40.32 -13.30 26.23
CA VAL C 425 41.41 -13.33 25.25
C VAL C 425 42.37 -12.16 25.52
N GLU C 426 43.67 -12.46 25.43
CA GLU C 426 44.73 -11.47 25.59
C GLU C 426 45.52 -11.67 24.31
N PRO C 427 45.27 -10.84 23.29
CA PRO C 427 45.88 -10.84 21.96
C PRO C 427 47.40 -10.87 21.87
N LEU C 428 48.07 -10.09 22.71
CA LEU C 428 49.53 -10.05 22.66
C LEU C 428 50.22 -11.22 23.34
N ASP C 429 49.45 -12.24 23.74
CA ASP C 429 50.06 -13.40 24.37
C ASP C 429 50.54 -14.39 23.31
N PHE C 430 51.57 -13.99 22.58
CA PHE C 430 52.19 -14.85 21.57
C PHE C 430 53.69 -14.53 21.60
N GLY C 431 54.48 -15.38 20.96
CA GLY C 431 55.92 -15.17 20.99
C GLY C 431 56.50 -14.15 20.05
N GLY C 432 56.97 -13.02 20.59
CA GLY C 432 57.56 -12.01 19.74
C GLY C 432 58.17 -10.80 20.43
N THR C 433 59.02 -10.09 19.69
CA THR C 433 59.68 -8.88 20.19
C THR C 433 58.69 -7.72 20.34
N GLN C 434 59.18 -6.64 20.94
CA GLN C 434 58.40 -5.43 21.13
C GLN C 434 57.98 -4.92 19.75
N LYS C 435 58.90 -5.04 18.79
CA LYS C 435 58.66 -4.62 17.42
C LYS C 435 57.59 -5.48 16.76
N GLN C 436 57.63 -6.79 17.03
CA GLN C 436 56.63 -7.70 16.48
C GLN C 436 55.25 -7.35 17.03
N LYS C 437 55.19 -7.12 18.34
CA LYS C 437 53.93 -6.79 18.99
C LYS C 437 53.37 -5.52 18.34
N GLN C 438 54.26 -4.64 17.89
CA GLN C 438 53.87 -3.40 17.23
C GLN C 438 53.17 -3.67 15.89
N LEU C 439 53.49 -4.79 15.26
CA LEU C 439 52.84 -5.13 13.99
C LEU C 439 51.41 -5.66 14.21
N PHE C 440 51.05 -5.92 15.48
CA PHE C 440 49.72 -6.38 15.81
C PHE C 440 48.84 -5.13 15.88
N ILE C 441 48.01 -4.90 14.87
CA ILE C 441 47.19 -3.69 14.87
C ILE C 441 45.78 -3.80 15.43
N GLY C 442 45.32 -5.01 15.71
CA GLY C 442 43.99 -5.14 16.27
C GLY C 442 43.28 -6.41 15.85
N GLY C 443 41.94 -6.38 15.95
CA GLY C 443 41.16 -7.53 15.60
C GLY C 443 39.74 -7.23 15.18
N GLU C 444 38.99 -8.29 14.92
CA GLU C 444 37.61 -8.17 14.50
C GLU C 444 36.77 -9.27 15.11
N ALA C 445 35.53 -8.93 15.43
CA ALA C 445 34.56 -9.88 15.96
C ALA C 445 33.77 -10.16 14.69
N CYS C 446 33.69 -11.42 14.29
CA CYS C 446 33.00 -11.76 13.07
C CYS C 446 31.64 -12.43 13.23
N LEU C 447 30.66 -11.97 12.46
CA LEU C 447 29.35 -12.59 12.51
C LEU C 447 29.03 -13.07 11.10
N TRP C 448 29.54 -14.25 10.76
CA TRP C 448 29.29 -14.80 9.44
C TRP C 448 27.79 -14.99 9.26
N GLY C 449 27.30 -14.91 8.04
CA GLY C 449 25.87 -14.96 7.83
C GLY C 449 25.05 -16.19 7.52
N GLU C 450 25.65 -17.38 7.55
CA GLU C 450 24.90 -18.59 7.23
C GLU C 450 23.56 -18.71 7.99
N TYR C 451 23.58 -18.37 9.27
CA TYR C 451 22.38 -18.49 10.10
C TYR C 451 21.90 -17.15 10.64
N VAL C 452 22.34 -16.08 9.98
CA VAL C 452 22.01 -14.73 10.43
C VAL C 452 21.43 -13.80 9.38
N ASP C 453 20.33 -13.13 9.74
CA ASP C 453 19.73 -12.11 8.89
C ASP C 453 19.12 -11.04 9.79
N ALA C 454 18.32 -10.14 9.23
CA ALA C 454 17.75 -9.06 10.03
C ALA C 454 16.89 -9.50 11.22
N THR C 455 16.34 -10.71 11.20
CA THR C 455 15.52 -11.17 12.31
C THR C 455 16.33 -11.51 13.57
N ASN C 456 17.62 -11.80 13.43
CA ASN C 456 18.40 -12.19 14.60
C ASN C 456 19.79 -11.57 14.75
N LEU C 457 20.23 -10.80 13.76
CA LEU C 457 21.56 -10.20 13.83
C LEU C 457 21.88 -9.40 15.09
N THR C 458 21.08 -8.38 15.39
CA THR C 458 21.35 -7.54 16.55
C THR C 458 21.50 -8.24 17.91
N PRO C 459 20.51 -9.06 18.30
CA PRO C 459 20.61 -9.77 19.59
C PRO C 459 21.82 -10.73 19.65
N ARG C 460 22.14 -11.38 18.54
CA ARG C 460 23.28 -12.30 18.52
C ARG C 460 24.59 -11.53 18.60
N LEU C 461 24.65 -10.38 17.92
CA LEU C 461 25.85 -9.58 17.88
C LEU C 461 26.16 -8.84 19.18
N TRP C 462 25.14 -8.27 19.82
CA TRP C 462 25.33 -7.48 21.04
C TRP C 462 24.60 -8.13 22.22
N PRO C 463 25.20 -8.07 23.43
CA PRO C 463 26.48 -7.44 23.78
C PRO C 463 27.72 -8.32 23.63
N ARG C 464 27.60 -9.47 22.99
CA ARG C 464 28.76 -10.33 22.87
C ARG C 464 29.94 -9.58 22.22
N ALA C 465 29.69 -8.91 21.09
CA ALA C 465 30.79 -8.18 20.43
C ALA C 465 31.38 -7.12 21.37
N SER C 466 30.59 -6.64 22.33
CA SER C 466 31.05 -5.64 23.28
C SER C 466 32.25 -6.17 24.09
N ALA C 467 32.30 -7.49 24.30
CA ALA C 467 33.41 -8.09 25.05
C ALA C 467 34.69 -7.80 24.27
N VAL C 468 34.62 -8.06 22.96
CA VAL C 468 35.76 -7.80 22.08
C VAL C 468 36.10 -6.32 22.10
N GLY C 469 35.06 -5.49 21.99
CA GLY C 469 35.24 -4.05 22.02
C GLY C 469 36.12 -3.58 23.18
N GLU C 470 35.82 -4.02 24.41
CA GLU C 470 36.64 -3.59 25.56
C GLU C 470 38.09 -4.14 25.49
N ARG C 471 38.24 -5.39 25.07
CA ARG C 471 39.56 -5.99 24.96
C ARG C 471 40.42 -5.25 23.92
N LEU C 472 39.81 -4.75 22.86
CA LEU C 472 40.57 -4.03 21.83
C LEU C 472 40.78 -2.56 22.20
N TRP C 473 39.91 -1.99 23.01
CA TRP C 473 40.10 -0.59 23.38
C TRP C 473 40.84 -0.37 24.69
N SER C 474 40.40 -1.04 25.75
CA SER C 474 40.97 -0.89 27.08
C SER C 474 42.37 -1.48 27.28
N SER C 475 43.06 -0.96 28.30
CA SER C 475 44.41 -1.43 28.60
C SER C 475 44.37 -2.90 28.99
N LYS C 476 45.48 -3.58 28.75
CA LYS C 476 45.65 -5.01 29.02
C LYS C 476 45.25 -5.52 30.41
N ASP C 477 45.54 -4.73 31.45
N ASP C 477 45.54 -4.74 31.46
CA ASP C 477 45.23 -5.13 32.83
CA ASP C 477 45.23 -5.14 32.83
C ASP C 477 43.77 -5.03 33.25
C ASP C 477 43.77 -5.05 33.25
N VAL C 478 42.90 -4.57 32.36
CA VAL C 478 41.47 -4.48 32.70
C VAL C 478 40.91 -5.87 32.43
N ARG C 479 40.74 -6.65 33.48
CA ARG C 479 40.27 -8.02 33.31
C ARG C 479 39.41 -8.59 34.43
N ASP C 480 39.07 -7.78 35.42
CA ASP C 480 38.26 -8.28 36.51
C ASP C 480 36.87 -8.66 35.99
N MET C 481 36.55 -9.95 36.03
CA MET C 481 35.27 -10.45 35.55
C MET C 481 34.03 -9.90 36.25
N ASP C 482 34.07 -9.75 37.57
CA ASP C 482 32.92 -9.22 38.28
C ASP C 482 32.64 -7.79 37.85
N ASP C 483 33.70 -6.99 37.73
CA ASP C 483 33.54 -5.61 37.32
C ASP C 483 33.06 -5.53 35.86
N ALA C 484 33.54 -6.44 35.03
CA ALA C 484 33.15 -6.45 33.63
C ALA C 484 31.65 -6.74 33.58
N TYR C 485 31.25 -7.81 34.25
CA TYR C 485 29.85 -8.21 34.30
C TYR C 485 28.95 -7.07 34.74
N ASP C 486 29.34 -6.41 35.81
CA ASP C 486 28.56 -5.31 36.34
C ASP C 486 28.43 -4.16 35.34
N ARG C 487 29.52 -3.73 34.74
CA ARG C 487 29.49 -2.63 33.77
C ARG C 487 28.80 -3.04 32.46
N LEU C 488 29.00 -4.30 32.04
CA LEU C 488 28.42 -4.81 30.81
C LEU C 488 26.89 -4.91 30.86
N THR C 489 26.35 -5.45 31.96
CA THR C 489 24.91 -5.58 32.07
C THR C 489 24.28 -4.19 31.97
N ARG C 490 24.91 -3.20 32.60
CA ARG C 490 24.39 -1.84 32.56
C ARG C 490 24.57 -1.20 31.19
N HIS C 491 25.70 -1.47 30.54
CA HIS C 491 25.98 -0.94 29.21
C HIS C 491 24.96 -1.55 28.23
N ARG C 492 24.62 -2.81 28.47
CA ARG C 492 23.66 -3.52 27.63
C ARG C 492 22.28 -2.89 27.78
N CYS C 493 21.87 -2.61 29.03
CA CYS C 493 20.58 -1.95 29.24
C CYS C 493 20.62 -0.59 28.49
N ARG C 494 21.75 0.10 28.58
CA ARG C 494 21.90 1.39 27.91
C ARG C 494 21.72 1.24 26.39
N MET C 495 22.22 0.14 25.84
CA MET C 495 22.07 -0.09 24.41
C MET C 495 20.60 -0.30 24.04
N VAL C 496 19.88 -1.04 24.88
CA VAL C 496 18.47 -1.29 24.64
C VAL C 496 17.73 0.04 24.63
N GLU C 497 17.97 0.87 25.65
CA GLU C 497 17.34 2.18 25.72
C GLU C 497 17.58 2.98 24.45
N ARG C 498 18.76 2.81 23.85
CA ARG C 498 19.07 3.54 22.62
C ARG C 498 18.57 2.83 21.37
N GLY C 499 17.68 1.85 21.53
CA GLY C 499 17.15 1.17 20.36
C GLY C 499 17.95 -0.01 19.81
N ILE C 500 18.91 -0.53 20.56
CA ILE C 500 19.68 -1.69 20.09
C ILE C 500 19.20 -2.93 20.85
N ALA C 501 18.51 -3.85 20.17
CA ALA C 501 18.00 -5.04 20.85
C ALA C 501 19.10 -6.01 21.34
N ALA C 502 20.00 -5.54 22.20
CA ALA C 502 21.09 -6.36 22.72
C ALA C 502 20.52 -7.40 23.68
N GLN C 503 20.88 -8.67 23.50
CA GLN C 503 20.36 -9.72 24.36
C GLN C 503 20.89 -9.67 25.80
N PRO C 504 20.21 -10.35 26.73
CA PRO C 504 20.66 -10.33 28.12
C PRO C 504 21.93 -11.16 28.39
N LEU C 505 22.67 -10.76 29.43
CA LEU C 505 23.88 -11.49 29.82
C LEU C 505 23.49 -12.66 30.70
N TYR C 506 22.46 -12.44 31.51
CA TYR C 506 21.97 -13.46 32.43
C TYR C 506 20.65 -12.94 32.99
N ALA C 507 20.04 -13.70 33.90
CA ALA C 507 18.77 -13.31 34.49
C ALA C 507 18.84 -11.88 35.06
N GLY C 508 17.73 -11.17 35.02
CA GLY C 508 17.71 -9.80 35.52
C GLY C 508 16.68 -8.96 34.79
N TYR C 509 16.83 -7.64 34.88
CA TYR C 509 15.91 -6.72 34.21
C TYR C 509 16.60 -5.38 33.98
N CYS C 510 15.93 -4.48 33.28
CA CYS C 510 16.46 -3.14 33.04
C CYS C 510 15.45 -2.10 33.53
N ASN C 511 15.92 -0.98 34.09
CA ASN C 511 15.05 0.09 34.58
C ASN C 511 14.55 0.94 33.41
N HIS C 512 13.58 0.44 32.66
CA HIS C 512 13.06 1.20 31.52
C HIS C 512 12.08 2.30 31.87
N GLU C 513 10.96 1.97 32.34
N PRO D 13 1.92 -23.36 -0.82
CA PRO D 13 1.63 -24.80 -0.95
C PRO D 13 2.53 -25.56 0.02
N ALA D 14 3.14 -24.81 0.94
CA ALA D 14 4.02 -25.37 1.96
C ALA D 14 3.21 -25.57 3.23
N LEU D 15 2.97 -26.84 3.56
CA LEU D 15 2.18 -27.20 4.74
C LEU D 15 3.08 -27.55 5.90
N TRP D 16 2.73 -27.03 7.06
CA TRP D 16 3.49 -27.31 8.27
C TRP D 16 2.66 -26.99 9.50
N PRO D 17 2.41 -27.99 10.36
CA PRO D 17 2.85 -29.39 10.18
C PRO D 17 2.19 -30.06 8.96
N LEU D 18 2.89 -31.02 8.37
CA LEU D 18 2.35 -31.77 7.24
C LEU D 18 1.12 -32.55 7.75
N PRO D 19 -0.07 -32.31 7.15
CA PRO D 19 -1.32 -32.97 7.53
C PRO D 19 -1.26 -34.49 7.45
N LEU D 20 -2.15 -35.15 8.19
CA LEU D 20 -2.18 -36.62 8.21
C LEU D 20 -2.34 -37.18 6.80
N SER D 21 -3.34 -36.73 6.06
CA SER D 21 -3.57 -37.19 4.70
C SER D 21 -3.75 -36.01 3.77
N VAL D 22 -3.00 -35.98 2.68
CA VAL D 22 -3.08 -34.89 1.71
C VAL D 22 -3.28 -35.41 0.29
N LYS D 23 -4.37 -35.03 -0.36
CA LYS D 23 -4.62 -35.45 -1.71
C LYS D 23 -4.78 -34.20 -2.57
N MET D 24 -3.70 -33.88 -3.26
CA MET D 24 -3.63 -32.69 -4.10
C MET D 24 -3.83 -33.02 -5.56
N THR D 25 -4.52 -32.15 -6.29
CA THR D 25 -4.71 -32.35 -7.72
C THR D 25 -4.01 -31.17 -8.39
N PRO D 26 -3.86 -31.20 -9.72
CA PRO D 26 -3.18 -30.07 -10.37
C PRO D 26 -4.16 -29.05 -10.96
N ASN D 27 -5.41 -29.11 -10.53
CA ASN D 27 -6.43 -28.18 -11.00
C ASN D 27 -6.35 -26.92 -10.13
N LEU D 28 -6.10 -25.78 -10.76
CA LEU D 28 -5.97 -24.54 -10.03
C LEU D 28 -7.29 -23.77 -9.93
N LEU D 29 -7.57 -23.29 -8.71
CA LEU D 29 -8.77 -22.50 -8.46
C LEU D 29 -8.30 -21.11 -8.02
N HIS D 30 -9.17 -20.11 -8.10
CA HIS D 30 -8.78 -18.76 -7.72
C HIS D 30 -9.71 -18.05 -6.75
N LEU D 31 -9.14 -17.14 -5.97
CA LEU D 31 -9.93 -16.39 -4.99
C LEU D 31 -9.87 -14.89 -5.23
N ALA D 32 -11.01 -14.24 -5.07
CA ALA D 32 -11.11 -12.79 -5.23
C ALA D 32 -11.16 -12.17 -3.82
N PRO D 33 -10.09 -11.47 -3.42
CA PRO D 33 -9.99 -10.84 -2.11
C PRO D 33 -11.27 -10.17 -1.63
N GLU D 34 -11.84 -9.31 -2.48
CA GLU D 34 -13.06 -8.60 -2.15
C GLU D 34 -14.33 -9.44 -2.31
N ASN D 35 -14.19 -10.64 -2.84
CA ASN D 35 -15.37 -11.48 -3.05
C ASN D 35 -15.14 -12.93 -2.60
N PHE D 36 -14.62 -13.08 -1.40
CA PHE D 36 -14.37 -14.40 -0.87
C PHE D 36 -14.86 -14.46 0.57
N TYR D 37 -15.77 -15.37 0.86
CA TYR D 37 -16.30 -15.45 2.21
C TYR D 37 -15.96 -16.73 2.97
N ILE D 38 -15.75 -16.58 4.27
CA ILE D 38 -15.51 -17.73 5.15
C ILE D 38 -16.80 -17.61 5.96
N SER D 39 -17.70 -18.56 5.77
CA SER D 39 -18.98 -18.51 6.44
C SER D 39 -19.35 -19.79 7.16
N HIS D 40 -20.39 -19.67 7.97
CA HIS D 40 -20.93 -20.79 8.71
C HIS D 40 -21.83 -21.52 7.72
N SER D 41 -21.59 -22.81 7.57
CA SER D 41 -22.41 -23.63 6.71
C SER D 41 -23.77 -23.66 7.38
N PRO D 42 -24.85 -23.75 6.59
CA PRO D 42 -26.19 -23.79 7.19
C PRO D 42 -26.45 -25.02 8.07
N ASN D 43 -25.67 -26.09 7.88
N ASN D 43 -25.68 -26.10 7.88
CA ASN D 43 -25.87 -27.30 8.69
CA ASN D 43 -25.89 -27.28 8.71
C ASN D 43 -25.00 -27.32 9.95
C ASN D 43 -24.91 -27.38 9.88
N SER D 44 -24.24 -26.27 10.18
CA SER D 44 -23.32 -26.23 11.31
C SER D 44 -23.97 -26.09 12.69
N THR D 45 -23.35 -26.68 13.71
CA THR D 45 -23.89 -26.53 15.06
C THR D 45 -23.50 -25.15 15.58
N ALA D 46 -22.71 -24.41 14.81
CA ALA D 46 -22.28 -23.06 15.21
C ALA D 46 -22.79 -22.03 14.19
N GLY D 47 -22.88 -20.79 14.65
CA GLY D 47 -23.34 -19.69 13.83
C GLY D 47 -22.69 -18.39 14.27
N PRO D 48 -23.18 -17.24 13.77
CA PRO D 48 -22.65 -15.91 14.09
C PRO D 48 -22.45 -15.61 15.58
N SER D 49 -23.28 -16.23 16.43
CA SER D 49 -23.16 -16.02 17.87
C SER D 49 -21.86 -16.64 18.45
N CYS D 50 -21.14 -17.43 17.66
CA CYS D 50 -19.89 -18.05 18.14
C CYS D 50 -18.73 -17.09 17.93
N THR D 51 -18.36 -16.36 18.98
CA THR D 51 -17.27 -15.39 18.88
C THR D 51 -15.93 -15.96 18.44
N LEU D 52 -15.59 -17.14 18.92
CA LEU D 52 -14.32 -17.73 18.56
C LEU D 52 -14.23 -17.95 17.02
N LEU D 53 -15.30 -18.46 16.42
CA LEU D 53 -15.23 -18.66 14.97
C LEU D 53 -15.30 -17.34 14.20
N GLU D 54 -16.19 -16.45 14.62
CA GLU D 54 -16.30 -15.15 13.95
C GLU D 54 -14.95 -14.44 13.92
N GLU D 55 -14.27 -14.39 15.07
CA GLU D 55 -12.96 -13.74 15.14
C GLU D 55 -11.97 -14.45 14.23
N ALA D 56 -11.96 -15.78 14.27
CA ALA D 56 -11.03 -16.54 13.46
C ALA D 56 -11.29 -16.40 11.95
N PHE D 57 -12.55 -16.32 11.52
CA PHE D 57 -12.86 -16.18 10.08
C PHE D 57 -12.21 -14.88 9.57
N ARG D 58 -12.40 -13.83 10.35
CA ARG D 58 -11.89 -12.49 10.06
C ARG D 58 -10.35 -12.48 10.06
N ARG D 59 -9.77 -13.09 11.08
CA ARG D 59 -8.33 -13.14 11.25
C ARG D 59 -7.68 -13.83 10.04
N TYR D 60 -8.25 -14.97 9.64
CA TYR D 60 -7.69 -15.68 8.53
C TYR D 60 -7.97 -15.02 7.17
N HIS D 61 -9.04 -14.25 7.09
CA HIS D 61 -9.28 -13.55 5.83
C HIS D 61 -8.09 -12.60 5.66
N GLY D 62 -7.70 -11.96 6.76
CA GLY D 62 -6.57 -11.04 6.72
C GLY D 62 -5.26 -11.72 6.40
N TYR D 63 -5.02 -12.89 6.95
CA TYR D 63 -3.79 -13.63 6.67
C TYR D 63 -3.71 -14.13 5.22
N ILE D 64 -4.83 -14.58 4.66
CA ILE D 64 -4.86 -15.11 3.29
C ILE D 64 -4.60 -14.04 2.23
N PHE D 65 -5.19 -12.86 2.42
CA PHE D 65 -5.03 -11.80 1.45
C PHE D 65 -4.19 -10.65 2.00
N GLY D 66 -3.07 -10.99 2.65
CA GLY D 66 -2.19 -9.98 3.23
C GLY D 66 -2.92 -9.02 4.14
N THR D 81 -14.00 -21.78 -12.16
CA THR D 81 -12.59 -21.77 -11.69
C THR D 81 -12.43 -21.05 -10.35
N GLN D 82 -13.42 -20.24 -10.00
CA GLN D 82 -13.37 -19.47 -8.77
C GLN D 82 -13.98 -20.13 -7.53
N VAL D 83 -13.20 -20.13 -6.44
CA VAL D 83 -13.71 -20.65 -5.18
C VAL D 83 -14.25 -19.36 -4.56
N GLN D 84 -15.57 -19.22 -4.50
CA GLN D 84 -16.12 -17.99 -3.96
C GLN D 84 -16.42 -18.02 -2.48
N GLN D 85 -16.19 -19.17 -1.83
CA GLN D 85 -16.49 -19.25 -0.42
C GLN D 85 -15.91 -20.49 0.27
N LEU D 86 -15.66 -20.36 1.57
CA LEU D 86 -15.18 -21.49 2.38
C LEU D 86 -16.25 -21.65 3.45
N LEU D 87 -16.97 -22.77 3.37
CA LEU D 87 -18.03 -23.03 4.34
C LEU D 87 -17.44 -23.78 5.51
N VAL D 88 -17.79 -23.35 6.72
CA VAL D 88 -17.29 -24.00 7.92
C VAL D 88 -18.43 -24.66 8.66
N SER D 89 -18.35 -25.97 8.80
CA SER D 89 -19.40 -26.73 9.44
C SER D 89 -18.92 -27.51 10.65
N ILE D 90 -19.44 -27.14 11.83
CA ILE D 90 -19.11 -27.86 13.05
C ILE D 90 -20.17 -28.96 13.17
N THR D 91 -19.71 -30.20 13.29
CA THR D 91 -20.61 -31.35 13.32
C THR D 91 -21.27 -31.69 14.64
N LEU D 92 -20.52 -31.63 15.74
CA LEU D 92 -21.05 -31.94 17.07
C LEU D 92 -21.21 -30.64 17.87
N GLN D 93 -21.63 -30.75 19.13
CA GLN D 93 -21.80 -29.55 19.95
C GLN D 93 -20.48 -28.80 19.79
N SER D 94 -20.55 -27.54 19.35
CA SER D 94 -19.34 -26.79 19.03
C SER D 94 -18.28 -26.49 20.09
N GLU D 95 -18.68 -26.29 21.34
CA GLU D 95 -17.72 -25.96 22.41
C GLU D 95 -17.15 -24.57 22.19
N CYS D 96 -17.85 -23.77 21.40
N CYS D 96 -17.85 -23.77 21.40
CA CYS D 96 -17.41 -22.42 21.08
CA CYS D 96 -17.42 -22.43 21.07
C CYS D 96 -17.05 -21.56 22.28
C CYS D 96 -17.07 -21.54 22.27
N ASP D 97 -17.76 -21.72 23.39
CA ASP D 97 -17.48 -20.91 24.56
C ASP D 97 -16.68 -21.61 25.63
N ALA D 98 -16.27 -22.83 25.38
CA ALA D 98 -15.51 -23.55 26.38
C ALA D 98 -14.00 -23.26 26.25
N PHE D 99 -13.26 -23.72 27.24
CA PHE D 99 -11.81 -23.62 27.21
C PHE D 99 -11.36 -25.00 26.72
N PRO D 100 -10.31 -25.03 25.91
CA PRO D 100 -9.86 -26.34 25.43
C PRO D 100 -9.23 -27.16 26.56
N ASN D 101 -9.23 -28.48 26.41
CA ASN D 101 -8.61 -29.33 27.39
C ASN D 101 -7.91 -30.44 26.61
N ILE D 102 -7.20 -31.32 27.31
CA ILE D 102 -6.46 -32.40 26.68
C ILE D 102 -7.36 -33.33 25.83
N SER D 103 -8.64 -33.42 26.16
CA SER D 103 -9.59 -34.27 25.44
C SER D 103 -10.19 -33.63 24.18
N SER D 104 -9.95 -32.35 23.98
CA SER D 104 -10.52 -31.64 22.83
C SER D 104 -10.17 -32.24 21.48
N ASP D 105 -11.20 -32.43 20.67
CA ASP D 105 -11.09 -33.00 19.33
C ASP D 105 -10.59 -31.94 18.35
N GLU D 106 -9.39 -32.11 17.81
CA GLU D 106 -8.81 -31.13 16.88
C GLU D 106 -8.82 -31.59 15.43
N SER D 107 -9.54 -32.68 15.17
CA SER D 107 -9.61 -33.26 13.82
C SER D 107 -10.45 -32.38 12.91
N TYR D 108 -10.21 -32.47 11.60
CA TYR D 108 -10.99 -31.70 10.65
C TYR D 108 -10.81 -32.27 9.26
N THR D 109 -11.65 -31.81 8.35
CA THR D 109 -11.59 -32.25 6.95
C THR D 109 -11.68 -31.02 6.06
N LEU D 110 -10.76 -30.91 5.10
CA LEU D 110 -10.76 -29.78 4.17
C LEU D 110 -11.02 -30.27 2.75
N LEU D 111 -12.10 -29.79 2.16
CA LEU D 111 -12.41 -30.14 0.79
C LEU D 111 -12.36 -28.86 -0.02
N VAL D 112 -11.27 -28.70 -0.76
CA VAL D 112 -11.06 -27.53 -1.60
C VAL D 112 -11.50 -27.82 -3.03
N LYS D 113 -12.60 -27.21 -3.43
CA LYS D 113 -13.18 -27.40 -4.75
C LYS D 113 -14.00 -26.15 -5.05
N GLU D 114 -14.40 -25.98 -6.30
CA GLU D 114 -15.22 -24.84 -6.68
C GLU D 114 -16.61 -25.42 -6.89
N PRO D 115 -17.66 -24.60 -6.74
CA PRO D 115 -17.64 -23.18 -6.37
C PRO D 115 -17.43 -22.88 -4.85
N VAL D 116 -17.71 -23.87 -4.00
CA VAL D 116 -17.59 -23.70 -2.55
C VAL D 116 -16.72 -24.75 -1.87
N ALA D 117 -15.65 -24.30 -1.22
CA ALA D 117 -14.78 -25.22 -0.51
C ALA D 117 -15.41 -25.50 0.85
N VAL D 118 -15.13 -26.65 1.45
CA VAL D 118 -15.73 -26.97 2.74
C VAL D 118 -14.75 -27.38 3.82
N LEU D 119 -14.88 -26.78 5.00
CA LEU D 119 -14.06 -27.14 6.14
C LEU D 119 -15.01 -27.75 7.14
N LYS D 120 -14.79 -29.02 7.46
CA LYS D 120 -15.64 -29.76 8.37
C LYS D 120 -14.84 -30.24 9.59
N ALA D 121 -15.44 -30.09 10.76
CA ALA D 121 -14.78 -30.51 11.99
C ALA D 121 -15.79 -30.81 13.06
N ASN D 122 -15.53 -31.83 13.87
CA ASN D 122 -16.44 -32.14 14.96
C ASN D 122 -16.63 -30.99 15.93
N ARG D 123 -15.56 -30.22 16.18
CA ARG D 123 -15.61 -29.11 17.13
C ARG D 123 -14.88 -27.87 16.62
N VAL D 124 -15.10 -26.72 17.27
CA VAL D 124 -14.45 -25.48 16.86
C VAL D 124 -12.93 -25.63 16.86
N TRP D 125 -12.41 -26.50 17.72
CA TRP D 125 -10.97 -26.70 17.81
C TRP D 125 -10.38 -27.19 16.50
N GLY D 126 -11.08 -28.11 15.84
CA GLY D 126 -10.58 -28.61 14.57
C GLY D 126 -10.75 -27.56 13.49
N ALA D 127 -11.77 -26.71 13.61
CA ALA D 127 -11.98 -25.69 12.60
C ALA D 127 -10.80 -24.71 12.67
N LEU D 128 -10.37 -24.38 13.88
CA LEU D 128 -9.24 -23.48 14.04
C LEU D 128 -8.03 -24.05 13.29
N ARG D 129 -7.73 -25.33 13.52
CA ARG D 129 -6.59 -25.95 12.87
C ARG D 129 -6.78 -26.01 11.35
N GLY D 130 -8.03 -26.21 10.93
CA GLY D 130 -8.32 -26.29 9.51
C GLY D 130 -8.19 -24.96 8.81
N LEU D 131 -8.45 -23.86 9.52
CA LEU D 131 -8.35 -22.55 8.90
C LEU D 131 -6.89 -22.25 8.62
N GLU D 132 -6.03 -22.64 9.54
CA GLU D 132 -4.59 -22.42 9.37
C GLU D 132 -4.09 -23.21 8.16
N THR D 133 -4.51 -24.48 8.07
CA THR D 133 -4.08 -25.32 6.95
C THR D 133 -4.52 -24.70 5.63
N PHE D 134 -5.78 -24.29 5.57
CA PHE D 134 -6.33 -23.66 4.38
C PHE D 134 -5.49 -22.43 3.97
N SER D 135 -5.16 -21.59 4.94
CA SER D 135 -4.36 -20.39 4.67
C SER D 135 -2.98 -20.77 4.13
N GLN D 136 -2.48 -21.94 4.51
CA GLN D 136 -1.17 -22.33 4.00
C GLN D 136 -1.28 -22.84 2.56
N LEU D 137 -2.49 -23.26 2.18
CA LEU D 137 -2.74 -23.80 0.86
C LEU D 137 -2.86 -22.72 -0.21
N VAL D 138 -3.34 -21.54 0.20
CA VAL D 138 -3.51 -20.43 -0.72
C VAL D 138 -2.17 -19.73 -0.99
N TYR D 139 -1.97 -19.33 -2.25
CA TYR D 139 -0.74 -18.64 -2.60
C TYR D 139 -1.02 -17.74 -3.79
N GLN D 140 -0.04 -16.92 -4.13
CA GLN D 140 -0.15 -16.04 -5.28
C GLN D 140 0.75 -16.58 -6.35
N ASP D 141 0.25 -16.65 -7.59
CA ASP D 141 1.08 -17.14 -8.68
C ASP D 141 1.96 -16.00 -9.17
N SER D 142 2.62 -16.23 -10.30
CA SER D 142 3.55 -15.27 -10.89
C SER D 142 2.99 -13.87 -11.19
N TYR D 143 1.68 -13.76 -11.38
CA TYR D 143 1.08 -12.47 -11.66
C TYR D 143 0.32 -11.89 -10.48
N GLY D 144 0.52 -12.48 -9.32
CA GLY D 144 -0.15 -12.02 -8.11
C GLY D 144 -1.55 -12.59 -7.86
N THR D 145 -2.04 -13.41 -8.79
CA THR D 145 -3.38 -14.01 -8.71
C THR D 145 -3.52 -14.97 -7.52
N PHE D 146 -4.50 -14.73 -6.65
CA PHE D 146 -4.67 -15.63 -5.52
C PHE D 146 -5.12 -16.99 -6.04
N THR D 147 -4.35 -18.02 -5.70
CA THR D 147 -4.59 -19.36 -6.19
C THR D 147 -4.58 -20.44 -5.12
N ILE D 148 -5.28 -21.52 -5.42
CA ILE D 148 -5.32 -22.69 -4.55
C ILE D 148 -5.61 -23.93 -5.40
N ASN D 149 -4.89 -25.00 -5.11
CA ASN D 149 -5.07 -26.25 -5.83
C ASN D 149 -6.26 -27.03 -5.29
N GLU D 150 -7.07 -27.57 -6.19
CA GLU D 150 -8.19 -28.41 -5.76
C GLU D 150 -7.53 -29.52 -4.94
N SER D 151 -8.11 -29.83 -3.78
CA SER D 151 -7.51 -30.84 -2.90
C SER D 151 -8.42 -31.31 -1.77
N THR D 152 -7.98 -32.37 -1.09
CA THR D 152 -8.72 -32.92 0.02
C THR D 152 -7.73 -33.22 1.13
N ILE D 153 -8.03 -32.71 2.32
CA ILE D 153 -7.18 -32.91 3.49
C ILE D 153 -8.03 -33.50 4.59
N ILE D 154 -7.49 -34.53 5.24
CA ILE D 154 -8.16 -35.17 6.37
C ILE D 154 -7.02 -35.10 7.37
N ASP D 155 -7.24 -34.47 8.51
CA ASP D 155 -6.16 -34.26 9.46
C ASP D 155 -6.56 -34.39 10.93
N SER D 156 -5.58 -34.76 11.76
CA SER D 156 -5.80 -34.89 13.20
C SER D 156 -4.41 -35.04 13.79
N PRO D 157 -4.20 -34.57 15.03
CA PRO D 157 -2.91 -34.64 15.73
C PRO D 157 -2.44 -36.00 16.22
N ARG D 158 -1.14 -36.23 16.14
CA ARG D 158 -0.58 -37.49 16.62
C ARG D 158 -0.67 -37.49 18.14
N PHE D 159 -0.29 -36.38 18.76
CA PHE D 159 -0.34 -36.26 20.21
C PHE D 159 -1.23 -35.08 20.60
N SER D 160 -1.85 -35.17 21.77
CA SER D 160 -2.75 -34.15 22.25
C SER D 160 -2.14 -33.04 23.08
N HIS D 161 -1.02 -33.30 23.73
CA HIS D 161 -0.38 -32.24 24.49
C HIS D 161 0.82 -31.81 23.66
N ARG D 162 0.76 -30.58 23.15
CA ARG D 162 1.82 -30.05 22.31
C ARG D 162 2.14 -28.65 22.86
N GLY D 163 3.16 -28.57 23.71
CA GLY D 163 3.45 -27.30 24.34
C GLY D 163 4.74 -26.54 24.15
N ILE D 164 4.69 -25.30 24.61
CA ILE D 164 5.82 -24.40 24.59
C ILE D 164 5.86 -23.93 26.03
N LEU D 165 7.06 -23.95 26.61
CA LEU D 165 7.25 -23.50 27.97
C LEU D 165 7.98 -22.16 27.89
N ILE D 166 7.44 -21.15 28.55
CA ILE D 166 8.11 -19.88 28.59
C ILE D 166 8.40 -19.64 30.07
N ASP D 167 9.40 -18.82 30.33
CA ASP D 167 9.87 -18.52 31.66
C ASP D 167 9.75 -17.00 31.86
N THR D 168 8.87 -16.55 32.74
CA THR D 168 8.75 -15.12 32.97
C THR D 168 9.28 -14.69 34.33
N SER D 169 10.18 -15.51 34.87
CA SER D 169 10.80 -15.22 36.15
C SER D 169 12.26 -14.80 35.92
N ARG D 170 13.00 -15.60 35.15
CA ARG D 170 14.40 -15.31 34.87
C ARG D 170 14.47 -13.96 34.17
N HIS D 171 13.46 -13.68 33.34
CA HIS D 171 13.31 -12.39 32.70
C HIS D 171 11.82 -12.17 32.58
N TYR D 172 11.37 -10.95 32.84
CA TYR D 172 9.97 -10.61 32.69
C TYR D 172 9.74 -10.51 31.16
N LEU D 173 8.59 -11.01 30.71
CA LEU D 173 8.20 -10.93 29.29
C LEU D 173 6.94 -10.07 29.21
N PRO D 174 6.98 -8.98 28.42
CA PRO D 174 5.80 -8.10 28.29
C PRO D 174 4.64 -8.94 27.73
N VAL D 175 3.42 -8.58 28.09
CA VAL D 175 2.27 -9.33 27.61
C VAL D 175 2.23 -9.42 26.07
N LYS D 176 2.58 -8.34 25.39
CA LYS D 176 2.57 -8.37 23.93
C LYS D 176 3.42 -9.48 23.32
N ILE D 177 4.60 -9.74 23.89
CA ILE D 177 5.41 -10.79 23.31
C ILE D 177 4.84 -12.18 23.66
N ILE D 178 4.07 -12.27 24.75
CA ILE D 178 3.45 -13.54 25.07
C ILE D 178 2.32 -13.77 24.04
N LEU D 179 1.60 -12.71 23.71
CA LEU D 179 0.51 -12.83 22.72
C LEU D 179 1.08 -13.15 21.33
N LYS D 180 2.25 -12.59 21.01
CA LYS D 180 2.90 -12.84 19.73
C LYS D 180 3.25 -14.33 19.67
N THR D 181 3.71 -14.85 20.80
CA THR D 181 4.09 -16.25 20.89
C THR D 181 2.86 -17.14 20.71
N LEU D 182 1.74 -16.75 21.29
CA LEU D 182 0.52 -17.53 21.14
C LEU D 182 0.12 -17.57 19.66
N ASP D 183 0.37 -16.47 18.95
CA ASP D 183 0.05 -16.41 17.52
C ASP D 183 0.94 -17.38 16.79
N ALA D 184 2.22 -17.29 17.08
CA ALA D 184 3.21 -18.15 16.45
C ALA D 184 2.77 -19.61 16.68
N MET D 185 2.45 -19.92 17.94
CA MET D 185 2.02 -21.25 18.31
C MET D 185 0.83 -21.70 17.47
N ALA D 186 -0.12 -20.80 17.28
CA ALA D 186 -1.30 -21.12 16.49
C ALA D 186 -0.90 -21.47 15.07
N PHE D 187 0.06 -20.73 14.49
CA PHE D 187 0.50 -21.00 13.12
C PHE D 187 1.16 -22.37 13.02
N ASN D 188 1.68 -22.84 14.14
CA ASN D 188 2.39 -24.12 14.20
C ASN D 188 1.60 -25.26 14.84
N LYS D 189 0.34 -24.99 15.17
CA LYS D 189 -0.55 -25.98 15.80
C LYS D 189 -0.14 -26.45 17.20
N PHE D 190 0.56 -25.60 17.94
CA PHE D 190 0.90 -25.94 19.31
C PHE D 190 -0.41 -25.64 20.06
N ASN D 191 -0.70 -26.39 21.12
CA ASN D 191 -1.96 -26.13 21.80
C ASN D 191 -1.88 -25.91 23.32
N VAL D 192 -0.64 -25.86 23.86
CA VAL D 192 -0.46 -25.65 25.30
C VAL D 192 0.67 -24.65 25.58
N LEU D 193 0.35 -23.61 26.36
CA LEU D 193 1.39 -22.66 26.75
C LEU D 193 1.67 -23.01 28.21
N HIS D 194 2.85 -23.57 28.46
CA HIS D 194 3.27 -23.94 29.81
C HIS D 194 3.91 -22.67 30.35
N TRP D 195 3.18 -21.96 31.20
CA TRP D 195 3.66 -20.69 31.74
C TRP D 195 4.40 -20.85 33.07
N HIS D 196 5.73 -20.99 33.01
CA HIS D 196 6.57 -21.09 34.20
C HIS D 196 6.67 -19.63 34.62
N ILE D 197 5.61 -19.18 35.29
CA ILE D 197 5.45 -17.78 35.65
C ILE D 197 6.34 -17.21 36.73
N VAL D 198 6.66 -18.03 37.72
CA VAL D 198 7.52 -17.63 38.84
C VAL D 198 8.70 -18.60 39.07
N ASP D 199 9.72 -18.13 39.79
CA ASP D 199 10.90 -18.95 40.10
C ASP D 199 11.77 -18.21 41.12
N ASP D 200 13.07 -18.56 41.20
CA ASP D 200 13.97 -17.94 42.16
C ASP D 200 14.19 -16.45 42.03
N GLN D 201 14.54 -16.02 40.82
CA GLN D 201 14.83 -14.63 40.56
C GLN D 201 13.72 -13.58 40.74
N SER D 202 12.47 -13.93 40.49
CA SER D 202 11.39 -12.95 40.63
C SER D 202 10.02 -13.58 40.66
N PHE D 203 9.06 -12.84 41.22
CA PHE D 203 7.67 -13.30 41.34
C PHE D 203 6.79 -12.22 40.66
N PRO D 204 6.60 -12.33 39.34
CA PRO D 204 5.79 -11.36 38.61
C PRO D 204 4.28 -11.51 38.74
N TYR D 205 3.81 -12.67 39.21
CA TYR D 205 2.38 -12.89 39.33
C TYR D 205 1.74 -12.10 40.49
N GLN D 206 0.73 -11.30 40.18
CA GLN D 206 0.06 -10.55 41.25
C GLN D 206 -1.03 -11.44 41.84
N SER D 207 -0.88 -11.73 43.13
CA SER D 207 -1.85 -12.55 43.83
C SER D 207 -2.76 -11.60 44.57
N ILE D 208 -4.07 -11.76 44.39
CA ILE D 208 -5.02 -10.89 45.06
C ILE D 208 -5.08 -11.26 46.53
N THR D 209 -4.96 -12.55 46.84
CA THR D 209 -5.01 -13.00 48.22
C THR D 209 -3.71 -12.72 49.00
N PHE D 210 -2.58 -12.69 48.29
CA PHE D 210 -1.27 -12.40 48.91
C PHE D 210 -0.57 -11.36 48.04
N PRO D 211 -0.97 -10.09 48.17
CA PRO D 211 -0.41 -8.97 47.40
C PRO D 211 1.09 -8.77 47.57
N GLU D 212 1.62 -9.18 48.72
CA GLU D 212 3.05 -9.02 48.97
C GLU D 212 3.92 -9.95 48.16
N LEU D 213 3.37 -11.06 47.71
CA LEU D 213 4.19 -11.97 46.90
C LEU D 213 4.83 -11.16 45.78
N SER D 214 4.03 -10.48 44.97
CA SER D 214 4.57 -9.70 43.87
C SER D 214 5.02 -8.31 44.31
N ASN D 215 4.36 -7.72 45.31
CA ASN D 215 4.79 -6.39 45.76
C ASN D 215 6.26 -6.47 46.17
N LYS D 216 6.61 -7.53 46.87
CA LYS D 216 7.99 -7.71 47.34
C LYS D 216 8.87 -8.63 46.48
N GLY D 217 8.28 -9.54 45.71
CA GLY D 217 9.09 -10.46 44.92
C GLY D 217 9.31 -10.18 43.44
N SER D 218 8.60 -9.20 42.88
CA SER D 218 8.76 -8.88 41.48
C SER D 218 10.04 -8.06 41.29
N TYR D 219 10.53 -7.98 40.05
CA TYR D 219 11.73 -7.19 39.77
C TYR D 219 11.43 -5.72 40.06
N SER D 220 10.21 -5.31 39.73
CA SER D 220 9.74 -3.96 39.97
C SER D 220 8.24 -3.97 39.69
N LEU D 221 7.57 -2.88 40.06
CA LEU D 221 6.13 -2.76 39.87
C LEU D 221 5.76 -2.73 38.37
N SER D 222 6.75 -2.56 37.52
CA SER D 222 6.54 -2.53 36.08
C SER D 222 6.75 -3.92 35.48
N HIS D 223 7.14 -4.87 36.32
CA HIS D 223 7.40 -6.23 35.87
C HIS D 223 6.48 -7.22 36.59
N VAL D 224 5.18 -6.98 36.49
CA VAL D 224 4.20 -7.82 37.13
C VAL D 224 3.11 -8.17 36.12
N TYR D 225 2.36 -9.22 36.41
CA TYR D 225 1.25 -9.63 35.56
C TYR D 225 0.01 -9.41 36.39
N THR D 226 -0.72 -8.34 36.09
CA THR D 226 -1.95 -8.04 36.81
C THR D 226 -3.04 -9.07 36.50
N PRO D 227 -4.12 -9.06 37.30
CA PRO D 227 -5.19 -10.03 37.01
C PRO D 227 -5.74 -9.85 35.59
N ASN D 228 -5.75 -8.62 35.08
CA ASN D 228 -6.22 -8.37 33.73
C ASN D 228 -5.22 -8.89 32.69
N ASP D 229 -3.91 -8.79 32.98
CA ASP D 229 -2.89 -9.29 32.08
C ASP D 229 -3.10 -10.79 31.90
N VAL D 230 -3.30 -11.47 33.03
CA VAL D 230 -3.50 -12.90 33.05
C VAL D 230 -4.78 -13.29 32.30
N ARG D 231 -5.88 -12.56 32.55
CA ARG D 231 -7.13 -12.87 31.83
C ARG D 231 -6.92 -12.70 30.34
N MET D 232 -6.19 -11.65 29.95
N MET D 232 -6.19 -11.65 29.95
CA MET D 232 -5.96 -11.40 28.53
CA MET D 232 -5.94 -11.37 28.54
C MET D 232 -5.20 -12.55 27.87
C MET D 232 -5.19 -12.53 27.87
N VAL D 233 -4.14 -13.01 28.51
CA VAL D 233 -3.35 -14.12 27.97
C VAL D 233 -4.23 -15.36 27.83
N ILE D 234 -5.02 -15.64 28.86
CA ILE D 234 -5.88 -16.80 28.86
C ILE D 234 -6.93 -16.76 27.74
N GLU D 235 -7.59 -15.61 27.57
CA GLU D 235 -8.61 -15.45 26.52
C GLU D 235 -7.99 -15.43 25.13
N TYR D 236 -6.89 -14.67 24.96
CA TYR D 236 -6.23 -14.60 23.66
C TYR D 236 -5.80 -16.03 23.26
N ALA D 237 -5.39 -16.82 24.25
CA ALA D 237 -4.96 -18.20 24.01
C ALA D 237 -6.18 -19.09 23.65
N ARG D 238 -7.27 -18.93 24.40
CA ARG D 238 -8.47 -19.71 24.15
C ARG D 238 -8.98 -19.51 22.72
N LEU D 239 -9.00 -18.25 22.28
CA LEU D 239 -9.48 -17.92 20.96
C LEU D 239 -8.66 -18.59 19.85
N ARG D 240 -7.48 -19.09 20.22
CA ARG D 240 -6.63 -19.78 19.25
C ARG D 240 -6.53 -21.27 19.54
N GLY D 241 -7.40 -21.76 20.42
CA GLY D 241 -7.40 -23.18 20.74
C GLY D 241 -6.22 -23.62 21.57
N ILE D 242 -5.69 -22.70 22.37
CA ILE D 242 -4.52 -22.97 23.22
C ILE D 242 -4.86 -22.92 24.72
N ARG D 243 -4.42 -23.96 25.43
CA ARG D 243 -4.60 -24.15 26.87
C ARG D 243 -3.47 -23.39 27.56
N VAL D 244 -3.76 -22.71 28.68
CA VAL D 244 -2.69 -22.03 29.42
C VAL D 244 -2.48 -22.88 30.69
N LEU D 245 -1.33 -23.57 30.73
CA LEU D 245 -0.97 -24.44 31.87
C LEU D 245 -0.07 -23.64 32.80
N PRO D 246 -0.59 -23.25 33.98
CA PRO D 246 0.25 -22.49 34.90
C PRO D 246 1.17 -23.39 35.72
N GLU D 247 2.41 -22.95 35.91
CA GLU D 247 3.31 -23.70 36.77
C GLU D 247 3.73 -22.76 37.87
N PHE D 248 3.49 -23.18 39.11
CA PHE D 248 3.92 -22.41 40.28
C PHE D 248 4.84 -23.41 41.01
N ASP D 249 6.08 -23.48 40.55
CA ASP D 249 7.10 -24.40 41.09
C ASP D 249 7.37 -24.33 42.59
N THR D 250 7.22 -25.47 43.28
CA THR D 250 7.53 -25.59 44.71
C THR D 250 8.01 -27.05 44.92
N PRO D 251 8.74 -27.32 46.02
CA PRO D 251 9.19 -26.43 47.09
C PRO D 251 10.49 -25.72 46.74
N GLY D 252 11.17 -26.21 45.71
CA GLY D 252 12.40 -25.58 45.26
C GLY D 252 12.07 -24.45 44.27
N HIS D 253 13.08 -23.72 43.82
CA HIS D 253 12.88 -22.62 42.87
C HIS D 253 11.87 -21.59 43.40
N THR D 254 11.89 -21.37 44.72
CA THR D 254 10.95 -20.44 45.34
C THR D 254 11.55 -19.27 46.11
N LEU D 255 12.80 -18.91 45.82
CA LEU D 255 13.42 -17.81 46.54
C LEU D 255 12.59 -16.53 46.53
N SER D 256 12.07 -16.13 45.37
CA SER D 256 11.26 -14.91 45.28
C SER D 256 10.00 -14.94 46.15
N TRP D 257 9.51 -16.14 46.47
CA TRP D 257 8.31 -16.26 47.29
C TRP D 257 8.53 -15.78 48.74
N GLY D 258 9.76 -15.93 49.22
CA GLY D 258 10.09 -15.56 50.60
C GLY D 258 10.10 -14.08 50.95
N LYS D 259 10.24 -13.24 49.94
CA LYS D 259 10.28 -11.80 50.20
C LYS D 259 8.95 -11.23 50.68
N GLY D 260 7.84 -11.85 50.31
CA GLY D 260 6.55 -11.34 50.71
C GLY D 260 5.78 -12.24 51.66
N GLN D 261 6.16 -13.51 51.69
CA GLN D 261 5.52 -14.47 52.58
C GLN D 261 6.56 -14.92 53.60
N LYS D 262 6.47 -14.38 54.81
CA LYS D 262 7.42 -14.70 55.86
C LYS D 262 7.30 -16.14 56.36
N ASP D 263 8.41 -16.65 56.87
CA ASP D 263 8.49 -17.99 57.44
C ASP D 263 8.10 -19.11 56.50
N LEU D 264 8.01 -18.82 55.22
CA LEU D 264 7.65 -19.84 54.25
C LEU D 264 8.91 -20.62 53.90
N LEU D 265 9.95 -19.89 53.55
CA LEU D 265 11.22 -20.50 53.15
C LEU D 265 12.01 -21.07 54.32
N THR D 266 12.72 -22.18 54.08
CA THR D 266 13.53 -22.85 55.11
C THR D 266 14.85 -22.12 55.39
N PRO D 267 15.06 -21.67 56.64
CA PRO D 267 16.30 -20.97 56.98
C PRO D 267 17.48 -21.95 57.03
N CYS D 268 18.55 -21.63 56.31
CA CYS D 268 19.73 -22.49 56.29
C CYS D 268 20.65 -22.09 57.43
N TYR D 269 21.34 -23.06 58.01
CA TYR D 269 22.25 -22.78 59.11
C TYR D 269 23.65 -23.36 58.85
N SER D 270 24.66 -22.66 59.37
CA SER D 270 26.02 -23.11 59.23
C SER D 270 26.51 -23.47 60.63
N LYS D 274 23.56 -18.76 62.47
CA LYS D 274 22.40 -18.93 61.55
C LYS D 274 22.87 -19.01 60.12
N LEU D 275 22.41 -17.99 59.39
CA LEU D 275 22.67 -17.74 57.97
C LEU D 275 21.46 -16.89 57.61
N ASP D 276 21.61 -15.87 56.78
CA ASP D 276 20.43 -15.10 56.40
C ASP D 276 19.98 -15.74 55.10
N SER D 277 20.61 -16.88 54.80
CA SER D 277 20.31 -17.64 53.59
C SER D 277 19.12 -18.58 53.80
N PHE D 278 18.32 -18.74 52.75
CA PHE D 278 17.15 -19.60 52.80
C PHE D 278 17.21 -20.68 51.74
N GLY D 279 16.42 -21.74 51.96
CA GLY D 279 16.37 -22.85 51.04
C GLY D 279 14.94 -23.06 50.53
N PRO D 280 14.57 -24.31 50.19
CA PRO D 280 13.22 -24.62 49.69
C PRO D 280 12.17 -24.27 50.73
N ILE D 281 10.92 -24.27 50.30
CA ILE D 281 9.83 -23.98 51.22
C ILE D 281 9.91 -24.96 52.41
N ASN D 282 9.57 -24.47 53.60
CA ASN D 282 9.61 -25.30 54.81
C ASN D 282 8.41 -26.25 54.89
N PRO D 283 8.62 -27.54 54.61
CA PRO D 283 7.57 -28.56 54.62
C PRO D 283 7.11 -29.08 55.97
N THR D 284 7.55 -28.45 57.05
CA THR D 284 7.18 -28.95 58.37
C THR D 284 6.26 -28.00 59.13
N LEU D 285 5.97 -26.84 58.54
CA LEU D 285 5.13 -25.85 59.19
C LEU D 285 3.69 -25.81 58.67
N ASN D 286 2.74 -25.74 59.61
CA ASN D 286 1.33 -25.66 59.26
C ASN D 286 1.04 -24.39 58.46
N THR D 287 1.72 -23.32 58.81
CA THR D 287 1.55 -22.03 58.14
C THR D 287 1.87 -22.15 56.67
N THR D 288 2.72 -23.11 56.34
CA THR D 288 3.13 -23.35 54.96
C THR D 288 1.94 -23.89 54.18
N TYR D 289 1.39 -24.99 54.68
CA TYR D 289 0.26 -25.62 54.04
C TYR D 289 -1.01 -24.77 54.02
N SER D 290 -1.23 -23.97 55.06
CA SER D 290 -2.41 -23.13 55.06
C SER D 290 -2.21 -22.04 53.98
N PHE D 291 -1.00 -21.50 53.87
CA PHE D 291 -0.71 -20.50 52.84
C PHE D 291 -0.91 -21.12 51.45
N LEU D 292 -0.39 -22.34 51.25
CA LEU D 292 -0.51 -23.03 49.97
C LEU D 292 -1.95 -23.38 49.61
N THR D 293 -2.76 -23.67 50.63
CA THR D 293 -4.17 -24.00 50.42
C THR D 293 -4.88 -22.76 49.86
N THR D 294 -4.66 -21.61 50.52
CA THR D 294 -5.26 -20.35 50.09
C THR D 294 -4.72 -19.92 48.71
N PHE D 295 -3.40 -20.06 48.52
CA PHE D 295 -2.77 -19.65 47.27
C PHE D 295 -3.31 -20.44 46.07
N PHE D 296 -3.25 -21.76 46.13
CA PHE D 296 -3.74 -22.58 45.04
C PHE D 296 -5.25 -22.52 44.83
N LYS D 297 -6.01 -22.13 45.86
CA LYS D 297 -7.45 -21.99 45.69
C LYS D 297 -7.64 -20.84 44.69
N GLU D 298 -6.85 -19.78 44.87
CA GLU D 298 -6.91 -18.62 43.98
C GLU D 298 -6.46 -19.05 42.59
N ILE D 299 -5.40 -19.83 42.52
CA ILE D 299 -4.90 -20.29 41.22
C ILE D 299 -5.98 -21.10 40.48
N SER D 300 -6.68 -21.96 41.21
CA SER D 300 -7.72 -22.80 40.62
C SER D 300 -8.87 -21.97 40.06
N GLU D 301 -9.02 -20.74 40.55
CA GLU D 301 -10.07 -19.86 40.09
C GLU D 301 -9.56 -18.94 38.99
N VAL D 302 -8.26 -18.66 38.96
CA VAL D 302 -7.71 -17.76 37.95
C VAL D 302 -7.46 -18.45 36.62
N PHE D 303 -6.95 -19.69 36.67
CA PHE D 303 -6.65 -20.45 35.46
C PHE D 303 -7.69 -21.53 35.25
N PRO D 304 -8.47 -21.43 34.16
CA PRO D 304 -9.48 -22.43 33.85
C PRO D 304 -9.00 -23.82 33.45
N ASP D 305 -7.75 -23.96 33.01
CA ASP D 305 -7.30 -25.29 32.59
C ASP D 305 -7.46 -26.33 33.71
N GLN D 306 -7.74 -27.58 33.33
CA GLN D 306 -7.95 -28.66 34.30
C GLN D 306 -6.71 -28.99 35.13
N PHE D 307 -5.52 -28.68 34.60
CA PHE D 307 -4.27 -29.00 35.27
C PHE D 307 -3.44 -27.84 35.77
N ILE D 308 -2.69 -28.10 36.83
CA ILE D 308 -1.80 -27.12 37.44
C ILE D 308 -0.45 -27.83 37.54
N HIS D 309 0.58 -27.22 36.97
CA HIS D 309 1.90 -27.81 37.04
C HIS D 309 2.49 -27.38 38.38
N LEU D 310 2.81 -28.36 39.22
CA LEU D 310 3.35 -28.12 40.55
C LEU D 310 4.87 -28.02 40.62
N GLY D 311 5.55 -28.30 39.52
CA GLY D 311 7.00 -28.24 39.50
C GLY D 311 7.63 -29.40 40.29
N GLY D 312 8.44 -29.07 41.29
CA GLY D 312 9.08 -30.10 42.11
C GLY D 312 10.44 -30.55 41.60
N ASP D 313 11.08 -29.71 40.80
CA ASP D 313 12.39 -30.05 40.23
C ASP D 313 13.51 -29.55 41.11
N GLU D 314 14.67 -30.17 40.94
CA GLU D 314 15.91 -29.80 41.62
C GLU D 314 15.81 -29.33 43.06
N VAL D 315 15.11 -30.05 43.91
CA VAL D 315 14.99 -29.64 45.31
C VAL D 315 16.32 -29.91 46.03
N GLU D 316 16.83 -28.90 46.75
CA GLU D 316 18.08 -29.05 47.48
C GLU D 316 17.86 -29.33 48.96
N PHE D 317 18.19 -30.56 49.34
CA PHE D 317 18.02 -31.04 50.72
C PHE D 317 18.97 -30.42 51.74
N LYS D 318 20.07 -29.87 51.27
CA LYS D 318 21.07 -29.27 52.15
C LYS D 318 20.50 -28.44 53.30
N CYS D 319 19.80 -27.35 52.97
N CYS D 319 19.79 -27.37 52.94
CA CYS D 319 19.23 -26.49 54.01
CA CYS D 319 19.17 -26.47 53.91
C CYS D 319 18.29 -27.22 54.96
C CYS D 319 18.30 -27.21 54.93
N TRP D 320 17.46 -28.11 54.44
CA TRP D 320 16.57 -28.86 55.30
C TRP D 320 17.41 -29.59 56.34
N GLU D 321 18.46 -30.24 55.87
CA GLU D 321 19.37 -30.97 56.73
C GLU D 321 19.94 -30.05 57.83
N SER D 322 20.52 -28.93 57.40
CA SER D 322 21.12 -27.97 58.30
C SER D 322 20.15 -27.31 59.28
N ASN D 323 18.86 -27.63 59.19
CA ASN D 323 17.89 -26.99 60.06
C ASN D 323 17.55 -27.85 61.28
N PRO D 324 17.76 -27.32 62.49
CA PRO D 324 17.47 -28.03 63.74
C PRO D 324 16.02 -28.50 63.80
N LYS D 325 15.11 -27.55 63.65
CA LYS D 325 13.66 -27.81 63.67
C LYS D 325 13.25 -28.91 62.69
N ILE D 326 13.76 -28.85 61.46
CA ILE D 326 13.42 -29.85 60.47
C ILE D 326 14.01 -31.18 60.88
N GLN D 327 15.16 -31.12 61.54
CA GLN D 327 15.83 -32.33 61.99
C GLN D 327 14.90 -33.06 62.98
N ASP D 328 14.25 -32.31 63.88
CA ASP D 328 13.33 -32.92 64.84
C ASP D 328 12.17 -33.57 64.09
N PHE D 329 11.52 -32.78 63.24
CA PHE D 329 10.40 -33.26 62.45
C PHE D 329 10.75 -34.59 61.82
N MET D 330 11.96 -34.70 61.29
CA MET D 330 12.43 -35.92 60.64
C MET D 330 12.39 -37.09 61.60
N ARG D 331 12.76 -36.81 62.85
CA ARG D 331 12.78 -37.82 63.89
C ARG D 331 11.35 -38.20 64.29
N GLN D 332 10.54 -37.19 64.56
CA GLN D 332 9.16 -37.40 64.96
C GLN D 332 8.31 -38.09 63.88
N LYS D 333 8.76 -38.04 62.63
CA LYS D 333 8.03 -38.66 61.54
C LYS D 333 8.65 -40.01 61.20
N GLY D 334 9.84 -40.25 61.73
CA GLY D 334 10.51 -41.51 61.46
C GLY D 334 11.06 -41.57 60.04
N PHE D 335 11.58 -40.44 59.57
CA PHE D 335 12.13 -40.37 58.23
C PHE D 335 13.63 -40.65 58.22
N GLY D 336 14.27 -40.45 59.37
CA GLY D 336 15.70 -40.70 59.48
C GLY D 336 16.54 -39.62 58.82
N THR D 337 17.31 -40.00 57.81
CA THR D 337 18.15 -39.06 57.09
C THR D 337 17.73 -39.05 55.62
N ASP D 338 16.62 -39.72 55.33
CA ASP D 338 16.10 -39.83 53.98
C ASP D 338 15.17 -38.64 53.70
N PHE D 339 15.75 -37.56 53.17
CA PHE D 339 14.98 -36.36 52.88
C PHE D 339 14.06 -36.49 51.67
N LYS D 340 14.19 -37.58 50.93
CA LYS D 340 13.31 -37.77 49.80
C LYS D 340 11.94 -38.09 50.40
N LYS D 341 11.93 -38.50 51.68
CA LYS D 341 10.70 -38.79 52.38
C LYS D 341 10.08 -37.46 52.78
N LEU D 342 10.91 -36.50 53.14
CA LEU D 342 10.38 -35.20 53.51
C LEU D 342 9.80 -34.60 52.21
N GLU D 343 10.62 -34.62 51.16
CA GLU D 343 10.21 -34.09 49.87
C GLU D 343 8.87 -34.70 49.45
N SER D 344 8.82 -36.03 49.49
CA SER D 344 7.61 -36.76 49.11
C SER D 344 6.43 -36.34 49.97
N PHE D 345 6.68 -36.22 51.28
CA PHE D 345 5.66 -35.82 52.24
C PHE D 345 5.08 -34.46 51.83
N TYR D 346 5.96 -33.51 51.53
CA TYR D 346 5.56 -32.17 51.12
C TYR D 346 4.65 -32.17 49.89
N ILE D 347 5.14 -32.80 48.83
CA ILE D 347 4.44 -32.88 47.56
C ILE D 347 3.13 -33.66 47.60
N GLN D 348 3.07 -34.66 48.48
CA GLN D 348 1.85 -35.45 48.61
C GLN D 348 0.78 -34.58 49.24
N LYS D 349 1.18 -33.66 50.11
CA LYS D 349 0.22 -32.77 50.73
C LYS D 349 -0.26 -31.70 49.73
N VAL D 350 0.66 -31.19 48.91
CA VAL D 350 0.29 -30.19 47.91
C VAL D 350 -0.63 -30.84 46.88
N LEU D 351 -0.28 -32.06 46.48
CA LEU D 351 -1.05 -32.84 45.54
C LEU D 351 -2.51 -32.98 46.02
N ASP D 352 -2.70 -33.20 47.33
CA ASP D 352 -4.05 -33.33 47.88
C ASP D 352 -4.80 -32.01 47.88
N ILE D 353 -4.05 -30.92 48.06
CA ILE D 353 -4.63 -29.59 48.04
C ILE D 353 -5.21 -29.37 46.64
N ILE D 354 -4.50 -29.83 45.61
CA ILE D 354 -4.96 -29.67 44.23
C ILE D 354 -6.19 -30.55 43.96
N ALA D 355 -6.18 -31.76 44.50
CA ALA D 355 -7.30 -32.66 44.31
C ALA D 355 -8.55 -32.07 44.95
N THR D 356 -8.37 -31.46 46.11
CA THR D 356 -9.45 -30.83 46.85
C THR D 356 -10.10 -29.67 46.09
N ILE D 357 -9.31 -28.93 45.31
CA ILE D 357 -9.87 -27.83 44.53
C ILE D 357 -10.28 -28.29 43.13
N ASN D 358 -10.40 -29.61 42.97
N ASN D 358 -10.40 -29.61 42.97
CA ASN D 358 -10.84 -30.21 41.72
CA ASN D 358 -10.86 -30.20 41.72
C ASN D 358 -10.01 -29.93 40.47
C ASN D 358 -10.02 -29.92 40.46
N LYS D 359 -8.69 -30.05 40.58
CA LYS D 359 -7.81 -29.84 39.44
C LYS D 359 -6.87 -31.05 39.34
N GLY D 360 -6.26 -31.23 38.18
CA GLY D 360 -5.32 -32.31 38.00
C GLY D 360 -3.91 -31.77 38.21
N SER D 361 -2.93 -32.64 38.43
CA SER D 361 -1.57 -32.18 38.66
C SER D 361 -0.56 -32.67 37.66
N ILE D 362 0.42 -31.83 37.37
CA ILE D 362 1.51 -32.21 36.50
C ILE D 362 2.76 -31.95 37.34
N VAL D 363 3.71 -32.89 37.34
CA VAL D 363 4.95 -32.75 38.12
C VAL D 363 6.21 -33.10 37.32
N TRP D 364 7.32 -32.46 37.66
CA TRP D 364 8.59 -32.78 36.98
C TRP D 364 8.97 -34.20 37.46
N GLN D 365 9.74 -34.92 36.67
CA GLN D 365 10.10 -36.29 37.03
C GLN D 365 10.65 -36.57 38.43
N GLU D 366 11.50 -35.70 38.97
CA GLU D 366 12.02 -35.96 40.30
C GLU D 366 10.94 -36.46 41.26
N VAL D 367 9.79 -35.80 41.27
CA VAL D 367 8.70 -36.16 42.15
C VAL D 367 8.40 -37.65 42.05
N PHE D 368 8.32 -38.14 40.82
CA PHE D 368 8.07 -39.55 40.59
C PHE D 368 9.28 -40.38 41.00
N ASP D 369 10.46 -39.95 40.54
CA ASP D 369 11.71 -40.66 40.83
C ASP D 369 12.00 -40.82 42.32
N ASP D 370 11.70 -39.80 43.11
CA ASP D 370 11.97 -39.84 44.54
C ASP D 370 10.92 -40.60 45.35
N LYS D 371 10.17 -41.45 44.65
CA LYS D 371 9.17 -42.34 45.25
C LYS D 371 7.96 -41.74 45.96
N ALA D 372 7.44 -40.59 45.52
CA ALA D 372 6.28 -40.04 46.20
C ALA D 372 5.01 -40.77 45.74
N LYS D 373 3.98 -40.77 46.56
CA LYS D 373 2.73 -41.42 46.20
C LYS D 373 1.95 -40.44 45.30
N LEU D 374 1.71 -40.83 44.05
CA LEU D 374 0.99 -39.99 43.11
C LEU D 374 -0.42 -40.51 42.87
N ALA D 375 -1.39 -39.61 42.84
CA ALA D 375 -2.78 -39.98 42.62
C ALA D 375 -3.01 -40.35 41.17
N PRO D 376 -4.02 -41.18 40.91
CA PRO D 376 -4.35 -41.61 39.55
C PRO D 376 -4.56 -40.39 38.66
N GLY D 377 -4.00 -40.44 37.46
CA GLY D 377 -4.17 -39.33 36.54
C GLY D 377 -3.12 -38.24 36.62
N THR D 378 -2.26 -38.28 37.62
CA THR D 378 -1.22 -37.28 37.71
C THR D 378 -0.32 -37.44 36.49
N ILE D 379 0.14 -36.32 35.95
CA ILE D 379 1.01 -36.35 34.80
C ILE D 379 2.44 -36.05 35.23
N VAL D 380 3.39 -36.81 34.72
CA VAL D 380 4.80 -36.61 35.03
C VAL D 380 5.48 -36.08 33.78
N GLU D 381 6.23 -34.98 33.91
CA GLU D 381 6.91 -34.44 32.75
C GLU D 381 8.37 -34.82 32.85
N VAL D 382 8.80 -35.63 31.88
CA VAL D 382 10.16 -36.13 31.81
C VAL D 382 11.07 -35.16 31.07
N TRP D 383 11.94 -34.51 31.82
CA TRP D 383 12.86 -33.51 31.28
C TRP D 383 14.35 -33.82 31.27
N LYS D 384 14.79 -34.75 32.12
CA LYS D 384 16.22 -35.07 32.17
C LYS D 384 16.71 -35.84 30.96
N ASP D 385 17.67 -35.26 30.28
CA ASP D 385 18.26 -35.85 29.08
C ASP D 385 18.92 -37.23 29.24
N SER D 386 19.54 -37.47 30.40
CA SER D 386 20.22 -38.75 30.65
C SER D 386 19.29 -39.97 30.56
N ALA D 387 19.44 -40.73 29.47
CA ALA D 387 18.61 -41.92 29.24
C ALA D 387 17.15 -41.66 29.58
N TYR D 388 16.53 -40.73 28.88
CA TYR D 388 15.13 -40.43 29.15
C TYR D 388 14.15 -41.50 28.68
N PRO D 389 14.48 -42.24 27.59
CA PRO D 389 13.56 -43.29 27.11
C PRO D 389 13.23 -44.33 28.18
N GLU D 390 14.23 -44.62 29.02
CA GLU D 390 14.06 -45.57 30.11
C GLU D 390 13.18 -44.95 31.19
N GLU D 391 13.27 -43.63 31.33
CA GLU D 391 12.46 -42.91 32.30
C GLU D 391 11.01 -42.97 31.82
N LEU D 392 10.81 -42.90 30.51
CA LEU D 392 9.46 -42.97 29.94
C LEU D 392 8.83 -44.33 30.24
N SER D 393 9.60 -45.39 30.05
CA SER D 393 9.13 -46.76 30.33
C SER D 393 8.74 -46.91 31.80
N ARG D 394 9.59 -46.40 32.69
CA ARG D 394 9.30 -46.48 34.11
C ARG D 394 8.01 -45.75 34.46
N VAL D 395 7.88 -44.51 33.97
CA VAL D 395 6.68 -43.74 34.25
C VAL D 395 5.44 -44.44 33.71
N THR D 396 5.46 -44.82 32.44
CA THR D 396 4.31 -45.49 31.86
C THR D 396 4.04 -46.83 32.52
N ALA D 397 5.09 -47.59 32.83
CA ALA D 397 4.91 -48.89 33.48
C ALA D 397 4.18 -48.73 34.82
N SER D 398 4.37 -47.59 35.49
CA SER D 398 3.70 -47.34 36.75
C SER D 398 2.27 -46.86 36.51
N GLY D 399 1.87 -46.79 35.24
CA GLY D 399 0.52 -46.35 34.91
C GLY D 399 0.22 -44.86 34.79
N PHE D 400 1.20 -43.98 35.00
CA PHE D 400 0.97 -42.54 34.91
C PHE D 400 1.14 -41.95 33.51
N PRO D 401 0.31 -40.96 33.14
CA PRO D 401 0.44 -40.35 31.81
C PRO D 401 1.77 -39.59 31.81
N VAL D 402 2.41 -39.50 30.66
CA VAL D 402 3.70 -38.84 30.63
C VAL D 402 3.87 -37.81 29.51
N ILE D 403 4.67 -36.79 29.82
CA ILE D 403 4.96 -35.71 28.88
C ILE D 403 6.47 -35.55 28.79
N LEU D 404 6.99 -35.52 27.56
CA LEU D 404 8.42 -35.40 27.27
C LEU D 404 8.96 -34.02 26.86
N SER D 405 9.99 -33.56 27.56
CA SER D 405 10.59 -32.28 27.17
C SER D 405 12.12 -32.41 27.09
N ALA D 406 12.65 -33.49 27.67
CA ALA D 406 14.09 -33.74 27.73
C ALA D 406 14.96 -33.40 26.51
N PRO D 407 14.59 -33.89 25.32
CA PRO D 407 15.41 -33.60 24.14
C PRO D 407 15.02 -32.30 23.45
N TRP D 408 14.17 -31.49 24.09
CA TRP D 408 13.71 -30.28 23.45
C TRP D 408 13.88 -29.02 24.28
N TYR D 409 15.06 -28.87 24.88
CA TYR D 409 15.41 -27.71 25.68
C TYR D 409 16.01 -26.70 24.70
N LEU D 410 15.12 -25.92 24.10
CA LEU D 410 15.51 -24.93 23.09
C LEU D 410 16.35 -23.79 23.61
N ASP D 411 16.49 -23.69 24.92
CA ASP D 411 17.32 -22.65 25.50
C ASP D 411 18.79 -23.03 25.37
N LEU D 412 19.06 -24.31 25.17
CA LEU D 412 20.43 -24.79 25.01
C LEU D 412 20.81 -24.72 23.53
N ILE D 413 21.11 -23.50 23.09
CA ILE D 413 21.47 -23.24 21.71
C ILE D 413 22.86 -23.81 21.36
N SER D 414 23.08 -24.01 20.07
CA SER D 414 24.35 -24.50 19.56
C SER D 414 24.44 -24.01 18.12
N TYR D 415 25.60 -24.13 17.50
CA TYR D 415 25.81 -23.65 16.14
C TYR D 415 25.16 -24.51 15.07
N GLY D 416 24.63 -23.87 14.04
CA GLY D 416 24.04 -24.62 12.95
C GLY D 416 22.57 -25.01 13.04
N GLN D 417 22.18 -25.94 12.17
CA GLN D 417 20.81 -26.43 12.06
C GLN D 417 20.39 -27.41 13.15
N ASP D 418 20.32 -26.94 14.38
CA ASP D 418 19.92 -27.81 15.48
C ASP D 418 18.44 -28.17 15.44
N TRP D 419 17.70 -27.61 14.47
CA TRP D 419 16.28 -27.94 14.34
C TRP D 419 16.16 -29.40 13.87
N ARG D 420 17.16 -29.86 13.12
CA ARG D 420 17.18 -31.22 12.60
C ARG D 420 17.21 -32.23 13.75
N LYS D 421 18.02 -31.96 14.77
CA LYS D 421 18.10 -32.88 15.89
C LYS D 421 16.79 -32.91 16.69
N TYR D 422 16.06 -31.80 16.75
CA TYR D 422 14.79 -31.78 17.48
C TYR D 422 13.75 -32.55 16.67
N TYR D 423 13.80 -32.36 15.35
CA TYR D 423 12.88 -33.00 14.42
C TYR D 423 13.05 -34.51 14.31
N LYS D 424 14.28 -34.99 14.52
CA LYS D 424 14.59 -36.42 14.42
C LYS D 424 14.15 -37.27 15.60
N VAL D 425 13.89 -36.62 16.73
CA VAL D 425 13.43 -37.35 17.90
C VAL D 425 12.17 -38.15 17.53
N GLU D 426 12.08 -39.38 18.05
CA GLU D 426 10.90 -40.23 17.81
C GLU D 426 10.46 -40.59 19.22
N PRO D 427 9.51 -39.83 19.75
CA PRO D 427 8.94 -39.97 21.09
C PRO D 427 8.64 -41.38 21.58
N LEU D 428 7.96 -42.17 20.77
CA LEU D 428 7.61 -43.51 21.20
C LEU D 428 8.71 -44.58 21.07
N ASP D 429 9.96 -44.14 20.94
CA ASP D 429 11.08 -45.09 20.87
C ASP D 429 11.57 -45.33 22.27
N PHE D 430 10.81 -46.15 23.00
CA PHE D 430 11.19 -46.52 24.34
C PHE D 430 10.54 -47.86 24.60
N GLY D 431 10.99 -48.55 25.63
CA GLY D 431 10.46 -49.86 25.93
C GLY D 431 9.14 -49.90 26.69
N GLY D 432 8.13 -50.45 26.05
CA GLY D 432 6.85 -50.57 26.70
C GLY D 432 5.85 -51.32 25.86
N THR D 433 4.75 -51.71 26.49
CA THR D 433 3.69 -52.42 25.79
C THR D 433 2.92 -51.38 25.00
N GLN D 434 1.90 -51.83 24.28
CA GLN D 434 1.08 -50.91 23.52
C GLN D 434 0.25 -50.06 24.49
N LYS D 435 -0.11 -50.66 25.62
CA LYS D 435 -0.87 -49.97 26.65
C LYS D 435 -0.03 -48.85 27.24
N GLN D 436 1.21 -49.19 27.58
CA GLN D 436 2.17 -48.25 28.15
C GLN D 436 2.33 -47.05 27.24
N LYS D 437 2.53 -47.32 25.95
CA LYS D 437 2.71 -46.27 24.97
C LYS D 437 1.54 -45.28 24.98
N GLN D 438 0.33 -45.80 25.06
CA GLN D 438 -0.85 -44.94 25.08
C GLN D 438 -0.82 -43.91 26.21
N LEU D 439 0.00 -44.16 27.23
CA LEU D 439 0.12 -43.24 28.35
C LEU D 439 0.97 -42.02 27.98
N PHE D 440 1.64 -42.09 26.83
CA PHE D 440 2.47 -40.96 26.38
C PHE D 440 1.50 -39.99 25.69
N ILE D 441 1.28 -38.83 26.32
CA ILE D 441 0.33 -37.85 25.76
C ILE D 441 0.91 -36.66 24.97
N GLY D 442 2.23 -36.56 24.90
CA GLY D 442 2.82 -35.47 24.14
C GLY D 442 4.13 -34.93 24.67
N GLY D 443 4.45 -33.71 24.30
CA GLY D 443 5.69 -33.10 24.76
C GLY D 443 5.65 -31.59 24.73
N GLU D 444 6.79 -30.98 25.04
CA GLU D 444 6.90 -29.54 25.03
C GLU D 444 8.32 -29.12 24.64
N ALA D 445 8.39 -28.01 23.90
CA ALA D 445 9.64 -27.42 23.50
C ALA D 445 9.84 -26.42 24.65
N CYS D 446 10.99 -26.41 25.32
CA CYS D 446 11.19 -25.47 26.43
C CYS D 446 12.19 -24.36 26.17
N LEU D 447 11.80 -23.12 26.46
CA LEU D 447 12.71 -21.99 26.28
C LEU D 447 12.88 -21.30 27.62
N TRP D 448 13.69 -21.91 28.50
CA TRP D 448 13.96 -21.33 29.81
C TRP D 448 14.56 -19.96 29.59
N GLY D 449 14.38 -19.08 30.57
CA GLY D 449 14.81 -17.70 30.40
C GLY D 449 16.07 -17.09 30.95
N GLU D 450 16.99 -17.89 31.51
CA GLU D 450 18.22 -17.31 32.02
C GLU D 450 18.86 -16.36 31.00
N TYR D 451 18.86 -16.76 29.73
CA TYR D 451 19.48 -15.94 28.68
C TYR D 451 18.48 -15.41 27.65
N VAL D 452 17.21 -15.35 28.05
CA VAL D 452 16.13 -14.94 27.14
C VAL D 452 15.12 -13.92 27.63
N ASP D 453 14.94 -12.86 26.84
CA ASP D 453 13.93 -11.85 27.14
C ASP D 453 13.33 -11.37 25.82
N ALA D 454 12.59 -10.27 25.85
CA ALA D 454 11.96 -9.77 24.64
C ALA D 454 12.87 -9.49 23.46
N THR D 455 14.15 -9.19 23.73
CA THR D 455 15.08 -8.87 22.65
C THR D 455 15.46 -10.05 21.77
N ASN D 456 15.33 -11.26 22.30
CA ASN D 456 15.75 -12.41 21.52
C ASN D 456 14.87 -13.63 21.57
N LEU D 457 13.77 -13.54 22.30
CA LEU D 457 12.89 -14.70 22.42
C LEU D 457 12.39 -15.27 21.10
N THR D 458 11.76 -14.45 20.28
CA THR D 458 11.17 -14.93 19.05
C THR D 458 12.12 -15.59 18.04
N PRO D 459 13.19 -14.89 17.62
CA PRO D 459 14.06 -15.60 16.67
C PRO D 459 14.67 -16.86 17.27
N ARG D 460 14.93 -16.86 18.58
CA ARG D 460 15.52 -18.06 19.17
C ARG D 460 14.52 -19.19 19.21
N LEU D 461 13.24 -18.85 19.41
CA LEU D 461 12.21 -19.87 19.52
C LEU D 461 11.72 -20.42 18.18
N TRP D 462 11.60 -19.58 17.15
CA TRP D 462 11.13 -20.01 15.84
C TRP D 462 12.20 -19.78 14.79
N PRO D 463 12.30 -20.69 13.80
CA PRO D 463 11.53 -21.89 13.55
C PRO D 463 11.95 -23.15 14.31
N ARG D 464 12.91 -23.05 15.23
CA ARG D 464 13.36 -24.24 15.96
C ARG D 464 12.22 -25.05 16.61
N ALA D 465 11.30 -24.34 17.26
CA ALA D 465 10.16 -25.00 17.91
C ALA D 465 9.25 -25.68 16.86
N SER D 466 9.20 -25.13 15.64
CA SER D 466 8.36 -25.73 14.59
C SER D 466 8.75 -27.18 14.33
N ALA D 467 10.03 -27.52 14.54
CA ALA D 467 10.47 -28.89 14.32
C ALA D 467 9.72 -29.80 15.31
N VAL D 468 9.68 -29.38 16.58
CA VAL D 468 8.98 -30.14 17.60
C VAL D 468 7.50 -30.18 17.26
N GLY D 469 6.99 -29.06 16.77
CA GLY D 469 5.60 -28.99 16.40
C GLY D 469 5.16 -30.05 15.38
N GLU D 470 5.96 -30.25 14.34
CA GLU D 470 5.58 -31.24 13.33
C GLU D 470 5.71 -32.65 13.89
N ARG D 471 6.73 -32.89 14.72
CA ARG D 471 6.91 -34.21 15.29
C ARG D 471 5.75 -34.57 16.22
N LEU D 472 5.20 -33.59 16.91
CA LEU D 472 4.09 -33.82 17.85
C LEU D 472 2.72 -33.88 17.18
N TRP D 473 2.57 -33.25 16.03
CA TRP D 473 1.30 -33.27 15.32
C TRP D 473 1.26 -34.29 14.19
N SER D 474 2.30 -34.29 13.37
CA SER D 474 2.35 -35.17 12.21
C SER D 474 2.62 -36.66 12.47
N SER D 475 2.20 -37.47 11.51
CA SER D 475 2.38 -38.91 11.56
C SER D 475 3.86 -39.26 11.82
N LYS D 476 4.05 -40.29 12.62
CA LYS D 476 5.38 -40.77 12.97
C LYS D 476 6.32 -41.02 11.79
N ASP D 477 5.80 -41.43 10.64
CA ASP D 477 6.67 -41.69 9.49
C ASP D 477 6.98 -40.47 8.61
N VAL D 478 6.67 -39.28 9.11
CA VAL D 478 6.97 -38.07 8.36
C VAL D 478 8.33 -37.61 8.89
N ARG D 479 9.40 -38.01 8.20
CA ARG D 479 10.74 -37.60 8.61
C ARG D 479 11.78 -37.38 7.50
N ASP D 480 11.34 -37.35 6.26
CA ASP D 480 12.27 -37.09 5.17
C ASP D 480 12.85 -35.69 5.41
N MET D 481 14.14 -35.62 5.71
CA MET D 481 14.81 -34.36 6.00
C MET D 481 14.80 -33.31 4.89
N ASP D 482 14.99 -33.72 3.64
CA ASP D 482 14.99 -32.78 2.53
C ASP D 482 13.61 -32.16 2.39
N ASP D 483 12.58 -32.97 2.54
CA ASP D 483 11.22 -32.44 2.43
C ASP D 483 10.96 -31.51 3.61
N ALA D 484 11.38 -31.91 4.81
CA ALA D 484 11.16 -31.08 5.98
C ALA D 484 11.85 -29.73 5.76
N TYR D 485 13.12 -29.75 5.35
CA TYR D 485 13.84 -28.51 5.10
C TYR D 485 13.13 -27.65 4.08
N ASP D 486 12.69 -28.26 2.99
CA ASP D 486 12.01 -27.50 1.97
C ASP D 486 10.78 -26.80 2.52
N ARG D 487 9.94 -27.56 3.22
CA ARG D 487 8.71 -27.02 3.77
C ARG D 487 8.98 -26.06 4.93
N LEU D 488 9.97 -26.36 5.75
CA LEU D 488 10.25 -25.49 6.88
C LEU D 488 10.72 -24.10 6.45
N THR D 489 11.65 -24.03 5.50
CA THR D 489 12.14 -22.74 5.05
C THR D 489 10.97 -21.89 4.54
N ARG D 490 10.05 -22.51 3.81
CA ARG D 490 8.91 -21.76 3.30
C ARG D 490 7.97 -21.40 4.44
N HIS D 491 7.81 -22.29 5.41
CA HIS D 491 6.95 -22.02 6.55
C HIS D 491 7.54 -20.82 7.33
N ARG D 492 8.85 -20.82 7.48
CA ARG D 492 9.55 -19.75 8.18
C ARG D 492 9.32 -18.42 7.48
N CYS D 493 9.41 -18.40 6.16
CA CYS D 493 9.18 -17.15 5.44
C CYS D 493 7.75 -16.66 5.66
N ARG D 494 6.80 -17.60 5.75
CA ARG D 494 5.42 -17.24 5.98
C ARG D 494 5.27 -16.65 7.40
N MET D 495 5.99 -17.21 8.36
CA MET D 495 5.89 -16.68 9.70
C MET D 495 6.40 -15.24 9.74
N VAL D 496 7.49 -14.99 9.03
CA VAL D 496 8.05 -13.65 8.96
C VAL D 496 7.02 -12.71 8.34
N GLU D 497 6.39 -13.12 7.24
CA GLU D 497 5.37 -12.29 6.60
C GLU D 497 4.21 -12.03 7.54
N ARG D 498 3.98 -12.94 8.48
CA ARG D 498 2.87 -12.72 9.40
C ARG D 498 3.29 -11.95 10.66
N GLY D 499 4.51 -11.43 10.65
CA GLY D 499 4.97 -10.66 11.80
C GLY D 499 5.75 -11.41 12.86
N ILE D 500 6.16 -12.64 12.58
CA ILE D 500 6.94 -13.40 13.56
C ILE D 500 8.41 -13.41 13.12
N ALA D 501 9.28 -12.76 13.89
CA ALA D 501 10.71 -12.68 13.53
C ALA D 501 11.46 -14.01 13.68
N ALA D 502 11.02 -15.04 12.97
CA ALA D 502 11.66 -16.35 13.04
C ALA D 502 12.98 -16.29 12.26
N GLN D 503 14.05 -16.77 12.88
CA GLN D 503 15.38 -16.75 12.25
C GLN D 503 15.52 -17.76 11.09
N PRO D 504 16.57 -17.58 10.26
CA PRO D 504 16.77 -18.49 9.13
C PRO D 504 17.30 -19.89 9.45
N LEU D 505 17.01 -20.86 8.57
N LEU D 505 17.01 -20.85 8.58
CA LEU D 505 17.49 -22.23 8.76
CA LEU D 505 17.50 -22.22 8.76
C LEU D 505 18.91 -22.31 8.23
C LEU D 505 18.92 -22.29 8.24
N TYR D 506 19.17 -21.59 7.14
CA TYR D 506 20.46 -21.58 6.50
C TYR D 506 20.49 -20.41 5.51
N ALA D 507 21.56 -20.29 4.73
CA ALA D 507 21.67 -19.21 3.76
C ALA D 507 20.44 -19.18 2.85
N GLY D 508 20.13 -18.01 2.29
CA GLY D 508 18.99 -17.88 1.39
C GLY D 508 18.29 -16.55 1.57
N TYR D 509 17.02 -16.49 1.16
CA TYR D 509 16.23 -15.27 1.31
C TYR D 509 14.74 -15.62 1.23
N CYS D 510 13.88 -14.64 1.53
CA CYS D 510 12.45 -14.83 1.46
C CYS D 510 11.93 -13.81 0.43
N ASN D 511 10.76 -14.06 -0.14
CA ASN D 511 10.18 -13.13 -1.11
C ASN D 511 9.42 -11.97 -0.45
N HIS D 512 10.08 -11.02 0.04
N PRO E 13 -43.73 61.53 -47.13
CA PRO E 13 -44.39 60.24 -47.43
C PRO E 13 -43.53 59.06 -46.93
N ALA E 14 -42.58 59.36 -46.03
CA ALA E 14 -41.70 58.33 -45.45
C ALA E 14 -42.32 57.86 -44.13
N LEU E 15 -42.87 56.65 -44.14
CA LEU E 15 -43.51 56.08 -42.96
C LEU E 15 -42.59 55.20 -42.13
N TRP E 16 -42.53 55.45 -40.83
CA TRP E 16 -41.68 54.66 -39.95
C TRP E 16 -42.22 54.66 -38.51
N PRO E 17 -42.57 53.48 -37.96
CA PRO E 17 -42.53 52.14 -38.56
C PRO E 17 -43.54 52.00 -39.70
N LEU E 18 -43.31 51.06 -40.61
CA LEU E 18 -44.25 50.86 -41.71
C LEU E 18 -45.56 50.29 -41.15
N PRO E 19 -46.70 50.92 -41.44
CA PRO E 19 -48.01 50.48 -40.97
C PRO E 19 -48.35 49.10 -41.54
N LEU E 20 -49.13 48.32 -40.79
CA LEU E 20 -49.52 46.98 -41.19
C LEU E 20 -50.10 46.97 -42.60
N SER E 21 -51.03 47.87 -42.89
CA SER E 21 -51.66 47.96 -44.21
C SER E 21 -51.77 49.39 -44.76
N VAL E 22 -51.12 49.64 -45.89
CA VAL E 22 -51.13 50.94 -46.52
C VAL E 22 -51.67 50.89 -47.96
N LYS E 23 -52.76 51.61 -48.22
CA LYS E 23 -53.34 51.70 -49.56
C LYS E 23 -53.29 53.17 -49.96
N MET E 24 -52.31 53.49 -50.76
CA MET E 24 -52.07 54.87 -51.20
C MET E 24 -52.60 55.11 -52.62
N THR E 25 -53.13 56.30 -52.88
CA THR E 25 -53.60 56.64 -54.23
C THR E 25 -52.75 57.80 -54.72
N PRO E 26 -52.85 58.15 -56.01
CA PRO E 26 -52.05 59.25 -56.52
C PRO E 26 -52.83 60.57 -56.49
N ASN E 27 -53.93 60.60 -55.76
CA ASN E 27 -54.74 61.81 -55.67
C ASN E 27 -54.20 62.73 -54.57
N LEU E 28 -53.85 63.95 -54.93
CA LEU E 28 -53.33 64.92 -53.98
C LEU E 28 -54.38 65.79 -53.31
N LEU E 29 -54.22 65.98 -52.00
CA LEU E 29 -55.10 66.82 -51.20
C LEU E 29 -54.19 67.84 -50.50
N HIS E 30 -54.73 69.01 -50.19
CA HIS E 30 -53.94 70.04 -49.53
C HIS E 30 -54.50 70.52 -48.22
N LEU E 31 -53.64 71.11 -47.40
CA LEU E 31 -54.04 71.61 -46.09
C LEU E 31 -53.68 73.08 -45.88
N ALA E 32 -54.57 73.82 -45.24
CA ALA E 32 -54.34 75.23 -44.94
C ALA E 32 -54.00 75.33 -43.44
N PRO E 33 -52.76 75.73 -43.13
CA PRO E 33 -52.31 75.87 -41.74
C PRO E 33 -53.30 76.54 -40.79
N GLU E 34 -53.80 77.70 -41.18
CA GLU E 34 -54.74 78.41 -40.32
C GLU E 34 -56.18 77.98 -40.55
N ASN E 35 -56.38 77.00 -41.43
CA ASN E 35 -57.73 76.50 -41.71
C ASN E 35 -57.75 74.96 -41.75
N PHE E 36 -57.05 74.34 -40.81
CA PHE E 36 -57.04 72.89 -40.71
C PHE E 36 -57.23 72.55 -39.24
N TYR E 37 -58.18 71.67 -38.96
CA TYR E 37 -58.45 71.30 -37.59
C TYR E 37 -58.43 69.82 -37.30
N ILE E 38 -57.86 69.48 -36.15
CA ILE E 38 -57.84 68.11 -35.66
C ILE E 38 -58.89 68.24 -34.57
N SER E 39 -60.04 67.59 -34.80
CA SER E 39 -61.14 67.69 -33.86
C SER E 39 -61.71 66.34 -33.44
N HIS E 40 -62.56 66.37 -32.42
CA HIS E 40 -63.22 65.15 -31.96
C HIS E 40 -64.42 64.90 -32.85
N SER E 41 -64.56 63.68 -33.33
CA SER E 41 -65.73 63.36 -34.12
C SER E 41 -66.95 63.46 -33.22
N PRO E 42 -68.10 63.86 -33.78
CA PRO E 42 -69.30 63.94 -32.93
C PRO E 42 -69.63 62.55 -32.41
N ASN E 43 -69.15 61.52 -33.11
CA ASN E 43 -69.33 60.14 -32.68
C ASN E 43 -68.02 59.69 -32.03
N SER E 44 -67.93 59.76 -30.71
CA SER E 44 -66.70 59.36 -30.04
C SER E 44 -66.96 59.30 -28.56
N THR E 45 -66.19 58.50 -27.84
CA THR E 45 -66.37 58.43 -26.41
C THR E 45 -65.55 59.55 -25.77
N ALA E 46 -64.76 60.25 -26.58
CA ALA E 46 -63.91 61.34 -26.09
C ALA E 46 -64.32 62.70 -26.60
N GLY E 47 -64.12 63.70 -25.75
CA GLY E 47 -64.45 65.07 -26.10
C GLY E 47 -63.39 66.03 -25.60
N PRO E 48 -63.65 67.34 -25.66
CA PRO E 48 -62.70 68.37 -25.22
C PRO E 48 -62.22 68.23 -23.76
N SER E 49 -62.92 67.42 -22.97
CA SER E 49 -62.52 67.24 -21.58
C SER E 49 -61.40 66.19 -21.47
N CYS E 50 -61.04 65.60 -22.61
CA CYS E 50 -59.96 64.61 -22.67
C CYS E 50 -58.66 65.36 -22.94
N THR E 51 -57.97 65.72 -21.85
CA THR E 51 -56.71 66.48 -21.90
C THR E 51 -55.69 65.80 -22.82
N LEU E 52 -55.49 64.50 -22.64
CA LEU E 52 -54.55 63.74 -23.47
C LEU E 52 -54.79 63.92 -24.97
N LEU E 53 -56.04 63.87 -25.43
CA LEU E 53 -56.23 64.07 -26.87
C LEU E 53 -56.09 65.55 -27.23
N GLU E 54 -56.61 66.45 -26.39
CA GLU E 54 -56.51 67.88 -26.67
C GLU E 54 -55.05 68.27 -26.80
N GLU E 55 -54.20 67.78 -25.89
CA GLU E 55 -52.79 68.08 -25.96
C GLU E 55 -52.16 67.49 -27.23
N ALA E 56 -52.55 66.26 -27.56
CA ALA E 56 -52.02 65.58 -28.75
C ALA E 56 -52.45 66.36 -30.02
N PHE E 57 -53.67 66.85 -30.04
CA PHE E 57 -54.15 67.61 -31.20
C PHE E 57 -53.26 68.83 -31.46
N ARG E 58 -53.07 69.63 -30.42
CA ARG E 58 -52.25 70.83 -30.54
C ARG E 58 -50.79 70.48 -30.85
N ARG E 59 -50.25 69.47 -30.16
CA ARG E 59 -48.88 69.07 -30.38
C ARG E 59 -48.68 68.64 -31.85
N TYR E 60 -49.60 67.85 -32.38
CA TYR E 60 -49.40 67.43 -33.77
C TYR E 60 -49.70 68.51 -34.78
N HIS E 61 -50.56 69.46 -34.43
CA HIS E 61 -50.81 70.54 -35.37
C HIS E 61 -49.47 71.24 -35.56
N GLY E 62 -48.72 71.38 -34.46
CA GLY E 62 -47.42 72.03 -34.52
C GLY E 62 -46.40 71.22 -35.33
N TYR E 63 -46.36 69.91 -35.13
CA TYR E 63 -45.42 69.06 -35.86
C TYR E 63 -45.69 69.12 -37.36
N ILE E 64 -46.96 69.13 -37.74
CA ILE E 64 -47.33 69.17 -39.14
C ILE E 64 -47.06 70.51 -39.82
N PHE E 65 -47.38 71.63 -39.17
CA PHE E 65 -47.18 72.94 -39.79
C PHE E 65 -46.07 73.79 -39.17
N GLY E 66 -45.74 73.54 -37.91
CA GLY E 66 -44.72 74.32 -37.22
C GLY E 66 -45.30 74.92 -35.95
N THR E 81 -60.17 69.83 -53.30
CA THR E 81 -58.78 69.29 -53.19
C THR E 81 -58.26 69.57 -51.77
N GLN E 82 -59.09 70.23 -50.97
CA GLN E 82 -58.70 70.58 -49.61
C GLN E 82 -59.20 69.68 -48.47
N VAL E 83 -58.27 69.14 -47.70
CA VAL E 83 -58.65 68.35 -46.54
C VAL E 83 -58.67 69.43 -45.44
N GLN E 84 -59.87 69.83 -45.03
CA GLN E 84 -59.99 70.88 -44.03
C GLN E 84 -60.06 70.42 -42.58
N GLN E 85 -60.02 69.12 -42.36
CA GLN E 85 -60.13 68.65 -41.00
C GLN E 85 -59.90 67.17 -40.83
N LEU E 86 -59.28 66.82 -39.70
CA LEU E 86 -59.05 65.42 -39.35
C LEU E 86 -59.92 65.21 -38.10
N LEU E 87 -60.94 64.38 -38.26
CA LEU E 87 -61.84 64.07 -37.16
C LEU E 87 -61.30 62.83 -36.45
N VAL E 88 -61.28 62.87 -35.13
CA VAL E 88 -60.78 61.74 -34.35
C VAL E 88 -61.93 61.09 -33.61
N SER E 89 -62.12 59.79 -33.87
CA SER E 89 -63.21 59.06 -33.23
C SER E 89 -62.71 57.89 -32.39
N ILE E 90 -63.03 57.93 -31.09
CA ILE E 90 -62.64 56.85 -30.19
C ILE E 90 -63.90 55.97 -30.01
N THR E 91 -63.81 54.74 -30.50
CA THR E 91 -64.93 53.81 -30.48
C THR E 91 -65.36 53.29 -29.12
N LEU E 92 -64.42 52.78 -28.34
CA LEU E 92 -64.72 52.23 -27.01
C LEU E 92 -64.40 53.22 -25.91
N GLN E 93 -64.67 52.83 -24.66
CA GLN E 93 -64.36 53.68 -23.52
C GLN E 93 -62.92 54.11 -23.80
N SER E 94 -62.74 55.43 -23.89
CA SER E 94 -61.46 55.99 -24.26
C SER E 94 -60.20 55.70 -23.44
N GLU E 95 -60.33 55.56 -22.13
CA GLU E 95 -59.19 55.35 -21.23
C GLU E 95 -58.34 56.62 -21.22
N CYS E 96 -58.97 57.75 -21.57
N CYS E 96 -58.95 57.74 -21.58
CA CYS E 96 -58.29 59.04 -21.64
CA CYS E 96 -58.22 59.01 -21.65
C CYS E 96 -57.54 59.43 -20.36
C CYS E 96 -57.53 59.43 -20.36
N ASP E 97 -58.11 59.10 -19.20
CA ASP E 97 -57.48 59.45 -17.94
C ASP E 97 -56.66 58.32 -17.31
N ALA E 98 -56.51 57.22 -18.01
CA ALA E 98 -55.78 56.08 -17.48
C ALA E 98 -54.30 56.12 -17.86
N PHE E 99 -53.53 55.19 -17.34
CA PHE E 99 -52.12 55.07 -17.70
C PHE E 99 -52.04 53.88 -18.65
N PRO E 100 -51.25 53.98 -19.71
CA PRO E 100 -51.16 52.84 -20.64
C PRO E 100 -50.71 51.58 -19.92
N ASN E 101 -51.16 50.44 -20.43
CA ASN E 101 -50.87 49.13 -19.87
C ASN E 101 -50.40 48.19 -21.00
N ILE E 102 -49.85 47.03 -20.65
CA ILE E 102 -49.40 46.05 -21.65
C ILE E 102 -50.56 45.59 -22.53
N SER E 103 -51.77 45.60 -22.00
CA SER E 103 -52.90 45.14 -22.79
C SER E 103 -53.65 46.27 -23.52
N SER E 104 -53.05 47.48 -23.51
CA SER E 104 -53.65 48.63 -24.16
C SER E 104 -53.75 48.44 -25.68
N ASP E 105 -54.93 48.72 -26.21
CA ASP E 105 -55.21 48.60 -27.65
C ASP E 105 -54.64 49.81 -28.38
N GLU E 106 -53.60 49.60 -29.20
CA GLU E 106 -52.97 50.68 -29.95
C GLU E 106 -53.32 50.69 -31.44
N SER E 107 -54.31 49.90 -31.84
CA SER E 107 -54.70 49.83 -33.25
C SER E 107 -55.48 51.10 -33.66
N TYR E 108 -55.53 51.37 -34.96
CA TYR E 108 -56.26 52.53 -35.48
C TYR E 108 -56.47 52.40 -36.97
N THR E 109 -57.34 53.24 -37.50
CA THR E 109 -57.60 53.26 -38.93
C THR E 109 -57.56 54.71 -39.35
N LEU E 110 -56.88 54.96 -40.46
CA LEU E 110 -56.76 56.30 -40.99
C LEU E 110 -57.41 56.39 -42.39
N LEU E 111 -58.41 57.24 -42.52
CA LEU E 111 -59.06 57.47 -43.80
C LEU E 111 -58.73 58.89 -44.23
N VAL E 112 -57.72 59.03 -45.10
CA VAL E 112 -57.33 60.36 -45.59
C VAL E 112 -58.06 60.59 -46.90
N LYS E 113 -59.08 61.45 -46.85
CA LYS E 113 -59.90 61.79 -47.99
C LYS E 113 -60.45 63.20 -47.85
N GLU E 114 -60.68 63.90 -48.96
CA GLU E 114 -61.20 65.26 -48.93
C GLU E 114 -62.69 65.04 -48.71
N PRO E 115 -63.36 65.90 -47.97
CA PRO E 115 -63.18 67.13 -47.22
C PRO E 115 -62.68 66.98 -45.81
N VAL E 116 -63.07 65.91 -45.18
CA VAL E 116 -62.73 65.56 -43.79
C VAL E 116 -62.08 64.20 -43.71
N ALA E 117 -60.86 64.18 -43.16
CA ALA E 117 -60.14 62.93 -42.98
C ALA E 117 -60.68 62.36 -41.67
N VAL E 118 -60.54 61.05 -41.48
CA VAL E 118 -61.06 60.44 -40.27
C VAL E 118 -60.06 59.47 -39.65
N LEU E 119 -59.82 59.65 -38.34
CA LEU E 119 -58.94 58.78 -37.57
C LEU E 119 -59.81 58.08 -36.55
N LYS E 120 -59.86 56.76 -36.64
CA LYS E 120 -60.68 55.97 -35.74
C LYS E 120 -59.83 54.94 -34.99
N ALA E 121 -60.01 54.89 -33.67
CA ALA E 121 -59.26 53.96 -32.83
C ALA E 121 -60.13 53.46 -31.71
N ASN E 122 -59.88 52.24 -31.24
CA ASN E 122 -60.67 51.72 -30.13
C ASN E 122 -60.45 52.51 -28.85
N ARG E 123 -59.21 52.95 -28.63
CA ARG E 123 -58.83 53.70 -27.43
C ARG E 123 -57.95 54.91 -27.79
N VAL E 124 -57.67 55.78 -26.81
CA VAL E 124 -56.83 56.93 -27.08
C VAL E 124 -55.45 56.49 -27.55
N TRP E 125 -55.00 55.35 -27.04
CA TRP E 125 -53.66 54.83 -27.38
C TRP E 125 -53.49 54.70 -28.90
N GLY E 126 -54.49 54.14 -29.57
CA GLY E 126 -54.41 54.00 -31.02
C GLY E 126 -54.52 55.36 -31.71
N ALA E 127 -55.30 56.28 -31.16
CA ALA E 127 -55.41 57.61 -31.79
C ALA E 127 -54.02 58.29 -31.73
N LEU E 128 -53.32 58.16 -30.60
CA LEU E 128 -51.98 58.74 -30.50
C LEU E 128 -51.07 58.21 -31.62
N ARG E 129 -51.04 56.89 -31.80
CA ARG E 129 -50.21 56.31 -32.85
C ARG E 129 -50.69 56.81 -34.22
N GLY E 130 -52.01 56.91 -34.37
CA GLY E 130 -52.62 57.37 -35.62
C GLY E 130 -52.25 58.80 -35.99
N LEU E 131 -52.14 59.67 -34.99
CA LEU E 131 -51.78 61.06 -35.22
C LEU E 131 -50.34 61.13 -35.71
N GLU E 132 -49.46 60.32 -35.14
CA GLU E 132 -48.07 60.30 -35.58
C GLU E 132 -48.01 59.86 -37.05
N THR E 133 -48.76 58.82 -37.40
CA THR E 133 -48.74 58.37 -38.79
C THR E 133 -49.31 59.42 -39.73
N PHE E 134 -50.37 60.10 -39.33
CA PHE E 134 -50.95 61.15 -40.17
C PHE E 134 -49.90 62.20 -40.45
N SER E 135 -49.19 62.61 -39.40
CA SER E 135 -48.19 63.65 -39.51
C SER E 135 -47.04 63.25 -40.44
N GLN E 136 -46.78 61.96 -40.57
CA GLN E 136 -45.73 61.48 -41.45
C GLN E 136 -46.20 61.47 -42.92
N LEU E 137 -47.52 61.43 -43.12
CA LEU E 137 -48.10 61.43 -44.46
C LEU E 137 -48.13 62.84 -45.07
N VAL E 138 -48.29 63.87 -44.23
CA VAL E 138 -48.32 65.24 -44.74
C VAL E 138 -46.92 65.67 -45.12
N TYR E 139 -46.79 66.37 -46.25
CA TYR E 139 -45.49 66.85 -46.67
C TYR E 139 -45.69 68.13 -47.45
N GLN E 140 -44.61 68.85 -47.71
CA GLN E 140 -44.72 70.08 -48.47
C GLN E 140 -44.20 69.77 -49.86
N ASP E 141 -44.92 70.20 -50.90
CA ASP E 141 -44.43 69.90 -52.23
C ASP E 141 -43.35 70.89 -52.65
N SER E 142 -42.99 70.85 -53.93
CA SER E 142 -41.95 71.72 -54.50
C SER E 142 -42.09 73.18 -54.18
N TYR E 143 -43.33 73.63 -53.99
CA TYR E 143 -43.57 75.04 -53.73
C TYR E 143 -43.96 75.37 -52.30
N GLY E 144 -43.77 74.43 -51.39
CA GLY E 144 -44.10 74.67 -50.00
C GLY E 144 -45.53 74.34 -49.63
N THR E 145 -46.34 73.97 -50.63
CA THR E 145 -47.75 73.63 -50.41
C THR E 145 -47.91 72.39 -49.52
N PHE E 146 -48.61 72.52 -48.39
CA PHE E 146 -48.84 71.36 -47.53
C PHE E 146 -49.75 70.39 -48.28
N THR E 147 -49.25 69.18 -48.47
CA THR E 147 -49.93 68.14 -49.23
C THR E 147 -50.00 66.80 -48.51
N ILE E 148 -51.00 66.01 -48.87
CA ILE E 148 -51.19 64.67 -48.35
C ILE E 148 -51.95 63.85 -49.39
N ASN E 149 -51.48 62.63 -49.62
CA ASN E 149 -52.15 61.76 -50.58
C ASN E 149 -53.41 61.16 -50.00
N GLU E 150 -54.38 60.93 -50.87
CA GLU E 150 -55.61 60.31 -50.44
C GLU E 150 -55.17 58.89 -50.11
N SER E 151 -55.62 58.35 -48.99
CA SER E 151 -55.20 57.01 -48.65
C SER E 151 -55.96 56.37 -47.50
N THR E 152 -55.67 55.09 -47.29
CA THR E 152 -56.30 54.34 -46.23
C THR E 152 -55.26 53.49 -45.53
N ILE E 153 -55.20 53.65 -44.21
CA ILE E 153 -54.25 52.91 -43.40
C ILE E 153 -54.97 52.23 -42.26
N ILE E 154 -54.67 50.94 -42.08
CA ILE E 154 -55.22 50.12 -41.01
C ILE E 154 -53.92 49.65 -40.32
N ASP E 155 -53.81 49.92 -39.02
CA ASP E 155 -52.57 49.60 -38.32
C ASP E 155 -52.77 49.14 -36.87
N SER E 156 -51.84 48.30 -36.42
CA SER E 156 -51.81 47.77 -35.05
C SER E 156 -50.40 47.17 -34.91
N PRO E 157 -49.84 47.17 -33.69
CA PRO E 157 -48.50 46.63 -33.47
C PRO E 157 -48.33 45.12 -33.45
N ARG E 158 -47.20 44.63 -33.94
CA ARG E 158 -46.94 43.21 -33.92
C ARG E 158 -46.74 42.75 -32.48
N PHE E 159 -46.02 43.55 -31.70
CA PHE E 159 -45.77 43.21 -30.30
C PHE E 159 -46.17 44.38 -29.40
N SER E 160 -46.69 44.06 -28.22
CA SER E 160 -47.15 45.11 -27.32
C SER E 160 -46.12 45.71 -26.35
N HIS E 161 -45.01 45.01 -26.08
CA HIS E 161 -43.99 45.58 -25.20
C HIS E 161 -42.84 46.04 -26.11
N ARG E 162 -42.72 47.36 -26.31
CA ARG E 162 -41.67 47.88 -27.19
C ARG E 162 -40.95 48.96 -26.39
N GLY E 163 -39.85 48.57 -25.76
CA GLY E 163 -39.13 49.50 -24.91
C GLY E 163 -37.76 50.03 -25.24
N ILE E 164 -37.38 51.01 -24.44
CA ILE E 164 -36.07 51.66 -24.52
C ILE E 164 -35.57 51.63 -23.08
N LEU E 165 -34.37 51.13 -22.87
CA LEU E 165 -33.82 51.13 -21.53
C LEU E 165 -32.79 52.25 -21.42
N ILE E 166 -32.99 53.13 -20.44
CA ILE E 166 -32.00 54.17 -20.20
C ILE E 166 -31.45 53.83 -18.80
N ASP E 167 -30.23 54.28 -18.55
CA ASP E 167 -29.52 54.03 -17.30
C ASP E 167 -29.16 55.40 -16.73
N THR E 168 -29.77 55.79 -15.61
CA THR E 168 -29.44 57.09 -15.02
C THR E 168 -28.58 56.96 -13.78
N SER E 169 -27.92 55.82 -13.65
CA SER E 169 -27.02 55.59 -12.52
C SER E 169 -25.56 55.65 -12.94
N ARG E 170 -25.22 55.07 -14.09
CA ARG E 170 -23.82 55.10 -14.53
C ARG E 170 -23.46 56.56 -14.85
N HIS E 171 -24.49 57.31 -15.24
CA HIS E 171 -24.44 58.75 -15.47
C HIS E 171 -25.84 59.26 -15.19
N TYR E 172 -25.92 60.41 -14.53
CA TYR E 172 -27.18 61.04 -14.24
C TYR E 172 -27.62 61.69 -15.57
N LEU E 173 -28.93 61.64 -15.86
CA LEU E 173 -29.44 62.26 -17.08
C LEU E 173 -30.46 63.33 -16.68
N PRO E 174 -30.23 64.59 -17.06
CA PRO E 174 -31.17 65.66 -16.71
C PRO E 174 -32.57 65.25 -17.23
N VAL E 175 -33.60 65.63 -16.50
CA VAL E 175 -34.98 65.29 -16.86
C VAL E 175 -35.32 65.70 -18.31
N LYS E 176 -34.77 66.82 -18.75
CA LYS E 176 -35.03 67.31 -20.09
C LYS E 176 -34.56 66.36 -21.20
N ILE E 177 -33.47 65.61 -20.98
CA ILE E 177 -33.03 64.68 -22.00
C ILE E 177 -33.94 63.46 -21.91
N ILE E 178 -34.49 63.20 -20.73
CA ILE E 178 -35.42 62.07 -20.61
C ILE E 178 -36.72 62.43 -21.36
N LEU E 179 -37.14 63.69 -21.24
CA LEU E 179 -38.36 64.11 -21.93
C LEU E 179 -38.14 64.07 -23.45
N LYS E 180 -36.94 64.48 -23.86
CA LYS E 180 -36.57 64.49 -25.27
C LYS E 180 -36.59 63.06 -25.80
N THR E 181 -36.08 62.12 -24.99
CA THR E 181 -36.05 60.71 -25.36
C THR E 181 -37.50 60.21 -25.52
N LEU E 182 -38.40 60.61 -24.62
CA LEU E 182 -39.79 60.21 -24.69
C LEU E 182 -40.44 60.74 -26.00
N ASP E 183 -40.05 61.93 -26.45
CA ASP E 183 -40.60 62.47 -27.69
C ASP E 183 -40.12 61.61 -28.87
N ALA E 184 -38.83 61.28 -28.88
CA ALA E 184 -38.27 60.47 -29.97
C ALA E 184 -38.98 59.13 -29.97
N MET E 185 -39.29 58.61 -28.78
CA MET E 185 -39.99 57.33 -28.67
C MET E 185 -41.38 57.44 -29.31
N ALA E 186 -42.11 58.51 -28.98
CA ALA E 186 -43.44 58.67 -29.57
C ALA E 186 -43.36 58.66 -31.10
N PHE E 187 -42.35 59.34 -31.67
CA PHE E 187 -42.17 59.41 -33.12
C PHE E 187 -41.91 58.03 -33.72
N ASN E 188 -41.34 57.14 -32.90
CA ASN E 188 -40.96 55.81 -33.31
C ASN E 188 -41.91 54.73 -32.81
N LYS E 189 -42.98 55.17 -32.16
CA LYS E 189 -43.99 54.30 -31.60
C LYS E 189 -43.54 53.32 -30.50
N PHE E 190 -42.46 53.64 -29.80
CA PHE E 190 -42.07 52.81 -28.68
C PHE E 190 -43.10 53.16 -27.62
N ASN E 191 -43.42 52.21 -26.75
CA ASN E 191 -44.40 52.46 -25.70
C ASN E 191 -43.91 52.13 -24.28
N VAL E 192 -42.64 51.76 -24.13
CA VAL E 192 -42.12 51.44 -22.81
C VAL E 192 -40.75 52.07 -22.52
N LEU E 193 -40.68 52.87 -21.47
CA LEU E 193 -39.41 53.47 -21.04
C LEU E 193 -38.99 52.65 -19.80
N HIS E 194 -37.98 51.80 -19.97
CA HIS E 194 -37.44 50.94 -18.90
C HIS E 194 -36.42 51.84 -18.23
N TRP E 195 -36.77 52.37 -17.07
CA TRP E 195 -35.88 53.29 -16.38
C TRP E 195 -35.00 52.58 -15.35
N HIS E 196 -33.78 52.22 -15.77
CA HIS E 196 -32.83 51.56 -14.89
C HIS E 196 -32.27 52.74 -14.12
N ILE E 197 -33.07 53.17 -13.16
CA ILE E 197 -32.79 54.36 -12.40
C ILE E 197 -31.61 54.35 -11.41
N VAL E 198 -31.36 53.20 -10.78
CA VAL E 198 -30.24 53.10 -9.83
C VAL E 198 -29.37 51.89 -10.15
N ASP E 199 -28.12 51.92 -9.70
CA ASP E 199 -27.20 50.81 -9.89
C ASP E 199 -26.04 50.98 -8.93
N ASP E 200 -24.91 50.34 -9.20
CA ASP E 200 -23.76 50.44 -8.29
C ASP E 200 -23.18 51.84 -8.08
N GLN E 201 -22.98 52.54 -9.19
CA GLN E 201 -22.33 53.82 -9.14
C GLN E 201 -23.06 54.97 -8.46
N SER E 202 -24.38 54.99 -8.48
CA SER E 202 -25.12 56.10 -7.84
C SER E 202 -26.58 55.78 -7.62
N PHE E 203 -27.22 56.51 -6.70
CA PHE E 203 -28.62 56.32 -6.37
C PHE E 203 -29.29 57.70 -6.44
N PRO E 204 -29.68 58.13 -7.66
CA PRO E 204 -30.32 59.44 -7.90
C PRO E 204 -31.79 59.51 -7.48
N TYR E 205 -32.44 58.37 -7.32
CA TYR E 205 -33.85 58.35 -6.94
C TYR E 205 -34.06 58.86 -5.52
N GLN E 206 -34.87 59.92 -5.38
CA GLN E 206 -35.15 60.48 -4.06
C GLN E 206 -36.33 59.75 -3.43
N SER E 207 -36.04 58.94 -2.42
CA SER E 207 -37.06 58.18 -1.71
C SER E 207 -37.52 59.01 -0.52
N ILE E 208 -38.84 59.16 -0.39
CA ILE E 208 -39.40 59.93 0.72
C ILE E 208 -39.35 59.13 2.02
N THR E 209 -39.59 57.82 1.96
CA THR E 209 -39.54 57.02 3.16
C THR E 209 -38.09 56.77 3.58
N PHE E 210 -37.15 56.82 2.63
CA PHE E 210 -35.74 56.63 2.96
C PHE E 210 -34.87 57.71 2.32
N PRO E 211 -34.92 58.93 2.89
CA PRO E 211 -34.15 60.06 2.37
C PRO E 211 -32.64 59.90 2.24
N GLU E 212 -32.05 59.04 3.07
CA GLU E 212 -30.59 58.85 3.03
C GLU E 212 -30.09 58.09 1.79
N LEU E 213 -30.95 57.32 1.15
CA LEU E 213 -30.55 56.57 -0.04
C LEU E 213 -29.95 57.56 -1.05
N SER E 214 -30.73 58.58 -1.42
CA SER E 214 -30.22 59.58 -2.37
C SER E 214 -29.30 60.60 -1.66
N ASN E 215 -29.62 61.02 -0.43
CA ASN E 215 -28.71 61.96 0.22
C ASN E 215 -27.29 61.40 0.26
N LYS E 216 -27.16 60.12 0.57
CA LYS E 216 -25.82 59.52 0.65
C LYS E 216 -25.36 58.79 -0.61
N GLY E 217 -26.32 58.27 -1.38
CA GLY E 217 -25.97 57.51 -2.56
C GLY E 217 -25.90 58.20 -3.92
N SER E 218 -26.31 59.45 -4.01
CA SER E 218 -26.29 60.17 -5.29
C SER E 218 -24.91 60.73 -5.54
N TYR E 219 -24.63 61.11 -6.79
CA TYR E 219 -23.35 61.70 -7.14
C TYR E 219 -23.18 63.02 -6.39
N SER E 220 -24.28 63.73 -6.20
CA SER E 220 -24.32 65.01 -5.48
C SER E 220 -25.79 65.39 -5.38
N LEU E 221 -26.11 66.43 -4.61
CA LEU E 221 -27.50 66.85 -4.46
C LEU E 221 -28.11 67.44 -5.73
N SER E 222 -27.26 67.81 -6.68
CA SER E 222 -27.79 68.34 -7.92
C SER E 222 -28.03 67.19 -8.94
N HIS E 223 -27.66 65.97 -8.58
CA HIS E 223 -27.86 64.82 -9.48
C HIS E 223 -28.90 63.86 -8.91
N VAL E 224 -30.09 64.38 -8.66
CA VAL E 224 -31.15 63.57 -8.09
C VAL E 224 -32.47 63.75 -8.84
N TYR E 225 -33.38 62.79 -8.69
CA TYR E 225 -34.70 62.86 -9.29
C TYR E 225 -35.67 63.03 -8.14
N THR E 226 -36.17 64.26 -7.97
CA THR E 226 -37.11 64.54 -6.89
C THR E 226 -38.48 63.91 -7.19
N PRO E 227 -39.40 63.92 -6.22
CA PRO E 227 -40.72 63.35 -6.49
C PRO E 227 -41.37 64.05 -7.69
N ASN E 228 -41.20 65.37 -7.80
CA ASN E 228 -41.77 66.12 -8.92
C ASN E 228 -41.12 65.80 -10.26
N ASP E 229 -39.81 65.55 -10.25
CA ASP E 229 -39.09 65.19 -11.45
C ASP E 229 -39.73 63.90 -11.98
N VAL E 230 -39.90 62.94 -11.06
CA VAL E 230 -40.45 61.64 -11.39
C VAL E 230 -41.88 61.77 -11.91
N ARG E 231 -42.72 62.54 -11.22
CA ARG E 231 -44.09 62.74 -11.67
C ARG E 231 -44.09 63.33 -13.07
N MET E 232 -43.20 64.30 -13.31
N MET E 232 -43.20 64.30 -13.31
CA MET E 232 -43.09 64.96 -14.60
CA MET E 232 -43.10 64.95 -14.60
C MET E 232 -42.79 63.97 -15.73
C MET E 232 -42.81 63.95 -15.73
N VAL E 233 -41.86 63.05 -15.48
CA VAL E 233 -41.50 62.05 -16.48
C VAL E 233 -42.69 61.16 -16.75
N ILE E 234 -43.36 60.72 -15.68
CA ILE E 234 -44.50 59.82 -15.80
C ILE E 234 -45.68 60.41 -16.60
N GLU E 235 -46.06 61.65 -16.30
CA GLU E 235 -47.17 62.29 -17.00
C GLU E 235 -46.84 62.58 -18.46
N TYR E 236 -45.63 63.08 -18.70
CA TYR E 236 -45.16 63.39 -20.04
C TYR E 236 -45.20 62.11 -20.90
N ALA E 237 -44.81 60.99 -20.28
CA ALA E 237 -44.80 59.70 -20.95
C ALA E 237 -46.25 59.26 -21.23
N ARG E 238 -47.11 59.40 -20.22
CA ARG E 238 -48.50 59.00 -20.36
C ARG E 238 -49.17 59.77 -21.49
N LEU E 239 -48.90 61.07 -21.59
CA LEU E 239 -49.49 61.90 -22.65
C LEU E 239 -49.08 61.39 -24.04
N ARG E 240 -47.98 60.63 -24.09
CA ARG E 240 -47.51 60.07 -25.34
C ARG E 240 -47.77 58.57 -25.46
N GLY E 241 -48.58 58.03 -24.55
CA GLY E 241 -48.91 56.62 -24.61
C GLY E 241 -47.73 55.73 -24.23
N ILE E 242 -46.83 56.24 -23.40
CA ILE E 242 -45.66 55.48 -22.99
C ILE E 242 -45.70 55.13 -21.52
N ARG E 243 -45.49 53.85 -21.25
CA ARG E 243 -45.46 53.32 -19.88
C ARG E 243 -44.07 53.56 -19.28
N VAL E 244 -44.00 53.97 -18.01
CA VAL E 244 -42.70 54.16 -17.38
C VAL E 244 -42.51 52.95 -16.46
N LEU E 245 -41.57 52.09 -16.84
CA LEU E 245 -41.27 50.86 -16.10
C LEU E 245 -40.04 51.08 -15.23
N PRO E 246 -40.24 51.17 -13.91
CA PRO E 246 -39.07 51.37 -13.06
C PRO E 246 -38.32 50.08 -12.82
N GLU E 247 -36.99 50.19 -12.76
CA GLU E 247 -36.21 49.03 -12.42
C GLU E 247 -35.35 49.42 -11.22
N PHE E 248 -35.56 48.73 -10.10
CA PHE E 248 -34.77 48.93 -8.89
C PHE E 248 -34.10 47.58 -8.69
N ASP E 249 -32.99 47.43 -9.39
CA ASP E 249 -32.19 46.22 -9.45
C ASP E 249 -31.59 45.75 -8.12
N THR E 250 -31.92 44.52 -7.72
CA THR E 250 -31.37 43.87 -6.51
C THR E 250 -31.27 42.37 -6.83
N PRO E 251 -30.49 41.59 -6.05
CA PRO E 251 -29.67 41.96 -4.89
C PRO E 251 -28.31 42.49 -5.32
N GLY E 252 -27.94 42.18 -6.57
CA GLY E 252 -26.68 42.67 -7.09
C GLY E 252 -26.87 44.09 -7.63
N HIS E 253 -25.77 44.68 -8.10
CA HIS E 253 -25.83 46.05 -8.66
C HIS E 253 -26.43 47.03 -7.66
N THR E 254 -26.14 46.83 -6.38
CA THR E 254 -26.72 47.68 -5.34
C THR E 254 -25.73 48.41 -4.44
N LEU E 255 -24.50 48.57 -4.92
CA LEU E 255 -23.48 49.25 -4.13
C LEU E 255 -23.90 50.62 -3.55
N SER E 256 -24.50 51.50 -4.37
CA SER E 256 -24.90 52.82 -3.91
C SER E 256 -26.00 52.82 -2.83
N TRP E 257 -26.76 51.73 -2.72
CA TRP E 257 -27.83 51.65 -1.71
C TRP E 257 -27.23 51.57 -0.30
N GLY E 258 -26.04 50.97 -0.21
CA GLY E 258 -25.36 50.80 1.06
C GLY E 258 -24.96 52.11 1.74
N LYS E 259 -24.66 53.14 0.96
CA LYS E 259 -24.27 54.42 1.53
C LYS E 259 -25.29 54.95 2.56
N GLY E 260 -26.58 54.85 2.24
CA GLY E 260 -27.60 55.38 3.12
C GLY E 260 -28.51 54.43 3.89
N GLN E 261 -28.42 53.15 3.60
CA GLN E 261 -29.21 52.15 4.32
C GLN E 261 -28.18 51.19 4.93
N LYS E 262 -27.91 51.35 6.22
CA LYS E 262 -26.93 50.50 6.89
C LYS E 262 -27.32 49.05 7.10
N ASP E 263 -26.32 48.19 7.01
CA ASP E 263 -26.50 46.75 7.16
C ASP E 263 -27.31 46.09 6.08
N LEU E 264 -27.55 46.80 4.98
CA LEU E 264 -28.32 46.21 3.89
C LEU E 264 -27.42 45.32 3.03
N LEU E 265 -26.26 45.85 2.65
CA LEU E 265 -25.30 45.15 1.82
C LEU E 265 -24.51 44.10 2.61
N THR E 266 -24.11 43.02 1.95
CA THR E 266 -23.33 41.96 2.62
C THR E 266 -21.86 42.35 2.80
N PRO E 267 -21.33 42.20 4.03
CA PRO E 267 -19.92 42.55 4.25
C PRO E 267 -19.03 41.44 3.68
N CYS E 268 -18.04 41.82 2.88
CA CYS E 268 -17.14 40.82 2.30
C CYS E 268 -16.04 40.54 3.32
N TYR E 269 -15.43 39.36 3.27
CA TYR E 269 -14.38 39.00 4.23
C TYR E 269 -13.13 38.32 3.68
N SER E 270 -12.22 37.96 4.59
CA SER E 270 -10.96 37.28 4.29
C SER E 270 -10.62 36.36 5.46
N LYS E 274 -12.73 41.03 8.24
CA LYS E 274 -13.48 42.22 7.76
C LYS E 274 -12.86 42.72 6.47
N LEU E 275 -13.38 43.84 5.99
CA LEU E 275 -12.94 44.50 4.78
C LEU E 275 -14.02 45.56 4.66
N ASP E 276 -13.64 46.78 4.30
CA ASP E 276 -14.63 47.83 4.14
C ASP E 276 -15.16 47.63 2.73
N SER E 277 -15.28 46.36 2.38
CA SER E 277 -15.75 45.90 1.08
C SER E 277 -17.15 45.29 1.22
N PHE E 278 -18.01 45.55 0.25
CA PHE E 278 -19.38 45.04 0.29
C PHE E 278 -19.84 44.40 -1.00
N GLY E 279 -20.73 43.41 -0.87
CA GLY E 279 -21.25 42.71 -2.03
C GLY E 279 -22.74 42.96 -2.17
N PRO E 280 -23.49 42.00 -2.72
CA PRO E 280 -24.94 42.20 -2.88
C PRO E 280 -25.70 42.32 -1.55
N ILE E 281 -26.97 42.67 -1.66
CA ILE E 281 -27.85 42.81 -0.52
C ILE E 281 -27.86 41.49 0.29
N ASN E 282 -27.74 41.63 1.62
CA ASN E 282 -27.74 40.49 2.55
C ASN E 282 -29.14 39.86 2.63
N PRO E 283 -29.33 38.68 2.02
CA PRO E 283 -30.63 37.99 2.02
C PRO E 283 -30.97 37.22 3.32
N THR E 284 -30.09 37.29 4.30
CA THR E 284 -30.35 36.53 5.53
C THR E 284 -30.92 37.33 6.70
N LEU E 285 -31.08 38.64 6.56
CA LEU E 285 -31.56 39.48 7.65
C LEU E 285 -33.00 39.95 7.47
N ASN E 286 -33.76 40.04 8.56
CA ASN E 286 -35.13 40.51 8.41
C ASN E 286 -35.16 42.02 8.22
N THR E 287 -34.06 42.69 8.52
CA THR E 287 -33.96 44.15 8.32
C THR E 287 -33.95 44.41 6.82
N THR E 288 -33.41 43.46 6.06
CA THR E 288 -33.36 43.59 4.61
C THR E 288 -34.78 43.56 4.03
N TYR E 289 -35.55 42.55 4.45
CA TYR E 289 -36.92 42.37 3.97
C TYR E 289 -37.88 43.42 4.50
N SER E 290 -37.61 43.88 5.71
CA SER E 290 -38.39 44.91 6.35
C SER E 290 -38.20 46.18 5.49
N PHE E 291 -36.94 46.51 5.19
CA PHE E 291 -36.59 47.66 4.37
C PHE E 291 -37.19 47.57 2.95
N LEU E 292 -37.00 46.46 2.27
CA LEU E 292 -37.54 46.32 0.93
C LEU E 292 -39.06 46.43 0.88
N THR E 293 -39.72 45.94 1.93
CA THR E 293 -41.19 45.95 2.01
C THR E 293 -41.68 47.40 2.02
N THR E 294 -41.07 48.21 2.87
CA THR E 294 -41.41 49.63 2.96
C THR E 294 -40.96 50.33 1.68
N PHE E 295 -39.77 50.02 1.22
CA PHE E 295 -39.25 50.63 0.01
C PHE E 295 -40.16 50.38 -1.21
N PHE E 296 -40.46 49.11 -1.49
CA PHE E 296 -41.28 48.82 -2.64
C PHE E 296 -42.72 49.31 -2.49
N LYS E 297 -43.16 49.46 -1.25
CA LYS E 297 -44.51 49.96 -1.03
C LYS E 297 -44.55 51.38 -1.65
N GLU E 298 -43.51 52.16 -1.37
CA GLU E 298 -43.37 53.51 -1.91
C GLU E 298 -43.33 53.51 -3.45
N ILE E 299 -42.51 52.62 -4.02
CA ILE E 299 -42.39 52.50 -5.48
C ILE E 299 -43.74 52.22 -6.13
N SER E 300 -44.54 51.37 -5.49
CA SER E 300 -45.86 50.99 -6.02
C SER E 300 -46.83 52.17 -5.98
N GLU E 301 -46.52 53.15 -5.14
CA GLU E 301 -47.37 54.33 -5.03
C GLU E 301 -46.84 55.42 -5.95
N VAL E 302 -45.54 55.37 -6.25
CA VAL E 302 -44.93 56.39 -7.09
C VAL E 302 -45.04 56.13 -8.59
N PHE E 303 -44.91 54.87 -9.00
CA PHE E 303 -45.01 54.53 -10.42
C PHE E 303 -46.33 53.84 -10.67
N PRO E 304 -47.16 54.40 -11.55
CA PRO E 304 -48.44 53.75 -11.81
C PRO E 304 -48.43 52.51 -12.67
N ASP E 305 -47.34 52.25 -13.40
CA ASP E 305 -47.34 51.06 -14.25
C ASP E 305 -47.58 49.79 -13.43
N GLN E 306 -48.29 48.84 -14.05
CA GLN E 306 -48.60 47.56 -13.43
C GLN E 306 -47.35 46.75 -13.06
N PHE E 307 -46.24 47.02 -13.72
CA PHE E 307 -45.02 46.24 -13.50
C PHE E 307 -43.82 46.97 -12.90
N ILE E 308 -43.08 46.24 -12.08
CA ILE E 308 -41.84 46.73 -11.50
C ILE E 308 -40.80 45.69 -11.93
N HIS E 309 -39.70 46.16 -12.51
CA HIS E 309 -38.62 45.28 -12.92
C HIS E 309 -37.73 45.09 -11.67
N LEU E 310 -37.54 43.85 -11.23
CA LEU E 310 -36.73 43.59 -10.04
C LEU E 310 -35.25 43.36 -10.29
N GLY E 311 -34.84 43.40 -11.56
CA GLY E 311 -33.46 43.17 -11.90
C GLY E 311 -33.09 41.71 -11.66
N GLY E 312 -32.06 41.47 -10.85
CA GLY E 312 -31.65 40.09 -10.56
C GLY E 312 -30.50 39.57 -11.42
N ASP E 313 -29.84 40.47 -12.15
CA ASP E 313 -28.73 40.08 -13.02
C ASP E 313 -27.37 40.10 -12.31
N GLU E 314 -26.44 39.30 -12.83
CA GLU E 314 -25.07 39.24 -12.36
C GLU E 314 -24.81 39.31 -10.88
N VAL E 315 -25.54 38.52 -10.09
CA VAL E 315 -25.29 38.51 -8.66
C VAL E 315 -23.96 37.76 -8.45
N GLU E 316 -23.02 38.39 -7.76
CA GLU E 316 -21.72 37.78 -7.52
C GLU E 316 -21.72 37.10 -6.17
N PHE E 317 -21.65 35.77 -6.20
CA PHE E 317 -21.68 34.92 -5.01
C PHE E 317 -20.47 34.96 -4.09
N LYS E 318 -19.36 35.51 -4.57
CA LYS E 318 -18.13 35.58 -3.81
C LYS E 318 -18.27 36.10 -2.37
N CYS E 319 -18.77 37.31 -2.21
N CYS E 319 -18.80 37.31 -2.24
CA CYS E 319 -18.91 37.89 -0.87
CA CYS E 319 -18.99 37.96 -0.96
C CYS E 319 -19.87 37.13 0.02
C CYS E 319 -19.88 37.16 -0.01
N TRP E 320 -20.92 36.56 -0.55
CA TRP E 320 -21.86 35.77 0.23
C TRP E 320 -21.10 34.60 0.80
N GLU E 321 -20.39 33.91 -0.07
CA GLU E 321 -19.62 32.75 0.31
C GLU E 321 -18.55 33.06 1.35
N SER E 322 -17.96 34.25 1.29
CA SER E 322 -16.90 34.64 2.21
C SER E 322 -17.44 35.10 3.56
N ASN E 323 -18.76 35.17 3.69
CA ASN E 323 -19.38 35.64 4.92
C ASN E 323 -19.80 34.50 5.85
N PRO E 324 -19.24 34.47 7.08
CA PRO E 324 -19.50 33.46 8.12
C PRO E 324 -20.98 33.32 8.45
N LYS E 325 -21.64 34.46 8.65
CA LYS E 325 -23.05 34.45 8.97
C LYS E 325 -23.90 33.91 7.82
N ILE E 326 -23.55 34.25 6.58
CA ILE E 326 -24.32 33.75 5.44
C ILE E 326 -24.08 32.24 5.34
N GLN E 327 -22.84 31.80 5.57
CA GLN E 327 -22.53 30.37 5.54
C GLN E 327 -23.40 29.64 6.58
N ASP E 328 -23.55 30.22 7.77
CA ASP E 328 -24.40 29.61 8.78
C ASP E 328 -25.84 29.49 8.27
N PHE E 329 -26.33 30.55 7.63
CA PHE E 329 -27.69 30.58 7.11
C PHE E 329 -27.83 29.48 6.07
N MET E 330 -26.82 29.34 5.21
CA MET E 330 -26.85 28.32 4.18
C MET E 330 -27.05 26.94 4.82
N ARG E 331 -26.25 26.66 5.85
CA ARG E 331 -26.34 25.37 6.56
C ARG E 331 -27.71 25.16 7.17
N GLN E 332 -28.21 26.16 7.89
CA GLN E 332 -29.51 26.05 8.55
C GLN E 332 -30.69 25.89 7.59
N LYS E 333 -30.58 26.47 6.40
CA LYS E 333 -31.64 26.35 5.40
C LYS E 333 -31.44 25.08 4.56
N GLY E 334 -30.27 24.46 4.73
CA GLY E 334 -29.98 23.25 3.99
C GLY E 334 -29.74 23.51 2.51
N PHE E 335 -29.09 24.64 2.20
CA PHE E 335 -28.79 25.03 0.82
C PHE E 335 -27.44 24.50 0.35
N GLY E 336 -26.70 23.88 1.27
CA GLY E 336 -25.39 23.35 0.92
C GLY E 336 -24.45 24.46 0.49
N THR E 337 -23.82 24.25 -0.65
CA THR E 337 -22.89 25.23 -1.21
C THR E 337 -23.48 25.80 -2.52
N ASP E 338 -24.78 25.60 -2.71
CA ASP E 338 -25.45 26.08 -3.91
C ASP E 338 -26.06 27.45 -3.67
N PHE E 339 -25.28 28.50 -3.94
CA PHE E 339 -25.74 29.86 -3.71
C PHE E 339 -26.84 30.33 -4.64
N LYS E 340 -27.23 29.49 -5.58
CA LYS E 340 -28.31 29.82 -6.49
C LYS E 340 -29.60 29.64 -5.69
N LYS E 341 -29.56 28.73 -4.72
CA LYS E 341 -30.71 28.51 -3.86
C LYS E 341 -30.89 29.73 -2.93
N LEU E 342 -29.78 30.34 -2.53
CA LEU E 342 -29.85 31.53 -1.66
C LEU E 342 -30.38 32.65 -2.53
N GLU E 343 -29.86 32.74 -3.76
CA GLU E 343 -30.30 33.76 -4.71
C GLU E 343 -31.80 33.60 -4.97
N SER E 344 -32.27 32.36 -5.11
CA SER E 344 -33.68 32.09 -5.35
C SER E 344 -34.51 32.41 -4.11
N PHE E 345 -33.93 32.14 -2.93
CA PHE E 345 -34.61 32.41 -1.67
C PHE E 345 -34.92 33.90 -1.62
N TYR E 346 -33.90 34.70 -1.94
CA TYR E 346 -34.00 36.15 -1.94
C TYR E 346 -35.04 36.69 -2.93
N ILE E 347 -34.87 36.35 -4.19
CA ILE E 347 -35.77 36.86 -5.21
C ILE E 347 -37.24 36.46 -4.99
N GLN E 348 -37.46 35.27 -4.46
CA GLN E 348 -38.81 34.79 -4.19
C GLN E 348 -39.46 35.63 -3.08
N LYS E 349 -38.66 36.06 -2.11
CA LYS E 349 -39.24 36.87 -1.06
C LYS E 349 -39.57 38.25 -1.65
N VAL E 350 -38.76 38.72 -2.58
CA VAL E 350 -39.04 40.00 -3.19
C VAL E 350 -40.24 39.88 -4.14
N LEU E 351 -40.35 38.76 -4.86
CA LEU E 351 -41.47 38.57 -5.77
C LEU E 351 -42.76 38.59 -4.95
N ASP E 352 -42.72 37.94 -3.80
CA ASP E 352 -43.87 37.90 -2.90
C ASP E 352 -44.27 39.29 -2.42
N ILE E 353 -43.30 40.11 -2.04
CA ILE E 353 -43.60 41.47 -1.58
C ILE E 353 -44.31 42.23 -2.68
N ILE E 354 -43.80 42.13 -3.91
CA ILE E 354 -44.40 42.81 -5.04
C ILE E 354 -45.83 42.34 -5.25
N ALA E 355 -46.07 41.03 -5.07
CA ALA E 355 -47.41 40.48 -5.25
C ALA E 355 -48.42 41.01 -4.25
N THR E 356 -47.93 41.61 -3.16
CA THR E 356 -48.81 42.14 -2.13
C THR E 356 -49.14 43.62 -2.35
N ILE E 357 -48.45 44.28 -3.28
CA ILE E 357 -48.71 45.70 -3.51
C ILE E 357 -49.33 45.99 -4.87
N ASN E 358 -50.13 45.03 -5.33
CA ASN E 358 -50.86 45.08 -6.60
C ASN E 358 -50.01 45.42 -7.84
N LYS E 359 -48.84 44.81 -7.93
CA LYS E 359 -47.95 45.04 -9.06
C LYS E 359 -47.48 43.67 -9.59
N GLY E 360 -47.07 43.65 -10.86
CA GLY E 360 -46.55 42.44 -11.46
C GLY E 360 -45.04 42.58 -11.50
N SER E 361 -44.31 41.50 -11.76
CA SER E 361 -42.86 41.56 -11.77
C SER E 361 -42.21 41.13 -13.08
N ILE E 362 -41.07 41.75 -13.36
CA ILE E 362 -40.26 41.43 -14.51
C ILE E 362 -38.85 41.20 -13.94
N VAL E 363 -38.17 40.16 -14.42
CA VAL E 363 -36.83 39.85 -13.93
C VAL E 363 -35.88 39.54 -15.08
N TRP E 364 -34.59 39.83 -14.87
CA TRP E 364 -33.58 39.49 -15.87
C TRP E 364 -33.51 37.94 -15.84
N GLN E 365 -33.09 37.34 -16.95
CA GLN E 365 -33.07 35.88 -17.07
C GLN E 365 -32.36 35.04 -16.00
N GLU E 366 -31.30 35.56 -15.37
CA GLU E 366 -30.61 34.77 -14.35
C GLU E 366 -31.53 34.18 -13.31
N VAL E 367 -32.58 34.94 -12.97
CA VAL E 367 -33.56 34.53 -11.98
C VAL E 367 -34.22 33.24 -12.43
N PHE E 368 -34.61 33.19 -13.71
CA PHE E 368 -35.23 32.01 -14.27
C PHE E 368 -34.19 30.89 -14.43
N ASP E 369 -33.04 31.23 -14.99
CA ASP E 369 -31.95 30.26 -15.22
C ASP E 369 -31.44 29.62 -13.94
N ASP E 370 -31.41 30.36 -12.83
CA ASP E 370 -30.91 29.82 -11.57
C ASP E 370 -31.99 29.09 -10.77
N LYS E 371 -33.08 28.79 -11.46
CA LYS E 371 -34.18 28.03 -10.89
C LYS E 371 -35.04 28.65 -9.81
N ALA E 372 -35.25 29.96 -9.85
CA ALA E 372 -36.11 30.55 -8.84
C ALA E 372 -37.51 30.05 -9.14
N LYS E 373 -38.35 29.92 -8.11
CA LYS E 373 -39.72 29.48 -8.32
C LYS E 373 -40.50 30.74 -8.66
N LEU E 374 -41.07 30.78 -9.85
CA LEU E 374 -41.79 31.97 -10.29
C LEU E 374 -43.28 31.75 -10.43
N ALA E 375 -44.07 32.75 -10.03
CA ALA E 375 -45.51 32.66 -10.14
C ALA E 375 -45.93 32.92 -11.58
N PRO E 376 -47.07 32.36 -11.99
CA PRO E 376 -47.53 32.58 -13.37
C PRO E 376 -47.57 34.09 -13.63
N GLY E 377 -47.32 34.51 -14.86
CA GLY E 377 -47.38 35.92 -15.16
C GLY E 377 -46.10 36.70 -14.89
N THR E 378 -45.11 36.06 -14.30
CA THR E 378 -43.85 36.75 -14.08
C THR E 378 -43.23 36.84 -15.46
N ILE E 379 -42.75 38.02 -15.85
CA ILE E 379 -42.14 38.19 -17.16
C ILE E 379 -40.64 38.04 -17.06
N VAL E 380 -40.05 37.39 -18.05
CA VAL E 380 -38.61 37.22 -18.01
C VAL E 380 -38.00 37.93 -19.20
N GLU E 381 -36.97 38.73 -18.91
CA GLU E 381 -36.28 39.47 -19.94
C GLU E 381 -34.97 38.77 -20.28
N VAL E 382 -34.88 38.31 -21.52
CA VAL E 382 -33.71 37.58 -22.02
C VAL E 382 -32.73 38.56 -22.61
N TRP E 383 -31.59 38.71 -21.96
CA TRP E 383 -30.59 39.67 -22.39
C TRP E 383 -29.26 39.09 -22.81
N LYS E 384 -29.00 37.84 -22.42
CA LYS E 384 -27.72 37.22 -22.77
C LYS E 384 -27.68 36.79 -24.23
N ASP E 385 -26.69 37.34 -24.91
CA ASP E 385 -26.46 37.13 -26.33
C ASP E 385 -26.20 35.68 -26.80
N SER E 386 -25.37 34.95 -26.08
CA SER E 386 -25.04 33.57 -26.46
C SER E 386 -26.24 32.61 -26.55
N ALA E 387 -26.60 32.20 -27.75
CA ALA E 387 -27.70 31.26 -27.95
C ALA E 387 -29.01 31.71 -27.30
N TYR E 388 -29.37 33.00 -27.44
CA TYR E 388 -30.62 33.45 -26.82
C TYR E 388 -31.85 32.78 -27.40
N PRO E 389 -31.78 32.29 -28.65
CA PRO E 389 -33.01 31.64 -29.13
C PRO E 389 -33.42 30.43 -28.30
N GLU E 390 -32.43 29.65 -27.84
CA GLU E 390 -32.73 28.48 -27.02
C GLU E 390 -33.24 28.92 -25.66
N GLU E 391 -32.75 30.05 -25.17
CA GLU E 391 -33.20 30.58 -23.88
C GLU E 391 -34.65 31.00 -24.04
N LEU E 392 -35.00 31.55 -25.21
CA LEU E 392 -36.38 31.94 -25.43
C LEU E 392 -37.26 30.67 -25.43
N SER E 393 -36.77 29.59 -26.03
CA SER E 393 -37.53 28.33 -26.05
C SER E 393 -37.76 27.86 -24.62
N ARG E 394 -36.71 27.89 -23.80
CA ARG E 394 -36.80 27.47 -22.40
C ARG E 394 -37.79 28.30 -21.58
N VAL E 395 -37.67 29.63 -21.63
CA VAL E 395 -38.57 30.49 -20.88
C VAL E 395 -40.02 30.23 -21.26
N THR E 396 -40.31 30.21 -22.57
CA THR E 396 -41.69 30.00 -23.00
C THR E 396 -42.15 28.56 -22.75
N ALA E 397 -41.25 27.59 -22.89
CA ALA E 397 -41.61 26.21 -22.62
C ALA E 397 -42.12 26.12 -21.19
N SER E 398 -41.49 26.86 -20.27
CA SER E 398 -41.93 26.81 -18.87
C SER E 398 -43.21 27.61 -18.64
N GLY E 399 -43.73 28.22 -19.71
CA GLY E 399 -44.97 28.99 -19.61
C GLY E 399 -44.93 30.44 -19.18
N PHE E 400 -43.74 31.05 -19.15
CA PHE E 400 -43.62 32.44 -18.74
C PHE E 400 -43.53 33.43 -19.89
N PRO E 401 -44.21 34.59 -19.77
CA PRO E 401 -44.16 35.60 -20.83
C PRO E 401 -42.69 36.06 -20.94
N VAL E 402 -42.27 36.41 -22.14
CA VAL E 402 -40.88 36.81 -22.32
C VAL E 402 -40.69 38.07 -23.15
N ILE E 403 -39.61 38.80 -22.82
CA ILE E 403 -39.21 40.04 -23.50
C ILE E 403 -37.77 39.84 -23.94
N LEU E 404 -37.47 40.19 -25.18
CA LEU E 404 -36.11 40.04 -25.71
C LEU E 404 -35.32 41.33 -25.83
N SER E 405 -34.09 41.35 -25.33
CA SER E 405 -33.24 42.54 -25.46
C SER E 405 -31.82 42.16 -25.93
N ALA E 406 -31.49 40.89 -25.79
CA ALA E 406 -30.17 40.36 -26.13
C ALA E 406 -29.42 40.89 -27.35
N PRO E 407 -30.06 40.89 -28.54
CA PRO E 407 -29.38 41.36 -29.75
C PRO E 407 -29.47 42.86 -29.97
N TRP E 408 -30.09 43.53 -29.00
CA TRP E 408 -30.30 44.96 -29.08
C TRP E 408 -29.65 45.81 -27.98
N TYR E 409 -28.37 45.53 -27.71
CA TYR E 409 -27.63 46.29 -26.73
C TYR E 409 -26.99 47.43 -27.51
N LEU E 410 -27.70 48.55 -27.60
CA LEU E 410 -27.20 49.68 -28.39
C LEU E 410 -26.01 50.37 -27.77
N ASP E 411 -25.70 50.05 -26.52
CA ASP E 411 -24.53 50.65 -25.90
C ASP E 411 -23.26 50.02 -26.51
N LEU E 412 -23.41 48.83 -27.12
CA LEU E 412 -22.26 48.16 -27.72
C LEU E 412 -22.12 48.66 -29.16
N ILE E 413 -21.55 49.85 -29.28
CA ILE E 413 -21.37 50.48 -30.58
C ILE E 413 -20.24 49.87 -31.42
N SER E 414 -20.35 50.06 -32.73
CA SER E 414 -19.36 49.57 -33.67
C SER E 414 -19.41 50.43 -34.93
N TYR E 415 -18.40 50.28 -35.78
CA TYR E 415 -18.28 51.06 -36.97
C TYR E 415 -19.34 50.73 -38.01
N GLY E 416 -19.82 51.77 -38.70
CA GLY E 416 -20.80 51.57 -39.76
C GLY E 416 -22.27 51.41 -39.45
N GLN E 417 -23.00 50.90 -40.43
CA GLN E 417 -24.43 50.71 -40.31
C GLN E 417 -24.89 49.53 -39.46
N ASP E 418 -24.65 49.60 -38.16
CA ASP E 418 -25.08 48.52 -37.29
C ASP E 418 -26.59 48.54 -37.12
N TRP E 419 -27.26 49.58 -37.61
CA TRP E 419 -28.73 49.60 -37.52
C TRP E 419 -29.30 48.41 -38.30
N ARG E 420 -28.58 47.99 -39.35
CA ARG E 420 -29.02 46.86 -40.18
C ARG E 420 -29.07 45.54 -39.42
N LYS E 421 -28.08 45.29 -38.56
CA LYS E 421 -28.11 44.04 -37.83
C LYS E 421 -29.23 44.03 -36.78
N TYR E 422 -29.59 45.19 -36.24
CA TYR E 422 -30.68 45.24 -35.26
C TYR E 422 -31.98 45.01 -36.01
N TYR E 423 -32.08 45.62 -37.19
CA TYR E 423 -33.26 45.48 -38.02
C TYR E 423 -33.48 44.04 -38.55
N LYS E 424 -32.40 43.31 -38.85
CA LYS E 424 -32.52 41.97 -39.39
C LYS E 424 -32.97 40.90 -38.40
N VAL E 425 -32.95 41.21 -37.12
CA VAL E 425 -33.39 40.27 -36.10
C VAL E 425 -34.86 39.89 -36.36
N GLU E 426 -35.19 38.61 -36.23
CA GLU E 426 -36.58 38.11 -36.36
C GLU E 426 -36.73 37.38 -35.03
N PRO E 427 -37.34 38.07 -34.04
CA PRO E 427 -37.58 37.58 -32.68
C PRO E 427 -38.15 36.19 -32.48
N LEU E 428 -39.15 35.85 -33.29
CA LEU E 428 -39.79 34.56 -33.14
C LEU E 428 -39.06 33.37 -33.76
N ASP E 429 -37.82 33.58 -34.20
CA ASP E 429 -37.06 32.48 -34.77
C ASP E 429 -36.38 31.68 -33.68
N PHE E 430 -37.16 30.85 -32.99
CA PHE E 430 -36.62 29.99 -31.95
C PHE E 430 -37.54 28.78 -31.87
N GLY E 431 -37.03 27.68 -31.32
CA GLY E 431 -37.83 26.48 -31.21
C GLY E 431 -39.01 26.64 -30.30
N GLY E 432 -40.20 26.37 -30.83
CA GLY E 432 -41.37 26.48 -30.00
C GLY E 432 -42.68 26.26 -30.71
N THR E 433 -43.67 25.85 -29.95
CA THR E 433 -45.01 25.61 -30.44
C THR E 433 -45.66 26.97 -30.67
N GLN E 434 -46.88 26.95 -31.15
CA GLN E 434 -47.60 28.18 -31.42
C GLN E 434 -47.88 28.87 -30.09
N LYS E 435 -48.39 28.14 -29.11
CA LYS E 435 -48.71 28.72 -27.82
C LYS E 435 -47.46 29.26 -27.16
N GLN E 436 -46.34 28.59 -27.38
CA GLN E 436 -45.07 29.00 -26.82
C GLN E 436 -44.66 30.38 -27.37
N LYS E 437 -44.87 30.57 -28.66
CA LYS E 437 -44.50 31.83 -29.28
C LYS E 437 -45.45 32.96 -28.87
N GLN E 438 -46.67 32.62 -28.48
CA GLN E 438 -47.61 33.64 -28.05
C GLN E 438 -47.16 34.27 -26.73
N LEU E 439 -46.22 33.63 -26.03
CA LEU E 439 -45.72 34.16 -24.77
C LEU E 439 -44.65 35.25 -25.00
N PHE E 440 -44.25 35.42 -26.26
CA PHE E 440 -43.26 36.43 -26.61
C PHE E 440 -44.07 37.73 -26.71
N ILE E 441 -43.88 38.65 -25.78
CA ILE E 441 -44.66 39.88 -25.83
C ILE E 441 -43.96 41.09 -26.42
N GLY E 442 -42.66 40.95 -26.67
CA GLY E 442 -41.93 42.07 -27.25
C GLY E 442 -40.45 42.15 -26.91
N GLY E 443 -39.90 43.36 -26.99
CA GLY E 443 -38.48 43.53 -26.72
C GLY E 443 -38.09 44.95 -26.36
N GLU E 444 -36.80 45.16 -26.14
CA GLU E 444 -36.28 46.48 -25.79
C GLU E 444 -34.90 46.72 -26.37
N ALA E 445 -34.63 47.98 -26.71
CA ALA E 445 -33.32 48.39 -27.19
C ALA E 445 -32.73 49.00 -25.93
N CYS E 446 -31.56 48.52 -25.54
CA CYS E 446 -30.93 49.00 -24.32
C CYS E 446 -29.75 49.92 -24.57
N LEU E 447 -29.72 51.03 -23.83
CA LEU E 447 -28.62 51.97 -23.95
C LEU E 447 -28.02 52.14 -22.55
N TRP E 448 -27.26 51.12 -22.12
CA TRP E 448 -26.64 51.17 -20.81
C TRP E 448 -25.74 52.40 -20.72
N GLY E 449 -25.55 52.92 -19.51
CA GLY E 449 -24.82 54.17 -19.37
C GLY E 449 -23.36 54.35 -19.02
N GLU E 450 -22.58 53.28 -18.94
CA GLU E 450 -21.17 53.42 -18.60
C GLU E 450 -20.46 54.48 -19.45
N TYR E 451 -20.82 54.58 -20.73
CA TYR E 451 -20.16 55.55 -21.61
C TYR E 451 -21.12 56.55 -22.22
N VAL E 452 -22.28 56.69 -21.59
CA VAL E 452 -23.33 57.56 -22.09
C VAL E 452 -23.90 58.56 -21.09
N ASP E 453 -23.92 59.83 -21.48
CA ASP E 453 -24.54 60.87 -20.68
C ASP E 453 -25.22 61.86 -21.63
N ALA E 454 -25.59 63.04 -21.14
CA ALA E 454 -26.28 64.02 -21.99
C ALA E 454 -25.51 64.48 -23.22
N THR E 455 -24.19 64.33 -23.22
CA THR E 455 -23.44 64.79 -24.39
C THR E 455 -23.52 63.86 -25.61
N ASN E 456 -23.91 62.61 -25.41
CA ASN E 456 -23.91 61.68 -26.53
C ASN E 456 -25.06 60.71 -26.58
N LEU E 457 -25.99 60.82 -25.65
CA LEU E 457 -27.11 59.89 -25.62
C LEU E 457 -28.00 59.86 -26.87
N THR E 458 -28.49 61.01 -27.29
CA THR E 458 -29.41 61.06 -28.42
C THR E 458 -28.85 60.60 -29.76
N PRO E 459 -27.66 61.08 -30.15
CA PRO E 459 -27.07 60.66 -31.42
C PRO E 459 -26.82 59.15 -31.42
N ARG E 460 -26.40 58.64 -30.26
CA ARG E 460 -26.12 57.22 -30.15
C ARG E 460 -27.37 56.38 -30.16
N LEU E 461 -28.42 56.88 -29.53
CA LEU E 461 -29.66 56.14 -29.46
C LEU E 461 -30.49 56.18 -30.76
N TRP E 462 -30.53 57.33 -31.43
CA TRP E 462 -31.29 57.46 -32.68
C TRP E 462 -30.38 57.72 -33.87
N PRO E 463 -30.66 57.13 -35.04
CA PRO E 463 -31.79 56.27 -35.38
C PRO E 463 -31.57 54.79 -35.17
N ARG E 464 -30.49 54.42 -34.47
CA ARG E 464 -30.25 52.99 -34.28
C ARG E 464 -31.46 52.28 -33.63
N ALA E 465 -32.09 52.89 -32.64
CA ALA E 465 -33.25 52.29 -31.98
C ALA E 465 -34.45 52.23 -32.90
N SER E 466 -34.48 53.09 -33.90
CA SER E 466 -35.59 53.08 -34.84
C SER E 466 -35.69 51.71 -35.55
N ALA E 467 -34.55 51.05 -35.79
CA ALA E 467 -34.53 49.72 -36.42
C ALA E 467 -35.29 48.75 -35.54
N VAL E 468 -35.06 48.83 -34.23
CA VAL E 468 -35.74 47.95 -33.30
C VAL E 468 -37.22 48.29 -33.28
N GLY E 469 -37.51 49.59 -33.32
CA GLY E 469 -38.89 50.04 -33.32
C GLY E 469 -39.72 49.45 -34.44
N GLU E 470 -39.22 49.49 -35.67
CA GLU E 470 -39.97 48.92 -36.79
C GLU E 470 -40.13 47.38 -36.67
N ARG E 471 -39.06 46.71 -36.24
CA ARG E 471 -39.10 45.26 -36.08
C ARG E 471 -40.14 44.84 -35.04
N LEU E 472 -40.35 45.65 -34.00
CA LEU E 472 -41.33 45.32 -32.96
C LEU E 472 -42.74 45.78 -33.31
N TRP E 473 -42.87 46.79 -34.16
CA TRP E 473 -44.20 47.26 -34.53
C TRP E 473 -44.74 46.65 -35.83
N SER E 474 -43.92 46.65 -36.88
CA SER E 474 -44.30 46.17 -38.20
C SER E 474 -44.39 44.64 -38.39
N SER E 475 -45.11 44.26 -39.44
CA SER E 475 -45.29 42.85 -39.79
C SER E 475 -43.95 42.15 -39.94
N LYS E 476 -43.95 40.86 -39.65
CA LYS E 476 -42.76 40.02 -39.77
C LYS E 476 -42.09 40.07 -41.14
N ASP E 477 -42.89 40.26 -42.20
N ASP E 477 -42.89 40.26 -42.20
CA ASP E 477 -42.36 40.29 -43.56
CA ASP E 477 -42.34 40.28 -43.56
C ASP E 477 -41.79 41.62 -44.04
C ASP E 477 -41.79 41.61 -44.03
N VAL E 478 -41.84 42.65 -43.19
CA VAL E 478 -41.28 43.94 -43.60
C VAL E 478 -39.78 43.78 -43.37
N ARG E 479 -39.07 43.43 -44.44
CA ARG E 479 -37.65 43.18 -44.31
C ARG E 479 -36.77 43.67 -45.43
N ASP E 480 -37.31 44.38 -46.41
CA ASP E 480 -36.48 44.84 -47.49
C ASP E 480 -35.48 45.89 -47.02
N MET E 481 -34.20 45.61 -47.18
CA MET E 481 -33.17 46.53 -46.72
C MET E 481 -33.08 47.83 -47.49
N ASP E 482 -33.29 47.79 -48.80
CA ASP E 482 -33.20 49.03 -49.57
C ASP E 482 -34.34 49.97 -49.19
N ASP E 483 -35.52 49.39 -49.02
CA ASP E 483 -36.68 50.18 -48.65
C ASP E 483 -36.54 50.68 -47.20
N ALA E 484 -35.93 49.88 -46.34
CA ALA E 484 -35.74 50.26 -44.95
C ALA E 484 -34.81 51.47 -44.93
N TYR E 485 -33.70 51.37 -45.65
CA TYR E 485 -32.72 52.46 -45.70
C TYR E 485 -33.31 53.77 -46.24
N ASP E 486 -34.16 53.67 -47.27
N ASP E 486 -34.15 53.65 -47.27
CA ASP E 486 -34.77 54.85 -47.87
CA ASP E 486 -34.79 54.81 -47.89
C ASP E 486 -35.75 55.54 -46.90
C ASP E 486 -35.74 55.52 -46.93
N ARG E 487 -36.53 54.74 -46.20
CA ARG E 487 -37.49 55.31 -45.26
C ARG E 487 -36.80 55.77 -43.96
N LEU E 488 -35.80 55.03 -43.50
CA LEU E 488 -35.09 55.39 -42.27
C LEU E 488 -34.30 56.68 -42.46
N THR E 489 -33.64 56.81 -43.60
CA THR E 489 -32.86 57.98 -43.94
C THR E 489 -33.75 59.23 -43.82
N ARG E 490 -34.96 59.13 -44.38
CA ARG E 490 -35.91 60.23 -44.37
C ARG E 490 -36.56 60.45 -43.02
N HIS E 491 -36.83 59.36 -42.32
CA HIS E 491 -37.43 59.44 -41.00
C HIS E 491 -36.43 60.15 -40.07
N ARG E 492 -35.14 59.84 -40.24
CA ARG E 492 -34.09 60.45 -39.43
C ARG E 492 -34.03 61.97 -39.67
N CYS E 493 -34.18 62.41 -40.92
CA CYS E 493 -34.19 63.85 -41.18
C CYS E 493 -35.40 64.50 -40.50
N ARG E 494 -36.52 63.77 -40.49
CA ARG E 494 -37.74 64.24 -39.84
C ARG E 494 -37.47 64.43 -38.33
N MET E 495 -36.77 63.46 -37.74
CA MET E 495 -36.45 63.52 -36.33
C MET E 495 -35.58 64.75 -36.07
N VAL E 496 -34.58 64.97 -36.92
CA VAL E 496 -33.71 66.11 -36.75
C VAL E 496 -34.53 67.42 -36.80
N GLU E 497 -35.48 67.49 -37.73
CA GLU E 497 -36.36 68.63 -37.88
C GLU E 497 -37.18 68.86 -36.63
N ARG E 498 -37.54 67.77 -35.94
CA ARG E 498 -38.34 67.90 -34.75
C ARG E 498 -37.50 68.10 -33.48
N GLY E 499 -36.22 68.40 -33.64
CA GLY E 499 -35.37 68.66 -32.48
C GLY E 499 -34.65 67.48 -31.85
N ILE E 500 -34.68 66.33 -32.53
CA ILE E 500 -34.00 65.13 -32.05
C ILE E 500 -32.71 64.98 -32.87
N ALA E 501 -31.56 65.14 -32.23
CA ALA E 501 -30.26 65.03 -32.90
C ALA E 501 -29.88 63.58 -33.27
N ALA E 502 -30.69 62.94 -34.11
CA ALA E 502 -30.42 61.57 -34.53
C ALA E 502 -29.24 61.61 -35.48
N GLN E 503 -28.29 60.69 -35.30
CA GLN E 503 -27.11 60.69 -36.17
C GLN E 503 -27.38 60.14 -37.60
N PRO E 504 -26.48 60.42 -38.55
CA PRO E 504 -26.69 59.91 -39.92
C PRO E 504 -26.55 58.40 -40.09
N LEU E 505 -27.20 57.87 -41.15
CA LEU E 505 -27.10 56.44 -41.46
C LEU E 505 -25.89 56.21 -42.34
N TYR E 506 -25.59 57.20 -43.18
CA TYR E 506 -24.47 57.12 -44.10
C TYR E 506 -24.26 58.51 -44.70
N ALA E 507 -23.37 58.65 -45.67
CA ALA E 507 -23.11 59.95 -46.29
C ALA E 507 -24.42 60.53 -46.86
N GLY E 508 -24.53 61.85 -46.90
CA GLY E 508 -25.73 62.46 -47.44
C GLY E 508 -25.98 63.78 -46.76
N TYR E 509 -27.22 64.27 -46.84
CA TYR E 509 -27.60 65.52 -46.22
C TYR E 509 -29.10 65.52 -45.96
N CYS E 510 -29.61 66.53 -45.27
CA CYS E 510 -31.05 66.62 -45.03
C CYS E 510 -31.57 67.92 -45.62
N ASN E 511 -32.74 67.86 -46.25
CA ASN E 511 -33.32 69.04 -46.89
C ASN E 511 -33.57 70.30 -46.07
N HIS E 512 -32.58 70.69 -45.27
CA HIS E 512 -32.68 71.93 -44.51
C HIS E 512 -31.43 72.75 -44.87
N GLU E 513 -30.29 72.27 -44.64
N PRO F 13 40.46 -56.00 -27.20
CA PRO F 13 39.98 -55.23 -26.03
C PRO F 13 38.99 -54.13 -26.46
N ALA F 14 38.46 -54.26 -27.67
CA ALA F 14 37.48 -53.33 -28.21
C ALA F 14 36.14 -54.03 -27.97
N LEU F 15 35.32 -53.48 -27.09
CA LEU F 15 34.03 -54.06 -26.75
C LEU F 15 32.84 -53.33 -27.33
N TRP F 16 31.93 -54.10 -27.92
CA TRP F 16 30.73 -53.54 -28.53
C TRP F 16 29.61 -54.59 -28.62
N PRO F 17 28.46 -54.32 -27.99
CA PRO F 17 28.12 -53.13 -27.17
C PRO F 17 28.93 -53.13 -25.87
N LEU F 18 29.17 -51.96 -25.30
CA LEU F 18 29.91 -51.86 -24.03
C LEU F 18 29.07 -52.49 -22.92
N PRO F 19 29.62 -53.49 -22.21
CA PRO F 19 28.92 -54.19 -21.12
C PRO F 19 28.51 -53.24 -19.99
N LEU F 20 27.54 -53.66 -19.17
CA LEU F 20 27.05 -52.82 -18.08
C LEU F 20 28.16 -52.43 -17.11
N SER F 21 28.92 -53.44 -16.68
CA SER F 21 29.99 -53.25 -15.73
C SER F 21 31.25 -53.97 -16.15
N VAL F 22 32.31 -53.21 -16.37
CA VAL F 22 33.59 -53.80 -16.76
C VAL F 22 34.69 -53.41 -15.77
N LYS F 23 35.40 -54.40 -15.25
CA LYS F 23 36.51 -54.18 -14.31
C LYS F 23 37.76 -54.88 -14.85
N MET F 24 38.60 -54.12 -15.54
CA MET F 24 39.82 -54.65 -16.15
C MET F 24 41.06 -54.46 -15.26
N THR F 25 42.00 -55.41 -15.31
CA THR F 25 43.24 -55.27 -14.56
C THR F 25 44.34 -55.27 -15.60
N PRO F 26 45.59 -54.99 -15.19
CA PRO F 26 46.65 -55.00 -16.21
C PRO F 26 47.39 -56.33 -16.26
N ASN F 27 46.87 -57.35 -15.60
CA ASN F 27 47.53 -58.65 -15.61
C ASN F 27 47.19 -59.39 -16.90
N LEU F 28 48.22 -59.75 -17.66
CA LEU F 28 48.03 -60.45 -18.92
C LEU F 28 48.05 -61.95 -18.77
N LEU F 29 47.08 -62.61 -19.40
CA LEU F 29 47.00 -64.07 -19.39
C LEU F 29 47.10 -64.46 -20.85
N HIS F 30 47.38 -65.73 -21.10
CA HIS F 30 47.57 -66.21 -22.45
C HIS F 30 46.82 -67.48 -22.75
N LEU F 31 46.49 -67.68 -24.03
CA LEU F 31 45.75 -68.87 -24.44
C LEU F 31 46.51 -69.64 -25.51
N ALA F 32 46.40 -70.97 -25.44
CA ALA F 32 47.05 -71.85 -26.40
C ALA F 32 45.97 -72.41 -27.34
N PRO F 33 45.96 -71.97 -28.60
CA PRO F 33 44.96 -72.43 -29.58
C PRO F 33 44.64 -73.93 -29.50
N GLU F 34 45.68 -74.77 -29.50
CA GLU F 34 45.48 -76.22 -29.44
C GLU F 34 45.24 -76.76 -28.03
N ASN F 35 45.36 -75.89 -27.03
CA ASN F 35 45.16 -76.31 -25.65
C ASN F 35 44.29 -75.32 -24.87
N PHE F 36 43.16 -74.96 -25.46
CA PHE F 36 42.19 -74.05 -24.84
C PHE F 36 40.80 -74.64 -25.06
N TYR F 37 40.10 -74.94 -23.97
CA TYR F 37 38.79 -75.53 -24.12
C TYR F 37 37.68 -74.66 -23.58
N ILE F 38 36.56 -74.65 -24.30
CA ILE F 38 35.38 -73.95 -23.82
C ILE F 38 34.56 -75.15 -23.41
N SER F 39 34.28 -75.28 -22.12
CA SER F 39 33.55 -76.45 -21.62
C SER F 39 32.38 -76.11 -20.73
N HIS F 40 31.63 -77.16 -20.38
CA HIS F 40 30.49 -77.03 -19.49
C HIS F 40 31.04 -77.16 -18.06
N SER F 41 30.65 -76.24 -17.19
CA SER F 41 31.09 -76.30 -15.82
C SER F 41 30.40 -77.55 -15.26
N PRO F 42 31.01 -78.19 -14.26
CA PRO F 42 30.39 -79.39 -13.68
C PRO F 42 29.07 -79.08 -12.97
N ASN F 43 28.91 -77.85 -12.49
CA ASN F 43 27.69 -77.44 -11.79
C ASN F 43 26.63 -76.83 -12.72
N SER F 44 26.81 -76.94 -14.03
CA SER F 44 25.86 -76.34 -14.94
C SER F 44 24.59 -77.16 -15.20
N THR F 45 23.49 -76.45 -15.46
CA THR F 45 22.23 -77.13 -15.76
C THR F 45 22.24 -77.63 -17.21
N ALA F 46 23.26 -77.26 -17.97
CA ALA F 46 23.39 -77.72 -19.35
C ALA F 46 24.64 -78.61 -19.48
N GLY F 47 24.66 -79.44 -20.50
CA GLY F 47 25.80 -80.32 -20.71
C GLY F 47 25.96 -80.58 -22.19
N PRO F 48 26.71 -81.64 -22.56
CA PRO F 48 26.95 -82.01 -23.96
C PRO F 48 25.68 -82.19 -24.78
N SER F 49 24.59 -82.58 -24.12
CA SER F 49 23.33 -82.80 -24.83
C SER F 49 22.70 -81.49 -25.36
N CYS F 50 23.19 -80.36 -24.85
CA CYS F 50 22.69 -79.04 -25.25
C CYS F 50 23.36 -78.60 -26.55
N THR F 51 22.72 -78.93 -27.67
CA THR F 51 23.23 -78.59 -28.99
C THR F 51 23.58 -77.13 -29.14
N LEU F 52 22.67 -76.24 -28.70
CA LEU F 52 22.92 -74.79 -28.80
C LEU F 52 24.27 -74.37 -28.18
N LEU F 53 24.57 -74.82 -26.97
CA LEU F 53 25.86 -74.47 -26.37
C LEU F 53 27.02 -75.16 -27.07
N GLU F 54 26.84 -76.43 -27.41
CA GLU F 54 27.90 -77.17 -28.08
C GLU F 54 28.33 -76.53 -29.39
N GLU F 55 27.35 -76.09 -30.19
CA GLU F 55 27.67 -75.46 -31.47
C GLU F 55 28.25 -74.05 -31.24
N ALA F 56 27.81 -73.38 -30.18
CA ALA F 56 28.34 -72.04 -29.89
C ALA F 56 29.81 -72.19 -29.46
N PHE F 57 30.09 -73.19 -28.62
CA PHE F 57 31.47 -73.41 -28.16
C PHE F 57 32.39 -73.60 -29.36
N ARG F 58 32.00 -74.48 -30.26
CA ARG F 58 32.80 -74.75 -31.46
C ARG F 58 32.94 -73.50 -32.33
N ARG F 59 31.84 -72.78 -32.48
CA ARG F 59 31.79 -71.58 -33.28
C ARG F 59 32.72 -70.51 -32.74
N TYR F 60 32.67 -70.25 -31.44
CA TYR F 60 33.53 -69.22 -30.89
C TYR F 60 35.00 -69.59 -30.78
N HIS F 61 35.31 -70.89 -30.69
CA HIS F 61 36.70 -71.30 -30.63
C HIS F 61 37.30 -70.85 -31.98
N GLY F 62 36.50 -70.95 -33.04
CA GLY F 62 36.97 -70.54 -34.35
C GLY F 62 37.15 -69.04 -34.47
N TYR F 63 36.21 -68.25 -33.94
CA TYR F 63 36.32 -66.80 -34.02
C TYR F 63 37.52 -66.28 -33.25
N ILE F 64 37.75 -66.84 -32.07
CA ILE F 64 38.86 -66.41 -31.21
C ILE F 64 40.25 -66.69 -31.78
N PHE F 65 40.45 -67.90 -32.32
CA PHE F 65 41.75 -68.26 -32.87
C PHE F 65 41.78 -68.31 -34.40
N GLY F 66 41.08 -67.39 -35.06
CA GLY F 66 41.07 -67.37 -36.51
C GLY F 66 40.78 -68.73 -37.16
N THR F 81 51.46 -67.53 -17.56
CA THR F 81 50.14 -67.72 -16.89
C THR F 81 49.04 -67.82 -17.94
N GLN F 82 48.70 -69.05 -18.36
CA GLN F 82 47.69 -69.24 -19.38
C GLN F 82 46.33 -69.53 -18.78
N VAL F 83 45.28 -69.06 -19.45
CA VAL F 83 43.95 -69.40 -19.02
C VAL F 83 43.79 -70.61 -19.96
N GLN F 84 43.71 -71.79 -19.37
CA GLN F 84 43.61 -73.02 -20.15
C GLN F 84 42.19 -73.43 -20.48
N GLN F 85 41.22 -72.74 -19.91
CA GLN F 85 39.86 -73.17 -20.14
C GLN F 85 38.87 -72.09 -19.78
N LEU F 86 37.72 -72.14 -20.43
CA LEU F 86 36.62 -71.24 -20.15
C LEU F 86 35.46 -72.15 -19.77
N LEU F 87 35.10 -72.16 -18.48
CA LEU F 87 34.00 -73.01 -18.02
C LEU F 87 32.71 -72.25 -18.17
N VAL F 88 31.71 -72.89 -18.78
CA VAL F 88 30.43 -72.25 -18.96
C VAL F 88 29.41 -72.86 -18.01
N SER F 89 28.86 -72.03 -17.14
CA SER F 89 27.92 -72.53 -16.15
C SER F 89 26.52 -71.91 -16.26
N ILE F 90 25.53 -72.73 -16.59
CA ILE F 90 24.17 -72.21 -16.65
C ILE F 90 23.54 -72.47 -15.27
N THR F 91 23.08 -71.41 -14.62
CA THR F 91 22.53 -71.48 -13.27
C THR F 91 21.10 -71.98 -13.11
N LEU F 92 20.18 -71.52 -13.93
CA LEU F 92 18.79 -71.97 -13.85
C LEU F 92 18.47 -72.94 -14.98
N GLN F 93 17.22 -73.41 -15.07
CA GLN F 93 16.87 -74.33 -16.15
C GLN F 93 17.40 -73.64 -17.41
N SER F 94 18.15 -74.40 -18.21
CA SER F 94 18.83 -73.79 -19.36
C SER F 94 18.04 -73.21 -20.50
N GLU F 95 16.91 -73.82 -20.84
CA GLU F 95 16.09 -73.37 -21.98
C GLU F 95 16.84 -73.67 -23.27
N CYS F 96 17.77 -74.62 -23.18
N CYS F 96 17.75 -74.63 -23.17
CA CYS F 96 18.58 -75.00 -24.34
CA CYS F 96 18.59 -75.07 -24.28
C CYS F 96 17.79 -75.38 -25.59
C CYS F 96 17.81 -75.41 -25.57
N ASP F 97 16.65 -76.04 -25.43
CA ASP F 97 15.85 -76.43 -26.59
C ASP F 97 14.64 -75.56 -26.90
N ALA F 98 14.50 -74.47 -26.18
CA ALA F 98 13.37 -73.57 -26.39
C ALA F 98 13.71 -72.46 -27.40
N PHE F 99 12.69 -71.70 -27.81
CA PHE F 99 12.93 -70.59 -28.71
C PHE F 99 12.97 -69.39 -27.77
N PRO F 100 13.80 -68.39 -28.05
CA PRO F 100 13.85 -67.23 -27.16
C PRO F 100 12.56 -66.39 -27.17
N ASN F 101 12.30 -65.67 -26.08
CA ASN F 101 11.09 -64.82 -25.91
C ASN F 101 11.53 -63.41 -25.48
N ILE F 102 10.58 -62.48 -25.45
CA ILE F 102 10.86 -61.13 -25.02
C ILE F 102 11.26 -61.19 -23.52
N SER F 103 10.86 -62.25 -22.84
CA SER F 103 11.18 -62.44 -21.42
C SER F 103 12.48 -63.18 -21.12
N SER F 104 13.13 -63.70 -22.17
CA SER F 104 14.38 -64.45 -21.99
C SER F 104 15.45 -63.64 -21.27
N ASP F 105 16.09 -64.27 -20.29
CA ASP F 105 17.13 -63.62 -19.51
C ASP F 105 18.47 -63.73 -20.28
N GLU F 106 19.02 -62.58 -20.66
CA GLU F 106 20.28 -62.53 -21.41
C GLU F 106 21.46 -62.06 -20.57
N SER F 107 21.28 -61.99 -19.26
CA SER F 107 22.36 -61.52 -18.38
C SER F 107 23.44 -62.57 -18.22
N TYR F 108 24.63 -62.12 -17.84
CA TYR F 108 25.75 -63.02 -17.63
C TYR F 108 26.87 -62.30 -16.85
N THR F 109 27.81 -63.10 -16.34
N THR F 109 27.81 -63.09 -16.35
CA THR F 109 28.97 -62.58 -15.63
CA THR F 109 28.97 -62.58 -15.63
C THR F 109 30.16 -63.33 -16.20
C THR F 109 30.16 -63.33 -16.20
N LEU F 110 31.21 -62.60 -16.53
CA LEU F 110 32.41 -63.18 -17.10
C LEU F 110 33.57 -62.92 -16.16
N LEU F 111 34.20 -63.98 -15.68
CA LEU F 111 35.34 -63.84 -14.80
C LEU F 111 36.56 -64.42 -15.50
N VAL F 112 37.41 -63.53 -16.01
CA VAL F 112 38.63 -63.92 -16.70
C VAL F 112 39.78 -63.91 -15.71
N LYS F 113 40.31 -65.10 -15.41
CA LYS F 113 41.41 -65.25 -14.47
C LYS F 113 42.08 -66.57 -14.77
N GLU F 114 43.28 -66.78 -14.25
CA GLU F 114 43.97 -68.04 -14.49
C GLU F 114 43.77 -68.87 -13.23
N PRO F 115 43.78 -70.20 -13.34
CA PRO F 115 43.96 -71.12 -14.47
C PRO F 115 42.72 -71.30 -15.36
N VAL F 116 41.53 -71.11 -14.80
CA VAL F 116 40.28 -71.29 -15.54
C VAL F 116 39.39 -70.06 -15.54
N ALA F 117 38.92 -69.64 -16.71
CA ALA F 117 38.04 -68.48 -16.78
C ALA F 117 36.65 -69.02 -16.55
N VAL F 118 35.72 -68.15 -16.14
CA VAL F 118 34.36 -68.60 -15.89
C VAL F 118 33.28 -67.71 -16.47
N LEU F 119 32.41 -68.33 -17.27
CA LEU F 119 31.28 -67.62 -17.87
C LEU F 119 30.05 -68.19 -17.18
N LYS F 120 29.36 -67.34 -16.42
CA LYS F 120 28.16 -67.76 -15.69
C LYS F 120 26.93 -66.98 -16.14
N ALA F 121 25.86 -67.70 -16.47
CA ALA F 121 24.62 -67.08 -16.91
C ALA F 121 23.43 -67.88 -16.43
N ASN F 122 22.32 -67.21 -16.17
CA ASN F 122 21.11 -67.87 -15.73
C ASN F 122 20.54 -68.79 -16.82
N ARG F 123 20.66 -68.39 -18.08
CA ARG F 123 20.15 -69.20 -19.18
C ARG F 123 21.15 -69.30 -20.34
N VAL F 124 20.88 -70.18 -21.30
CA VAL F 124 21.76 -70.31 -22.45
C VAL F 124 21.84 -68.95 -23.16
N TRP F 125 20.77 -68.17 -23.09
CA TRP F 125 20.75 -66.86 -23.76
C TRP F 125 21.89 -65.98 -23.26
N GLY F 126 22.06 -65.92 -21.94
CA GLY F 126 23.11 -65.10 -21.40
C GLY F 126 24.46 -65.66 -21.77
N ALA F 127 24.56 -66.96 -21.92
CA ALA F 127 25.84 -67.58 -22.29
C ALA F 127 26.21 -67.21 -23.72
N LEU F 128 25.24 -67.22 -24.62
CA LEU F 128 25.52 -66.82 -26.00
C LEU F 128 26.14 -65.42 -26.03
N ARG F 129 25.56 -64.49 -25.29
CA ARG F 129 26.06 -63.12 -25.23
C ARG F 129 27.44 -63.08 -24.55
N GLY F 130 27.61 -63.82 -23.46
CA GLY F 130 28.90 -63.84 -22.76
C GLY F 130 30.05 -64.32 -23.63
N LEU F 131 29.78 -65.34 -24.46
CA LEU F 131 30.81 -65.87 -25.34
C LEU F 131 31.28 -64.82 -26.35
N GLU F 132 30.35 -64.01 -26.85
CA GLU F 132 30.70 -62.96 -27.81
C GLU F 132 31.61 -61.96 -27.10
N THR F 133 31.22 -61.59 -25.88
CA THR F 133 32.01 -60.63 -25.11
C THR F 133 33.40 -61.20 -24.85
N PHE F 134 33.46 -62.47 -24.47
CA PHE F 134 34.75 -63.10 -24.21
C PHE F 134 35.63 -63.01 -25.46
N SER F 135 35.04 -63.30 -26.63
CA SER F 135 35.82 -63.27 -27.87
C SER F 135 36.30 -61.85 -28.21
N GLN F 136 35.57 -60.84 -27.74
CA GLN F 136 36.02 -59.48 -28.00
C GLN F 136 37.19 -59.11 -27.08
N LEU F 137 37.38 -59.83 -25.98
CA LEU F 137 38.46 -59.54 -25.02
C LEU F 137 39.81 -60.15 -25.39
N VAL F 138 39.78 -61.26 -26.13
CA VAL F 138 40.99 -61.92 -26.57
C VAL F 138 41.58 -61.14 -27.74
N TYR F 139 42.90 -61.08 -27.80
CA TYR F 139 43.58 -60.38 -28.88
C TYR F 139 44.97 -60.95 -29.00
N GLN F 140 45.67 -60.57 -30.07
CA GLN F 140 47.03 -61.05 -30.26
C GLN F 140 47.99 -59.92 -30.03
N ASP F 141 49.02 -60.13 -29.23
CA ASP F 141 49.96 -59.05 -28.99
C ASP F 141 50.91 -58.87 -30.19
N SER F 142 51.95 -58.06 -30.01
CA SER F 142 52.88 -57.78 -31.11
C SER F 142 53.61 -58.96 -31.71
N TYR F 143 53.68 -60.06 -30.99
CA TYR F 143 54.36 -61.25 -31.52
C TYR F 143 53.38 -62.35 -31.89
N GLY F 144 52.10 -61.98 -31.94
CA GLY F 144 51.05 -62.91 -32.30
C GLY F 144 50.53 -63.77 -31.15
N THR F 145 50.99 -63.48 -29.95
CA THR F 145 50.56 -64.25 -28.78
C THR F 145 49.09 -63.96 -28.42
N PHE F 146 48.30 -65.01 -28.25
CA PHE F 146 46.90 -64.80 -27.88
C PHE F 146 46.90 -64.40 -26.42
N THR F 147 46.38 -63.20 -26.18
CA THR F 147 46.37 -62.59 -24.87
C THR F 147 44.98 -62.12 -24.46
N ILE F 148 44.79 -62.00 -23.16
CA ILE F 148 43.55 -61.51 -22.57
C ILE F 148 43.89 -60.96 -21.18
N ASN F 149 43.27 -59.85 -20.81
CA ASN F 149 43.48 -59.24 -19.51
C ASN F 149 42.60 -59.85 -18.44
N GLU F 150 43.19 -60.14 -17.28
CA GLU F 150 42.42 -60.67 -16.17
C GLU F 150 41.33 -59.61 -15.98
N SER F 151 40.08 -60.03 -15.83
CA SER F 151 39.01 -59.03 -15.70
C SER F 151 37.68 -59.61 -15.24
N THR F 152 36.75 -58.72 -14.91
CA THR F 152 35.45 -59.15 -14.44
C THR F 152 34.37 -58.36 -15.14
N ILE F 153 33.44 -59.06 -15.76
CA ILE F 153 32.35 -58.42 -16.49
C ILE F 153 31.00 -58.87 -15.97
N ILE F 154 30.13 -57.90 -15.70
CA ILE F 154 28.78 -58.18 -15.25
C ILE F 154 27.96 -57.44 -16.30
N ASP F 155 27.04 -58.14 -16.96
CA ASP F 155 26.30 -57.50 -18.06
C ASP F 155 24.88 -58.00 -18.22
N SER F 156 24.03 -57.10 -18.73
CA SER F 156 22.62 -57.39 -19.01
C SER F 156 22.15 -56.26 -19.90
N PRO F 157 21.19 -56.54 -20.77
CA PRO F 157 20.71 -55.50 -21.66
C PRO F 157 19.78 -54.48 -21.02
N ARG F 158 19.87 -53.25 -21.52
CA ARG F 158 19.03 -52.18 -21.06
C ARG F 158 17.61 -52.44 -21.58
N PHE F 159 17.50 -52.89 -22.82
CA PHE F 159 16.18 -53.17 -23.40
C PHE F 159 16.14 -54.63 -23.91
N SER F 160 14.99 -55.27 -23.75
CA SER F 160 14.83 -56.66 -24.18
C SER F 160 14.46 -56.88 -25.65
N HIS F 161 13.95 -55.86 -26.34
CA HIS F 161 13.61 -56.02 -27.76
C HIS F 161 14.59 -55.17 -28.55
N ARG F 162 15.49 -55.83 -29.27
CA ARG F 162 16.49 -55.13 -30.05
C ARG F 162 16.45 -55.81 -31.42
N GLY F 163 15.78 -55.14 -32.37
CA GLY F 163 15.65 -55.75 -33.67
C GLY F 163 16.20 -55.08 -34.89
N ILE F 164 16.28 -55.90 -35.95
CA ILE F 164 16.69 -55.45 -37.27
C ILE F 164 15.53 -55.82 -38.18
N LEU F 165 15.03 -54.86 -38.94
CA LEU F 165 13.94 -55.17 -39.85
C LEU F 165 14.53 -55.36 -41.24
N ILE F 166 14.18 -56.46 -41.88
CA ILE F 166 14.64 -56.67 -43.24
C ILE F 166 13.37 -56.74 -44.09
N ASP F 167 13.49 -56.31 -45.33
CA ASP F 167 12.42 -56.26 -46.30
C ASP F 167 12.79 -57.21 -47.42
N THR F 168 12.10 -58.34 -47.53
CA THR F 168 12.43 -59.30 -48.59
C THR F 168 11.35 -59.29 -49.67
N SER F 169 10.59 -58.20 -49.73
CA SER F 169 9.54 -58.03 -50.72
C SER F 169 10.00 -57.05 -51.81
N ARG F 170 10.49 -55.89 -51.41
CA ARG F 170 10.94 -54.88 -52.38
C ARG F 170 12.05 -55.48 -53.23
N HIS F 171 12.85 -56.35 -52.60
CA HIS F 171 13.88 -57.12 -53.27
C HIS F 171 13.92 -58.42 -52.49
N TYR F 172 14.11 -59.51 -53.21
CA TYR F 172 14.19 -60.82 -52.60
C TYR F 172 15.61 -60.93 -52.05
N LEU F 173 15.76 -61.56 -50.89
CA LEU F 173 17.09 -61.73 -50.33
C LEU F 173 17.46 -63.22 -50.26
N PRO F 174 18.55 -63.61 -50.92
CA PRO F 174 18.87 -65.04 -50.82
C PRO F 174 19.05 -65.40 -49.34
N VAL F 175 18.59 -66.59 -48.97
CA VAL F 175 18.67 -67.04 -47.60
C VAL F 175 20.08 -66.86 -47.02
N LYS F 176 21.08 -67.06 -47.85
CA LYS F 176 22.46 -66.91 -47.40
C LYS F 176 22.76 -65.53 -46.80
N ILE F 177 22.21 -64.47 -47.39
CA ILE F 177 22.49 -63.14 -46.84
C ILE F 177 21.70 -62.95 -45.53
N ILE F 178 20.56 -63.61 -45.41
CA ILE F 178 19.77 -63.52 -44.20
C ILE F 178 20.56 -64.17 -43.07
N LEU F 179 21.13 -65.35 -43.33
CA LEU F 179 21.91 -66.02 -42.31
C LEU F 179 23.12 -65.17 -41.92
N LYS F 180 23.74 -64.54 -42.91
CA LYS F 180 24.89 -63.69 -42.67
C LYS F 180 24.50 -62.51 -41.79
N THR F 181 23.30 -61.99 -42.01
CA THR F 181 22.80 -60.86 -41.24
C THR F 181 22.59 -61.31 -39.78
N LEU F 182 22.11 -62.54 -39.61
CA LEU F 182 21.90 -63.11 -38.27
C LEU F 182 23.22 -63.25 -37.52
N ASP F 183 24.29 -63.58 -38.24
CA ASP F 183 25.61 -63.70 -37.62
C ASP F 183 26.05 -62.29 -37.18
N ALA F 184 25.90 -61.32 -38.07
CA ALA F 184 26.28 -59.95 -37.75
C ALA F 184 25.45 -59.46 -36.54
N MET F 185 24.18 -59.83 -36.50
CA MET F 185 23.32 -59.45 -35.41
C MET F 185 23.84 -60.00 -34.09
N ALA F 186 24.27 -61.27 -34.11
CA ALA F 186 24.77 -61.91 -32.91
C ALA F 186 26.03 -61.20 -32.42
N PHE F 187 26.90 -60.79 -33.36
CA PHE F 187 28.13 -60.09 -32.99
C PHE F 187 27.80 -58.75 -32.32
N ASN F 188 26.61 -58.22 -32.61
CA ASN F 188 26.19 -56.94 -32.09
C ASN F 188 25.11 -57.06 -30.99
N LYS F 189 24.84 -58.29 -30.59
CA LYS F 189 23.84 -58.59 -29.59
C LYS F 189 22.38 -58.18 -29.93
N PHE F 190 22.04 -58.12 -31.21
CA PHE F 190 20.64 -57.84 -31.56
C PHE F 190 19.94 -59.18 -31.29
N ASN F 191 18.68 -59.14 -30.87
CA ASN F 191 17.98 -60.37 -30.56
C ASN F 191 16.66 -60.59 -31.28
N VAL F 192 16.34 -59.74 -32.24
CA VAL F 192 15.10 -59.90 -32.99
C VAL F 192 15.26 -59.58 -34.46
N LEU F 193 14.89 -60.53 -35.32
CA LEU F 193 14.92 -60.30 -36.75
C LEU F 193 13.44 -60.02 -37.13
N HIS F 194 13.14 -58.77 -37.45
CA HIS F 194 11.79 -58.39 -37.86
C HIS F 194 11.78 -58.65 -39.36
N TRP F 195 11.15 -59.74 -39.76
CA TRP F 195 11.12 -60.11 -41.17
C TRP F 195 9.88 -59.60 -41.90
N HIS F 196 9.99 -58.48 -42.62
CA HIS F 196 8.86 -57.95 -43.39
C HIS F 196 8.96 -58.81 -44.63
N ILE F 197 8.39 -59.99 -44.57
CA ILE F 197 8.55 -60.95 -45.66
C ILE F 197 7.83 -60.67 -46.96
N VAL F 198 6.67 -60.02 -46.87
CA VAL F 198 5.86 -59.70 -48.06
C VAL F 198 5.37 -58.26 -48.08
N ASP F 199 5.03 -57.78 -49.27
CA ASP F 199 4.53 -56.41 -49.45
C ASP F 199 3.90 -56.28 -50.84
N ASP F 200 3.73 -55.04 -51.29
CA ASP F 200 3.12 -54.75 -52.58
C ASP F 200 3.77 -55.39 -53.80
N GLN F 201 5.09 -55.26 -53.88
CA GLN F 201 5.86 -55.75 -55.01
C GLN F 201 6.01 -57.26 -55.21
N SER F 202 5.99 -58.04 -54.15
CA SER F 202 6.17 -59.49 -54.30
C SER F 202 5.78 -60.26 -53.05
N PHE F 203 5.51 -61.55 -53.24
CA PHE F 203 5.12 -62.43 -52.15
C PHE F 203 6.03 -63.66 -52.24
N PRO F 204 7.23 -63.58 -51.63
CA PRO F 204 8.19 -64.70 -51.64
C PRO F 204 7.86 -65.87 -50.71
N TYR F 205 7.00 -65.62 -49.73
CA TYR F 205 6.64 -66.65 -48.77
C TYR F 205 5.79 -67.78 -49.37
N GLN F 206 6.31 -69.00 -49.29
CA GLN F 206 5.59 -70.15 -49.83
C GLN F 206 4.62 -70.71 -48.77
N SER F 207 3.32 -70.44 -48.99
CA SER F 207 2.26 -70.90 -48.10
C SER F 207 1.75 -72.27 -48.50
N ILE F 208 1.68 -73.19 -47.55
CA ILE F 208 1.20 -74.52 -47.87
C ILE F 208 -0.32 -74.57 -48.00
N THR F 209 -1.02 -73.81 -47.18
CA THR F 209 -2.47 -73.80 -47.27
C THR F 209 -2.92 -73.01 -48.52
N PHE F 210 -2.11 -72.04 -48.94
CA PHE F 210 -2.45 -71.24 -50.12
C PHE F 210 -1.27 -71.12 -51.09
N PRO F 211 -0.94 -72.22 -51.79
CA PRO F 211 0.18 -72.23 -52.74
C PRO F 211 0.20 -71.18 -53.85
N GLU F 212 -0.96 -70.63 -54.20
CA GLU F 212 -1.01 -69.63 -55.27
C GLU F 212 -0.47 -68.26 -54.85
N LEU F 213 -0.43 -67.98 -53.56
CA LEU F 213 0.08 -66.71 -53.07
C LEU F 213 1.49 -66.49 -53.60
N SER F 214 2.39 -67.46 -53.37
CA SER F 214 3.75 -67.32 -53.89
C SER F 214 3.81 -67.68 -55.38
N ASN F 215 3.09 -68.72 -55.79
CA ASN F 215 3.10 -69.12 -57.21
C ASN F 215 2.72 -67.98 -58.15
N LYS F 216 1.74 -67.17 -57.75
CA LYS F 216 1.31 -66.03 -58.56
C LYS F 216 1.93 -64.69 -58.12
N GLY F 217 2.24 -64.56 -56.83
CA GLY F 217 2.77 -63.30 -56.33
C GLY F 217 4.27 -63.09 -56.21
N SER F 218 5.05 -64.15 -56.29
CA SER F 218 6.49 -63.96 -56.18
C SER F 218 7.05 -63.43 -57.50
N TYR F 219 8.25 -62.86 -57.44
CA TYR F 219 8.93 -62.32 -58.63
C TYR F 219 9.15 -63.42 -59.66
N SER F 220 9.44 -64.62 -59.18
CA SER F 220 9.65 -65.79 -60.03
C SER F 220 9.79 -66.95 -59.07
N LEU F 221 9.69 -68.17 -59.56
CA LEU F 221 9.78 -69.32 -58.66
C LEU F 221 11.13 -69.51 -58.00
N SER F 222 12.15 -68.82 -58.47
CA SER F 222 13.44 -68.94 -57.83
C SER F 222 13.57 -67.89 -56.71
N HIS F 223 12.58 -66.99 -56.60
CA HIS F 223 12.60 -65.96 -55.57
C HIS F 223 11.53 -66.17 -54.53
N VAL F 224 11.62 -67.29 -53.83
CA VAL F 224 10.64 -67.62 -52.81
C VAL F 224 11.34 -68.24 -51.63
N TYR F 225 10.64 -68.29 -50.50
CA TYR F 225 11.16 -68.89 -49.29
C TYR F 225 10.30 -70.13 -49.05
N THR F 226 10.88 -71.32 -49.31
CA THR F 226 10.20 -72.59 -49.11
C THR F 226 10.10 -72.87 -47.61
N PRO F 227 9.25 -73.85 -47.23
CA PRO F 227 9.13 -74.17 -45.81
C PRO F 227 10.47 -74.53 -45.19
N ASN F 228 11.35 -75.16 -45.97
CA ASN F 228 12.67 -75.52 -45.43
C ASN F 228 13.57 -74.29 -45.31
N ASP F 229 13.39 -73.31 -46.18
CA ASP F 229 14.16 -72.08 -46.11
C ASP F 229 13.77 -71.35 -44.81
N VAL F 230 12.46 -71.30 -44.57
CA VAL F 230 11.94 -70.62 -43.40
C VAL F 230 12.41 -71.34 -42.15
N ARG F 231 12.31 -72.67 -42.12
CA ARG F 231 12.78 -73.47 -40.98
C ARG F 231 14.26 -73.19 -40.74
N MET F 232 15.03 -73.05 -41.83
N MET F 232 15.03 -73.05 -41.82
CA MET F 232 16.47 -72.80 -41.73
CA MET F 232 16.46 -72.81 -41.71
C MET F 232 16.78 -71.47 -41.05
C MET F 232 16.76 -71.46 -41.04
N VAL F 233 16.10 -70.42 -41.51
CA VAL F 233 16.29 -69.10 -40.95
C VAL F 233 15.99 -69.16 -39.46
N ILE F 234 14.83 -69.72 -39.11
CA ILE F 234 14.40 -69.81 -37.73
C ILE F 234 15.34 -70.59 -36.81
N GLU F 235 15.86 -71.72 -37.27
CA GLU F 235 16.75 -72.48 -36.39
C GLU F 235 18.11 -71.80 -36.28
N TYR F 236 18.60 -71.28 -37.41
CA TYR F 236 19.89 -70.61 -37.41
C TYR F 236 19.84 -69.45 -36.42
N ALA F 237 18.73 -68.73 -36.47
CA ALA F 237 18.49 -67.60 -35.59
C ALA F 237 18.45 -68.06 -34.12
N ARG F 238 17.71 -69.14 -33.86
CA ARG F 238 17.56 -69.66 -32.51
C ARG F 238 18.94 -69.99 -31.91
N LEU F 239 19.78 -70.66 -32.69
CA LEU F 239 21.12 -71.03 -32.25
C LEU F 239 21.92 -69.81 -31.83
N ARG F 240 21.48 -68.63 -32.27
CA ARG F 240 22.18 -67.41 -31.91
C ARG F 240 21.37 -66.54 -30.93
N GLY F 241 20.30 -67.11 -30.39
CA GLY F 241 19.46 -66.38 -29.45
C GLY F 241 18.64 -65.27 -30.07
N ILE F 242 18.32 -65.43 -31.35
CA ILE F 242 17.57 -64.44 -32.08
C ILE F 242 16.17 -64.94 -32.41
N ARG F 243 15.18 -64.11 -32.09
CA ARG F 243 13.78 -64.43 -32.33
C ARG F 243 13.45 -63.99 -33.75
N VAL F 244 12.64 -64.77 -34.45
CA VAL F 244 12.23 -64.38 -35.80
C VAL F 244 10.79 -63.87 -35.71
N LEU F 245 10.62 -62.56 -35.87
CA LEU F 245 9.32 -61.91 -35.81
C LEU F 245 8.74 -61.82 -37.22
N PRO F 246 7.71 -62.62 -37.52
CA PRO F 246 7.20 -62.50 -38.88
C PRO F 246 6.25 -61.33 -39.04
N GLU F 247 6.34 -60.66 -40.19
CA GLU F 247 5.40 -59.61 -40.45
C GLU F 247 4.70 -59.89 -41.78
N PHE F 248 3.37 -60.01 -41.72
CA PHE F 248 2.53 -60.22 -42.90
C PHE F 248 1.57 -59.00 -42.90
N ASP F 249 2.08 -57.90 -43.42
CA ASP F 249 1.37 -56.62 -43.47
C ASP F 249 0.00 -56.61 -44.15
N THR F 250 -1.04 -56.21 -43.41
CA THR F 250 -2.39 -56.05 -43.95
C THR F 250 -3.03 -54.89 -43.21
N PRO F 251 -4.07 -54.23 -43.78
CA PRO F 251 -4.72 -54.47 -45.08
C PRO F 251 -4.01 -53.79 -46.24
N GLY F 252 -3.16 -52.81 -45.92
CA GLY F 252 -2.41 -52.13 -46.97
C GLY F 252 -1.17 -52.94 -47.34
N HIS F 253 -0.37 -52.41 -48.25
CA HIS F 253 0.87 -53.06 -48.70
C HIS F 253 0.63 -54.52 -49.09
N THR F 254 -0.55 -54.79 -49.65
CA THR F 254 -0.90 -56.15 -50.02
C THR F 254 -1.13 -56.43 -51.50
N LEU F 255 -0.64 -55.55 -52.36
CA LEU F 255 -0.87 -55.75 -53.79
C LEU F 255 -0.51 -57.15 -54.28
N SER F 256 0.67 -57.63 -53.92
CA SER F 256 1.11 -58.95 -54.38
C SER F 256 0.21 -60.10 -53.94
N TRP F 257 -0.55 -59.92 -52.87
CA TRP F 257 -1.45 -60.97 -52.38
C TRP F 257 -2.61 -61.23 -53.36
N GLY F 258 -3.00 -60.16 -54.07
CA GLY F 258 -4.11 -60.24 -55.00
C GLY F 258 -3.94 -61.20 -56.16
N LYS F 259 -2.71 -61.43 -56.58
CA LYS F 259 -2.48 -62.31 -57.71
C LYS F 259 -2.89 -63.75 -57.47
N GLY F 260 -2.65 -64.27 -56.27
CA GLY F 260 -3.00 -65.66 -56.00
C GLY F 260 -4.25 -65.91 -55.18
N GLN F 261 -4.80 -64.86 -54.60
CA GLN F 261 -6.00 -64.98 -53.78
C GLN F 261 -7.08 -64.06 -54.35
N LYS F 262 -8.03 -64.64 -55.06
CA LYS F 262 -9.10 -63.86 -55.70
C LYS F 262 -10.14 -63.26 -54.79
N ASP F 263 -10.54 -62.04 -55.12
CA ASP F 263 -11.55 -61.31 -54.37
C ASP F 263 -11.08 -60.92 -52.99
N LEU F 264 -9.77 -60.88 -52.78
CA LEU F 264 -9.25 -60.49 -51.48
C LEU F 264 -9.14 -58.98 -51.44
N LEU F 265 -8.57 -58.44 -52.51
CA LEU F 265 -8.37 -56.99 -52.64
C LEU F 265 -9.62 -56.22 -53.06
N THR F 266 -9.73 -55.01 -52.53
CA THR F 266 -10.85 -54.14 -52.83
C THR F 266 -10.72 -53.52 -54.23
N PRO F 267 -11.72 -53.72 -55.08
CA PRO F 267 -11.66 -53.15 -56.44
C PRO F 267 -11.92 -51.64 -56.39
N CYS F 268 -11.06 -50.86 -57.05
CA CYS F 268 -11.21 -49.40 -57.08
C CYS F 268 -12.08 -49.02 -58.28
N TYR F 269 -13.00 -48.07 -58.10
CA TYR F 269 -13.88 -47.62 -59.19
C TYR F 269 -13.79 -46.11 -59.40
N SER F 270 -14.03 -45.68 -60.63
CA SER F 270 -14.00 -44.26 -60.98
C SER F 270 -15.42 -43.69 -60.84
N LYS F 274 -15.51 -50.39 -62.80
CA LYS F 274 -14.74 -49.41 -63.61
C LYS F 274 -13.35 -49.07 -63.07
N LEU F 275 -12.34 -49.85 -63.44
CA LEU F 275 -10.97 -49.72 -63.01
C LEU F 275 -10.48 -51.13 -62.79
N ASP F 276 -9.26 -51.28 -63.29
CA ASP F 276 -8.59 -52.53 -63.25
C ASP F 276 -7.39 -52.38 -62.35
N SER F 277 -7.65 -51.75 -61.21
CA SER F 277 -6.66 -51.49 -60.20
C SER F 277 -7.31 -51.83 -58.87
N PHE F 278 -6.54 -52.42 -57.96
CA PHE F 278 -7.08 -52.80 -56.68
C PHE F 278 -6.38 -52.12 -55.51
N GLY F 279 -7.13 -51.92 -54.42
CA GLY F 279 -6.60 -51.28 -53.22
C GLY F 279 -6.30 -52.28 -52.12
N PRO F 280 -6.40 -51.86 -50.84
CA PRO F 280 -6.13 -52.75 -49.71
C PRO F 280 -7.12 -53.89 -49.59
N ILE F 281 -6.82 -54.84 -48.71
CA ILE F 281 -7.71 -55.99 -48.49
C ILE F 281 -9.14 -55.52 -48.20
N ASN F 282 -10.11 -56.19 -48.82
CA ASN F 282 -11.53 -55.89 -48.64
C ASN F 282 -11.99 -56.38 -47.26
N PRO F 283 -12.21 -55.47 -46.31
CA PRO F 283 -12.63 -55.76 -44.95
C PRO F 283 -14.12 -56.08 -44.75
N THR F 284 -14.90 -56.09 -45.83
CA THR F 284 -16.33 -56.33 -45.66
C THR F 284 -16.78 -57.71 -46.09
N LEU F 285 -15.87 -58.54 -46.60
CA LEU F 285 -16.24 -59.85 -47.06
C LEU F 285 -15.88 -61.00 -46.10
N ASN F 286 -16.76 -62.00 -46.04
CA ASN F 286 -16.52 -63.16 -45.19
C ASN F 286 -15.33 -63.95 -45.70
N THR F 287 -15.23 -64.07 -47.02
CA THR F 287 -14.14 -64.80 -47.65
C THR F 287 -12.80 -64.25 -47.18
N THR F 288 -12.76 -62.94 -46.94
CA THR F 288 -11.55 -62.27 -46.48
C THR F 288 -11.11 -62.77 -45.11
N TYR F 289 -12.02 -62.71 -44.14
CA TYR F 289 -11.72 -63.17 -42.80
C TYR F 289 -11.55 -64.68 -42.73
N SER F 290 -12.22 -65.37 -43.63
CA SER F 290 -12.14 -66.82 -43.71
C SER F 290 -10.72 -67.18 -44.16
N PHE F 291 -10.28 -66.45 -45.18
CA PHE F 291 -8.95 -66.62 -45.74
C PHE F 291 -7.89 -66.32 -44.68
N LEU F 292 -8.01 -65.16 -44.02
CA LEU F 292 -7.03 -64.76 -43.00
C LEU F 292 -6.97 -65.72 -41.81
N THR F 293 -8.08 -66.38 -41.50
CA THR F 293 -8.12 -67.29 -40.37
C THR F 293 -7.26 -68.50 -40.69
N THR F 294 -7.43 -69.05 -41.89
CA THR F 294 -6.66 -70.21 -42.32
C THR F 294 -5.17 -69.84 -42.46
N PHE F 295 -4.92 -68.72 -43.13
CA PHE F 295 -3.57 -68.24 -43.36
C PHE F 295 -2.78 -68.02 -42.07
N PHE F 296 -3.31 -67.18 -41.18
CA PHE F 296 -2.63 -66.91 -39.93
C PHE F 296 -2.53 -68.14 -39.03
N LYS F 297 -3.44 -69.08 -39.22
CA LYS F 297 -3.38 -70.32 -38.45
C LYS F 297 -2.07 -71.01 -38.88
N GLU F 298 -1.81 -71.01 -40.19
CA GLU F 298 -0.59 -71.61 -40.71
C GLU F 298 0.65 -70.85 -40.20
N ILE F 299 0.58 -69.52 -40.21
CA ILE F 299 1.73 -68.75 -39.73
C ILE F 299 2.05 -69.09 -38.27
N SER F 300 1.00 -69.29 -37.47
CA SER F 300 1.15 -69.61 -36.06
C SER F 300 1.84 -70.95 -35.83
N GLU F 301 1.79 -71.82 -36.83
CA GLU F 301 2.43 -73.14 -36.71
C GLU F 301 3.81 -73.12 -37.35
N VAL F 302 4.04 -72.17 -38.24
CA VAL F 302 5.31 -72.05 -38.92
C VAL F 302 6.33 -71.27 -38.08
N PHE F 303 5.90 -70.14 -37.52
CA PHE F 303 6.80 -69.33 -36.70
C PHE F 303 6.53 -69.55 -35.24
N PRO F 304 7.53 -70.09 -34.52
CA PRO F 304 7.35 -70.35 -33.09
C PRO F 304 7.35 -69.12 -32.21
N ASP F 305 7.75 -67.96 -32.75
CA ASP F 305 7.79 -66.79 -31.89
C ASP F 305 6.40 -66.45 -31.34
N GLN F 306 6.35 -66.00 -30.09
CA GLN F 306 5.08 -65.64 -29.46
C GLN F 306 4.31 -64.51 -30.15
N PHE F 307 5.01 -63.70 -30.93
CA PHE F 307 4.38 -62.56 -31.59
C PHE F 307 4.36 -62.65 -33.10
N ILE F 308 3.36 -61.99 -33.68
CA ILE F 308 3.16 -61.89 -35.13
C ILE F 308 2.87 -60.40 -35.34
N HIS F 309 3.65 -59.77 -36.21
CA HIS F 309 3.48 -58.36 -36.50
C HIS F 309 2.44 -58.27 -37.62
N LEU F 310 1.33 -57.59 -37.36
CA LEU F 310 0.25 -57.46 -38.33
C LEU F 310 0.38 -56.26 -39.27
N GLY F 311 1.42 -55.45 -39.08
CA GLY F 311 1.58 -54.28 -39.93
C GLY F 311 0.50 -53.24 -39.63
N GLY F 312 -0.28 -52.90 -40.65
CA GLY F 312 -1.35 -51.93 -40.46
C GLY F 312 -0.96 -50.50 -40.79
N ASP F 313 0.20 -50.32 -41.43
CA ASP F 313 0.67 -48.99 -41.81
C ASP F 313 0.13 -48.48 -43.16
N GLU F 314 0.14 -47.16 -43.28
CA GLU F 314 -0.23 -46.47 -44.50
C GLU F 314 -1.42 -47.04 -45.29
N VAL F 315 -2.53 -47.30 -44.62
CA VAL F 315 -3.69 -47.82 -45.32
C VAL F 315 -4.37 -46.63 -46.02
N GLU F 316 -4.55 -46.75 -47.33
CA GLU F 316 -5.19 -45.67 -48.10
C GLU F 316 -6.67 -45.94 -48.30
N PHE F 317 -7.49 -45.06 -47.74
CA PHE F 317 -8.95 -45.17 -47.76
C PHE F 317 -9.67 -44.81 -49.05
N LYS F 318 -8.97 -44.26 -50.03
CA LYS F 318 -9.59 -43.87 -51.29
C LYS F 318 -10.36 -44.95 -52.04
N CYS F 319 -9.75 -46.11 -52.27
N CYS F 319 -9.74 -46.10 -52.25
CA CYS F 319 -10.44 -47.17 -53.01
CA CYS F 319 -10.35 -47.21 -52.96
C CYS F 319 -11.67 -47.70 -52.28
C CYS F 319 -11.64 -47.68 -52.28
N TRP F 320 -11.57 -47.84 -50.96
CA TRP F 320 -12.72 -48.31 -50.17
C TRP F 320 -13.89 -47.34 -50.37
N GLU F 321 -13.54 -46.06 -50.34
CA GLU F 321 -14.48 -44.97 -50.50
C GLU F 321 -15.17 -45.02 -51.87
N SER F 322 -14.41 -45.32 -52.91
CA SER F 322 -14.96 -45.37 -54.26
C SER F 322 -15.70 -46.68 -54.55
N ASN F 323 -15.79 -47.57 -53.56
CA ASN F 323 -16.44 -48.84 -53.80
C ASN F 323 -17.91 -48.92 -53.36
N PRO F 324 -18.80 -49.26 -54.30
CA PRO F 324 -20.25 -49.38 -54.09
C PRO F 324 -20.58 -50.27 -52.90
N LYS F 325 -20.08 -51.51 -52.98
CA LYS F 325 -20.30 -52.48 -51.94
C LYS F 325 -19.80 -51.99 -50.58
N ILE F 326 -18.60 -51.42 -50.56
CA ILE F 326 -18.03 -50.92 -49.31
C ILE F 326 -18.82 -49.73 -48.77
N GLN F 327 -19.39 -48.93 -49.68
CA GLN F 327 -20.16 -47.78 -49.25
C GLN F 327 -21.41 -48.30 -48.55
N ASP F 328 -21.95 -49.41 -49.03
CA ASP F 328 -23.14 -50.01 -48.44
C ASP F 328 -22.82 -50.52 -47.04
N PHE F 329 -21.69 -51.22 -46.92
CA PHE F 329 -21.26 -51.77 -45.65
C PHE F 329 -21.10 -50.63 -44.65
N MET F 330 -20.54 -49.52 -45.12
CA MET F 330 -20.32 -48.36 -44.26
C MET F 330 -21.63 -47.89 -43.64
N ARG F 331 -22.69 -47.92 -44.44
CA ARG F 331 -23.99 -47.51 -43.96
C ARG F 331 -24.55 -48.55 -43.00
N GLN F 332 -24.55 -49.81 -43.43
CA GLN F 332 -25.05 -50.90 -42.59
C GLN F 332 -24.39 -50.96 -41.23
N LYS F 333 -23.15 -50.49 -41.14
CA LYS F 333 -22.41 -50.50 -39.89
C LYS F 333 -22.51 -49.15 -39.19
N GLY F 334 -22.94 -48.15 -39.91
CA GLY F 334 -23.07 -46.83 -39.32
C GLY F 334 -21.73 -46.15 -39.12
N PHE F 335 -20.80 -46.44 -40.03
CA PHE F 335 -19.46 -45.85 -39.95
C PHE F 335 -19.50 -44.49 -40.63
N GLY F 336 -20.63 -44.19 -41.25
CA GLY F 336 -20.80 -42.93 -41.93
C GLY F 336 -19.77 -42.73 -43.03
N THR F 337 -18.90 -41.75 -42.83
CA THR F 337 -17.86 -41.44 -43.81
C THR F 337 -16.47 -41.64 -43.20
N ASP F 338 -16.43 -42.16 -41.98
CA ASP F 338 -15.18 -42.39 -41.27
C ASP F 338 -14.58 -43.76 -41.64
N PHE F 339 -13.54 -43.74 -42.45
CA PHE F 339 -12.91 -44.99 -42.86
C PHE F 339 -11.92 -45.52 -41.84
N LYS F 340 -11.63 -44.71 -40.83
CA LYS F 340 -10.74 -45.16 -39.77
C LYS F 340 -11.51 -46.21 -38.99
N LYS F 341 -12.85 -46.10 -38.99
CA LYS F 341 -13.67 -47.07 -38.29
C LYS F 341 -13.69 -48.40 -39.04
N LEU F 342 -13.67 -48.33 -40.38
CA LEU F 342 -13.67 -49.54 -41.20
C LEU F 342 -12.33 -50.23 -40.97
N GLU F 343 -11.28 -49.41 -40.93
CA GLU F 343 -9.92 -49.87 -40.70
C GLU F 343 -9.87 -50.54 -39.34
N SER F 344 -10.42 -49.87 -38.33
CA SER F 344 -10.44 -50.40 -36.97
C SER F 344 -11.25 -51.69 -36.93
N PHE F 345 -12.35 -51.72 -37.69
CA PHE F 345 -13.19 -52.89 -37.73
C PHE F 345 -12.36 -54.07 -38.20
N TYR F 346 -11.67 -53.88 -39.33
CA TYR F 346 -10.81 -54.89 -39.92
C TYR F 346 -9.72 -55.41 -38.97
N ILE F 347 -8.81 -54.53 -38.58
CA ILE F 347 -7.72 -54.94 -37.72
C ILE F 347 -8.20 -55.58 -36.41
N GLN F 348 -9.36 -55.18 -35.91
CA GLN F 348 -9.86 -55.78 -34.70
C GLN F 348 -10.27 -57.21 -34.98
N LYS F 349 -10.84 -57.45 -36.16
CA LYS F 349 -11.21 -58.80 -36.50
C LYS F 349 -9.95 -59.67 -36.60
N VAL F 350 -8.88 -59.10 -37.16
CA VAL F 350 -7.62 -59.82 -37.34
C VAL F 350 -6.99 -60.10 -35.97
N LEU F 351 -7.03 -59.10 -35.10
CA LEU F 351 -6.51 -59.21 -33.75
C LEU F 351 -7.19 -60.38 -33.05
N ASP F 352 -8.50 -60.51 -33.26
CA ASP F 352 -9.27 -61.61 -32.67
C ASP F 352 -8.81 -62.96 -33.20
N ILE F 353 -8.47 -63.00 -34.49
CA ILE F 353 -8.01 -64.24 -35.08
C ILE F 353 -6.67 -64.62 -34.43
N ILE F 354 -5.83 -63.62 -34.17
CA ILE F 354 -4.52 -63.93 -33.57
C ILE F 354 -4.67 -64.44 -32.15
N ALA F 355 -5.57 -63.83 -31.40
CA ALA F 355 -5.80 -64.22 -30.01
C ALA F 355 -6.31 -65.65 -29.94
N THR F 356 -7.14 -66.02 -30.90
CA THR F 356 -7.71 -67.37 -30.97
C THR F 356 -6.67 -68.46 -31.28
N ILE F 357 -5.51 -68.09 -31.80
CA ILE F 357 -4.47 -69.07 -32.08
C ILE F 357 -3.31 -68.90 -31.09
N ASN F 358 -3.63 -68.29 -29.96
CA ASN F 358 -2.68 -68.05 -28.86
C ASN F 358 -1.36 -67.36 -29.20
N LYS F 359 -1.45 -66.26 -29.92
CA LYS F 359 -0.24 -65.52 -30.28
C LYS F 359 -0.48 -64.07 -29.88
N GLY F 360 0.60 -63.31 -29.75
CA GLY F 360 0.49 -61.90 -29.40
C GLY F 360 0.61 -61.10 -30.67
N SER F 361 0.28 -59.82 -30.62
CA SER F 361 0.33 -58.99 -31.81
C SER F 361 1.11 -57.70 -31.64
N ILE F 362 1.70 -57.27 -32.75
CA ILE F 362 2.47 -56.04 -32.81
C ILE F 362 1.89 -55.32 -34.02
N VAL F 363 1.68 -54.02 -33.91
CA VAL F 363 1.12 -53.25 -35.02
C VAL F 363 1.83 -51.92 -35.22
N TRP F 364 1.81 -51.41 -36.44
CA TRP F 364 2.42 -50.10 -36.67
C TRP F 364 1.53 -49.09 -35.93
N GLN F 365 2.09 -47.96 -35.53
CA GLN F 365 1.32 -46.98 -34.78
C GLN F 365 -0.05 -46.52 -35.31
N GLU F 366 -0.24 -46.52 -36.63
CA GLU F 366 -1.54 -46.06 -37.16
C GLU F 366 -2.71 -46.78 -36.52
N VAL F 367 -2.59 -48.10 -36.38
CA VAL F 367 -3.65 -48.91 -35.79
C VAL F 367 -4.08 -48.27 -34.48
N PHE F 368 -3.09 -47.92 -33.66
CA PHE F 368 -3.36 -47.28 -32.38
C PHE F 368 -3.92 -45.88 -32.58
N ASP F 369 -3.25 -45.09 -33.40
CA ASP F 369 -3.66 -43.70 -33.66
C ASP F 369 -5.07 -43.58 -34.21
N ASP F 370 -5.48 -44.52 -35.06
CA ASP F 370 -6.81 -44.47 -35.65
C ASP F 370 -7.89 -45.05 -34.74
N LYS F 371 -7.60 -45.07 -33.45
CA LYS F 371 -8.56 -45.55 -32.46
C LYS F 371 -9.04 -47.00 -32.51
N ALA F 372 -8.18 -47.94 -32.88
CA ALA F 372 -8.61 -49.32 -32.90
C ALA F 372 -8.59 -49.82 -31.45
N LYS F 373 -9.49 -50.73 -31.13
CA LYS F 373 -9.55 -51.29 -29.80
C LYS F 373 -8.55 -52.43 -29.72
N LEU F 374 -7.50 -52.23 -28.92
CA LEU F 374 -6.44 -53.22 -28.81
C LEU F 374 -6.48 -54.05 -27.53
N ALA F 375 -6.26 -55.35 -27.69
CA ALA F 375 -6.27 -56.28 -26.58
C ALA F 375 -5.04 -56.07 -25.72
N PRO F 376 -5.14 -56.40 -24.42
CA PRO F 376 -4.01 -56.24 -23.49
C PRO F 376 -2.75 -56.94 -24.00
N GLY F 377 -1.61 -56.26 -23.89
CA GLY F 377 -0.37 -56.88 -24.31
C GLY F 377 -0.04 -56.69 -25.77
N THR F 378 -0.91 -56.01 -26.51
CA THR F 378 -0.64 -55.74 -27.92
C THR F 378 0.48 -54.70 -27.92
N ILE F 379 1.48 -54.91 -28.76
CA ILE F 379 2.59 -53.98 -28.82
C ILE F 379 2.42 -53.05 -30.00
N VAL F 380 2.72 -51.78 -29.78
CA VAL F 380 2.59 -50.79 -30.82
C VAL F 380 3.97 -50.33 -31.24
N GLU F 381 4.24 -50.35 -32.54
CA GLU F 381 5.55 -49.90 -32.99
C GLU F 381 5.50 -48.47 -33.54
N VAL F 382 6.20 -47.57 -32.87
CA VAL F 382 6.22 -46.17 -33.26
C VAL F 382 7.33 -45.89 -34.28
N TRP F 383 6.90 -45.64 -35.52
CA TRP F 383 7.81 -45.41 -36.64
C TRP F 383 7.83 -44.04 -37.28
N LYS F 384 6.80 -43.24 -37.04
CA LYS F 384 6.72 -41.89 -37.60
C LYS F 384 7.60 -40.93 -36.83
N ASP F 385 8.58 -40.38 -37.53
CA ASP F 385 9.57 -39.48 -36.97
C ASP F 385 9.10 -38.12 -36.43
N SER F 386 8.02 -37.57 -36.98
CA SER F 386 7.54 -36.27 -36.50
C SER F 386 6.95 -36.33 -35.08
N ALA F 387 7.65 -35.72 -34.14
CA ALA F 387 7.22 -35.69 -32.74
C ALA F 387 6.91 -37.09 -32.20
N TYR F 388 7.83 -38.04 -32.42
CA TYR F 388 7.61 -39.40 -31.94
C TYR F 388 7.65 -39.51 -30.42
N PRO F 389 8.37 -38.61 -29.73
CA PRO F 389 8.37 -38.75 -28.27
C PRO F 389 6.96 -38.57 -27.70
N GLU F 390 6.20 -37.64 -28.27
CA GLU F 390 4.83 -37.42 -27.80
C GLU F 390 4.03 -38.71 -28.06
N GLU F 391 4.29 -39.33 -29.22
CA GLU F 391 3.62 -40.59 -29.59
C GLU F 391 3.96 -41.68 -28.55
N LEU F 392 5.22 -41.76 -28.14
CA LEU F 392 5.62 -42.74 -27.13
C LEU F 392 4.81 -42.50 -25.86
N SER F 393 4.65 -41.22 -25.50
CA SER F 393 3.87 -40.85 -24.31
C SER F 393 2.43 -41.35 -24.40
N ARG F 394 1.79 -41.12 -25.55
CA ARG F 394 0.41 -41.54 -25.75
C ARG F 394 0.20 -43.05 -25.71
N VAL F 395 1.09 -43.80 -26.37
CA VAL F 395 0.95 -45.24 -26.38
C VAL F 395 1.11 -45.76 -24.97
N THR F 396 2.11 -45.25 -24.26
CA THR F 396 2.36 -45.68 -22.89
C THR F 396 1.26 -45.21 -21.92
N ALA F 397 0.71 -44.02 -22.17
CA ALA F 397 -0.35 -43.52 -21.29
C ALA F 397 -1.56 -44.46 -21.39
N SER F 398 -1.77 -45.03 -22.57
CA SER F 398 -2.88 -45.96 -22.75
C SER F 398 -2.54 -47.34 -22.20
N GLY F 399 -1.34 -47.50 -21.66
CA GLY F 399 -0.93 -48.78 -21.10
C GLY F 399 -0.48 -49.90 -22.03
N PHE F 400 -0.06 -49.55 -23.24
CA PHE F 400 0.40 -50.56 -24.20
C PHE F 400 1.93 -50.63 -24.29
N PRO F 401 2.48 -51.84 -24.42
CA PRO F 401 3.95 -51.93 -24.52
C PRO F 401 4.28 -51.25 -25.85
N VAL F 402 5.43 -50.62 -25.96
CA VAL F 402 5.78 -49.90 -27.19
C VAL F 402 7.23 -50.13 -27.66
N ILE F 403 7.43 -50.13 -28.97
CA ILE F 403 8.75 -50.32 -29.55
C ILE F 403 9.01 -49.14 -30.47
N LEU F 404 10.24 -48.63 -30.46
CA LEU F 404 10.59 -47.47 -31.27
C LEU F 404 11.47 -47.77 -32.50
N SER F 405 11.09 -47.21 -33.66
CA SER F 405 11.88 -47.39 -34.87
C SER F 405 12.10 -46.08 -35.61
N ALA F 406 11.22 -45.11 -35.36
CA ALA F 406 11.24 -43.79 -36.01
C ALA F 406 12.58 -43.12 -36.32
N PRO F 407 13.48 -43.00 -35.32
CA PRO F 407 14.75 -42.34 -35.61
C PRO F 407 15.81 -43.26 -36.18
N TRP F 408 15.43 -44.51 -36.42
CA TRP F 408 16.40 -45.47 -36.94
C TRP F 408 16.03 -46.10 -38.27
N TYR F 409 15.72 -45.26 -39.25
CA TYR F 409 15.40 -45.74 -40.60
C TYR F 409 16.70 -45.72 -41.38
N LEU F 410 17.47 -46.81 -41.22
CA LEU F 410 18.77 -46.94 -41.87
C LEU F 410 18.73 -46.99 -43.38
N ASP F 411 17.56 -47.22 -43.94
CA ASP F 411 17.45 -47.19 -45.39
C ASP F 411 17.61 -45.73 -45.90
N LEU F 412 17.35 -44.75 -45.02
CA LEU F 412 17.45 -43.32 -45.37
C LEU F 412 18.88 -42.85 -45.20
N ILE F 413 19.72 -43.24 -46.14
CA ILE F 413 21.13 -42.91 -46.10
C ILE F 413 21.41 -41.43 -46.30
N SER F 414 22.59 -41.01 -45.89
CA SER F 414 23.05 -39.64 -46.05
C SER F 414 24.57 -39.66 -45.98
N TYR F 415 25.18 -38.56 -46.43
CA TYR F 415 26.63 -38.44 -46.46
C TYR F 415 27.26 -38.41 -45.10
N GLY F 416 28.42 -39.02 -44.98
CA GLY F 416 29.14 -38.98 -43.72
C GLY F 416 28.74 -39.89 -42.57
N GLN F 417 29.21 -39.51 -41.40
CA GLN F 417 28.98 -40.28 -40.20
C GLN F 417 27.61 -40.22 -39.57
N ASP F 418 26.58 -40.69 -40.27
CA ASP F 418 25.23 -40.68 -39.74
C ASP F 418 25.05 -41.67 -38.59
N TRP F 419 26.03 -42.55 -38.39
CA TRP F 419 25.92 -43.48 -37.26
C TRP F 419 25.80 -42.69 -35.94
N ARG F 420 26.45 -41.53 -35.86
CA ARG F 420 26.37 -40.78 -34.62
C ARG F 420 24.96 -40.29 -34.30
N LYS F 421 24.17 -39.88 -35.30
CA LYS F 421 22.82 -39.45 -34.96
C LYS F 421 22.00 -40.63 -34.48
N TYR F 422 22.28 -41.84 -34.97
CA TYR F 422 21.53 -43.00 -34.50
C TYR F 422 21.95 -43.31 -33.09
N TYR F 423 23.25 -43.18 -32.84
CA TYR F 423 23.82 -43.45 -31.53
C TYR F 423 23.37 -42.44 -30.45
N LYS F 424 23.23 -41.17 -30.84
CA LYS F 424 22.86 -40.11 -29.90
C LYS F 424 21.43 -40.15 -29.38
N VAL F 425 20.55 -40.88 -30.08
CA VAL F 425 19.16 -40.99 -29.65
C VAL F 425 19.12 -41.53 -28.21
N GLU F 426 18.17 -41.02 -27.42
CA GLU F 426 17.95 -41.47 -26.04
C GLU F 426 16.45 -41.74 -26.01
N PRO F 427 16.05 -42.98 -26.26
CA PRO F 427 14.69 -43.51 -26.32
C PRO F 427 13.72 -43.10 -25.22
N LEU F 428 14.16 -43.11 -23.97
CA LEU F 428 13.25 -42.76 -22.89
C LEU F 428 13.00 -41.27 -22.69
N ASP F 429 13.60 -40.41 -23.51
CA ASP F 429 13.35 -38.98 -23.38
C ASP F 429 11.99 -38.63 -23.99
N PHE F 430 10.94 -38.91 -23.24
CA PHE F 430 9.57 -38.59 -23.65
C PHE F 430 8.76 -38.47 -22.36
N GLY F 431 7.73 -37.63 -22.39
CA GLY F 431 6.91 -37.42 -21.22
C GLY F 431 6.15 -38.59 -20.63
N GLY F 432 6.50 -38.98 -19.41
CA GLY F 432 5.81 -40.07 -18.78
C GLY F 432 6.29 -40.50 -17.40
N THR F 433 5.40 -41.15 -16.66
CA THR F 433 5.73 -41.65 -15.34
C THR F 433 6.66 -42.85 -15.50
N GLN F 434 7.21 -43.36 -14.41
CA GLN F 434 8.08 -44.51 -14.53
C GLN F 434 7.31 -45.75 -14.97
N LYS F 435 6.09 -45.92 -14.47
CA LYS F 435 5.30 -47.07 -14.88
C LYS F 435 5.06 -46.98 -16.38
N GLN F 436 5.04 -45.75 -16.88
CA GLN F 436 4.84 -45.52 -18.31
C GLN F 436 6.10 -45.91 -19.08
N LYS F 437 7.26 -45.45 -18.60
CA LYS F 437 8.54 -45.75 -19.25
C LYS F 437 8.77 -47.26 -19.28
N GLN F 438 8.28 -47.94 -18.24
CA GLN F 438 8.44 -49.38 -18.15
C GLN F 438 7.79 -50.09 -19.33
N LEU F 439 6.85 -49.41 -19.97
CA LEU F 439 6.17 -50.01 -21.11
C LEU F 439 7.00 -49.90 -22.39
N PHE F 440 8.11 -49.17 -22.33
CA PHE F 440 9.00 -49.02 -23.48
C PHE F 440 9.90 -50.26 -23.43
N ILE F 441 9.74 -51.17 -24.38
CA ILE F 441 10.55 -52.38 -24.34
C ILE F 441 11.72 -52.46 -25.31
N GLY F 442 11.85 -51.47 -26.19
CA GLY F 442 12.97 -51.50 -27.12
C GLY F 442 12.71 -50.79 -28.43
N GLY F 443 13.44 -51.21 -29.46
CA GLY F 443 13.32 -50.60 -30.75
C GLY F 443 13.97 -51.42 -31.84
N GLU F 444 13.93 -50.91 -33.06
CA GLU F 444 14.51 -51.59 -34.19
C GLU F 444 15.17 -50.64 -35.17
N ALA F 445 16.22 -51.15 -35.82
CA ALA F 445 16.93 -50.43 -36.85
C ALA F 445 16.28 -51.07 -38.10
N CYS F 446 15.70 -50.24 -38.96
CA CYS F 446 15.03 -50.75 -40.15
C CYS F 446 15.73 -50.46 -41.44
N LEU F 447 15.89 -51.49 -42.27
CA LEU F 447 16.52 -51.32 -43.56
C LEU F 447 15.47 -51.67 -44.62
N TRP F 448 14.54 -50.75 -44.90
CA TRP F 448 13.52 -51.04 -45.89
C TRP F 448 14.17 -51.36 -47.23
N GLY F 449 13.52 -52.17 -48.04
CA GLY F 449 14.15 -52.61 -49.29
C GLY F 449 14.04 -51.95 -50.65
N GLU F 450 13.38 -50.80 -50.79
CA GLU F 450 13.28 -50.22 -52.14
C GLU F 450 14.61 -50.11 -52.86
N TYR F 451 15.68 -49.76 -52.14
CA TYR F 451 16.98 -49.59 -52.78
C TYR F 451 18.02 -50.56 -52.27
N VAL F 452 17.56 -51.66 -51.68
CA VAL F 452 18.47 -52.62 -51.09
C VAL F 452 18.27 -54.08 -51.46
N ASP F 453 19.35 -54.73 -51.89
CA ASP F 453 19.31 -56.17 -52.16
C ASP F 453 20.67 -56.74 -51.78
N ALA F 454 20.99 -57.96 -52.20
CA ALA F 454 22.25 -58.57 -51.79
C ALA F 454 23.54 -57.83 -52.18
N THR F 455 23.48 -56.99 -53.21
CA THR F 455 24.68 -56.27 -53.63
C THR F 455 25.12 -55.16 -52.65
N ASN F 456 24.18 -54.61 -51.88
CA ASN F 456 24.53 -53.52 -50.98
C ASN F 456 23.98 -53.58 -49.56
N LEU F 457 23.27 -54.64 -49.20
CA LEU F 457 22.68 -54.71 -47.88
C LEU F 457 23.64 -54.66 -46.67
N THR F 458 24.64 -55.53 -46.66
CA THR F 458 25.57 -55.59 -45.55
C THR F 458 26.35 -54.31 -45.28
N PRO F 459 27.05 -53.75 -46.28
CA PRO F 459 27.79 -52.52 -46.01
C PRO F 459 26.82 -51.40 -45.59
N ARG F 460 25.61 -51.42 -46.12
CA ARG F 460 24.67 -50.39 -45.75
C ARG F 460 24.17 -50.53 -44.31
N LEU F 461 23.96 -51.78 -43.88
CA LEU F 461 23.45 -52.06 -42.56
C LEU F 461 24.51 -51.98 -41.44
N TRP F 462 25.73 -52.40 -41.72
CA TRP F 462 26.78 -52.37 -40.71
C TRP F 462 27.89 -51.44 -41.14
N PRO F 463 28.48 -50.67 -40.21
CA PRO F 463 28.24 -50.63 -38.77
C PRO F 463 27.15 -49.68 -38.27
N ARG F 464 26.41 -49.06 -39.19
CA ARG F 464 25.37 -48.13 -38.80
C ARG F 464 24.41 -48.72 -37.79
N ALA F 465 23.99 -49.96 -38.01
CA ALA F 465 23.05 -50.56 -37.08
C ALA F 465 23.72 -50.79 -35.71
N SER F 466 25.05 -50.92 -35.69
CA SER F 466 25.78 -51.13 -34.44
C SER F 466 25.49 -49.99 -33.46
N ALA F 467 25.39 -48.77 -33.97
CA ALA F 467 25.09 -47.61 -33.14
C ALA F 467 23.81 -47.88 -32.39
N VAL F 468 22.81 -48.33 -33.14
CA VAL F 468 21.52 -48.63 -32.56
C VAL F 468 21.67 -49.77 -31.56
N GLY F 469 22.45 -50.78 -31.93
CA GLY F 469 22.67 -51.91 -31.06
C GLY F 469 23.23 -51.52 -29.69
N GLU F 470 24.23 -50.63 -29.66
CA GLU F 470 24.78 -50.23 -28.36
C GLU F 470 23.77 -49.40 -27.56
N ARG F 471 23.03 -48.53 -28.22
CA ARG F 471 22.06 -47.70 -27.52
C ARG F 471 20.95 -48.55 -26.89
N LEU F 472 20.60 -49.67 -27.52
CA LEU F 472 19.53 -50.50 -26.96
C LEU F 472 20.03 -51.51 -25.92
N TRP F 473 21.34 -51.80 -25.94
CA TRP F 473 21.91 -52.74 -24.98
C TRP F 473 22.62 -52.09 -23.79
N SER F 474 23.48 -51.13 -24.07
CA SER F 474 24.27 -50.48 -23.02
C SER F 474 23.52 -49.48 -22.13
N SER F 475 24.17 -49.09 -21.02
CA SER F 475 23.57 -48.13 -20.09
C SER F 475 23.26 -46.84 -20.80
N LYS F 476 22.25 -46.15 -20.28
CA LYS F 476 21.81 -44.87 -20.78
C LYS F 476 22.94 -43.82 -20.80
N ASP F 477 23.85 -43.90 -19.83
N ASP F 477 23.84 -43.89 -19.83
CA ASP F 477 24.94 -42.93 -19.72
CA ASP F 477 24.94 -42.92 -19.76
C ASP F 477 26.11 -43.24 -20.67
C ASP F 477 26.11 -43.24 -20.67
N VAL F 478 26.04 -44.37 -21.35
CA VAL F 478 27.11 -44.73 -22.27
C VAL F 478 26.90 -43.89 -23.51
N ARG F 479 27.62 -42.77 -23.60
CA ARG F 479 27.48 -41.93 -24.76
C ARG F 479 28.61 -40.98 -25.12
N ASP F 480 29.83 -41.32 -24.71
CA ASP F 480 30.99 -40.49 -25.06
C ASP F 480 31.28 -40.78 -26.53
N MET F 481 31.23 -39.75 -27.38
CA MET F 481 31.45 -39.93 -28.81
C MET F 481 32.85 -40.38 -29.23
N ASP F 482 33.88 -39.89 -28.54
CA ASP F 482 35.24 -40.29 -28.90
C ASP F 482 35.47 -41.75 -28.56
N ASP F 483 34.88 -42.19 -27.45
CA ASP F 483 35.00 -43.57 -27.03
C ASP F 483 34.16 -44.47 -27.95
N ALA F 484 32.98 -43.98 -28.34
CA ALA F 484 32.11 -44.73 -29.22
C ALA F 484 32.87 -44.92 -30.54
N TYR F 485 33.44 -43.83 -31.05
CA TYR F 485 34.19 -43.89 -32.30
C TYR F 485 35.37 -44.86 -32.25
N ASP F 486 36.16 -44.77 -31.18
N ASP F 486 36.16 -44.77 -31.18
CA ASP F 486 37.30 -45.65 -31.04
CA ASP F 486 37.31 -45.65 -31.02
C ASP F 486 36.91 -47.13 -31.00
C ASP F 486 36.93 -47.13 -30.97
N ARG F 487 35.90 -47.45 -30.20
CA ARG F 487 35.45 -48.83 -30.08
C ARG F 487 34.69 -49.31 -31.32
N LEU F 488 33.94 -48.43 -31.97
CA LEU F 488 33.19 -48.83 -33.16
C LEU F 488 34.11 -49.12 -34.34
N THR F 489 35.12 -48.28 -34.56
CA THR F 489 36.04 -48.50 -35.67
C THR F 489 36.71 -49.85 -35.51
N ARG F 490 37.14 -50.18 -34.29
CA ARG F 490 37.80 -51.45 -34.04
C ARG F 490 36.80 -52.61 -34.15
N HIS F 491 35.56 -52.37 -33.73
CA HIS F 491 34.50 -53.38 -33.79
C HIS F 491 34.13 -53.64 -35.27
N ARG F 492 34.18 -52.62 -36.11
CA ARG F 492 33.87 -52.79 -37.51
C ARG F 492 34.98 -53.65 -38.15
N CYS F 493 36.25 -53.42 -37.80
CA CYS F 493 37.33 -54.24 -38.33
C CYS F 493 37.15 -55.70 -37.89
N ARG F 494 36.70 -55.89 -36.65
CA ARG F 494 36.46 -57.25 -36.18
C ARG F 494 35.36 -57.88 -37.06
N MET F 495 34.32 -57.11 -37.37
CA MET F 495 33.26 -57.65 -38.21
C MET F 495 33.78 -58.07 -39.59
N VAL F 496 34.64 -57.22 -40.18
CA VAL F 496 35.21 -57.51 -41.49
C VAL F 496 36.02 -58.81 -41.44
N GLU F 497 36.80 -58.99 -40.38
CA GLU F 497 37.59 -60.19 -40.22
C GLU F 497 36.72 -61.41 -40.09
N ARG F 498 35.51 -61.22 -39.56
CA ARG F 498 34.61 -62.35 -39.41
C ARG F 498 33.76 -62.61 -40.65
N GLY F 499 34.03 -61.91 -41.75
CA GLY F 499 33.28 -62.15 -42.97
C GLY F 499 32.11 -61.22 -43.20
N ILE F 500 32.03 -60.14 -42.43
CA ILE F 500 30.94 -59.17 -42.57
C ILE F 500 31.50 -57.90 -43.22
N ALA F 501 31.09 -57.63 -44.46
CA ALA F 501 31.56 -56.46 -45.17
C ALA F 501 30.94 -55.16 -44.65
N ALA F 502 31.24 -54.82 -43.39
CA ALA F 502 30.71 -53.62 -42.78
C ALA F 502 31.53 -52.46 -43.33
N GLN F 503 30.86 -51.40 -43.77
CA GLN F 503 31.59 -50.26 -44.33
C GLN F 503 32.40 -49.48 -43.29
N PRO F 504 33.34 -48.63 -43.75
CA PRO F 504 34.17 -47.83 -42.84
C PRO F 504 33.44 -46.64 -42.20
N LEU F 505 33.92 -46.23 -41.03
CA LEU F 505 33.31 -45.09 -40.34
C LEU F 505 33.87 -43.79 -40.90
N TYR F 506 35.13 -43.84 -41.32
CA TYR F 506 35.83 -42.68 -41.84
C TYR F 506 37.16 -43.19 -42.39
N ALA F 507 38.02 -42.28 -42.85
CA ALA F 507 39.32 -42.69 -43.38
C ALA F 507 40.06 -43.57 -42.38
N GLY F 508 40.95 -44.42 -42.90
CA GLY F 508 41.73 -45.30 -42.05
C GLY F 508 41.98 -46.64 -42.73
N TYR F 509 42.34 -47.63 -41.93
CA TYR F 509 42.61 -48.96 -42.44
C TYR F 509 42.40 -49.96 -41.31
N CYS F 510 42.26 -51.23 -41.64
CA CYS F 510 42.08 -52.27 -40.65
C CYS F 510 43.35 -53.10 -40.55
N ASN F 511 43.65 -53.58 -39.34
CA ASN F 511 44.86 -54.35 -39.13
C ASN F 511 44.90 -55.72 -39.76
N HIS F 512 44.90 -55.70 -41.08
CA HIS F 512 45.02 -56.89 -41.91
C HIS F 512 45.39 -56.37 -43.30
N GLU F 513 44.56 -55.66 -43.92
#